data_4Z91
#
_entry.id   4Z91
#
_cell.length_a   105.761
_cell.length_b   267.595
_cell.length_c   111.368
_cell.angle_alpha   90.00
_cell.angle_beta   107.80
_cell.angle_gamma   90.00
#
_symmetry.space_group_name_H-M   'P 1 21 1'
#
loop_
_entity.id
_entity.type
_entity.pdbx_description
1 polymer 'Gamma-aminobutyric-acid receptor subunit beta-1'
2 non-polymer (2R)-2-chloro-2-(difluoromethoxy)-1,1,1-trifluoroethane
3 non-polymer '2-(N-MORPHOLINO)-ETHANESULFONIC ACID'
4 non-polymer '1.7.6 3-bromanylpropan-1-amine'
5 water water
#
_entity_poly.entity_id   1
_entity_poly.type   'polypeptide(L)'
_entity_poly.pdbx_seq_one_letter_code
;APADNAADARPVDVSVSIFINKIYGVNTLEQTYKVDGYIVAQWTGKPRKTPGDKPLIVENTQIERWINNGLWVPALEFIN
VVGSPDTGNKRLMLFPDGRVIYNARFLGSFSNDMDFRLFPFDRQQFVLELEPFSYNNQQLRFSDIQVYTENIDNEEIDEW
WIRGKASTHISDIRYDHLSSVQPNQNEFSRITVRIDAVRNPSYYLWSFILPLGLIIAASWSVFWLESFSERLQTSFTLML
TVVAYAFYTSNILPRLPYTTVIDQMIIAGYGSIFAAILLIIFAHHRQANGVEDDLLIQRCRLAFPLGFLAIGCVLVIRGI
TL
;
_entity_poly.pdbx_strand_id   A,B,C,D,E,F,G,H,I,J
#
loop_
_chem_comp.id
_chem_comp.type
_chem_comp.name
_chem_comp.formula
4LE non-polymer (2R)-2-chloro-2-(difluoromethoxy)-1,1,1-trifluoroethane 'C3 H2 Cl F5 O'
4LJ non-polymer '1.7.6 3-bromanylpropan-1-amine' 'C3 H8 Br N'
MES non-polymer '2-(N-MORPHOLINO)-ETHANESULFONIC ACID' 'C6 H13 N O4 S'
#
# COMPACT_ATOMS: atom_id res chain seq x y z
N ARG A 10 -17.46 -8.88 58.66
CA ARG A 10 -16.28 -8.09 59.00
C ARG A 10 -15.17 -8.07 57.93
N PRO A 11 -14.75 -9.25 57.40
CA PRO A 11 -13.62 -9.17 56.46
C PRO A 11 -14.00 -8.57 55.11
N VAL A 12 -13.09 -7.83 54.48
CA VAL A 12 -13.40 -7.21 53.20
C VAL A 12 -13.30 -8.25 52.08
N ASP A 13 -14.35 -8.37 51.27
CA ASP A 13 -14.37 -9.29 50.13
C ASP A 13 -13.82 -8.65 48.86
N VAL A 14 -12.82 -9.30 48.25
CA VAL A 14 -12.26 -8.82 47.00
C VAL A 14 -12.44 -9.82 45.89
N SER A 15 -12.99 -9.32 44.78
CA SER A 15 -13.24 -10.09 43.55
C SER A 15 -12.19 -9.81 42.47
N VAL A 16 -11.50 -10.86 42.02
CA VAL A 16 -10.39 -10.71 41.07
C VAL A 16 -10.72 -11.25 39.67
N SER A 17 -10.32 -10.47 38.67
CA SER A 17 -10.37 -10.89 37.27
C SER A 17 -8.99 -10.67 36.66
N ILE A 18 -8.46 -11.70 36.02
CA ILE A 18 -7.14 -11.60 35.40
C ILE A 18 -7.24 -11.85 33.89
N PHE A 19 -6.86 -10.86 33.08
CA PHE A 19 -6.87 -11.05 31.64
C PHE A 19 -5.47 -11.37 31.12
N ILE A 20 -5.28 -12.52 30.49
CA ILE A 20 -3.92 -12.91 30.09
C ILE A 20 -3.71 -12.66 28.61
N ASN A 21 -2.74 -11.82 28.27
CA ASN A 21 -2.49 -11.38 26.90
C ASN A 21 -1.43 -12.17 26.16
N LYS A 22 -0.38 -12.53 26.88
CA LYS A 22 0.79 -13.15 26.27
C LYS A 22 1.53 -13.90 27.37
N ILE A 23 1.92 -15.14 27.10
CA ILE A 23 2.86 -15.76 27.97
C ILE A 23 4.05 -16.05 27.08
N TYR A 24 5.15 -15.34 27.28
CA TYR A 24 6.25 -15.51 26.37
C TYR A 24 7.60 -15.48 27.11
N GLY A 25 8.68 -15.76 26.39
CA GLY A 25 10.02 -15.67 26.93
C GLY A 25 10.32 -16.59 28.10
N VAL A 26 10.07 -17.88 27.92
CA VAL A 26 10.42 -18.84 28.95
C VAL A 26 11.91 -18.83 29.16
N ASN A 27 12.34 -18.74 30.41
CA ASN A 27 13.76 -18.82 30.75
C ASN A 27 14.12 -20.13 31.41
N THR A 28 14.79 -21.00 30.64
CA THR A 28 15.05 -22.36 31.10
C THR A 28 15.97 -22.43 32.29
N LEU A 29 17.01 -21.60 32.28
CA LEU A 29 17.98 -21.69 33.35
C LEU A 29 17.42 -21.23 34.68
N GLU A 30 16.77 -20.06 34.66
CA GLU A 30 16.22 -19.38 35.84
C GLU A 30 14.85 -19.90 36.29
N GLN A 31 14.23 -20.71 35.44
CA GLN A 31 12.88 -21.22 35.64
C GLN A 31 11.82 -20.11 35.75
N THR A 32 11.77 -19.26 34.73
CA THR A 32 10.81 -18.15 34.69
C THR A 32 10.12 -17.97 33.33
N TYR A 33 9.09 -17.14 33.29
CA TYR A 33 8.37 -16.87 32.05
C TYR A 33 7.61 -15.54 32.18
N LYS A 34 7.38 -14.85 31.05
CA LYS A 34 6.76 -13.53 31.12
C LYS A 34 5.26 -13.55 30.82
N VAL A 35 4.52 -12.75 31.57
CA VAL A 35 3.08 -12.69 31.46
C VAL A 35 2.68 -11.24 31.35
N ASP A 36 1.99 -10.90 30.27
CA ASP A 36 1.42 -9.58 30.10
C ASP A 36 -0.10 -9.71 30.24
N GLY A 37 -0.69 -8.80 30.98
CA GLY A 37 -2.12 -8.85 31.20
C GLY A 37 -2.66 -7.65 31.95
N TYR A 38 -3.91 -7.76 32.38
CA TYR A 38 -4.56 -6.75 33.19
C TYR A 38 -4.98 -7.48 34.46
N ILE A 39 -5.08 -6.78 35.59
CA ILE A 39 -5.67 -7.45 36.75
C ILE A 39 -6.75 -6.53 37.29
N VAL A 40 -7.89 -7.13 37.63
CA VAL A 40 -9.01 -6.35 38.14
C VAL A 40 -9.50 -6.80 39.50
N ALA A 41 -9.69 -5.82 40.39
CA ALA A 41 -10.15 -6.08 41.74
C ALA A 41 -11.29 -5.15 42.10
N GLN A 42 -12.36 -5.76 42.62
CA GLN A 42 -13.54 -5.03 43.05
C GLN A 42 -13.90 -5.37 44.50
N TRP A 43 -14.17 -4.32 45.28
CA TRP A 43 -14.67 -4.47 46.64
C TRP A 43 -15.60 -3.29 46.93
N THR A 44 -16.30 -3.35 48.05
CA THR A 44 -17.24 -2.30 48.39
C THR A 44 -16.93 -1.67 49.75
N GLY A 45 -16.97 -0.34 49.81
CA GLY A 45 -16.68 0.32 51.07
C GLY A 45 -17.79 1.29 51.42
N LYS A 46 -17.55 2.21 52.35
CA LYS A 46 -18.56 3.20 52.72
C LYS A 46 -18.94 4.07 51.51
N PRO A 47 -20.23 4.06 51.12
CA PRO A 47 -20.73 4.86 49.98
C PRO A 47 -20.33 6.33 50.04
N ARG A 48 -20.33 6.96 48.86
CA ARG A 48 -19.52 8.16 48.61
C ARG A 48 -20.21 9.20 47.75
N LYS A 49 -19.83 10.46 47.95
CA LYS A 49 -20.32 11.55 47.11
C LYS A 49 -19.48 11.64 45.85
N THR A 50 -20.11 11.42 44.70
CA THR A 50 -19.39 11.50 43.44
C THR A 50 -19.96 12.67 42.65
N PRO A 51 -19.17 13.31 41.79
CA PRO A 51 -19.76 14.37 40.94
C PRO A 51 -20.73 13.79 39.91
N GLY A 52 -22.01 14.12 40.05
CA GLY A 52 -23.10 13.41 39.38
C GLY A 52 -23.31 12.08 40.09
N ASP A 53 -24.47 11.45 39.93
CA ASP A 53 -24.67 10.15 40.59
C ASP A 53 -24.04 9.04 39.72
N LYS A 54 -23.02 9.42 38.95
CA LYS A 54 -22.30 8.52 38.06
C LYS A 54 -20.98 8.09 38.70
N PRO A 55 -20.50 6.89 38.36
CA PRO A 55 -19.26 6.42 38.98
C PRO A 55 -18.09 7.36 38.65
N LEU A 56 -17.05 7.40 39.46
CA LEU A 56 -15.92 8.30 39.18
C LEU A 56 -14.71 7.57 38.63
N ILE A 57 -14.07 8.14 37.61
CA ILE A 57 -12.89 7.50 37.06
C ILE A 57 -11.66 8.29 37.41
N VAL A 58 -10.69 7.59 38.02
CA VAL A 58 -9.44 8.21 38.47
C VAL A 58 -8.26 7.51 37.81
N GLU A 59 -7.49 8.23 37.01
CA GLU A 59 -6.45 7.55 36.26
C GLU A 59 -5.06 7.88 36.77
N ASN A 60 -4.26 6.83 36.90
CA ASN A 60 -2.82 6.90 37.15
C ASN A 60 -2.42 7.79 38.33
N THR A 61 -1.73 8.88 38.04
CA THR A 61 -1.12 9.69 39.10
C THR A 61 -2.11 10.23 40.10
N GLN A 62 -3.38 10.20 39.74
CA GLN A 62 -4.41 10.77 40.57
C GLN A 62 -4.79 9.83 41.69
N ILE A 63 -4.52 8.54 41.51
CA ILE A 63 -4.86 7.55 42.53
C ILE A 63 -4.11 7.82 43.80
N GLU A 64 -2.85 8.23 43.66
CA GLU A 64 -2.00 8.57 44.80
C GLU A 64 -2.66 9.67 45.60
N ARG A 65 -3.31 10.61 44.91
CA ARG A 65 -3.97 11.70 45.61
C ARG A 65 -5.11 11.21 46.51
N TRP A 66 -5.92 10.28 46.03
CA TRP A 66 -7.04 9.77 46.82
C TRP A 66 -6.55 8.96 48.02
N ILE A 67 -5.37 8.39 47.89
CA ILE A 67 -4.74 7.62 48.96
C ILE A 67 -4.31 8.51 50.13
N ASN A 68 -3.77 9.69 49.81
CA ASN A 68 -3.33 10.64 50.82
C ASN A 68 -4.51 11.22 51.59
N ASN A 69 -5.65 11.37 50.90
CA ASN A 69 -6.89 11.78 51.55
C ASN A 69 -7.62 10.57 52.14
N GLY A 70 -6.97 9.40 52.05
CA GLY A 70 -7.42 8.24 52.77
C GLY A 70 -8.24 7.21 52.05
N LEU A 71 -8.12 7.10 50.73
CA LEU A 71 -8.86 6.01 50.09
C LEU A 71 -8.09 4.73 50.34
N TRP A 72 -8.80 3.70 50.78
CA TRP A 72 -8.13 2.44 51.12
C TRP A 72 -8.03 1.56 49.90
N VAL A 73 -6.83 1.47 49.34
CA VAL A 73 -6.62 0.57 48.23
C VAL A 73 -5.51 -0.36 48.59
N PRO A 74 -5.89 -1.59 48.93
CA PRO A 74 -4.98 -2.61 49.46
C PRO A 74 -4.06 -3.17 48.39
N ALA A 75 -2.77 -3.24 48.72
CA ALA A 75 -1.78 -3.78 47.79
C ALA A 75 -1.88 -5.26 47.67
N LEU A 76 -2.14 -5.75 46.46
CA LEU A 76 -2.18 -7.19 46.15
C LEU A 76 -0.89 -7.63 45.47
N GLU A 77 -0.16 -8.56 46.07
CA GLU A 77 1.18 -8.94 45.58
C GLU A 77 1.19 -10.21 44.77
N PHE A 78 1.89 -10.20 43.65
CA PHE A 78 2.15 -11.44 42.94
C PHE A 78 3.27 -12.16 43.68
N ILE A 79 2.93 -13.23 44.36
CA ILE A 79 3.88 -13.96 45.19
C ILE A 79 5.01 -14.55 44.38
N ASN A 80 4.67 -15.08 43.21
CA ASN A 80 5.62 -15.85 42.42
C ASN A 80 6.22 -15.04 41.28
N VAL A 81 6.20 -13.73 41.43
CA VAL A 81 6.97 -12.85 40.55
C VAL A 81 8.41 -12.74 40.99
N VAL A 82 9.28 -12.44 40.04
CA VAL A 82 10.68 -12.21 40.28
C VAL A 82 11.01 -10.76 40.01
N GLY A 83 10.98 -9.94 41.05
CA GLY A 83 11.24 -8.52 40.90
C GLY A 83 9.97 -7.73 40.60
N SER A 84 9.99 -6.44 40.92
CA SER A 84 8.83 -5.60 40.74
C SER A 84 8.40 -5.55 39.27
N PRO A 85 7.14 -5.93 38.99
CA PRO A 85 6.59 -6.02 37.64
C PRO A 85 6.48 -4.66 37.03
N ASP A 86 6.42 -4.60 35.71
CA ASP A 86 6.25 -3.32 35.04
C ASP A 86 4.76 -3.03 34.95
N THR A 87 4.26 -2.10 35.76
CA THR A 87 2.84 -1.76 35.73
C THR A 87 2.54 -0.61 34.77
N GLY A 88 1.64 -0.86 33.82
CA GLY A 88 1.23 0.12 32.84
C GLY A 88 0.24 1.13 33.41
N ASN A 89 -0.97 1.21 32.85
CA ASN A 89 -1.92 2.16 33.37
C ASN A 89 -2.65 1.58 34.57
N LYS A 90 -2.87 2.43 35.56
CA LYS A 90 -3.62 2.10 36.76
C LYS A 90 -4.93 2.81 36.62
N ARG A 91 -5.99 2.27 37.21
CA ARG A 91 -7.27 2.96 37.18
C ARG A 91 -8.15 2.64 38.38
N LEU A 92 -8.73 3.68 38.97
CA LEU A 92 -9.78 3.48 39.95
C LEU A 92 -11.13 3.90 39.39
N MET A 93 -12.12 3.01 39.52
CA MET A 93 -13.51 3.36 39.27
C MET A 93 -14.27 3.38 40.59
N LEU A 94 -14.67 4.58 41.00
CA LEU A 94 -15.37 4.76 42.26
C LEU A 94 -16.88 4.89 42.05
N PHE A 95 -17.62 3.88 42.49
CA PHE A 95 -19.08 3.88 42.37
C PHE A 95 -19.64 4.50 43.66
N PRO A 96 -20.76 5.23 43.55
CA PRO A 96 -21.33 5.93 44.72
C PRO A 96 -21.94 4.99 45.76
N ASP A 97 -22.42 3.83 45.31
CA ASP A 97 -23.05 2.85 46.19
C ASP A 97 -22.05 1.99 46.96
N GLY A 98 -20.83 2.52 47.09
CA GLY A 98 -19.78 1.89 47.87
C GLY A 98 -18.71 1.17 47.06
N ARG A 99 -19.12 0.50 45.99
CA ARG A 99 -18.19 -0.40 45.30
C ARG A 99 -17.05 0.36 44.63
N VAL A 100 -15.90 -0.32 44.57
CA VAL A 100 -14.64 0.23 44.08
C VAL A 100 -13.97 -0.76 43.14
N ILE A 101 -13.51 -0.28 41.99
CA ILE A 101 -12.87 -1.16 41.01
C ILE A 101 -11.43 -0.77 40.71
N TYR A 102 -10.49 -1.69 40.93
CA TYR A 102 -9.09 -1.44 40.61
C TYR A 102 -8.71 -2.10 39.30
N ASN A 103 -8.21 -1.31 38.36
CA ASN A 103 -7.85 -1.86 37.06
C ASN A 103 -6.42 -1.43 36.74
N ALA A 104 -5.57 -2.40 36.50
CA ALA A 104 -4.19 -2.11 36.17
C ALA A 104 -3.65 -3.14 35.21
N ARG A 105 -2.81 -2.65 34.28
CA ARG A 105 -2.14 -3.54 33.34
C ARG A 105 -0.73 -3.87 33.83
N PHE A 106 -0.29 -5.11 33.63
CA PHE A 106 1.02 -5.52 34.11
C PHE A 106 1.81 -6.38 33.15
N LEU A 107 3.12 -6.27 33.24
CA LEU A 107 4.01 -7.22 32.58
C LEU A 107 4.97 -7.70 33.63
N GLY A 108 5.07 -9.00 33.80
CA GLY A 108 5.90 -9.51 34.86
C GLY A 108 6.58 -10.82 34.57
N SER A 109 7.73 -11.02 35.21
CA SER A 109 8.48 -12.26 35.09
C SER A 109 8.17 -13.13 36.29
N PHE A 110 7.60 -14.30 36.03
CA PHE A 110 7.07 -15.13 37.09
C PHE A 110 7.85 -16.42 37.21
N SER A 111 7.85 -16.99 38.42
CA SER A 111 8.62 -18.17 38.70
C SER A 111 7.74 -19.34 39.05
N ASN A 112 8.16 -20.51 38.63
CA ASN A 112 7.50 -21.76 38.96
C ASN A 112 8.48 -22.92 38.76
N ASP A 113 8.19 -24.06 39.37
CA ASP A 113 8.98 -25.26 39.15
C ASP A 113 8.90 -25.63 37.67
N MET A 114 10.03 -25.84 37.01
CA MET A 114 9.95 -26.25 35.61
C MET A 114 10.95 -27.36 35.28
N ASP A 115 10.41 -28.49 34.87
CA ASP A 115 11.19 -29.68 34.51
C ASP A 115 11.37 -29.77 33.01
N PHE A 116 12.59 -29.66 32.53
CA PHE A 116 12.80 -29.67 31.09
C PHE A 116 13.45 -30.97 30.61
N ARG A 117 13.29 -32.06 31.37
CA ARG A 117 13.96 -33.32 31.03
C ARG A 117 13.39 -34.02 29.79
N LEU A 118 12.11 -33.80 29.52
CA LEU A 118 11.44 -34.45 28.40
C LEU A 118 11.57 -33.62 27.12
N PHE A 119 12.47 -32.64 27.11
CA PHE A 119 12.66 -31.77 25.94
C PHE A 119 13.05 -32.58 24.71
N PRO A 120 12.47 -32.25 23.53
CA PRO A 120 11.54 -31.17 23.26
C PRO A 120 10.07 -31.54 23.48
N PHE A 121 9.79 -32.48 24.37
CA PHE A 121 8.40 -32.89 24.57
C PHE A 121 7.90 -32.62 25.98
N ASP A 122 8.24 -31.46 26.54
CA ASP A 122 7.81 -31.16 27.90
C ASP A 122 6.43 -30.49 27.94
N ARG A 123 5.74 -30.68 29.06
CA ARG A 123 4.50 -29.99 29.32
C ARG A 123 4.83 -29.09 30.48
N GLN A 124 4.33 -27.87 30.45
CA GLN A 124 4.63 -26.98 31.55
C GLN A 124 3.39 -26.45 32.18
N GLN A 125 3.58 -25.89 33.37
CA GLN A 125 2.50 -25.14 33.97
C GLN A 125 2.91 -23.69 34.13
N PHE A 126 2.22 -22.79 33.47
CA PHE A 126 2.44 -21.40 33.73
C PHE A 126 1.55 -21.02 34.91
N VAL A 127 2.16 -20.49 35.96
CA VAL A 127 1.44 -20.23 37.20
C VAL A 127 1.46 -18.76 37.63
N LEU A 128 0.33 -18.30 38.14
CA LEU A 128 0.25 -17.05 38.88
C LEU A 128 -0.25 -17.31 40.29
N GLU A 129 0.39 -16.69 41.27
CA GLU A 129 -0.08 -16.74 42.65
C GLU A 129 -0.30 -15.33 43.23
N LEU A 130 -1.54 -15.01 43.59
CA LEU A 130 -1.87 -13.63 43.97
C LEU A 130 -2.40 -13.57 45.40
N GLU A 131 -1.87 -12.65 46.19
CA GLU A 131 -2.13 -12.60 47.64
C GLU A 131 -1.92 -11.18 48.15
N PRO A 132 -2.77 -10.73 49.11
CA PRO A 132 -2.56 -9.35 49.59
C PRO A 132 -1.28 -9.21 50.40
N PHE A 133 -0.69 -8.03 50.37
CA PHE A 133 0.63 -7.85 50.93
C PHE A 133 0.56 -7.63 52.42
N SER A 134 -0.51 -7.02 52.90
CA SER A 134 -0.53 -6.54 54.27
C SER A 134 -1.67 -7.06 55.14
N TYR A 135 -2.77 -7.45 54.53
CA TYR A 135 -3.97 -7.74 55.29
C TYR A 135 -4.29 -9.23 55.30
N ASN A 136 -4.50 -9.82 56.48
CA ASN A 136 -4.85 -11.25 56.56
C ASN A 136 -6.31 -11.59 56.20
N ASN A 137 -6.67 -12.88 56.26
CA ASN A 137 -8.01 -13.32 55.87
C ASN A 137 -9.10 -12.95 56.89
N GLN A 138 -8.69 -12.39 58.03
CA GLN A 138 -9.65 -11.86 58.97
C GLN A 138 -10.09 -10.49 58.46
N GLN A 139 -9.24 -9.90 57.63
CA GLN A 139 -9.43 -8.53 57.16
C GLN A 139 -9.82 -8.44 55.69
N LEU A 140 -9.13 -9.21 54.86
CA LEU A 140 -9.35 -9.15 53.43
C LEU A 140 -9.26 -10.55 52.86
N ARG A 141 -10.28 -10.96 52.11
CA ARG A 141 -10.31 -12.30 51.54
C ARG A 141 -10.71 -12.30 50.08
N PHE A 142 -10.17 -13.25 49.33
CA PHE A 142 -10.47 -13.35 47.92
C PHE A 142 -11.77 -14.15 47.73
N SER A 143 -12.78 -13.49 47.18
CA SER A 143 -14.09 -14.08 47.02
C SER A 143 -14.17 -15.05 45.83
N ASP A 144 -13.75 -14.61 44.65
CA ASP A 144 -13.77 -15.49 43.47
C ASP A 144 -12.69 -15.09 42.46
N ILE A 145 -12.30 -16.01 41.59
CA ILE A 145 -11.25 -15.68 40.63
C ILE A 145 -11.58 -16.05 39.17
N GLN A 146 -11.51 -15.04 38.31
CA GLN A 146 -11.72 -15.19 36.89
C GLN A 146 -10.43 -15.02 36.09
N VAL A 147 -10.11 -16.01 35.26
CA VAL A 147 -8.97 -15.90 34.36
C VAL A 147 -9.41 -16.05 32.92
N TYR A 148 -9.09 -15.06 32.11
CA TYR A 148 -9.49 -15.03 30.72
C TYR A 148 -8.28 -15.19 29.80
N THR A 149 -8.38 -16.07 28.80
CA THR A 149 -7.26 -16.29 27.89
C THR A 149 -7.67 -16.00 26.45
N GLU A 150 -6.79 -15.36 25.69
CA GLU A 150 -7.04 -15.14 24.27
C GLU A 150 -7.07 -16.54 23.64
N ASN A 151 -7.77 -16.69 22.52
CA ASN A 151 -7.79 -17.98 21.81
C ASN A 151 -6.88 -18.08 20.58
N ILE A 152 -5.82 -18.86 20.72
CA ILE A 152 -4.84 -19.08 19.65
C ILE A 152 -5.30 -20.07 18.55
N ASP A 153 -5.43 -19.59 17.32
CA ASP A 153 -5.92 -20.43 16.21
C ASP A 153 -4.78 -20.89 15.30
N ASN A 154 -3.85 -19.98 15.02
CA ASN A 154 -2.65 -20.31 14.25
C ASN A 154 -1.55 -20.82 15.17
N GLU A 155 -1.83 -21.86 15.94
CA GLU A 155 -0.86 -22.28 16.94
C GLU A 155 0.35 -22.93 16.28
N GLU A 156 0.27 -23.16 14.98
CA GLU A 156 1.38 -23.78 14.29
C GLU A 156 2.56 -22.81 14.12
N ILE A 157 2.32 -21.52 14.33
CA ILE A 157 3.43 -20.55 14.32
C ILE A 157 3.83 -20.01 15.72
N ASP A 158 3.29 -20.61 16.78
CA ASP A 158 3.62 -20.22 18.16
C ASP A 158 4.62 -21.17 18.82
N GLU A 159 5.44 -20.63 19.72
CA GLU A 159 6.45 -21.42 20.43
C GLU A 159 5.80 -22.48 21.34
N TRP A 160 4.72 -22.09 22.01
CA TRP A 160 3.98 -22.95 22.95
C TRP A 160 2.49 -23.17 22.61
N TRP A 161 2.01 -24.41 22.74
CA TRP A 161 0.57 -24.66 22.56
C TRP A 161 -0.13 -24.68 23.91
N ILE A 162 -0.95 -23.66 24.15
CA ILE A 162 -1.70 -23.58 25.41
C ILE A 162 -2.83 -24.60 25.42
N ARG A 163 -2.81 -25.46 26.42
CA ARG A 163 -3.61 -26.67 26.35
C ARG A 163 -4.74 -26.73 27.36
N GLY A 164 -5.83 -26.07 27.00
CA GLY A 164 -7.03 -26.08 27.81
C GLY A 164 -7.12 -24.78 28.56
N LYS A 165 -8.32 -24.41 29.03
CA LYS A 165 -8.46 -23.18 29.80
C LYS A 165 -7.82 -23.25 31.17
N ALA A 166 -7.53 -22.08 31.73
CA ALA A 166 -6.81 -22.00 32.99
C ALA A 166 -7.64 -22.60 34.12
N SER A 167 -6.99 -23.31 35.04
CA SER A 167 -7.68 -23.81 36.21
C SER A 167 -7.32 -22.93 37.40
N THR A 168 -8.27 -22.67 38.29
CA THR A 168 -7.98 -21.84 39.46
C THR A 168 -8.43 -22.43 40.79
N HIS A 169 -7.92 -21.82 41.86
CA HIS A 169 -8.15 -22.33 43.20
C HIS A 169 -7.80 -21.29 44.24
N ILE A 170 -8.82 -20.76 44.91
CA ILE A 170 -8.56 -19.90 46.06
C ILE A 170 -8.29 -20.79 47.24
N SER A 171 -7.26 -20.44 47.99
CA SER A 171 -6.85 -21.27 49.12
C SER A 171 -6.37 -20.45 50.31
N ASP A 172 -5.96 -21.13 51.37
CA ASP A 172 -5.54 -20.44 52.58
C ASP A 172 -4.18 -20.92 53.01
N ILE A 173 -3.39 -19.99 53.52
CA ILE A 173 -2.02 -20.27 53.87
C ILE A 173 -1.65 -19.95 55.31
N ARG A 174 -1.13 -20.94 56.01
CA ARG A 174 -0.64 -20.73 57.36
C ARG A 174 0.82 -20.28 57.26
N TYR A 175 1.08 -19.06 57.69
CA TYR A 175 2.46 -18.58 57.83
C TYR A 175 2.85 -18.77 59.28
N ASP A 176 3.78 -19.68 59.51
CA ASP A 176 4.18 -20.08 60.86
C ASP A 176 4.86 -18.94 61.65
N HIS A 177 5.97 -18.42 61.13
CA HIS A 177 6.75 -17.41 61.85
C HIS A 177 6.18 -16.00 61.79
N LEU A 178 5.31 -15.65 62.74
CA LEU A 178 4.79 -14.27 62.86
C LEU A 178 5.16 -13.50 64.15
N SER A 179 5.40 -12.21 63.98
CA SER A 179 5.69 -11.30 65.10
C SER A 179 4.42 -10.59 65.57
N SER A 180 3.26 -11.05 65.11
CA SER A 180 2.01 -10.33 65.35
C SER A 180 1.34 -10.85 66.62
N VAL A 181 0.07 -11.21 66.55
CA VAL A 181 -0.62 -11.74 67.73
C VAL A 181 -1.10 -13.16 67.37
N GLN A 182 -1.84 -13.81 68.28
CA GLN A 182 -2.14 -15.24 68.18
C GLN A 182 -3.55 -15.60 67.70
N PRO A 183 -4.60 -14.90 68.18
CA PRO A 183 -5.90 -15.53 67.87
C PRO A 183 -6.32 -15.37 66.40
N ASN A 184 -6.00 -16.39 65.59
CA ASN A 184 -6.39 -16.50 64.19
C ASN A 184 -5.85 -15.39 63.25
N GLN A 185 -4.74 -14.78 63.63
CA GLN A 185 -4.15 -13.65 62.91
C GLN A 185 -3.00 -14.05 61.99
N ASN A 186 -2.95 -15.31 61.59
CA ASN A 186 -1.80 -15.83 60.82
C ASN A 186 -2.10 -16.51 59.47
N GLU A 187 -3.31 -16.35 58.95
CA GLU A 187 -3.65 -16.96 57.65
C GLU A 187 -4.01 -15.92 56.57
N PHE A 188 -3.55 -16.15 55.34
CA PHE A 188 -3.75 -15.22 54.21
C PHE A 188 -4.52 -15.79 53.03
N SER A 189 -5.26 -14.92 52.33
CA SER A 189 -6.08 -15.31 51.18
C SER A 189 -5.29 -15.34 49.86
N ARG A 190 -5.23 -16.50 49.20
CA ARG A 190 -4.42 -16.60 47.97
C ARG A 190 -5.07 -17.27 46.74
N ILE A 191 -5.11 -16.51 45.66
CA ILE A 191 -5.45 -17.01 44.34
C ILE A 191 -4.30 -17.77 43.70
N THR A 192 -4.58 -18.89 43.07
CA THR A 192 -3.54 -19.60 42.34
C THR A 192 -4.05 -19.96 40.95
N VAL A 193 -3.48 -19.34 39.93
CA VAL A 193 -3.87 -19.59 38.55
C VAL A 193 -2.89 -20.56 37.90
N ARG A 194 -3.41 -21.55 37.19
CA ARG A 194 -2.56 -22.50 36.46
C ARG A 194 -2.94 -22.59 34.99
N ILE A 195 -1.94 -22.57 34.14
CA ILE A 195 -2.16 -22.77 32.72
C ILE A 195 -1.24 -23.87 32.21
N ASP A 196 -1.81 -24.95 31.67
CA ASP A 196 -0.99 -26.03 31.11
C ASP A 196 -0.71 -25.74 29.64
N ALA A 197 0.48 -26.17 29.21
CA ALA A 197 0.94 -25.96 27.84
C ALA A 197 2.00 -26.98 27.49
N VAL A 198 2.13 -27.28 26.19
CA VAL A 198 3.16 -28.18 25.70
C VAL A 198 4.00 -27.49 24.64
N ARG A 199 5.21 -28.00 24.42
CA ARG A 199 6.11 -27.38 23.48
C ARG A 199 5.78 -27.83 22.06
N ASN A 200 5.86 -26.90 21.12
CA ASN A 200 5.72 -27.16 19.69
C ASN A 200 6.95 -27.84 19.13
N PRO A 201 6.92 -29.17 19.01
CA PRO A 201 8.10 -29.97 18.74
C PRO A 201 8.55 -29.93 17.29
N SER A 202 7.93 -29.08 16.48
CA SER A 202 8.24 -29.01 15.05
C SER A 202 9.71 -28.81 14.71
N TYR A 203 10.27 -27.63 15.03
CA TYR A 203 11.61 -27.28 14.56
C TYR A 203 12.59 -28.33 15.01
N TYR A 204 12.36 -28.89 16.20
CA TYR A 204 13.35 -29.79 16.75
C TYR A 204 13.31 -31.23 16.18
N LEU A 205 12.15 -31.73 15.79
CA LEU A 205 12.12 -33.07 15.21
C LEU A 205 12.79 -33.03 13.88
N TRP A 206 12.35 -32.10 13.07
CA TRP A 206 12.81 -32.04 11.70
C TRP A 206 14.23 -31.57 11.51
N SER A 207 14.70 -30.62 12.30
CA SER A 207 16.02 -30.07 12.05
C SER A 207 17.07 -30.56 13.10
N PHE A 208 16.63 -31.30 14.12
CA PHE A 208 17.61 -31.86 15.06
C PHE A 208 17.54 -33.35 15.22
N ILE A 209 16.40 -33.90 15.59
CA ILE A 209 16.32 -35.34 15.83
C ILE A 209 16.65 -36.18 14.57
N LEU A 210 16.04 -35.79 13.46
CA LEU A 210 16.19 -36.57 12.25
C LEU A 210 17.64 -36.57 11.81
N PRO A 211 18.27 -35.40 11.59
CA PRO A 211 19.67 -35.60 11.17
C PRO A 211 20.55 -36.29 12.22
N LEU A 212 20.17 -36.33 13.50
CA LEU A 212 20.97 -37.06 14.50
C LEU A 212 20.86 -38.55 14.25
N GLY A 213 19.68 -38.99 13.82
CA GLY A 213 19.48 -40.38 13.44
C GLY A 213 20.29 -40.74 12.22
N LEU A 214 20.14 -39.95 11.15
CA LEU A 214 20.92 -40.13 9.92
C LEU A 214 22.42 -40.16 10.21
N ILE A 215 22.88 -39.29 11.09
CA ILE A 215 24.29 -39.32 11.46
C ILE A 215 24.62 -40.54 12.28
N ILE A 216 23.83 -40.83 13.30
CA ILE A 216 24.10 -42.01 14.12
C ILE A 216 23.93 -43.31 13.34
N ALA A 217 22.97 -43.36 12.43
CA ALA A 217 22.79 -44.53 11.56
C ALA A 217 24.02 -44.71 10.67
N ALA A 218 24.30 -43.69 9.87
CA ALA A 218 25.42 -43.73 8.93
C ALA A 218 26.79 -43.94 9.59
N SER A 219 26.86 -43.80 10.91
CA SER A 219 28.12 -44.12 11.59
C SER A 219 28.36 -45.61 11.41
N TRP A 220 27.28 -46.38 11.36
CA TRP A 220 27.35 -47.83 11.30
C TRP A 220 27.89 -48.33 9.97
N SER A 221 27.78 -47.51 8.92
CA SER A 221 28.22 -47.94 7.59
C SER A 221 29.73 -48.00 7.52
N VAL A 222 30.35 -47.99 8.69
CA VAL A 222 31.79 -48.14 8.80
C VAL A 222 32.14 -49.62 8.64
N PHE A 223 31.22 -50.49 9.03
CA PHE A 223 31.49 -51.92 8.98
C PHE A 223 31.43 -52.51 7.56
N TRP A 224 31.08 -51.68 6.58
CA TRP A 224 31.01 -52.18 5.20
C TRP A 224 32.22 -51.75 4.37
N LEU A 225 33.23 -51.23 5.05
CA LEU A 225 34.54 -51.03 4.43
C LEU A 225 35.27 -52.35 4.57
N GLU A 226 36.16 -52.69 3.64
CA GLU A 226 36.70 -54.06 3.65
C GLU A 226 38.08 -54.14 4.30
N SER A 227 38.82 -53.04 4.24
CA SER A 227 40.14 -52.97 4.88
C SER A 227 40.02 -52.70 6.38
N PHE A 228 41.06 -53.01 7.14
CA PHE A 228 41.08 -52.65 8.56
C PHE A 228 41.43 -51.18 8.69
N SER A 229 42.47 -50.80 7.95
CA SER A 229 42.92 -49.42 7.84
C SER A 229 41.79 -48.48 7.42
N GLU A 230 40.96 -48.89 6.47
CA GLU A 230 39.79 -48.10 6.07
C GLU A 230 38.85 -47.96 7.28
N ARG A 231 38.63 -49.05 8.01
CA ARG A 231 37.67 -49.04 9.10
C ARG A 231 38.11 -48.26 10.32
N LEU A 232 39.37 -48.39 10.74
CA LEU A 232 39.78 -47.66 11.94
C LEU A 232 39.93 -46.17 11.66
N GLN A 233 40.61 -45.82 10.58
CA GLN A 233 40.80 -44.41 10.28
C GLN A 233 39.49 -43.66 10.07
N THR A 234 38.50 -44.32 9.50
CA THR A 234 37.23 -43.65 9.22
C THR A 234 36.47 -43.29 10.50
N SER A 235 36.51 -44.14 11.52
CA SER A 235 35.76 -43.88 12.76
C SER A 235 36.22 -42.61 13.49
N PHE A 236 37.46 -42.18 13.24
CA PHE A 236 37.98 -40.93 13.80
C PHE A 236 37.38 -39.70 13.11
N THR A 237 36.95 -39.88 11.88
CA THR A 237 36.24 -38.84 11.17
C THR A 237 34.83 -38.89 11.71
N LEU A 238 34.35 -40.07 12.05
CA LEU A 238 33.05 -40.18 12.71
C LEU A 238 33.06 -39.56 14.09
N MET A 239 34.16 -39.75 14.82
CA MET A 239 34.32 -39.12 16.14
C MET A 239 34.16 -37.58 16.05
N LEU A 240 34.91 -36.94 15.15
CA LEU A 240 34.85 -35.49 14.97
C LEU A 240 33.44 -35.07 14.65
N THR A 241 32.75 -35.89 13.86
CA THR A 241 31.41 -35.52 13.48
C THR A 241 30.48 -35.47 14.68
N VAL A 242 30.58 -36.38 15.63
CA VAL A 242 29.70 -36.24 16.78
C VAL A 242 30.01 -34.98 17.59
N VAL A 243 31.27 -34.69 17.89
CA VAL A 243 31.52 -33.48 18.66
C VAL A 243 30.98 -32.27 17.94
N ALA A 244 31.14 -32.19 16.62
CA ALA A 244 30.64 -31.04 15.87
C ALA A 244 29.11 -30.98 16.02
N TYR A 245 28.46 -32.13 16.04
CA TYR A 245 27.02 -32.19 16.20
C TYR A 245 26.63 -31.94 17.64
N ALA A 246 27.52 -32.31 18.55
CA ALA A 246 27.36 -31.96 19.96
C ALA A 246 27.44 -30.45 20.14
N PHE A 247 28.35 -29.84 19.38
CA PHE A 247 28.60 -28.42 19.45
C PHE A 247 27.38 -27.68 18.89
N TYR A 248 26.89 -28.15 17.75
CA TYR A 248 25.73 -27.57 17.09
C TYR A 248 24.54 -27.55 17.99
N THR A 249 24.25 -28.68 18.62
CA THR A 249 23.05 -28.77 19.46
C THR A 249 23.17 -27.86 20.66
N SER A 250 24.31 -27.90 21.33
CA SER A 250 24.52 -27.16 22.56
C SER A 250 24.38 -25.65 22.40
N ASN A 251 24.70 -25.16 21.20
CA ASN A 251 24.63 -23.74 20.87
C ASN A 251 23.22 -23.26 20.59
N ILE A 252 22.36 -24.17 20.15
CA ILE A 252 21.01 -23.79 19.78
C ILE A 252 19.97 -24.25 20.81
N LEU A 253 20.14 -25.43 21.37
CA LEU A 253 19.22 -25.92 22.40
C LEU A 253 19.36 -25.14 23.72
N PRO A 254 18.30 -25.15 24.57
CA PRO A 254 18.26 -24.34 25.79
C PRO A 254 19.28 -24.77 26.81
N ARG A 255 20.00 -23.85 27.47
CA ARG A 255 20.98 -24.27 28.47
C ARG A 255 20.20 -24.81 29.66
N LEU A 256 20.69 -25.91 30.20
CA LEU A 256 20.06 -26.60 31.32
C LEU A 256 21.18 -27.17 32.21
N PRO A 257 20.85 -27.55 33.45
CA PRO A 257 21.78 -28.20 34.38
C PRO A 257 21.70 -29.73 34.39
N TYR A 258 20.94 -30.31 33.48
CA TYR A 258 20.84 -31.76 33.37
C TYR A 258 20.74 -32.21 31.92
N THR A 259 20.77 -33.51 31.72
CA THR A 259 20.70 -34.08 30.39
C THR A 259 19.28 -34.19 29.86
N THR A 260 19.10 -33.90 28.58
CA THR A 260 17.81 -34.09 27.93
C THR A 260 17.84 -35.43 27.18
N VAL A 261 16.81 -35.74 26.42
CA VAL A 261 16.88 -36.91 25.55
C VAL A 261 17.95 -36.72 24.47
N ILE A 262 17.93 -35.58 23.78
CA ILE A 262 18.91 -35.36 22.73
C ILE A 262 20.31 -35.45 23.33
N ASP A 263 20.46 -34.95 24.54
CA ASP A 263 21.74 -35.00 25.22
C ASP A 263 22.20 -36.43 25.34
N GLN A 264 21.27 -37.31 25.66
CA GLN A 264 21.60 -38.72 25.87
C GLN A 264 21.92 -39.42 24.55
N MET A 265 21.11 -39.18 23.53
CA MET A 265 21.37 -39.69 22.18
C MET A 265 22.79 -39.30 21.78
N ILE A 266 23.17 -38.06 22.07
CA ILE A 266 24.51 -37.63 21.70
C ILE A 266 25.56 -38.45 22.44
N ILE A 267 25.34 -38.72 23.72
CA ILE A 267 26.31 -39.51 24.47
C ILE A 267 26.33 -40.91 23.90
N ALA A 268 25.15 -41.38 23.55
CA ALA A 268 25.01 -42.68 22.91
C ALA A 268 25.77 -42.64 21.58
N GLY A 269 25.69 -41.50 20.91
CA GLY A 269 26.43 -41.33 19.67
C GLY A 269 27.92 -41.46 19.93
N TYR A 270 28.40 -40.86 21.02
CA TYR A 270 29.80 -40.97 21.46
C TYR A 270 30.18 -42.38 21.82
N GLY A 271 29.23 -43.11 22.38
CA GLY A 271 29.45 -44.50 22.79
C GLY A 271 29.49 -45.45 21.61
N SER A 272 28.47 -45.34 20.74
CA SER A 272 28.35 -46.17 19.56
C SER A 272 29.64 -46.11 18.75
N ILE A 273 30.25 -44.94 18.70
CA ILE A 273 31.48 -44.78 17.94
C ILE A 273 32.69 -45.26 18.73
N PHE A 274 32.69 -45.08 20.05
CA PHE A 274 33.81 -45.63 20.83
C PHE A 274 33.73 -47.12 20.92
N ALA A 275 32.52 -47.65 20.95
CA ALA A 275 32.34 -49.09 20.96
C ALA A 275 32.89 -49.67 19.67
N ALA A 276 32.49 -49.07 18.55
CA ALA A 276 32.92 -49.54 17.24
C ALA A 276 34.42 -49.58 17.10
N ILE A 277 35.10 -48.56 17.61
CA ILE A 277 36.56 -48.52 17.54
C ILE A 277 37.14 -49.71 18.32
N LEU A 278 36.46 -50.14 19.39
CA LEU A 278 36.91 -51.32 20.14
C LEU A 278 36.70 -52.62 19.37
N LEU A 279 35.66 -52.73 18.55
CA LEU A 279 35.48 -53.98 17.84
C LEU A 279 36.47 -54.04 16.68
N ILE A 280 36.53 -52.96 15.90
CA ILE A 280 37.41 -52.87 14.74
C ILE A 280 38.86 -53.22 15.11
N ILE A 281 39.25 -52.85 16.32
CA ILE A 281 40.61 -53.12 16.74
C ILE A 281 40.69 -54.55 17.29
N PHE A 282 39.53 -55.10 17.65
CA PHE A 282 39.47 -56.41 18.28
C PHE A 282 39.51 -57.53 17.26
N ALA A 283 38.66 -57.39 16.24
CA ALA A 283 38.57 -58.34 15.16
C ALA A 283 39.87 -58.44 14.35
N HIS A 284 40.76 -57.48 14.47
CA HIS A 284 42.00 -57.55 13.73
C HIS A 284 43.06 -58.36 14.47
N HIS A 285 42.88 -58.59 15.77
CA HIS A 285 43.87 -59.32 16.57
C HIS A 285 43.25 -60.44 17.39
N ARG A 286 41.96 -60.67 17.24
CA ARG A 286 41.26 -61.70 18.02
C ARG A 286 41.87 -63.09 17.78
N GLN A 287 41.92 -63.47 16.51
CA GLN A 287 42.31 -64.81 16.04
C GLN A 287 43.80 -64.93 15.74
N ALA A 288 44.30 -66.17 15.71
CA ALA A 288 45.71 -66.40 15.42
C ALA A 288 46.10 -66.08 14.00
N ASN A 289 47.41 -66.02 13.76
CA ASN A 289 47.98 -65.75 12.44
C ASN A 289 47.70 -64.36 11.89
N GLY A 290 46.87 -63.59 12.58
CA GLY A 290 46.46 -62.29 12.06
C GLY A 290 45.34 -62.37 11.04
N VAL A 291 44.66 -63.51 11.00
CA VAL A 291 43.53 -63.60 10.09
C VAL A 291 42.44 -62.66 10.62
N GLU A 292 42.04 -61.72 9.76
CA GLU A 292 41.01 -60.78 10.12
C GLU A 292 39.66 -61.47 10.25
N ASP A 293 39.10 -61.48 11.46
CA ASP A 293 37.80 -62.09 11.71
C ASP A 293 36.68 -61.35 11.00
N ASP A 294 36.53 -61.60 9.71
CA ASP A 294 35.49 -60.97 8.92
C ASP A 294 34.10 -61.58 9.22
N LEU A 295 34.03 -62.50 10.18
CA LEU A 295 32.76 -62.97 10.74
C LEU A 295 32.19 -62.04 11.82
N LEU A 296 33.06 -61.40 12.62
CA LEU A 296 32.65 -60.39 13.63
C LEU A 296 32.22 -59.11 12.94
N ILE A 297 33.13 -58.59 12.13
CA ILE A 297 32.79 -57.57 11.17
C ILE A 297 31.81 -58.35 10.29
N GLN A 298 31.00 -57.69 9.48
CA GLN A 298 29.94 -58.36 8.72
C GLN A 298 28.80 -58.78 9.64
N ARG A 299 29.10 -59.41 10.77
CA ARG A 299 28.06 -59.64 11.75
C ARG A 299 27.65 -58.33 12.41
N CYS A 300 28.60 -57.40 12.50
CA CYS A 300 28.32 -56.09 13.06
C CYS A 300 27.47 -55.22 12.15
N ARG A 301 27.34 -55.62 10.89
CA ARG A 301 26.64 -54.79 9.93
C ARG A 301 25.14 -54.63 10.25
N LEU A 302 24.59 -55.50 11.09
CA LEU A 302 23.25 -55.30 11.64
C LEU A 302 23.23 -55.75 13.12
N ALA A 303 24.41 -55.91 13.70
CA ALA A 303 24.52 -56.11 15.16
C ALA A 303 24.30 -54.79 15.91
N PHE A 304 25.05 -53.75 15.51
CA PHE A 304 24.94 -52.38 16.06
C PHE A 304 23.61 -51.67 15.77
N PRO A 305 23.12 -51.76 14.52
CA PRO A 305 21.82 -51.11 14.29
C PRO A 305 20.71 -51.66 15.20
N LEU A 306 20.94 -52.77 15.88
CA LEU A 306 19.97 -53.31 16.81
C LEU A 306 20.35 -53.03 18.25
N GLY A 307 21.63 -53.16 18.57
CA GLY A 307 22.14 -52.95 19.91
C GLY A 307 21.93 -51.54 20.47
N PHE A 308 22.37 -50.53 19.72
CA PHE A 308 22.11 -49.12 20.03
C PHE A 308 20.61 -48.83 20.02
N LEU A 309 19.94 -49.35 19.00
CA LEU A 309 18.52 -49.14 18.77
C LEU A 309 17.68 -49.86 19.82
N ALA A 310 18.35 -50.66 20.63
CA ALA A 310 17.73 -51.31 21.77
C ALA A 310 18.11 -50.58 23.06
N ILE A 311 19.39 -50.24 23.22
CA ILE A 311 19.85 -49.57 24.44
C ILE A 311 19.39 -48.12 24.43
N GLY A 312 18.89 -47.65 23.29
CA GLY A 312 18.28 -46.33 23.22
C GLY A 312 16.77 -46.47 23.25
N CYS A 313 16.32 -47.72 23.10
CA CYS A 313 14.90 -48.01 23.19
C CYS A 313 14.57 -48.42 24.63
N VAL A 314 15.57 -48.30 25.50
CA VAL A 314 15.37 -48.49 26.93
C VAL A 314 15.75 -47.18 27.60
N LEU A 315 15.41 -46.08 26.92
CA LEU A 315 15.52 -44.75 27.52
C LEU A 315 14.10 -44.36 27.92
N VAL A 316 13.45 -45.31 28.60
CA VAL A 316 12.10 -45.19 29.11
C VAL A 316 12.11 -44.56 30.50
N ILE A 317 13.19 -43.87 30.85
CA ILE A 317 13.26 -43.23 32.17
C ILE A 317 12.14 -42.20 32.30
N ARG A 318 11.11 -42.63 33.04
CA ARG A 318 9.89 -41.87 33.26
C ARG A 318 9.37 -42.13 34.67
N ARG B 10 -23.29 13.21 22.67
CA ARG B 10 -22.76 13.23 24.04
C ARG B 10 -21.26 12.82 24.17
N PRO B 11 -20.82 11.69 23.55
CA PRO B 11 -19.43 11.29 23.77
C PRO B 11 -18.43 12.23 23.11
N VAL B 12 -17.25 12.36 23.72
CA VAL B 12 -16.21 13.27 23.24
C VAL B 12 -15.48 12.74 22.02
N ASP B 13 -15.39 13.57 20.98
CA ASP B 13 -14.69 13.20 19.76
C ASP B 13 -13.22 13.52 19.91
N VAL B 14 -12.34 12.52 19.73
CA VAL B 14 -10.87 12.72 19.75
C VAL B 14 -10.18 12.35 18.44
N SER B 15 -9.40 13.28 17.91
CA SER B 15 -8.69 13.10 16.64
C SER B 15 -7.22 12.75 16.85
N VAL B 16 -6.82 11.58 16.33
CA VAL B 16 -5.48 11.05 16.52
C VAL B 16 -4.61 11.10 15.27
N SER B 17 -3.36 11.52 15.43
CA SER B 17 -2.37 11.47 14.35
C SER B 17 -1.13 10.78 14.88
N ILE B 18 -0.67 9.78 14.13
CA ILE B 18 0.49 9.01 14.51
C ILE B 18 1.55 9.18 13.45
N PHE B 19 2.68 9.77 13.86
CA PHE B 19 3.84 9.94 12.99
C PHE B 19 4.88 8.90 13.31
N ILE B 20 5.25 8.08 12.34
CA ILE B 20 6.15 6.97 12.55
C ILE B 20 7.55 7.26 12.03
N ASN B 21 8.53 7.19 12.93
CA ASN B 21 9.94 7.52 12.66
C ASN B 21 10.86 6.36 12.32
N LYS B 22 10.65 5.24 12.99
CA LYS B 22 11.56 4.13 12.80
C LYS B 22 10.79 2.91 13.24
N ILE B 23 10.83 1.87 12.41
CA ILE B 23 10.36 0.55 12.83
C ILE B 23 11.58 -0.29 12.76
N TYR B 24 12.06 -0.75 13.90
CA TYR B 24 13.29 -1.49 13.85
C TYR B 24 13.30 -2.68 14.81
N GLY B 25 14.31 -3.53 14.67
CA GLY B 25 14.51 -4.58 15.64
C GLY B 25 13.43 -5.65 15.78
N VAL B 26 13.18 -6.38 14.71
CA VAL B 26 12.23 -7.48 14.80
C VAL B 26 12.72 -8.52 15.77
N ASN B 27 11.86 -8.97 16.67
CA ASN B 27 12.17 -10.11 17.50
C ASN B 27 11.40 -11.34 17.04
N THR B 28 12.08 -12.27 16.37
CA THR B 28 11.38 -13.37 15.73
C THR B 28 10.75 -14.35 16.73
N LEU B 29 11.44 -14.70 17.79
CA LEU B 29 10.83 -15.65 18.70
C LEU B 29 9.66 -15.03 19.44
N GLU B 30 9.82 -13.77 19.86
CA GLU B 30 8.78 -13.09 20.65
C GLU B 30 7.65 -12.54 19.81
N GLN B 31 7.86 -12.49 18.50
CA GLN B 31 6.88 -11.88 17.60
C GLN B 31 6.61 -10.43 18.07
N THR B 32 7.68 -9.62 18.13
CA THR B 32 7.57 -8.20 18.50
C THR B 32 8.46 -7.34 17.62
N TYR B 33 8.29 -6.02 17.74
CA TYR B 33 9.06 -5.05 16.96
C TYR B 33 9.08 -3.66 17.63
N LYS B 34 10.05 -2.83 17.29
CA LYS B 34 10.14 -1.52 17.90
C LYS B 34 9.64 -0.44 16.96
N VAL B 35 8.91 0.53 17.51
CA VAL B 35 8.36 1.65 16.75
C VAL B 35 8.64 2.94 17.50
N ASP B 36 9.37 3.83 16.85
CA ASP B 36 9.61 5.17 17.39
C ASP B 36 8.83 6.15 16.52
N GLY B 37 8.09 7.03 17.18
CA GLY B 37 7.31 8.04 16.52
C GLY B 37 6.64 8.91 17.55
N TYR B 38 5.73 9.77 17.09
CA TYR B 38 4.95 10.64 17.95
C TYR B 38 3.47 10.32 17.79
N ILE B 39 2.68 10.61 18.82
CA ILE B 39 1.23 10.43 18.75
C ILE B 39 0.59 11.77 19.05
N VAL B 40 -0.45 12.14 18.30
CA VAL B 40 -1.12 13.41 18.56
C VAL B 40 -2.60 13.21 18.82
N ALA B 41 -3.14 13.88 19.83
CA ALA B 41 -4.55 13.75 20.16
C ALA B 41 -5.19 15.12 20.36
N GLN B 42 -6.33 15.35 19.70
CA GLN B 42 -7.04 16.62 19.82
C GLN B 42 -8.47 16.36 20.22
N TRP B 43 -8.98 17.13 21.19
CA TRP B 43 -10.39 17.04 21.57
C TRP B 43 -10.82 18.42 22.04
N THR B 44 -12.11 18.61 22.33
CA THR B 44 -12.60 19.92 22.75
C THR B 44 -13.27 19.96 24.13
N GLY B 45 -12.92 20.96 24.92
CA GLY B 45 -13.46 21.06 26.27
C GLY B 45 -13.95 22.46 26.62
N LYS B 46 -14.19 22.69 27.91
CA LYS B 46 -14.66 23.98 28.40
C LYS B 46 -13.64 25.03 28.02
N PRO B 47 -14.04 26.04 27.23
CA PRO B 47 -13.11 27.13 26.87
C PRO B 47 -12.48 27.80 28.10
N ARG B 48 -11.34 28.46 27.89
CA ARG B 48 -10.42 28.74 28.99
C ARG B 48 -9.79 30.12 28.84
N LYS B 49 -9.45 30.73 29.97
CA LYS B 49 -8.71 31.98 29.97
C LYS B 49 -7.22 31.66 29.89
N THR B 50 -6.58 32.11 28.81
CA THR B 50 -5.16 31.88 28.65
C THR B 50 -4.44 33.20 28.75
N PRO B 51 -3.19 33.18 29.24
CA PRO B 51 -2.41 34.42 29.27
C PRO B 51 -2.12 34.88 27.86
N GLY B 52 -2.68 36.03 27.51
CA GLY B 52 -2.79 36.49 26.13
C GLY B 52 -3.87 35.65 25.47
N ASP B 53 -4.46 36.16 24.40
CA ASP B 53 -5.49 35.38 23.76
C ASP B 53 -4.82 34.38 22.83
N LYS B 54 -3.57 34.02 23.17
CA LYS B 54 -2.77 33.10 22.40
C LYS B 54 -2.88 31.73 23.06
N PRO B 55 -2.75 30.66 22.26
CA PRO B 55 -2.91 29.30 22.81
C PRO B 55 -1.83 29.03 23.83
N LEU B 56 -2.09 28.17 24.80
CA LEU B 56 -1.12 27.96 25.87
C LEU B 56 -0.33 26.66 25.70
N ILE B 57 0.98 26.73 25.94
CA ILE B 57 1.83 25.55 25.82
C ILE B 57 2.34 25.09 27.18
N VAL B 58 2.10 23.80 27.46
CA VAL B 58 2.46 23.12 28.70
C VAL B 58 3.31 21.88 28.48
N GLU B 59 4.55 21.90 28.97
CA GLU B 59 5.51 20.85 28.66
C GLU B 59 5.80 19.94 29.86
N ASN B 60 5.88 18.63 29.59
CA ASN B 60 6.43 17.63 30.52
C ASN B 60 5.90 17.66 31.96
N THR B 61 6.76 18.02 32.90
CA THR B 61 6.40 17.94 34.31
C THR B 61 5.20 18.77 34.72
N GLN B 62 4.78 19.70 33.86
CA GLN B 62 3.68 20.59 34.22
C GLN B 62 2.27 20.04 33.99
N ILE B 63 2.15 19.13 33.05
CA ILE B 63 0.86 18.56 32.69
C ILE B 63 0.22 17.87 33.89
N GLU B 64 1.05 17.25 34.70
CA GLU B 64 0.57 16.61 35.91
C GLU B 64 -0.13 17.63 36.81
N ARG B 65 0.38 18.87 36.84
CA ARG B 65 -0.19 19.90 37.71
C ARG B 65 -1.60 20.27 37.28
N TRP B 66 -1.78 20.44 35.97
CA TRP B 66 -3.05 20.87 35.40
C TRP B 66 -4.12 19.82 35.65
N ILE B 67 -3.69 18.56 35.74
CA ILE B 67 -4.56 17.43 36.02
C ILE B 67 -5.08 17.50 37.45
N ASN B 68 -4.24 17.97 38.38
CA ASN B 68 -4.67 18.16 39.76
C ASN B 68 -5.71 19.28 39.90
N ASN B 69 -5.67 20.27 39.02
CA ASN B 69 -6.71 21.30 39.00
C ASN B 69 -7.97 20.88 38.21
N GLY B 70 -7.97 19.65 37.71
CA GLY B 70 -9.16 19.09 37.10
C GLY B 70 -9.21 19.14 35.59
N LEU B 71 -8.04 19.15 34.94
CA LEU B 71 -8.01 19.08 33.48
C LEU B 71 -8.20 17.64 33.05
N TRP B 72 -9.06 17.44 32.06
CA TRP B 72 -9.33 16.10 31.57
C TRP B 72 -8.37 15.78 30.47
N VAL B 73 -7.43 14.89 30.79
CA VAL B 73 -6.50 14.36 29.84
C VAL B 73 -6.70 12.85 29.92
N PRO B 74 -7.35 12.28 28.90
CA PRO B 74 -7.75 10.87 28.84
C PRO B 74 -6.56 9.95 28.58
N ALA B 75 -6.49 8.85 29.32
CA ALA B 75 -5.42 7.90 29.09
C ALA B 75 -5.63 7.02 27.85
N LEU B 76 -4.78 7.18 26.85
CA LEU B 76 -4.87 6.32 25.66
C LEU B 76 -3.80 5.23 25.63
N GLU B 77 -4.24 3.97 25.63
CA GLU B 77 -3.33 2.83 25.71
C GLU B 77 -3.01 2.17 24.36
N PHE B 78 -1.74 1.88 24.14
CA PHE B 78 -1.32 1.02 23.04
C PHE B 78 -1.56 -0.43 23.48
N ILE B 79 -2.58 -1.06 22.94
CA ILE B 79 -2.99 -2.38 23.42
C ILE B 79 -1.96 -3.46 23.20
N ASN B 80 -1.28 -3.43 22.06
CA ASN B 80 -0.40 -4.53 21.69
C ASN B 80 1.06 -4.21 21.99
N VAL B 81 1.27 -3.18 22.81
CA VAL B 81 2.60 -2.89 23.29
C VAL B 81 2.93 -3.91 24.39
N VAL B 82 4.21 -4.18 24.57
CA VAL B 82 4.58 -5.14 25.58
C VAL B 82 5.28 -4.42 26.72
N GLY B 83 4.52 -4.01 27.73
CA GLY B 83 5.10 -3.27 28.83
C GLY B 83 5.16 -1.79 28.49
N SER B 84 5.11 -0.94 29.49
CA SER B 84 4.99 0.49 29.26
C SER B 84 6.15 1.07 28.44
N PRO B 85 5.84 1.72 27.31
CA PRO B 85 6.76 2.31 26.34
C PRO B 85 7.56 3.50 26.85
N ASP B 86 8.67 3.79 26.19
CA ASP B 86 9.56 4.85 26.63
C ASP B 86 8.99 6.15 26.15
N THR B 87 8.47 6.92 27.08
CA THR B 87 7.87 8.18 26.76
C THR B 87 8.87 9.32 26.74
N GLY B 88 9.00 9.99 25.61
CA GLY B 88 9.87 11.15 25.54
C GLY B 88 9.21 12.40 26.13
N ASN B 89 9.09 13.46 25.32
CA ASN B 89 8.46 14.69 25.78
C ASN B 89 6.93 14.79 25.66
N LYS B 90 6.28 15.35 26.65
CA LYS B 90 4.86 15.51 26.61
C LYS B 90 4.57 16.96 26.32
N ARG B 91 3.40 17.24 25.73
CA ARG B 91 2.96 18.60 25.43
C ARG B 91 1.45 18.70 25.47
N LEU B 92 0.92 19.71 26.17
CA LEU B 92 -0.49 20.08 26.03
C LEU B 92 -0.48 21.41 25.33
N MET B 93 -1.19 21.57 24.22
CA MET B 93 -1.35 22.92 23.67
C MET B 93 -2.78 23.28 23.98
N LEU B 94 -2.95 24.21 24.91
CA LEU B 94 -4.27 24.60 25.37
C LEU B 94 -4.73 25.86 24.64
N PHE B 95 -5.78 25.69 23.86
CA PHE B 95 -6.37 26.76 23.09
C PHE B 95 -7.43 27.42 23.97
N PRO B 96 -7.62 28.74 23.81
CA PRO B 96 -8.53 29.54 24.66
C PRO B 96 -10.01 29.23 24.40
N ASP B 97 -10.27 28.84 23.16
CA ASP B 97 -11.59 28.45 22.70
C ASP B 97 -11.99 27.00 22.99
N GLY B 98 -11.36 26.36 23.97
CA GLY B 98 -11.78 25.03 24.41
C GLY B 98 -10.99 23.80 23.99
N ARG B 99 -10.52 23.77 22.74
CA ARG B 99 -9.87 22.57 22.20
C ARG B 99 -8.50 22.38 22.83
N VAL B 100 -8.10 21.11 22.92
CA VAL B 100 -6.90 20.65 23.61
C VAL B 100 -6.10 19.68 22.75
N ILE B 101 -4.80 19.92 22.62
CA ILE B 101 -3.95 19.00 21.86
C ILE B 101 -2.87 18.34 22.73
N TYR B 102 -2.90 17.01 22.79
CA TYR B 102 -1.87 16.23 23.47
C TYR B 102 -0.88 15.69 22.45
N ASN B 103 0.40 15.97 22.66
CA ASN B 103 1.43 15.53 21.75
C ASN B 103 2.49 14.84 22.54
N ALA B 104 2.84 13.62 22.16
CA ALA B 104 3.84 12.88 22.91
C ALA B 104 4.74 12.09 21.97
N ARG B 105 6.02 11.97 22.31
CA ARG B 105 6.90 11.09 21.55
C ARG B 105 6.98 9.75 22.26
N PHE B 106 7.04 8.66 21.51
CA PHE B 106 7.10 7.35 22.13
C PHE B 106 8.02 6.38 21.41
N LEU B 107 8.63 5.50 22.18
CA LEU B 107 9.31 4.35 21.64
C LEU B 107 8.84 3.19 22.44
N GLY B 108 8.33 2.19 21.75
CA GLY B 108 7.74 1.05 22.42
C GLY B 108 7.95 -0.17 21.58
N SER B 109 8.00 -1.32 22.25
CA SER B 109 8.14 -2.59 21.56
C SER B 109 6.78 -3.20 21.53
N PHE B 110 6.32 -3.44 20.30
CA PHE B 110 4.95 -3.83 20.03
C PHE B 110 4.89 -5.25 19.58
N SER B 111 3.71 -5.86 19.80
CA SER B 111 3.46 -7.26 19.49
C SER B 111 2.44 -7.45 18.37
N ASN B 112 2.68 -8.46 17.54
CA ASN B 112 1.72 -8.86 16.50
C ASN B 112 1.98 -10.30 16.05
N ASP B 113 0.97 -10.95 15.53
CA ASP B 113 1.17 -12.29 14.99
C ASP B 113 2.11 -12.21 13.81
N MET B 114 3.11 -13.10 13.76
CA MET B 114 4.07 -13.10 12.67
C MET B 114 4.44 -14.49 12.18
N ASP B 115 4.17 -14.76 10.90
CA ASP B 115 4.49 -16.05 10.32
C ASP B 115 5.83 -15.93 9.63
N PHE B 116 6.82 -16.67 10.11
CA PHE B 116 8.15 -16.59 9.53
C PHE B 116 8.50 -17.79 8.71
N ARG B 117 7.50 -18.53 8.25
CA ARG B 117 7.76 -19.79 7.56
C ARG B 117 8.35 -19.53 6.18
N LEU B 118 8.05 -18.39 5.61
CA LEU B 118 8.56 -18.12 4.29
C LEU B 118 9.92 -17.45 4.27
N PHE B 119 10.61 -17.44 5.42
CA PHE B 119 11.95 -16.85 5.51
C PHE B 119 12.89 -17.52 4.51
N PRO B 120 13.72 -16.72 3.84
CA PRO B 120 13.81 -15.28 4.01
C PRO B 120 12.92 -14.47 3.10
N PHE B 121 11.80 -15.00 2.59
CA PHE B 121 11.01 -14.24 1.63
C PHE B 121 9.63 -13.87 2.14
N ASP B 122 9.54 -13.63 3.43
CA ASP B 122 8.26 -13.39 4.06
C ASP B 122 7.89 -11.92 3.98
N ARG B 123 6.59 -11.67 4.09
CA ARG B 123 6.06 -10.32 4.18
C ARG B 123 5.41 -10.28 5.55
N GLN B 124 5.57 -9.18 6.28
CA GLN B 124 5.01 -9.02 7.63
C GLN B 124 4.17 -7.77 7.75
N GLN B 125 3.25 -7.70 8.69
CA GLN B 125 2.67 -6.39 8.87
C GLN B 125 2.82 -5.91 10.31
N PHE B 126 3.42 -4.74 10.42
CA PHE B 126 3.67 -4.05 11.66
C PHE B 126 2.44 -3.27 12.06
N VAL B 127 1.98 -3.49 13.28
CA VAL B 127 0.74 -2.93 13.76
C VAL B 127 0.82 -2.10 15.07
N LEU B 128 0.08 -1.01 15.11
CA LEU B 128 -0.17 -0.34 16.39
C LEU B 128 -1.65 -0.47 16.66
N GLU B 129 -2.00 -0.81 17.90
CA GLU B 129 -3.39 -0.85 18.34
C GLU B 129 -3.61 0.11 19.50
N LEU B 130 -4.43 1.14 19.28
CA LEU B 130 -4.61 2.22 20.23
C LEU B 130 -6.05 2.31 20.69
N GLU B 131 -6.26 2.43 21.99
CA GLU B 131 -7.59 2.34 22.56
C GLU B 131 -7.58 3.10 23.88
N PRO B 132 -8.66 3.84 24.19
CA PRO B 132 -8.66 4.54 25.48
C PRO B 132 -8.75 3.54 26.64
N PHE B 133 -8.19 3.93 27.78
CA PHE B 133 -8.01 3.00 28.88
C PHE B 133 -9.22 2.90 29.80
N SER B 134 -9.94 4.00 29.93
CA SER B 134 -10.99 4.07 30.95
C SER B 134 -12.40 4.41 30.42
N TYR B 135 -12.44 5.13 29.31
CA TYR B 135 -13.69 5.66 28.86
C TYR B 135 -14.13 4.94 27.60
N ASN B 136 -15.34 4.40 27.64
CA ASN B 136 -15.91 3.70 26.50
C ASN B 136 -16.39 4.65 25.42
N ASN B 137 -16.96 4.07 24.37
CA ASN B 137 -17.44 4.83 23.22
C ASN B 137 -18.69 5.64 23.52
N GLN B 138 -19.27 5.41 24.69
CA GLN B 138 -20.37 6.27 25.09
C GLN B 138 -19.76 7.57 25.65
N GLN B 139 -18.49 7.47 26.06
CA GLN B 139 -17.77 8.56 26.70
C GLN B 139 -16.70 9.20 25.81
N LEU B 140 -15.91 8.37 25.14
CA LEU B 140 -14.82 8.84 24.29
C LEU B 140 -14.76 7.95 23.06
N ARG B 141 -14.75 8.59 21.90
CA ARG B 141 -14.74 7.90 20.61
C ARG B 141 -13.72 8.59 19.71
N PHE B 142 -13.11 7.82 18.82
CA PHE B 142 -12.11 8.36 17.91
C PHE B 142 -12.73 8.93 16.64
N SER B 143 -12.58 10.22 16.40
CA SER B 143 -13.25 10.77 15.25
C SER B 143 -12.52 10.33 14.00
N ASP B 144 -11.23 10.58 13.94
CA ASP B 144 -10.48 10.19 12.76
C ASP B 144 -9.03 9.85 13.07
N ILE B 145 -8.39 9.09 12.19
CA ILE B 145 -7.01 8.72 12.38
C ILE B 145 -6.10 8.90 11.15
N GLN B 146 -5.06 9.70 11.35
CA GLN B 146 -4.05 9.96 10.33
C GLN B 146 -2.71 9.34 10.71
N VAL B 147 -2.11 8.55 9.83
CA VAL B 147 -0.76 8.00 10.07
C VAL B 147 0.23 8.41 8.98
N TYR B 148 1.31 9.07 9.39
CA TYR B 148 2.27 9.61 8.44
C TYR B 148 3.58 8.84 8.51
N THR B 149 4.14 8.50 7.37
CA THR B 149 5.41 7.79 7.38
C THR B 149 6.41 8.50 6.49
N GLU B 150 7.67 8.39 6.89
CA GLU B 150 8.78 8.92 6.13
C GLU B 150 8.72 8.30 4.75
N ASN B 151 9.29 8.95 3.75
CA ASN B 151 9.37 8.30 2.46
C ASN B 151 10.78 7.74 2.23
N ILE B 152 10.95 6.44 2.41
CA ILE B 152 12.24 5.78 2.25
C ILE B 152 12.66 5.47 0.82
N ASP B 153 13.78 6.06 0.43
CA ASP B 153 14.33 5.90 -0.91
C ASP B 153 15.51 4.92 -0.91
N ASN B 154 16.33 5.01 0.14
CA ASN B 154 17.47 4.09 0.33
C ASN B 154 17.07 2.80 1.01
N GLU B 155 16.03 2.13 0.55
CA GLU B 155 15.60 0.95 1.27
C GLU B 155 16.49 -0.30 0.99
N GLU B 156 17.39 -0.17 0.03
CA GLU B 156 18.30 -1.25 -0.32
C GLU B 156 19.40 -1.47 0.72
N ILE B 157 19.61 -0.46 1.57
CA ILE B 157 20.54 -0.56 2.70
C ILE B 157 19.74 -0.77 3.98
N ASP B 158 18.43 -0.91 3.81
CA ASP B 158 17.56 -1.17 4.95
C ASP B 158 17.26 -2.65 4.97
N GLU B 159 17.08 -3.17 6.18
CA GLU B 159 16.79 -4.57 6.37
C GLU B 159 15.44 -4.95 5.74
N TRP B 160 14.47 -4.04 5.87
CA TRP B 160 13.10 -4.22 5.39
C TRP B 160 12.62 -3.20 4.37
N TRP B 161 11.93 -3.68 3.35
CA TRP B 161 11.30 -2.76 2.42
C TRP B 161 9.87 -2.54 2.87
N ILE B 162 9.58 -1.33 3.33
CA ILE B 162 8.22 -0.97 3.73
C ILE B 162 7.39 -0.80 2.49
N ARG B 163 6.31 -1.55 2.42
CA ARG B 163 5.59 -1.77 1.17
C ARG B 163 4.18 -1.14 1.13
N GLY B 164 4.12 0.15 0.84
CA GLY B 164 2.87 0.85 0.73
C GLY B 164 2.61 1.62 2.01
N LYS B 165 1.75 2.65 1.93
CA LYS B 165 1.40 3.50 3.06
C LYS B 165 0.60 2.80 4.15
N ALA B 166 0.58 3.40 5.33
CA ALA B 166 -0.11 2.79 6.43
C ALA B 166 -1.61 2.72 6.15
N SER B 167 -2.26 1.66 6.60
CA SER B 167 -3.71 1.59 6.56
C SER B 167 -4.21 1.92 7.94
N THR B 168 -5.38 2.52 8.04
CA THR B 168 -5.89 2.94 9.34
C THR B 168 -7.22 2.22 9.54
N HIS B 169 -7.72 2.11 10.77
CA HIS B 169 -8.98 1.41 11.04
C HIS B 169 -9.60 1.74 12.41
N ILE B 170 -10.65 2.56 12.43
CA ILE B 170 -11.45 2.71 13.66
C ILE B 170 -12.63 1.72 13.71
N SER B 171 -12.84 1.10 14.87
CA SER B 171 -13.89 0.10 15.10
C SER B 171 -14.29 0.19 16.57
N ASP B 172 -15.09 -0.75 17.04
CA ASP B 172 -15.56 -0.78 18.43
C ASP B 172 -15.24 -2.15 18.95
N ILE B 173 -14.92 -2.26 20.23
CA ILE B 173 -14.62 -3.57 20.82
C ILE B 173 -15.53 -3.85 21.97
N ARG B 174 -16.23 -4.98 21.91
CA ARG B 174 -17.06 -5.38 23.04
C ARG B 174 -16.21 -6.19 23.98
N TYR B 175 -16.07 -5.69 25.19
CA TYR B 175 -15.53 -6.50 26.25
C TYR B 175 -16.80 -6.94 26.92
N ASP B 176 -17.15 -8.21 26.74
CA ASP B 176 -18.40 -8.74 27.27
C ASP B 176 -18.30 -8.73 28.77
N HIS B 177 -17.26 -9.39 29.25
CA HIS B 177 -17.07 -9.56 30.67
C HIS B 177 -16.58 -8.26 31.28
N LEU B 178 -17.53 -7.39 31.64
CA LEU B 178 -17.26 -6.18 32.41
C LEU B 178 -18.01 -6.24 33.74
N SER B 179 -17.39 -5.73 34.80
CA SER B 179 -17.99 -5.74 36.12
C SER B 179 -18.73 -4.42 36.37
N SER B 180 -18.91 -3.64 35.30
CA SER B 180 -19.43 -2.28 35.35
C SER B 180 -20.96 -2.28 35.23
N VAL B 181 -21.47 -1.63 34.18
CA VAL B 181 -22.91 -1.54 33.96
C VAL B 181 -23.24 -2.33 32.69
N GLN B 182 -24.51 -2.34 32.30
CA GLN B 182 -24.98 -3.24 31.24
C GLN B 182 -25.21 -2.52 29.91
N PRO B 183 -25.94 -1.37 29.92
CA PRO B 183 -26.34 -0.88 28.59
C PRO B 183 -25.19 -0.17 27.86
N ASN B 184 -24.46 -0.90 27.01
CA ASN B 184 -23.41 -0.33 26.16
C ASN B 184 -22.24 0.31 26.91
N GLN B 185 -22.02 -0.13 28.15
CA GLN B 185 -20.95 0.44 28.97
C GLN B 185 -19.77 -0.49 28.88
N ASN B 186 -19.80 -1.31 27.84
CA ASN B 186 -18.83 -2.36 27.63
C ASN B 186 -18.20 -2.33 26.24
N GLU B 187 -18.36 -1.23 25.53
CA GLU B 187 -17.78 -1.15 24.21
C GLU B 187 -16.74 -0.05 24.13
N PHE B 188 -15.56 -0.30 23.58
CA PHE B 188 -14.56 0.76 23.52
C PHE B 188 -14.09 1.05 22.13
N SER B 189 -13.83 2.32 21.84
CA SER B 189 -13.46 2.71 20.48
C SER B 189 -11.96 2.57 20.18
N ARG B 190 -11.58 1.74 19.19
CA ARG B 190 -10.15 1.46 18.97
C ARG B 190 -9.53 1.71 17.58
N ILE B 191 -8.54 2.59 17.53
CA ILE B 191 -7.69 2.76 16.35
C ILE B 191 -6.67 1.61 16.21
N THR B 192 -6.46 1.17 14.97
CA THR B 192 -5.52 0.12 14.57
C THR B 192 -4.65 0.55 13.40
N VAL B 193 -3.35 0.74 13.59
CA VAL B 193 -2.56 1.13 12.44
C VAL B 193 -1.84 -0.09 11.89
N ARG B 194 -1.81 -0.22 10.56
CA ARG B 194 -1.12 -1.31 9.86
C ARG B 194 -0.08 -0.79 8.88
N ILE B 195 1.10 -1.40 8.87
CA ILE B 195 2.12 -1.12 7.87
C ILE B 195 2.62 -2.42 7.28
N ASP B 196 2.50 -2.58 5.98
CA ASP B 196 2.94 -3.83 5.33
C ASP B 196 4.39 -3.69 4.95
N ALA B 197 5.11 -4.81 5.00
CA ALA B 197 6.53 -4.85 4.64
C ALA B 197 6.98 -6.23 4.18
N VAL B 198 8.00 -6.25 3.33
CA VAL B 198 8.61 -7.49 2.88
C VAL B 198 10.11 -7.46 3.23
N ARG B 199 10.71 -8.64 3.45
CA ARG B 199 12.10 -8.72 3.89
C ARG B 199 13.08 -8.56 2.74
N ASN B 200 14.18 -7.83 3.01
CA ASN B 200 15.27 -7.65 2.05
C ASN B 200 16.12 -8.90 2.01
N PRO B 201 15.88 -9.77 1.02
CA PRO B 201 16.39 -11.15 0.93
C PRO B 201 17.80 -11.27 0.36
N SER B 202 18.47 -10.14 0.11
CA SER B 202 19.79 -10.18 -0.50
C SER B 202 20.73 -11.09 0.27
N TYR B 203 21.14 -10.64 1.46
CA TYR B 203 22.17 -11.32 2.24
C TYR B 203 21.85 -12.80 2.36
N TYR B 204 20.58 -13.13 2.56
CA TYR B 204 20.24 -14.52 2.78
C TYR B 204 20.27 -15.33 1.49
N LEU B 205 20.10 -14.66 0.36
CA LEU B 205 20.18 -15.35 -0.93
C LEU B 205 21.59 -15.74 -1.29
N TRP B 206 22.47 -14.76 -1.31
CA TRP B 206 23.87 -14.88 -1.72
C TRP B 206 24.83 -15.51 -0.69
N SER B 207 24.60 -15.26 0.58
CA SER B 207 25.54 -15.73 1.59
C SER B 207 25.01 -16.96 2.31
N PHE B 208 23.79 -17.37 2.02
CA PHE B 208 23.30 -18.61 2.60
C PHE B 208 22.72 -19.60 1.60
N ILE B 209 21.71 -19.20 0.83
CA ILE B 209 21.06 -20.15 -0.08
C ILE B 209 21.99 -20.67 -1.17
N LEU B 210 22.70 -19.76 -1.83
CA LEU B 210 23.56 -20.13 -2.94
C LEU B 210 24.65 -21.13 -2.52
N PRO B 211 25.48 -20.80 -1.52
CA PRO B 211 26.46 -21.85 -1.20
C PRO B 211 25.87 -23.16 -0.67
N LEU B 212 24.68 -23.15 -0.08
CA LEU B 212 24.14 -24.41 0.39
C LEU B 212 23.86 -25.27 -0.83
N GLY B 213 23.41 -24.62 -1.91
CA GLY B 213 23.18 -25.31 -3.15
C GLY B 213 24.46 -25.88 -3.75
N LEU B 214 25.43 -25.00 -3.89
CA LEU B 214 26.75 -25.38 -4.38
C LEU B 214 27.34 -26.56 -3.62
N ILE B 215 27.18 -26.56 -2.29
CA ILE B 215 27.66 -27.68 -1.47
C ILE B 215 26.83 -28.94 -1.74
N ILE B 216 25.50 -28.78 -1.74
CA ILE B 216 24.64 -29.94 -1.98
C ILE B 216 24.93 -30.42 -3.40
N ALA B 217 25.25 -29.48 -4.28
CA ALA B 217 25.62 -29.81 -5.65
C ALA B 217 26.83 -30.69 -5.70
N ALA B 218 27.95 -30.15 -5.24
CA ALA B 218 29.21 -30.88 -5.28
C ALA B 218 29.17 -32.18 -4.49
N SER B 219 28.15 -32.37 -3.65
CA SER B 219 28.01 -33.64 -2.96
C SER B 219 27.78 -34.77 -3.94
N TRP B 220 27.16 -34.43 -5.07
CA TRP B 220 26.82 -35.45 -6.05
C TRP B 220 28.08 -35.95 -6.72
N SER B 221 29.12 -35.12 -6.75
CA SER B 221 30.36 -35.48 -7.43
C SER B 221 31.12 -36.56 -6.66
N VAL B 222 30.42 -37.23 -5.74
CA VAL B 222 30.95 -38.38 -5.03
C VAL B 222 30.93 -39.61 -5.91
N PHE B 223 30.01 -39.63 -6.87
CA PHE B 223 29.83 -40.78 -7.72
C PHE B 223 30.87 -40.89 -8.84
N TRP B 224 31.70 -39.87 -9.01
CA TRP B 224 32.70 -39.91 -10.08
C TRP B 224 34.04 -40.33 -9.54
N LEU B 225 34.05 -40.78 -8.29
CA LEU B 225 35.24 -41.43 -7.73
C LEU B 225 35.15 -42.89 -8.12
N GLU B 226 36.29 -43.50 -8.42
CA GLU B 226 36.22 -44.80 -9.08
C GLU B 226 36.26 -45.97 -8.12
N SER B 227 36.98 -45.89 -7.02
CA SER B 227 36.92 -47.02 -6.09
C SER B 227 35.70 -46.81 -5.20
N PHE B 228 35.29 -47.89 -4.52
CA PHE B 228 34.23 -47.85 -3.50
C PHE B 228 34.75 -47.23 -2.23
N SER B 229 35.95 -47.66 -1.87
CA SER B 229 36.64 -47.13 -0.71
C SER B 229 36.71 -45.60 -0.78
N GLU B 230 37.07 -45.06 -1.94
CA GLU B 230 37.12 -43.60 -2.14
C GLU B 230 35.73 -42.96 -1.96
N ARG B 231 34.70 -43.59 -2.50
CA ARG B 231 33.38 -43.00 -2.49
C ARG B 231 32.74 -43.00 -1.10
N LEU B 232 32.84 -44.09 -0.36
CA LEU B 232 32.20 -44.15 0.95
C LEU B 232 32.91 -43.23 1.96
N GLN B 233 34.23 -43.26 1.95
CA GLN B 233 34.99 -42.41 2.83
C GLN B 233 34.80 -40.95 2.51
N THR B 234 34.66 -40.60 1.23
CA THR B 234 34.38 -39.21 0.90
C THR B 234 33.01 -38.81 1.43
N SER B 235 32.10 -39.77 1.54
CA SER B 235 30.76 -39.47 2.04
C SER B 235 30.73 -38.92 3.48
N PHE B 236 31.70 -39.33 4.30
CA PHE B 236 31.81 -38.89 5.68
C PHE B 236 32.37 -37.47 5.86
N THR B 237 33.16 -37.02 4.88
CA THR B 237 33.63 -35.64 4.83
C THR B 237 32.52 -34.73 4.29
N LEU B 238 31.71 -35.25 3.37
CA LEU B 238 30.57 -34.49 2.87
C LEU B 238 29.56 -34.37 4.00
N MET B 239 29.42 -35.48 4.72
CA MET B 239 28.57 -35.59 5.91
C MET B 239 28.86 -34.55 6.96
N LEU B 240 30.14 -34.42 7.28
CA LEU B 240 30.60 -33.44 8.26
C LEU B 240 30.28 -32.03 7.78
N THR B 241 30.43 -31.79 6.48
CA THR B 241 30.24 -30.47 5.92
C THR B 241 28.79 -30.03 6.08
N VAL B 242 27.85 -30.95 5.98
CA VAL B 242 26.46 -30.57 6.19
C VAL B 242 26.25 -30.14 7.65
N VAL B 243 26.76 -30.93 8.60
CA VAL B 243 26.62 -30.60 10.01
C VAL B 243 27.20 -29.21 10.26
N ALA B 244 28.34 -28.94 9.63
CA ALA B 244 29.00 -27.65 9.76
C ALA B 244 28.18 -26.56 9.16
N TYR B 245 27.55 -26.85 8.03
CA TYR B 245 26.75 -25.81 7.41
C TYR B 245 25.44 -25.63 8.15
N ALA B 246 24.98 -26.70 8.81
CA ALA B 246 23.81 -26.62 9.69
C ALA B 246 24.12 -25.69 10.86
N PHE B 247 25.33 -25.81 11.36
CA PHE B 247 25.74 -25.05 12.51
C PHE B 247 25.87 -23.59 12.11
N TYR B 248 26.46 -23.34 10.95
CA TYR B 248 26.68 -22.00 10.44
C TYR B 248 25.40 -21.21 10.30
N THR B 249 24.37 -21.80 9.69
CA THR B 249 23.13 -21.06 9.46
C THR B 249 22.40 -20.78 10.75
N SER B 250 22.15 -21.82 11.53
CA SER B 250 21.35 -21.72 12.75
C SER B 250 21.96 -20.77 13.79
N ASN B 251 23.26 -20.52 13.69
CA ASN B 251 23.91 -19.58 14.59
C ASN B 251 23.66 -18.13 14.16
N ILE B 252 23.41 -17.89 12.87
CA ILE B 252 23.26 -16.52 12.34
C ILE B 252 21.79 -16.17 12.01
N LEU B 253 21.04 -17.15 11.49
CA LEU B 253 19.63 -16.96 11.16
C LEU B 253 18.79 -16.85 12.42
N PRO B 254 17.61 -16.19 12.34
CA PRO B 254 16.75 -15.94 13.49
C PRO B 254 16.14 -17.18 14.09
N ARG B 255 16.15 -17.32 15.40
CA ARG B 255 15.60 -18.52 15.96
C ARG B 255 14.08 -18.52 15.85
N LEU B 256 13.52 -19.66 15.44
CA LEU B 256 12.08 -19.86 15.22
C LEU B 256 11.63 -21.21 15.74
N PRO B 257 10.32 -21.39 15.96
CA PRO B 257 9.79 -22.69 16.38
C PRO B 257 9.34 -23.61 15.25
N TYR B 258 9.65 -23.24 14.00
CA TYR B 258 9.32 -24.09 12.85
C TYR B 258 10.43 -24.07 11.79
N THR B 259 10.35 -24.96 10.81
CA THR B 259 11.38 -25.01 9.79
C THR B 259 11.16 -23.92 8.78
N THR B 260 12.23 -23.33 8.27
CA THR B 260 12.09 -22.36 7.19
C THR B 260 12.37 -23.05 5.87
N VAL B 261 12.49 -22.24 4.82
CA VAL B 261 12.96 -22.72 3.52
C VAL B 261 14.39 -23.26 3.63
N ILE B 262 15.28 -22.43 4.18
CA ILE B 262 16.69 -22.76 4.36
C ILE B 262 16.87 -23.96 5.26
N ASP B 263 16.08 -24.01 6.32
CA ASP B 263 16.13 -25.12 7.26
C ASP B 263 15.86 -26.44 6.53
N GLN B 264 14.94 -26.37 5.58
CA GLN B 264 14.52 -27.54 4.82
C GLN B 264 15.59 -28.01 3.84
N MET B 265 16.22 -27.06 3.15
CA MET B 265 17.36 -27.38 2.28
C MET B 265 18.41 -28.16 3.06
N ILE B 266 18.62 -27.75 4.30
CA ILE B 266 19.54 -28.45 5.16
C ILE B 266 19.06 -29.86 5.46
N ILE B 267 17.78 -30.04 5.74
CA ILE B 267 17.27 -31.40 5.98
C ILE B 267 17.39 -32.19 4.69
N ALA B 268 17.18 -31.50 3.57
CA ALA B 268 17.37 -32.12 2.27
C ALA B 268 18.84 -32.50 2.03
N GLY B 269 19.77 -31.64 2.40
CA GLY B 269 21.17 -31.95 2.25
C GLY B 269 21.60 -33.18 3.06
N TYR B 270 21.09 -33.29 4.28
CA TYR B 270 21.33 -34.48 5.11
C TYR B 270 20.78 -35.74 4.47
N GLY B 271 19.67 -35.63 3.76
CA GLY B 271 19.09 -36.81 3.16
C GLY B 271 19.89 -37.31 1.96
N SER B 272 20.19 -36.39 1.05
CA SER B 272 20.94 -36.72 -0.15
C SER B 272 22.27 -37.42 0.22
N ILE B 273 22.86 -37.05 1.34
CA ILE B 273 24.15 -37.61 1.74
C ILE B 273 23.98 -39.01 2.33
N PHE B 274 22.92 -39.23 3.08
CA PHE B 274 22.58 -40.55 3.61
C PHE B 274 22.08 -41.43 2.49
N ALA B 275 21.45 -40.81 1.51
CA ALA B 275 20.95 -41.53 0.34
C ALA B 275 22.09 -42.18 -0.42
N ALA B 276 23.13 -41.41 -0.73
CA ALA B 276 24.30 -41.92 -1.43
C ALA B 276 25.00 -43.02 -0.64
N ILE B 277 25.12 -42.82 0.67
CA ILE B 277 25.77 -43.82 1.51
C ILE B 277 24.99 -45.14 1.46
N LEU B 278 23.68 -45.08 1.33
CA LEU B 278 22.94 -46.33 1.26
C LEU B 278 23.22 -47.04 -0.08
N LEU B 279 23.37 -46.25 -1.14
CA LEU B 279 23.61 -46.81 -2.47
C LEU B 279 25.03 -47.23 -2.66
N ILE B 280 25.95 -46.32 -2.35
CA ILE B 280 27.38 -46.57 -2.56
C ILE B 280 27.75 -47.87 -1.87
N ILE B 281 27.06 -48.16 -0.78
CA ILE B 281 27.29 -49.37 -0.02
C ILE B 281 26.53 -50.53 -0.64
N PHE B 282 25.50 -50.20 -1.41
CA PHE B 282 24.65 -51.23 -2.02
C PHE B 282 25.28 -51.69 -3.33
N ALA B 283 25.70 -50.72 -4.13
CA ALA B 283 26.31 -50.96 -5.43
C ALA B 283 27.58 -51.80 -5.33
N HIS B 284 28.14 -51.88 -4.14
CA HIS B 284 29.32 -52.71 -3.92
C HIS B 284 28.90 -54.14 -3.71
N HIS B 285 27.61 -54.37 -3.47
CA HIS B 285 27.14 -55.70 -3.13
C HIS B 285 25.91 -56.18 -3.91
N ARG B 286 25.44 -55.42 -4.90
CA ARG B 286 24.17 -55.78 -5.56
C ARG B 286 24.16 -57.15 -6.20
N GLN B 287 24.86 -57.26 -7.34
CA GLN B 287 24.83 -58.51 -8.08
C GLN B 287 26.03 -59.34 -7.67
N ALA B 288 25.94 -60.62 -8.01
CA ALA B 288 26.99 -61.60 -7.76
C ALA B 288 28.25 -61.21 -8.49
N ASN B 289 29.29 -62.03 -8.33
CA ASN B 289 30.66 -61.79 -8.78
C ASN B 289 31.38 -60.85 -7.82
N GLY B 290 30.63 -60.24 -6.89
CA GLY B 290 31.18 -59.25 -5.99
C GLY B 290 31.33 -57.94 -6.73
N VAL B 291 30.64 -57.83 -7.85
CA VAL B 291 30.75 -56.67 -8.72
C VAL B 291 30.26 -55.37 -8.09
N GLU B 292 31.12 -54.35 -8.09
CA GLU B 292 30.71 -53.01 -7.74
C GLU B 292 29.80 -52.55 -8.86
N ASP B 293 28.52 -52.88 -8.74
CA ASP B 293 27.52 -52.56 -9.75
C ASP B 293 27.81 -51.23 -10.46
N ASP B 294 28.73 -51.26 -11.41
CA ASP B 294 29.03 -50.08 -12.21
C ASP B 294 27.85 -49.83 -13.16
N LEU B 295 26.98 -50.82 -13.27
CA LEU B 295 25.79 -50.74 -14.09
C LEU B 295 24.94 -49.65 -13.42
N LEU B 296 24.94 -49.65 -12.08
CA LEU B 296 24.25 -48.64 -11.24
C LEU B 296 24.90 -47.26 -11.06
N ILE B 297 26.13 -47.24 -10.54
CA ILE B 297 26.96 -46.03 -10.48
C ILE B 297 27.28 -45.54 -11.90
N GLN B 298 27.73 -44.29 -12.01
CA GLN B 298 27.98 -43.60 -13.28
C GLN B 298 26.65 -43.23 -13.95
N ARG B 299 25.69 -44.16 -13.96
CA ARG B 299 24.33 -43.83 -14.34
C ARG B 299 23.77 -42.90 -13.26
N CYS B 300 24.29 -43.04 -12.04
CA CYS B 300 23.94 -42.14 -10.93
C CYS B 300 24.59 -40.76 -11.03
N ARG B 301 25.61 -40.62 -11.88
CA ARG B 301 26.29 -39.34 -12.06
C ARG B 301 25.38 -38.28 -12.65
N LEU B 302 24.23 -38.70 -13.19
CA LEU B 302 23.20 -37.76 -13.62
C LEU B 302 21.80 -38.26 -13.22
N ALA B 303 21.74 -39.36 -12.47
CA ALA B 303 20.50 -39.83 -11.86
C ALA B 303 20.11 -39.06 -10.59
N PHE B 304 21.04 -38.95 -9.65
CA PHE B 304 20.81 -38.26 -8.37
C PHE B 304 20.55 -36.76 -8.57
N PRO B 305 21.38 -36.07 -9.38
CA PRO B 305 21.08 -34.65 -9.60
C PRO B 305 19.67 -34.40 -10.18
N LEU B 306 18.99 -35.45 -10.63
CA LEU B 306 17.61 -35.32 -11.09
C LEU B 306 16.66 -35.80 -10.02
N GLY B 307 17.02 -36.89 -9.36
CA GLY B 307 16.21 -37.45 -8.31
C GLY B 307 16.00 -36.46 -7.18
N PHE B 308 17.10 -35.87 -6.69
CA PHE B 308 17.02 -34.80 -5.69
C PHE B 308 16.28 -33.58 -6.18
N LEU B 309 16.59 -33.16 -7.40
CA LEU B 309 16.03 -31.96 -7.99
C LEU B 309 14.56 -32.05 -8.47
N ALA B 310 13.99 -33.25 -8.52
CA ALA B 310 12.57 -33.41 -8.88
C ALA B 310 11.72 -33.70 -7.64
N ILE B 311 12.18 -34.61 -6.79
CA ILE B 311 11.48 -34.96 -5.56
C ILE B 311 11.64 -33.80 -4.60
N GLY B 312 12.53 -32.87 -4.98
CA GLY B 312 12.77 -31.65 -4.23
C GLY B 312 11.99 -30.49 -4.80
N CYS B 313 11.32 -30.72 -5.93
CA CYS B 313 10.48 -29.70 -6.54
C CYS B 313 9.05 -29.77 -6.01
N VAL B 314 8.84 -30.53 -4.95
CA VAL B 314 7.52 -30.61 -4.35
C VAL B 314 7.53 -30.14 -2.89
N LEU B 315 8.31 -29.08 -2.61
CA LEU B 315 8.32 -28.41 -1.28
C LEU B 315 7.44 -27.17 -1.29
N VAL B 316 6.20 -27.33 -1.75
CA VAL B 316 5.26 -26.23 -1.92
C VAL B 316 4.53 -25.84 -0.61
N ILE B 317 5.11 -26.15 0.55
CA ILE B 317 4.49 -25.83 1.85
C ILE B 317 4.29 -24.31 2.00
N ARG B 318 3.06 -23.88 1.73
CA ARG B 318 2.66 -22.47 1.70
C ARG B 318 1.23 -22.28 2.23
N ARG C 10 10.82 39.55 17.64
CA ARG C 10 9.90 38.91 18.57
C ARG C 10 10.42 37.56 19.16
N PRO C 11 10.87 36.62 18.30
CA PRO C 11 11.22 35.28 18.81
C PRO C 11 12.49 35.26 19.65
N VAL C 12 12.57 34.34 20.62
CA VAL C 12 13.74 34.23 21.52
C VAL C 12 14.94 33.61 20.83
N ASP C 13 16.09 34.27 20.94
CA ASP C 13 17.32 33.70 20.38
C ASP C 13 17.96 32.72 21.38
N VAL C 14 18.22 31.49 20.94
CA VAL C 14 18.89 30.52 21.79
C VAL C 14 20.22 30.11 21.19
N SER C 15 21.26 30.26 22.01
CA SER C 15 22.61 29.94 21.62
C SER C 15 23.00 28.59 22.21
N VAL C 16 23.35 27.66 21.34
CA VAL C 16 23.65 26.30 21.75
C VAL C 16 25.11 25.90 21.63
N SER C 17 25.58 25.22 22.67
CA SER C 17 26.90 24.59 22.71
C SER C 17 26.73 23.11 23.04
N ILE C 18 27.36 22.29 22.20
CA ILE C 18 27.34 20.85 22.37
C ILE C 18 28.76 20.35 22.49
N PHE C 19 29.07 19.80 23.66
CA PHE C 19 30.37 19.20 23.92
C PHE C 19 30.28 17.68 23.84
N ILE C 20 31.07 17.08 22.96
CA ILE C 20 31.01 15.64 22.74
C ILE C 20 32.18 14.90 23.42
N ASN C 21 31.85 13.98 24.32
CA ASN C 21 32.85 13.26 25.09
C ASN C 21 33.33 11.90 24.59
N LYS C 22 32.40 11.13 24.04
CA LYS C 22 32.66 9.77 23.62
C LYS C 22 31.63 9.43 22.58
N ILE C 23 32.07 8.88 21.46
CA ILE C 23 31.12 8.32 20.53
C ILE C 23 31.42 6.85 20.50
N TYR C 24 30.50 6.05 21.01
CA TYR C 24 30.81 4.65 21.10
C TYR C 24 29.63 3.75 20.78
N GLY C 25 29.92 2.47 20.64
CA GLY C 25 28.88 1.47 20.48
C GLY C 25 27.95 1.52 19.29
N VAL C 26 28.51 1.61 18.10
CA VAL C 26 27.67 1.55 16.91
C VAL C 26 26.92 0.22 16.79
N ASN C 27 25.60 0.29 16.58
CA ASN C 27 24.83 -0.91 16.26
C ASN C 27 24.54 -0.92 14.78
N THR C 28 25.17 -1.84 14.07
CA THR C 28 25.10 -1.86 12.62
C THR C 28 23.68 -2.19 12.16
N LEU C 29 23.04 -3.13 12.84
CA LEU C 29 21.71 -3.55 12.40
C LEU C 29 20.63 -2.50 12.58
N GLU C 30 20.67 -1.85 13.74
CA GLU C 30 19.69 -0.85 14.11
C GLU C 30 20.08 0.47 13.50
N GLN C 31 21.28 0.53 12.95
CA GLN C 31 21.83 1.78 12.43
C GLN C 31 21.79 2.86 13.52
N THR C 32 22.42 2.56 14.66
CA THR C 32 22.48 3.48 15.81
C THR C 32 23.89 3.59 16.41
N TYR C 33 24.10 4.57 17.28
CA TYR C 33 25.39 4.76 17.94
C TYR C 33 25.17 5.60 19.19
N LYS C 34 26.07 5.52 20.16
CA LYS C 34 25.89 6.24 21.43
C LYS C 34 26.73 7.52 21.52
N VAL C 35 26.15 8.56 22.12
CA VAL C 35 26.89 9.81 22.33
C VAL C 35 26.72 10.33 23.76
N ASP C 36 27.86 10.51 24.43
CA ASP C 36 27.93 11.13 25.74
C ASP C 36 28.44 12.55 25.56
N GLY C 37 27.77 13.50 26.20
CA GLY C 37 28.19 14.87 26.10
C GLY C 37 27.43 15.87 26.96
N TYR C 38 27.72 17.14 26.72
CA TYR C 38 27.06 18.23 27.41
C TYR C 38 26.32 19.06 26.40
N ILE C 39 25.24 19.69 26.86
CA ILE C 39 24.55 20.65 26.02
C ILE C 39 24.39 21.95 26.82
N VAL C 40 24.65 23.07 26.17
CA VAL C 40 24.47 24.34 26.83
C VAL C 40 23.59 25.26 26.02
N ALA C 41 22.60 25.84 26.66
CA ALA C 41 21.67 26.72 25.97
C ALA C 41 21.55 28.03 26.71
N GLN C 42 21.72 29.11 25.94
CA GLN C 42 21.67 30.45 26.46
C GLN C 42 20.66 31.28 25.72
N TRP C 43 19.84 31.97 26.49
CA TRP C 43 18.90 32.96 25.99
C TRP C 43 18.78 34.06 27.05
N THR C 44 18.11 35.14 26.72
CA THR C 44 17.95 36.23 27.68
C THR C 44 16.48 36.50 27.93
N GLY C 45 16.15 36.71 29.19
CA GLY C 45 14.77 36.90 29.56
C GLY C 45 14.63 38.16 30.38
N LYS C 46 13.50 38.25 31.06
CA LYS C 46 13.22 39.37 31.94
C LYS C 46 14.25 39.43 33.08
N PRO C 47 15.04 40.53 33.18
CA PRO C 47 16.01 40.65 34.28
C PRO C 47 15.47 40.43 35.71
N ARG C 48 16.38 40.12 36.64
CA ARG C 48 16.02 39.49 37.92
C ARG C 48 16.91 39.98 39.08
N LYS C 49 16.34 40.00 40.30
CA LYS C 49 17.11 40.26 41.50
C LYS C 49 17.65 38.93 41.99
N THR C 50 18.98 38.85 42.09
CA THR C 50 19.67 37.62 42.49
C THR C 50 20.23 37.85 43.88
N PRO C 51 20.41 36.80 44.69
CA PRO C 51 21.02 36.97 46.01
C PRO C 51 22.49 37.40 45.90
N GLY C 52 22.83 38.62 46.31
CA GLY C 52 24.08 39.24 45.93
C GLY C 52 23.91 39.65 44.47
N ASP C 53 24.70 40.56 43.93
CA ASP C 53 24.51 40.88 42.52
C ASP C 53 25.19 39.87 41.59
N LYS C 54 25.41 38.66 42.12
CA LYS C 54 26.08 37.61 41.38
C LYS C 54 25.06 36.57 40.87
N PRO C 55 25.33 35.94 39.71
CA PRO C 55 24.37 34.99 39.12
C PRO C 55 24.03 33.85 40.04
N LEU C 56 22.86 33.26 39.84
CA LEU C 56 22.40 32.20 40.72
C LEU C 56 22.50 30.84 40.06
N ILE C 57 22.94 29.85 40.83
CA ILE C 57 23.04 28.51 40.30
C ILE C 57 22.00 27.58 40.89
N VAL C 58 21.27 26.92 39.98
CA VAL C 58 20.18 26.01 40.30
C VAL C 58 20.47 24.66 39.68
N GLU C 59 20.60 23.66 40.54
CA GLU C 59 21.02 22.35 40.09
C GLU C 59 19.92 21.33 40.22
N ASN C 60 19.77 20.51 39.18
CA ASN C 60 18.98 19.29 39.24
C ASN C 60 17.56 19.47 39.80
N THR C 61 17.26 18.91 40.97
CA THR C 61 15.89 18.96 41.49
C THR C 61 15.34 20.35 41.74
N GLN C 62 16.22 21.33 41.79
CA GLN C 62 15.78 22.68 42.07
C GLN C 62 15.28 23.35 40.80
N ILE C 63 15.80 22.93 39.65
CA ILE C 63 15.37 23.51 38.38
C ILE C 63 13.92 23.21 38.20
N GLU C 64 13.55 22.01 38.63
CA GLU C 64 12.17 21.59 38.54
C GLU C 64 11.27 22.53 39.32
N ARG C 65 11.71 22.95 40.50
CA ARG C 65 10.89 23.81 41.34
C ARG C 65 10.68 25.17 40.71
N TRP C 66 11.74 25.74 40.13
CA TRP C 66 11.70 27.06 39.52
C TRP C 66 10.78 27.12 38.31
N ILE C 67 10.60 25.99 37.65
CA ILE C 67 9.70 25.94 36.52
C ILE C 67 8.26 26.08 36.99
N ASN C 68 7.93 25.40 38.09
CA ASN C 68 6.57 25.39 38.63
C ASN C 68 6.13 26.76 39.10
N ASN C 69 7.08 27.56 39.54
CA ASN C 69 6.79 28.95 39.83
C ASN C 69 6.89 29.79 38.57
N GLY C 70 7.05 29.16 37.41
CA GLY C 70 6.91 29.89 36.17
C GLY C 70 8.17 30.36 35.46
N LEU C 71 9.27 29.65 35.66
CA LEU C 71 10.44 29.96 34.86
C LEU C 71 10.27 29.34 33.50
N TRP C 72 10.57 30.09 32.46
CA TRP C 72 10.47 29.50 31.13
C TRP C 72 11.78 28.83 30.75
N VAL C 73 11.71 27.50 30.69
CA VAL C 73 12.80 26.67 30.23
C VAL C 73 12.31 25.81 29.07
N PRO C 74 12.66 26.22 27.85
CA PRO C 74 12.05 25.50 26.74
C PRO C 74 12.60 24.11 26.59
N ALA C 75 11.73 23.12 26.49
CA ALA C 75 12.22 21.77 26.29
C ALA C 75 12.77 21.60 24.86
N LEU C 76 14.08 21.32 24.75
CA LEU C 76 14.72 21.04 23.45
C LEU C 76 14.91 19.53 23.26
N GLU C 77 14.41 19.01 22.16
CA GLU C 77 14.44 17.58 21.87
C GLU C 77 15.51 17.22 20.85
N PHE C 78 16.21 16.11 21.09
CA PHE C 78 17.08 15.50 20.10
C PHE C 78 16.21 14.75 19.12
N ILE C 79 16.18 15.19 17.87
CA ILE C 79 15.29 14.56 16.89
C ILE C 79 15.57 13.12 16.64
N ASN C 80 16.86 12.79 16.49
CA ASN C 80 17.24 11.48 16.04
C ASN C 80 17.76 10.56 17.13
N VAL C 81 17.48 10.87 18.38
CA VAL C 81 17.78 9.93 19.46
C VAL C 81 16.74 8.82 19.45
N VAL C 82 17.13 7.64 19.89
CA VAL C 82 16.21 6.52 19.87
C VAL C 82 15.85 6.13 21.29
N GLY C 83 14.76 6.71 21.80
CA GLY C 83 14.38 6.48 23.19
C GLY C 83 14.96 7.51 24.15
N SER C 84 14.30 7.69 25.30
CA SER C 84 14.68 8.75 26.24
C SER C 84 16.12 8.63 26.77
N PRO C 85 16.97 9.60 26.41
CA PRO C 85 18.39 9.59 26.77
C PRO C 85 18.61 9.85 28.25
N ASP C 86 19.74 9.38 28.78
CA ASP C 86 20.00 9.50 30.21
C ASP C 86 20.59 10.84 30.53
N THR C 87 19.78 11.64 31.20
CA THR C 87 20.18 12.98 31.55
C THR C 87 20.96 12.92 32.84
N GLY C 88 22.18 13.44 32.79
CA GLY C 88 23.05 13.53 33.97
C GLY C 88 22.73 14.69 34.88
N ASN C 89 23.67 15.59 35.11
CA ASN C 89 23.36 16.74 35.93
C ASN C 89 22.74 17.84 35.12
N LYS C 90 21.76 18.50 35.72
CA LYS C 90 21.15 19.67 35.13
C LYS C 90 21.59 20.90 35.92
N ARG C 91 21.72 22.01 35.23
CA ARG C 91 22.10 23.24 35.91
C ARG C 91 21.51 24.47 35.24
N LEU C 92 20.88 25.32 36.05
CA LEU C 92 20.47 26.63 35.58
C LEU C 92 21.38 27.66 36.20
N MET C 93 21.98 28.51 35.38
CA MET C 93 22.71 29.68 35.88
C MET C 93 21.92 30.92 35.49
N LEU C 94 21.29 31.56 36.48
CA LEU C 94 20.39 32.70 36.26
C LEU C 94 21.12 33.99 36.45
N PHE C 95 21.29 34.75 35.39
CA PHE C 95 22.01 36.01 35.46
C PHE C 95 21.04 37.14 35.77
N PRO C 96 21.53 38.21 36.46
CA PRO C 96 20.68 39.32 36.89
C PRO C 96 20.24 40.20 35.72
N ASP C 97 21.08 40.27 34.70
CA ASP C 97 20.80 41.05 33.49
C ASP C 97 19.91 40.28 32.53
N GLY C 98 19.21 39.28 33.07
CA GLY C 98 18.22 38.54 32.33
C GLY C 98 18.62 37.18 31.81
N ARG C 99 19.85 37.04 31.30
CA ARG C 99 20.22 35.84 30.56
C ARG C 99 20.20 34.59 31.43
N VAL C 100 19.88 33.49 30.77
CA VAL C 100 19.64 32.22 31.41
C VAL C 100 20.43 31.19 30.64
N ILE C 101 21.18 30.40 31.38
CA ILE C 101 21.97 29.34 30.79
C ILE C 101 21.59 27.97 31.34
N TYR C 102 21.15 27.11 30.41
CA TYR C 102 20.87 25.73 30.74
C TYR C 102 22.00 24.87 30.28
N ASN C 103 22.53 24.12 31.24
CA ASN C 103 23.62 23.21 31.00
C ASN C 103 23.28 21.82 31.56
N ALA C 104 23.37 20.82 30.70
CA ALA C 104 23.07 19.48 31.16
C ALA C 104 23.93 18.47 30.42
N ARG C 105 24.26 17.42 31.16
CA ARG C 105 25.00 16.29 30.65
C ARG C 105 24.05 15.20 30.18
N PHE C 106 24.41 14.55 29.07
CA PHE C 106 23.54 13.53 28.50
C PHE C 106 24.30 12.33 27.95
N LEU C 107 23.63 11.20 27.96
CA LEU C 107 24.12 10.05 27.20
C LEU C 107 22.94 9.45 26.42
N GLY C 108 23.07 9.33 25.10
CA GLY C 108 21.93 8.87 24.32
C GLY C 108 22.25 8.06 23.08
N SER C 109 21.30 7.23 22.64
CA SER C 109 21.46 6.43 21.44
C SER C 109 20.81 7.07 20.23
N PHE C 110 21.60 7.38 19.21
CA PHE C 110 21.14 8.18 18.09
C PHE C 110 21.06 7.38 16.82
N SER C 111 20.17 7.78 15.92
CA SER C 111 20.01 7.05 14.68
C SER C 111 20.40 7.90 13.49
N ASN C 112 20.95 7.27 12.48
CA ASN C 112 21.23 7.94 11.23
C ASN C 112 21.33 6.88 10.16
N ASP C 113 21.13 7.26 8.91
CA ASP C 113 21.32 6.30 7.85
C ASP C 113 22.77 5.90 7.90
N MET C 114 22.98 4.60 7.88
CA MET C 114 24.32 4.06 7.93
C MET C 114 24.47 2.97 6.89
N ASP C 115 25.35 3.24 5.92
CA ASP C 115 25.65 2.33 4.84
C ASP C 115 26.93 1.57 5.20
N PHE C 116 26.81 0.27 5.37
CA PHE C 116 27.93 -0.57 5.77
C PHE C 116 28.40 -1.50 4.66
N ARG C 117 28.20 -1.13 3.39
CA ARG C 117 28.52 -2.04 2.30
C ARG C 117 30.05 -2.20 2.04
N LEU C 118 30.81 -1.15 2.30
CA LEU C 118 32.28 -1.17 2.07
C LEU C 118 33.10 -1.61 3.27
N PHE C 119 32.43 -2.22 4.24
CA PHE C 119 33.07 -2.75 5.43
C PHE C 119 34.18 -3.66 4.95
N PRO C 120 35.34 -3.60 5.61
CA PRO C 120 35.64 -2.78 6.80
C PRO C 120 36.22 -1.42 6.48
N PHE C 121 35.95 -0.91 5.29
CA PHE C 121 36.52 0.38 4.89
C PHE C 121 35.43 1.44 4.72
N ASP C 122 34.40 1.38 5.54
CA ASP C 122 33.27 2.27 5.35
C ASP C 122 33.53 3.58 6.06
N ARG C 123 32.83 4.62 5.62
CA ARG C 123 32.83 5.88 6.34
C ARG C 123 31.42 6.09 6.86
N GLN C 124 31.31 6.64 8.06
CA GLN C 124 30.00 6.94 8.59
C GLN C 124 30.00 8.38 9.02
N GLN C 125 28.84 9.02 9.06
CA GLN C 125 28.81 10.31 9.71
C GLN C 125 27.79 10.24 10.86
N PHE C 126 28.28 10.50 12.05
CA PHE C 126 27.44 10.47 13.23
C PHE C 126 26.79 11.82 13.32
N VAL C 127 25.46 11.88 13.38
CA VAL C 127 24.79 13.18 13.36
C VAL C 127 23.96 13.44 14.60
N LEU C 128 23.95 14.69 15.03
CA LEU C 128 23.03 15.09 16.07
C LEU C 128 22.08 16.11 15.49
N GLU C 129 20.78 15.91 15.68
CA GLU C 129 19.77 16.86 15.20
C GLU C 129 18.91 17.41 16.36
N LEU C 130 19.00 18.71 16.57
CA LEU C 130 18.42 19.32 17.75
C LEU C 130 17.42 20.36 17.32
N GLU C 131 16.26 20.33 17.94
CA GLU C 131 15.12 21.12 17.55
C GLU C 131 14.19 21.28 18.74
N PRO C 132 13.57 22.46 18.93
CA PRO C 132 12.67 22.62 20.06
C PRO C 132 11.40 21.80 19.93
N PHE C 133 10.84 21.43 21.07
CA PHE C 133 9.72 20.51 21.08
C PHE C 133 8.39 21.20 20.83
N SER C 134 8.28 22.46 21.24
CA SER C 134 6.99 23.14 21.15
C SER C 134 7.01 24.47 20.44
N TYR C 135 8.15 25.13 20.39
CA TYR C 135 8.12 26.50 19.93
C TYR C 135 8.69 26.70 18.54
N ASN C 136 7.91 27.35 17.69
CA ASN C 136 8.32 27.63 16.33
C ASN C 136 9.32 28.77 16.25
N ASN C 137 9.76 29.09 15.05
CA ASN C 137 10.70 30.17 14.83
C ASN C 137 10.10 31.54 14.96
N GLN C 138 8.79 31.58 15.15
CA GLN C 138 8.12 32.82 15.49
C GLN C 138 8.23 33.05 17.00
N GLN C 139 8.49 31.98 17.75
CA GLN C 139 8.61 32.09 19.19
C GLN C 139 10.04 31.86 19.71
N LEU C 140 10.71 30.85 19.17
CA LEU C 140 12.05 30.43 19.61
C LEU C 140 12.91 29.98 18.43
N ARG C 141 14.10 30.56 18.30
CA ARG C 141 14.98 30.17 17.20
C ARG C 141 16.42 29.99 17.66
N PHE C 142 17.15 29.11 16.96
CA PHE C 142 18.53 28.86 17.31
C PHE C 142 19.39 29.90 16.65
N SER C 143 20.04 30.71 17.47
CA SER C 143 20.81 31.81 16.96
C SER C 143 22.15 31.35 16.37
N ASP C 144 22.90 30.56 17.11
CA ASP C 144 24.17 30.05 16.60
C ASP C 144 24.50 28.73 17.26
N ILE C 145 25.36 27.94 16.63
CA ILE C 145 25.74 26.66 17.22
C ILE C 145 27.23 26.44 17.22
N GLN C 146 27.77 26.17 18.41
CA GLN C 146 29.17 25.81 18.64
C GLN C 146 29.31 24.35 19.05
N VAL C 147 30.16 23.61 18.34
CA VAL C 147 30.40 22.21 18.64
C VAL C 147 31.83 21.90 19.03
N TYR C 148 32.00 21.28 20.19
CA TYR C 148 33.34 20.97 20.67
C TYR C 148 33.65 19.46 20.75
N THR C 149 34.80 19.06 20.21
CA THR C 149 35.23 17.65 20.25
C THR C 149 36.65 17.49 20.79
N GLU C 150 36.87 16.44 21.58
CA GLU C 150 38.20 16.09 22.10
C GLU C 150 39.07 15.79 20.91
N ASN C 151 40.37 15.96 21.09
CA ASN C 151 41.30 15.56 20.04
C ASN C 151 41.91 14.20 20.39
N ILE C 152 41.50 13.18 19.63
CA ILE C 152 41.96 11.81 19.81
C ILE C 152 43.40 11.78 19.33
N ASP C 153 44.31 11.54 20.26
CA ASP C 153 45.72 11.65 19.94
C ASP C 153 46.38 10.27 19.73
N ASN C 154 46.05 9.32 20.60
CA ASN C 154 46.43 7.93 20.35
C ASN C 154 45.29 7.19 19.64
N GLU C 155 44.88 7.69 18.48
CA GLU C 155 43.71 7.19 17.75
C GLU C 155 43.84 5.78 17.14
N GLU C 156 45.06 5.26 17.17
CA GLU C 156 45.40 3.93 16.65
C GLU C 156 44.88 2.79 17.52
N ILE C 157 44.42 3.12 18.73
CA ILE C 157 43.74 2.16 19.58
C ILE C 157 42.23 2.39 19.55
N ASP C 158 41.81 3.34 18.74
CA ASP C 158 40.41 3.63 18.63
C ASP C 158 39.87 2.95 17.39
N GLU C 159 38.64 2.44 17.51
CA GLU C 159 37.99 1.71 16.45
C GLU C 159 37.66 2.61 15.25
N TRP C 160 37.25 3.85 15.55
CA TRP C 160 36.85 4.82 14.50
C TRP C 160 37.75 6.04 14.52
N TRP C 161 38.23 6.48 13.34
CA TRP C 161 39.04 7.69 13.29
C TRP C 161 38.18 8.88 12.92
N ILE C 162 37.96 9.81 13.86
CA ILE C 162 37.17 11.01 13.55
C ILE C 162 37.99 11.96 12.69
N ARG C 163 37.46 12.32 11.53
CA ARG C 163 38.27 12.92 10.49
C ARG C 163 37.90 14.38 10.24
N GLY C 164 38.46 15.27 11.06
CA GLY C 164 38.24 16.70 10.92
C GLY C 164 37.29 17.21 11.97
N LYS C 165 37.20 18.52 12.16
CA LYS C 165 36.20 19.05 13.10
C LYS C 165 34.76 18.84 12.59
N ALA C 166 33.81 18.91 13.51
CA ALA C 166 32.41 18.71 13.19
C ALA C 166 31.90 19.86 12.34
N SER C 167 31.02 19.56 11.40
CA SER C 167 30.35 20.62 10.68
C SER C 167 28.94 20.84 11.26
N THR C 168 28.50 22.10 11.31
CA THR C 168 27.20 22.41 11.89
C THR C 168 26.34 23.21 10.92
N HIS C 169 25.04 23.24 11.21
CA HIS C 169 24.08 23.87 10.32
C HIS C 169 22.70 24.11 10.96
N ILE C 170 22.43 25.38 11.24
CA ILE C 170 21.09 25.76 11.65
C ILE C 170 20.27 25.94 10.40
N SER C 171 19.07 25.39 10.42
CA SER C 171 18.17 25.48 9.28
C SER C 171 16.76 25.56 9.85
N ASP C 172 15.76 25.57 8.97
CA ASP C 172 14.37 25.69 9.41
C ASP C 172 13.52 24.57 8.79
N ILE C 173 12.57 24.03 9.55
CA ILE C 173 11.79 22.88 9.08
C ILE C 173 10.28 23.08 9.00
N ARG C 174 9.74 22.85 7.81
CA ARG C 174 8.31 22.93 7.57
C ARG C 174 7.66 21.62 7.88
N TYR C 175 6.77 21.64 8.85
CA TYR C 175 5.87 20.52 9.14
C TYR C 175 4.48 20.80 8.53
N ASP C 176 4.13 20.03 7.49
CA ASP C 176 2.88 20.23 6.75
C ASP C 176 1.65 19.90 7.58
N HIS C 177 1.57 18.66 8.05
CA HIS C 177 0.37 18.17 8.74
C HIS C 177 0.28 18.63 10.20
N LEU C 178 -0.20 19.86 10.39
CA LEU C 178 -0.48 20.46 11.71
C LEU C 178 -1.93 20.93 11.87
N SER C 179 -2.51 20.77 13.06
CA SER C 179 -3.85 21.30 13.37
C SER C 179 -3.80 22.63 14.12
N SER C 180 -2.63 23.25 14.10
CA SER C 180 -2.32 24.38 14.98
C SER C 180 -2.68 25.64 14.18
N VAL C 181 -1.80 26.64 14.19
CA VAL C 181 -2.13 27.99 13.73
C VAL C 181 -1.65 28.20 12.27
N GLN C 182 -1.95 29.36 11.69
CA GLN C 182 -1.75 29.58 10.25
C GLN C 182 -0.71 30.60 9.77
N PRO C 183 -0.56 31.74 10.48
CA PRO C 183 0.27 32.76 9.83
C PRO C 183 1.70 32.47 10.26
N ASN C 184 2.42 31.70 9.43
CA ASN C 184 3.82 31.34 9.66
C ASN C 184 4.03 30.43 10.90
N GLN C 185 3.00 29.70 11.33
CA GLN C 185 3.08 28.94 12.59
C GLN C 185 3.40 27.43 12.49
N ASN C 186 4.00 27.01 11.39
CA ASN C 186 4.28 25.60 11.18
C ASN C 186 5.76 25.33 10.94
N GLU C 187 6.62 26.29 11.21
CA GLU C 187 8.05 26.08 10.95
C GLU C 187 8.86 26.07 12.22
N PHE C 188 9.79 25.10 12.29
CA PHE C 188 10.62 24.91 13.46
C PHE C 188 12.10 25.04 13.15
N SER C 189 12.84 25.54 14.15
CA SER C 189 14.28 25.82 14.08
C SER C 189 15.19 24.62 14.41
N ARG C 190 16.06 24.20 13.50
CA ARG C 190 16.83 22.97 13.76
C ARG C 190 18.35 22.99 13.62
N ILE C 191 19.03 22.69 14.73
CA ILE C 191 20.47 22.48 14.71
C ILE C 191 20.77 21.10 14.20
N THR C 192 21.75 21.00 13.31
CA THR C 192 22.16 19.71 12.79
C THR C 192 23.68 19.59 12.84
N VAL C 193 24.17 18.70 13.69
CA VAL C 193 25.60 18.48 13.78
C VAL C 193 26.04 17.25 13.00
N ARG C 194 27.10 17.35 12.22
CA ARG C 194 27.62 16.16 11.52
C ARG C 194 29.08 15.91 11.86
N ILE C 195 29.40 14.65 12.20
CA ILE C 195 30.76 14.27 12.53
C ILE C 195 31.20 13.11 11.67
N ASP C 196 32.25 13.34 10.90
CA ASP C 196 32.76 12.36 9.96
C ASP C 196 33.74 11.41 10.61
N ALA C 197 33.70 10.16 10.15
CA ALA C 197 34.59 9.15 10.67
C ALA C 197 34.77 7.99 9.69
N VAL C 198 35.95 7.39 9.71
CA VAL C 198 36.22 6.21 8.92
C VAL C 198 36.68 5.11 9.87
N ARG C 199 36.49 3.86 9.43
CA ARG C 199 36.71 2.67 10.25
C ARG C 199 38.18 2.28 10.25
N ASN C 200 38.70 1.83 11.40
CA ASN C 200 40.06 1.30 11.52
C ASN C 200 40.22 -0.09 10.91
N PRO C 201 40.73 -0.17 9.67
CA PRO C 201 40.60 -1.41 8.88
C PRO C 201 41.61 -2.48 9.23
N SER C 202 42.46 -2.21 10.19
CA SER C 202 43.54 -3.12 10.53
C SER C 202 43.07 -4.51 10.83
N TYR C 203 42.45 -4.67 12.00
CA TYR C 203 42.13 -5.97 12.55
C TYR C 203 41.44 -6.85 11.53
N TYR C 204 40.58 -6.25 10.70
CA TYR C 204 39.82 -7.02 9.73
C TYR C 204 40.69 -7.37 8.53
N LEU C 205 41.71 -6.55 8.27
CA LEU C 205 42.63 -6.86 7.18
C LEU C 205 43.53 -8.03 7.54
N TRP C 206 44.23 -7.88 8.65
CA TRP C 206 45.21 -8.86 9.06
C TRP C 206 44.60 -10.14 9.62
N SER C 207 43.47 -10.06 10.29
CA SER C 207 42.95 -11.25 10.92
C SER C 207 41.80 -11.90 10.13
N PHE C 208 41.29 -11.23 9.10
CA PHE C 208 40.19 -11.78 8.30
C PHE C 208 40.48 -11.80 6.81
N ILE C 209 40.80 -10.66 6.20
CA ILE C 209 41.04 -10.66 4.76
C ILE C 209 42.22 -11.54 4.37
N LEU C 210 43.38 -11.30 5.00
CA LEU C 210 44.62 -11.99 4.63
C LEU C 210 44.55 -13.50 4.78
N PRO C 211 44.22 -14.01 5.97
CA PRO C 211 44.17 -15.47 5.95
C PRO C 211 43.10 -15.97 4.99
N LEU C 212 42.10 -15.18 4.64
CA LEU C 212 41.10 -15.65 3.67
C LEU C 212 41.73 -15.77 2.29
N GLY C 213 42.64 -14.86 1.97
CA GLY C 213 43.36 -14.96 0.72
C GLY C 213 44.25 -16.19 0.69
N LEU C 214 45.04 -16.33 1.74
CA LEU C 214 45.97 -17.42 1.90
C LEU C 214 45.28 -18.77 1.69
N ILE C 215 44.09 -18.93 2.26
CA ILE C 215 43.27 -20.14 2.11
C ILE C 215 42.66 -20.29 0.72
N ILE C 216 42.13 -19.22 0.17
CA ILE C 216 41.55 -19.28 -1.16
C ILE C 216 42.66 -19.61 -2.17
N ALA C 217 43.85 -19.06 -1.93
CA ALA C 217 45.01 -19.36 -2.77
C ALA C 217 45.38 -20.83 -2.71
N ALA C 218 45.69 -21.29 -1.50
CA ALA C 218 46.11 -22.65 -1.29
C ALA C 218 45.06 -23.65 -1.73
N SER C 219 43.83 -23.18 -1.92
CA SER C 219 42.80 -24.07 -2.44
C SER C 219 43.20 -24.47 -3.84
N TRP C 220 43.88 -23.56 -4.53
CA TRP C 220 44.19 -23.78 -5.93
C TRP C 220 45.17 -24.93 -6.11
N SER C 221 45.96 -25.17 -5.08
CA SER C 221 46.99 -26.19 -5.16
C SER C 221 46.42 -27.64 -5.28
N VAL C 222 45.11 -27.76 -5.46
CA VAL C 222 44.56 -29.06 -5.79
C VAL C 222 45.02 -29.57 -7.13
N PHE C 223 45.29 -28.64 -8.04
CA PHE C 223 45.65 -29.04 -9.40
C PHE C 223 47.08 -29.60 -9.49
N TRP C 224 47.84 -29.54 -8.40
CA TRP C 224 49.20 -30.07 -8.41
C TRP C 224 49.26 -31.41 -7.70
N LEU C 225 48.13 -31.97 -7.31
CA LEU C 225 48.09 -33.34 -6.84
C LEU C 225 48.01 -34.17 -8.10
N GLU C 226 48.53 -35.39 -8.08
CA GLU C 226 48.71 -36.14 -9.32
C GLU C 226 47.62 -37.21 -9.62
N SER C 227 46.97 -37.76 -8.60
CA SER C 227 45.86 -38.69 -8.85
C SER C 227 44.57 -37.93 -9.15
N PHE C 228 43.60 -38.58 -9.80
CA PHE C 228 42.29 -37.94 -9.93
C PHE C 228 41.64 -38.09 -8.57
N SER C 229 41.77 -39.29 -8.02
CA SER C 229 41.26 -39.59 -6.69
C SER C 229 41.72 -38.59 -5.64
N GLU C 230 43.01 -38.26 -5.65
CA GLU C 230 43.55 -37.27 -4.74
C GLU C 230 42.95 -35.87 -4.93
N ARG C 231 42.83 -35.46 -6.19
CA ARG C 231 42.43 -34.10 -6.49
C ARG C 231 40.99 -33.87 -6.07
N LEU C 232 40.12 -34.84 -6.36
CA LEU C 232 38.70 -34.71 -6.05
C LEU C 232 38.40 -34.82 -4.55
N GLN C 233 38.99 -35.81 -3.89
CA GLN C 233 38.75 -36.02 -2.47
C GLN C 233 39.22 -34.81 -1.62
N THR C 234 40.27 -34.14 -2.09
CA THR C 234 40.78 -32.92 -1.45
C THR C 234 39.81 -31.74 -1.57
N SER C 235 39.09 -31.67 -2.69
CA SER C 235 38.18 -30.57 -2.92
C SER C 235 37.10 -30.55 -1.88
N PHE C 236 36.75 -31.74 -1.39
CA PHE C 236 35.73 -31.88 -0.37
C PHE C 236 36.22 -31.45 1.01
N THR C 237 37.53 -31.54 1.24
CA THR C 237 38.16 -31.04 2.47
C THR C 237 38.35 -29.54 2.38
N LEU C 238 38.64 -29.05 1.19
CA LEU C 238 38.71 -27.62 1.01
C LEU C 238 37.35 -26.99 1.21
N MET C 239 36.33 -27.67 0.70
CA MET C 239 34.95 -27.24 0.83
C MET C 239 34.64 -27.00 2.30
N LEU C 240 35.02 -27.97 3.13
CA LEU C 240 34.82 -27.90 4.58
C LEU C 240 35.56 -26.74 5.19
N THR C 241 36.75 -26.44 4.67
CA THR C 241 37.53 -25.34 5.24
C THR C 241 36.83 -24.01 5.01
N VAL C 242 36.23 -23.81 3.84
CA VAL C 242 35.51 -22.56 3.59
C VAL C 242 34.26 -22.44 4.46
N VAL C 243 33.50 -23.51 4.61
CA VAL C 243 32.33 -23.44 5.48
C VAL C 243 32.76 -23.04 6.89
N ALA C 244 33.89 -23.58 7.33
CA ALA C 244 34.42 -23.24 8.62
C ALA C 244 34.81 -21.77 8.68
N TYR C 245 35.37 -21.26 7.61
CA TYR C 245 35.82 -19.87 7.59
C TYR C 245 34.69 -18.87 7.47
N ALA C 246 33.60 -19.29 6.85
CA ALA C 246 32.41 -18.46 6.82
C ALA C 246 31.86 -18.34 8.24
N PHE C 247 31.89 -19.45 8.97
CA PHE C 247 31.29 -19.49 10.29
C PHE C 247 32.09 -18.59 11.23
N TYR C 248 33.41 -18.69 11.14
CA TYR C 248 34.30 -17.87 11.94
C TYR C 248 34.00 -16.39 11.69
N THR C 249 33.90 -15.95 10.44
CA THR C 249 33.71 -14.50 10.17
C THR C 249 32.36 -14.00 10.62
N SER C 250 31.31 -14.69 10.19
CA SER C 250 29.95 -14.26 10.47
C SER C 250 29.65 -14.21 11.96
N ASN C 251 30.29 -15.08 12.74
CA ASN C 251 30.10 -15.06 14.18
C ASN C 251 30.86 -13.93 14.84
N ILE C 252 31.85 -13.38 14.17
CA ILE C 252 32.67 -12.39 14.83
C ILE C 252 32.34 -10.99 14.33
N LEU C 253 32.14 -10.89 13.03
CA LEU C 253 31.81 -9.64 12.32
C LEU C 253 30.36 -9.12 12.52
N PRO C 254 30.13 -7.83 12.24
CA PRO C 254 28.85 -7.16 12.49
C PRO C 254 27.72 -7.72 11.66
N ARG C 255 26.54 -7.87 12.25
CA ARG C 255 25.40 -8.36 11.50
C ARG C 255 24.93 -7.26 10.55
N LEU C 256 24.60 -7.63 9.32
CA LEU C 256 24.13 -6.66 8.35
C LEU C 256 23.05 -7.34 7.51
N PRO C 257 22.24 -6.55 6.79
CA PRO C 257 21.22 -7.08 5.89
C PRO C 257 21.69 -7.21 4.47
N TYR C 258 22.99 -7.01 4.24
CA TYR C 258 23.57 -7.18 2.91
C TYR C 258 24.96 -7.81 2.93
N THR C 259 25.45 -8.15 1.74
CA THR C 259 26.77 -8.75 1.63
C THR C 259 27.81 -7.63 1.64
N THR C 260 28.91 -7.87 2.36
CA THR C 260 30.03 -6.93 2.42
C THR C 260 31.12 -7.33 1.43
N VAL C 261 32.26 -6.69 1.51
CA VAL C 261 33.40 -7.14 0.75
C VAL C 261 33.85 -8.55 1.17
N ILE C 262 34.04 -8.76 2.47
CA ILE C 262 34.45 -10.06 2.99
C ILE C 262 33.45 -11.17 2.66
N ASP C 263 32.14 -10.86 2.77
CA ASP C 263 31.07 -11.80 2.44
C ASP C 263 31.20 -12.30 1.02
N GLN C 264 31.69 -11.40 0.17
CA GLN C 264 31.91 -11.67 -1.24
C GLN C 264 33.14 -12.55 -1.45
N MET C 265 34.23 -12.24 -0.75
CA MET C 265 35.44 -13.07 -0.82
C MET C 265 35.11 -14.52 -0.54
N ILE C 266 34.29 -14.75 0.47
CA ILE C 266 33.88 -16.09 0.83
C ILE C 266 33.03 -16.76 -0.24
N ILE C 267 32.15 -16.02 -0.89
CA ILE C 267 31.37 -16.63 -1.96
C ILE C 267 32.29 -17.03 -3.12
N ALA C 268 33.32 -16.21 -3.35
CA ALA C 268 34.33 -16.49 -4.37
C ALA C 268 35.12 -17.76 -4.06
N GLY C 269 35.49 -17.94 -2.81
CA GLY C 269 36.16 -19.16 -2.41
C GLY C 269 35.24 -20.36 -2.62
N TYR C 270 33.96 -20.16 -2.31
CA TYR C 270 32.96 -21.18 -2.54
C TYR C 270 32.85 -21.54 -4.01
N GLY C 271 32.99 -20.53 -4.85
CA GLY C 271 32.88 -20.70 -6.29
C GLY C 271 34.10 -21.38 -6.88
N SER C 272 35.27 -20.87 -6.52
CA SER C 272 36.55 -21.40 -7.00
C SER C 272 36.68 -22.89 -6.76
N ILE C 273 36.16 -23.34 -5.62
CA ILE C 273 36.25 -24.73 -5.23
C ILE C 273 35.25 -25.58 -6.01
N PHE C 274 34.06 -25.03 -6.22
CA PHE C 274 33.05 -25.70 -7.04
C PHE C 274 33.51 -25.67 -8.50
N ALA C 275 34.23 -24.60 -8.86
CA ALA C 275 34.80 -24.48 -10.20
C ALA C 275 35.80 -25.59 -10.47
N ALA C 276 36.73 -25.77 -9.54
CA ALA C 276 37.72 -26.82 -9.68
C ALA C 276 37.07 -28.19 -9.71
N ILE C 277 36.12 -28.46 -8.83
CA ILE C 277 35.52 -29.78 -8.79
C ILE C 277 34.94 -30.08 -10.15
N LEU C 278 34.39 -29.05 -10.78
CA LEU C 278 33.79 -29.28 -12.07
C LEU C 278 34.88 -29.57 -13.10
N LEU C 279 36.02 -28.90 -13.02
CA LEU C 279 37.04 -29.14 -14.03
C LEU C 279 37.74 -30.45 -13.78
N ILE C 280 38.12 -30.70 -12.54
CA ILE C 280 38.79 -31.94 -12.18
C ILE C 280 38.00 -33.15 -12.62
N ILE C 281 36.67 -33.04 -12.57
CA ILE C 281 35.86 -34.17 -12.93
C ILE C 281 35.68 -34.18 -14.45
N PHE C 282 35.89 -33.02 -15.06
CA PHE C 282 35.76 -32.85 -16.51
C PHE C 282 37.02 -33.30 -17.20
N ALA C 283 38.16 -32.89 -16.67
CA ALA C 283 39.44 -33.26 -17.23
C ALA C 283 39.63 -34.79 -17.22
N HIS C 284 38.81 -35.48 -16.42
CA HIS C 284 38.92 -36.93 -16.34
C HIS C 284 38.16 -37.64 -17.44
N HIS C 285 37.25 -36.93 -18.10
CA HIS C 285 36.45 -37.54 -19.17
C HIS C 285 36.35 -36.69 -20.42
N ARG C 286 37.06 -35.56 -20.43
CA ARG C 286 37.01 -34.62 -21.56
C ARG C 286 37.46 -35.36 -22.78
N GLN C 287 38.60 -36.03 -22.64
CA GLN C 287 39.18 -36.74 -23.74
C GLN C 287 38.63 -38.16 -23.80
N ALA C 288 38.74 -38.75 -24.98
CA ALA C 288 38.39 -40.15 -25.15
C ALA C 288 39.38 -40.97 -24.35
N ASN C 289 39.16 -42.29 -24.32
CA ASN C 289 39.97 -43.26 -23.55
C ASN C 289 39.75 -43.18 -22.03
N GLY C 290 39.11 -42.10 -21.57
CA GLY C 290 38.89 -41.84 -20.16
C GLY C 290 40.17 -41.41 -19.44
N VAL C 291 41.23 -41.17 -20.21
CA VAL C 291 42.53 -40.72 -19.68
C VAL C 291 42.40 -39.27 -19.20
N GLU C 292 42.96 -39.00 -18.02
CA GLU C 292 42.94 -37.68 -17.42
C GLU C 292 43.59 -36.66 -18.33
N ASP C 293 42.78 -35.74 -18.87
CA ASP C 293 43.24 -34.67 -19.76
C ASP C 293 44.16 -33.74 -18.98
N ASP C 294 45.39 -34.20 -18.78
CA ASP C 294 46.38 -33.46 -17.99
C ASP C 294 46.91 -32.25 -18.76
N LEU C 295 46.32 -31.99 -19.93
CA LEU C 295 46.52 -30.75 -20.66
C LEU C 295 45.72 -29.61 -20.04
N LEU C 296 44.50 -29.94 -19.64
CA LEU C 296 43.57 -28.99 -19.03
C LEU C 296 44.12 -28.67 -17.65
N ILE C 297 44.40 -29.71 -16.87
CA ILE C 297 45.15 -29.58 -15.64
C ILE C 297 46.53 -29.02 -16.02
N GLN C 298 47.23 -28.46 -15.04
CA GLN C 298 48.51 -27.74 -15.22
C GLN C 298 48.27 -26.40 -15.91
N ARG C 299 47.46 -26.40 -16.96
CA ARG C 299 47.00 -25.15 -17.52
C ARG C 299 46.10 -24.49 -16.46
N CYS C 300 45.43 -25.32 -15.66
CA CYS C 300 44.60 -24.82 -14.58
C CYS C 300 45.41 -24.31 -13.39
N ARG C 301 46.67 -24.75 -13.31
CA ARG C 301 47.56 -24.35 -12.23
C ARG C 301 47.97 -22.88 -12.34
N LEU C 302 47.72 -22.29 -13.51
CA LEU C 302 47.97 -20.87 -13.72
C LEU C 302 46.77 -20.19 -14.41
N ALA C 303 45.71 -20.95 -14.63
CA ALA C 303 44.44 -20.40 -15.09
C ALA C 303 43.67 -19.72 -13.95
N PHE C 304 43.50 -20.46 -12.86
CA PHE C 304 42.77 -19.99 -11.69
C PHE C 304 43.42 -18.82 -10.92
N PRO C 305 44.73 -18.92 -10.59
CA PRO C 305 45.24 -17.73 -9.88
C PRO C 305 45.21 -16.43 -10.69
N LEU C 306 45.08 -16.51 -12.02
CA LEU C 306 44.98 -15.31 -12.86
C LEU C 306 43.53 -15.04 -13.24
N GLY C 307 42.78 -16.09 -13.54
CA GLY C 307 41.37 -15.97 -13.88
C GLY C 307 40.55 -15.41 -12.74
N PHE C 308 40.70 -16.02 -11.56
CA PHE C 308 40.10 -15.52 -10.32
C PHE C 308 40.62 -14.11 -10.02
N LEU C 309 41.92 -13.87 -10.20
CA LEU C 309 42.50 -12.55 -9.94
C LEU C 309 42.15 -11.47 -10.99
N ALA C 310 41.57 -11.87 -12.12
CA ALA C 310 41.19 -10.86 -13.11
C ALA C 310 39.71 -10.56 -13.06
N ILE C 311 38.88 -11.60 -13.09
CA ILE C 311 37.43 -11.39 -13.05
C ILE C 311 36.98 -11.07 -11.62
N GLY C 312 37.88 -11.21 -10.66
CA GLY C 312 37.57 -10.83 -9.30
C GLY C 312 38.10 -9.45 -8.94
N CYS C 313 38.91 -8.87 -9.82
CA CYS C 313 39.40 -7.50 -9.62
C CYS C 313 38.48 -6.50 -10.32
N VAL C 314 37.33 -6.99 -10.75
CA VAL C 314 36.30 -6.12 -11.34
C VAL C 314 35.08 -6.22 -10.43
N LEU C 315 35.35 -6.25 -9.13
CA LEU C 315 34.32 -6.12 -8.10
C LEU C 315 34.35 -4.69 -7.55
N VAL C 316 34.32 -3.71 -8.46
CA VAL C 316 34.33 -2.29 -8.10
C VAL C 316 32.90 -1.82 -7.78
N ILE C 317 32.03 -2.77 -7.42
CA ILE C 317 30.63 -2.51 -7.07
C ILE C 317 30.52 -1.55 -5.87
N ARG C 318 30.08 -0.33 -6.13
CA ARG C 318 30.02 0.73 -5.14
C ARG C 318 28.74 1.55 -5.29
N ARG D 10 38.11 32.76 50.41
CA ARG D 10 36.73 32.88 49.95
C ARG D 10 36.07 31.51 49.64
N PRO D 11 36.72 30.63 48.80
CA PRO D 11 36.07 29.39 48.35
C PRO D 11 35.87 28.35 49.42
N VAL D 12 34.81 27.56 49.30
CA VAL D 12 34.52 26.51 50.24
C VAL D 12 35.41 25.32 49.92
N ASP D 13 36.10 24.83 50.97
CA ASP D 13 36.99 23.68 50.91
C ASP D 13 36.24 22.37 51.05
N VAL D 14 36.40 21.49 50.08
CA VAL D 14 35.78 20.17 50.19
C VAL D 14 36.83 19.09 50.21
N SER D 15 36.69 18.27 51.25
CA SER D 15 37.52 17.12 51.54
C SER D 15 36.79 15.84 51.14
N VAL D 16 37.36 15.09 50.21
CA VAL D 16 36.72 13.92 49.66
C VAL D 16 37.39 12.63 50.13
N SER D 17 36.56 11.62 50.43
CA SER D 17 37.04 10.26 50.72
C SER D 17 36.32 9.28 49.79
N ILE D 18 37.08 8.45 49.09
CA ILE D 18 36.45 7.46 48.21
C ILE D 18 36.81 6.06 48.63
N PHE D 19 35.80 5.29 49.02
CA PHE D 19 36.06 3.91 49.38
C PHE D 19 35.66 3.03 48.23
N ILE D 20 36.61 2.28 47.68
CA ILE D 20 36.35 1.48 46.51
C ILE D 20 36.14 0.04 46.95
N ASN D 21 34.98 -0.54 46.64
CA ASN D 21 34.64 -1.90 47.08
C ASN D 21 34.94 -2.99 46.07
N LYS D 22 34.77 -2.65 44.80
CA LYS D 22 34.92 -3.62 43.72
C LYS D 22 35.19 -2.91 42.42
N ILE D 23 36.17 -3.40 41.69
CA ILE D 23 36.34 -2.99 40.31
C ILE D 23 36.16 -4.24 39.48
N TYR D 24 35.10 -4.27 38.69
CA TYR D 24 34.83 -5.45 37.91
C TYR D 24 34.32 -5.12 36.51
N GLY D 25 34.15 -6.15 35.69
CA GLY D 25 33.52 -5.99 34.40
C GLY D 25 34.17 -5.06 33.41
N VAL D 26 35.45 -5.25 33.13
CA VAL D 26 36.07 -4.45 32.09
C VAL D 26 35.35 -4.78 30.77
N ASN D 27 34.98 -3.73 30.06
CA ASN D 27 34.45 -3.86 28.73
C ASN D 27 35.55 -3.51 27.77
N THR D 28 36.09 -4.50 27.10
CA THR D 28 37.29 -4.28 26.30
C THR D 28 36.99 -3.38 25.11
N LEU D 29 35.84 -3.60 24.50
CA LEU D 29 35.52 -2.88 23.28
C LEU D 29 35.19 -1.44 23.61
N GLU D 30 34.40 -1.23 24.66
CA GLU D 30 33.96 0.11 25.03
C GLU D 30 35.00 0.92 25.78
N GLN D 31 36.08 0.24 26.19
CA GLN D 31 37.10 0.83 27.03
C GLN D 31 36.45 1.38 28.30
N THR D 32 35.74 0.53 29.02
CA THR D 32 35.10 0.94 30.24
C THR D 32 35.34 -0.11 31.28
N TYR D 33 35.03 0.18 32.54
CA TYR D 33 35.20 -0.77 33.64
C TYR D 33 34.21 -0.36 34.71
N LYS D 34 33.78 -1.29 35.56
CA LYS D 34 32.76 -0.96 36.56
C LYS D 34 33.38 -0.70 37.95
N VAL D 35 32.87 0.26 38.71
CA VAL D 35 33.42 0.55 40.02
C VAL D 35 32.32 0.65 41.07
N ASP D 36 32.34 -0.17 42.10
CA ASP D 36 31.40 -0.02 43.20
C ASP D 36 32.13 0.53 44.41
N GLY D 37 31.53 1.53 45.02
CA GLY D 37 32.11 2.10 46.20
C GLY D 37 31.24 3.15 46.84
N TYR D 38 31.85 3.85 47.80
CA TYR D 38 31.24 4.96 48.50
C TYR D 38 31.99 6.23 48.25
N ILE D 39 31.28 7.34 48.29
CA ILE D 39 31.96 8.60 48.22
C ILE D 39 31.53 9.44 49.40
N VAL D 40 32.50 10.10 50.04
CA VAL D 40 32.23 10.97 51.17
C VAL D 40 32.83 12.34 50.91
N ALA D 41 32.03 13.37 51.13
CA ALA D 41 32.48 14.76 50.98
C ALA D 41 32.08 15.54 52.22
N GLN D 42 33.07 16.28 52.71
CA GLN D 42 32.94 17.09 53.91
C GLN D 42 33.29 18.54 53.58
N TRP D 43 32.47 19.44 54.11
CA TRP D 43 32.69 20.87 54.08
C TRP D 43 32.13 21.48 55.37
N THR D 44 32.45 22.75 55.60
CA THR D 44 31.99 23.46 56.79
C THR D 44 31.16 24.65 56.39
N GLY D 45 30.01 24.83 57.04
CA GLY D 45 29.10 25.90 56.69
C GLY D 45 28.60 26.71 57.87
N LYS D 46 27.45 27.35 57.67
CA LYS D 46 26.78 28.08 58.73
C LYS D 46 26.47 27.16 59.89
N PRO D 47 27.01 27.46 61.08
CA PRO D 47 26.67 26.67 62.27
C PRO D 47 25.16 26.59 62.47
N ARG D 48 24.69 25.59 63.20
CA ARG D 48 23.30 25.19 63.05
C ARG D 48 22.72 24.67 64.34
N LYS D 49 21.41 24.78 64.50
CA LYS D 49 20.75 24.13 65.62
C LYS D 49 20.36 22.67 65.33
N THR D 50 20.82 21.74 66.16
CA THR D 50 20.44 20.33 66.03
C THR D 50 19.64 19.90 67.27
N PRO D 51 18.74 18.91 67.14
CA PRO D 51 17.95 18.47 68.29
C PRO D 51 18.84 17.80 69.33
N GLY D 52 18.97 18.36 70.52
CA GLY D 52 20.03 17.95 71.43
C GLY D 52 21.30 18.51 70.83
N ASP D 53 22.36 18.54 71.62
CA ASP D 53 23.64 19.05 71.13
C ASP D 53 24.40 17.95 70.39
N LYS D 54 23.66 17.02 69.77
CA LYS D 54 24.31 15.92 69.05
C LYS D 54 23.95 16.06 67.58
N PRO D 55 24.89 15.72 66.68
CA PRO D 55 24.74 15.95 65.24
C PRO D 55 23.55 15.23 64.64
N LEU D 56 23.07 15.76 63.52
CA LEU D 56 21.85 15.29 62.89
C LEU D 56 22.12 14.45 61.66
N ILE D 57 21.34 13.37 61.51
CA ILE D 57 21.42 12.48 60.37
C ILE D 57 20.17 12.52 59.46
N VAL D 58 20.38 12.72 58.17
CA VAL D 58 19.29 12.81 57.20
C VAL D 58 19.43 11.77 56.09
N GLU D 59 18.46 10.87 55.95
CA GLU D 59 18.64 9.78 55.00
C GLU D 59 17.76 9.93 53.75
N ASN D 60 18.38 9.66 52.61
CA ASN D 60 17.70 9.47 51.32
C ASN D 60 16.74 10.56 50.89
N THR D 61 15.44 10.26 50.91
CA THR D 61 14.41 11.16 50.40
C THR D 61 14.36 12.48 51.15
N GLN D 62 14.93 12.48 52.35
CA GLN D 62 14.90 13.65 53.20
C GLN D 62 15.98 14.66 52.85
N ILE D 63 17.04 14.24 52.19
CA ILE D 63 18.07 15.21 51.85
C ILE D 63 17.48 16.22 50.92
N GLU D 64 16.60 15.79 50.04
CA GLU D 64 15.95 16.71 49.10
C GLU D 64 15.16 17.82 49.84
N ARG D 65 14.49 17.46 50.94
CA ARG D 65 13.71 18.43 51.70
C ARG D 65 14.58 19.55 52.26
N TRP D 66 15.73 19.18 52.80
CA TRP D 66 16.66 20.12 53.40
C TRP D 66 17.27 21.02 52.33
N ILE D 67 17.33 20.51 51.10
CA ILE D 67 17.87 21.27 49.99
C ILE D 67 16.93 22.44 49.69
N ASN D 68 15.65 22.16 49.80
CA ASN D 68 14.62 23.16 49.53
C ASN D 68 14.50 24.30 50.55
N ASN D 69 14.79 24.04 51.82
CA ASN D 69 14.75 25.08 52.84
C ASN D 69 16.04 25.87 52.77
N GLY D 70 16.85 25.54 51.76
CA GLY D 70 18.04 26.29 51.40
C GLY D 70 19.39 25.75 51.83
N LEU D 71 19.47 24.43 52.08
CA LEU D 71 20.76 23.80 52.33
C LEU D 71 21.55 23.60 51.08
N TRP D 72 22.81 24.00 51.12
CA TRP D 72 23.69 23.85 50.01
C TRP D 72 24.41 22.52 50.06
N VAL D 73 24.05 21.64 49.14
CA VAL D 73 24.75 20.39 48.94
C VAL D 73 25.13 20.38 47.47
N PRO D 74 26.40 20.67 47.16
CA PRO D 74 26.85 20.87 45.78
C PRO D 74 26.88 19.60 44.94
N ALA D 75 26.41 19.69 43.70
CA ALA D 75 26.44 18.51 42.85
C ALA D 75 27.85 18.27 42.34
N LEU D 76 28.40 17.13 42.75
CA LEU D 76 29.74 16.68 42.33
C LEU D 76 29.65 15.58 41.28
N GLU D 77 30.23 15.85 40.11
CA GLU D 77 30.11 14.98 38.95
C GLU D 77 31.35 14.11 38.73
N PHE D 78 31.14 12.81 38.53
CA PHE D 78 32.21 11.92 38.08
C PHE D 78 32.41 12.16 36.59
N ILE D 79 33.47 12.82 36.21
CA ILE D 79 33.63 13.22 34.84
C ILE D 79 33.66 12.08 33.81
N ASN D 80 34.35 10.99 34.12
CA ASN D 80 34.56 9.96 33.11
C ASN D 80 33.66 8.73 33.32
N VAL D 81 32.55 8.95 34.01
CA VAL D 81 31.49 7.95 34.13
C VAL D 81 30.72 7.89 32.79
N VAL D 82 30.06 6.78 32.49
CA VAL D 82 29.29 6.76 31.26
C VAL D 82 27.82 6.71 31.61
N GLY D 83 27.20 7.89 31.71
CA GLY D 83 25.80 7.98 32.08
C GLY D 83 25.56 7.97 33.57
N SER D 84 24.43 8.53 34.00
CA SER D 84 24.14 8.69 35.42
C SER D 84 24.24 7.36 36.14
N PRO D 85 25.14 7.29 37.13
CA PRO D 85 25.47 6.16 38.00
C PRO D 85 24.40 5.79 39.01
N ASP D 86 24.47 4.55 39.48
CA ASP D 86 23.46 4.04 40.39
C ASP D 86 23.78 4.44 41.78
N THR D 87 23.06 5.44 42.26
CA THR D 87 23.29 5.91 43.61
C THR D 87 22.41 5.11 44.53
N GLY D 88 23.04 4.43 45.45
CA GLY D 88 22.34 3.65 46.43
C GLY D 88 21.85 4.64 47.44
N ASN D 89 22.33 4.52 48.68
CA ASN D 89 21.91 5.41 49.75
C ASN D 89 22.61 6.73 49.80
N LYS D 90 21.84 7.75 50.12
CA LYS D 90 22.40 9.03 50.36
C LYS D 90 22.28 9.24 51.86
N ARG D 91 23.20 9.98 52.44
CA ARG D 91 23.14 10.30 53.85
C ARG D 91 23.80 11.62 54.06
N LEU D 92 23.11 12.49 54.77
CA LEU D 92 23.67 13.74 55.20
C LEU D 92 23.91 13.70 56.71
N MET D 93 25.14 14.06 57.09
CA MET D 93 25.47 14.27 58.49
C MET D 93 25.73 15.77 58.71
N LEU D 94 24.78 16.40 59.40
CA LEU D 94 24.77 17.83 59.69
C LEU D 94 25.29 18.08 61.09
N PHE D 95 26.43 18.77 61.17
CA PHE D 95 27.08 19.09 62.45
C PHE D 95 26.71 20.45 63.00
N PRO D 96 26.59 20.57 64.36
CA PRO D 96 26.15 21.80 65.03
C PRO D 96 27.19 22.89 64.89
N ASP D 97 28.44 22.47 64.79
CA ASP D 97 29.52 23.40 64.59
C ASP D 97 29.73 23.76 63.13
N GLY D 98 28.73 23.54 62.29
CA GLY D 98 28.82 23.96 60.90
C GLY D 98 29.10 22.90 59.85
N ARG D 99 29.88 21.89 60.22
CA ARG D 99 30.35 20.93 59.24
C ARG D 99 29.23 20.10 58.68
N VAL D 100 29.40 19.70 57.43
CA VAL D 100 28.40 18.93 56.70
C VAL D 100 29.11 17.80 56.03
N ILE D 101 28.64 16.58 56.25
CA ILE D 101 29.23 15.41 55.60
C ILE D 101 28.24 14.64 54.74
N TYR D 102 28.51 14.59 53.43
CA TYR D 102 27.70 13.86 52.46
C TYR D 102 28.26 12.50 52.20
N ASN D 103 27.45 11.48 52.46
CA ASN D 103 27.92 10.12 52.31
C ASN D 103 27.01 9.32 51.40
N ALA D 104 27.58 8.83 50.32
CA ALA D 104 26.75 8.19 49.33
C ALA D 104 27.45 6.99 48.74
N ARG D 105 26.67 5.94 48.54
CA ARG D 105 27.20 4.74 47.92
C ARG D 105 26.88 4.80 46.46
N PHE D 106 27.79 4.35 45.63
CA PHE D 106 27.52 4.42 44.21
C PHE D 106 27.99 3.17 43.52
N LEU D 107 27.34 2.85 42.41
CA LEU D 107 27.87 1.88 41.46
C LEU D 107 27.79 2.46 40.09
N GLY D 108 28.90 2.50 39.37
CA GLY D 108 28.92 3.18 38.10
C GLY D 108 29.88 2.62 37.09
N SER D 109 29.59 2.85 35.82
CA SER D 109 30.45 2.36 34.76
C SER D 109 31.36 3.47 34.30
N PHE D 110 32.67 3.27 34.43
CA PHE D 110 33.63 4.33 34.15
C PHE D 110 34.51 4.09 32.95
N SER D 111 35.01 5.18 32.37
CA SER D 111 35.84 5.11 31.19
C SER D 111 37.27 5.60 31.37
N ASN D 112 38.21 4.96 30.66
CA ASN D 112 39.59 5.45 30.56
C ASN D 112 40.23 4.88 29.30
N ASP D 113 41.23 5.56 28.75
CA ASP D 113 41.91 5.01 27.58
C ASP D 113 42.53 3.70 27.99
N MET D 114 42.30 2.67 27.19
CA MET D 114 42.80 1.37 27.53
C MET D 114 43.41 0.73 26.30
N ASP D 115 44.71 0.47 26.39
CA ASP D 115 45.43 -0.17 25.31
C ASP D 115 45.53 -1.64 25.65
N PHE D 116 44.95 -2.50 24.83
CA PHE D 116 44.92 -3.93 25.10
C PHE D 116 45.83 -4.73 24.17
N ARG D 117 46.82 -4.08 23.57
CA ARG D 117 47.62 -4.71 22.53
C ARG D 117 48.55 -5.82 23.03
N LEU D 118 49.01 -5.73 24.27
CA LEU D 118 49.87 -6.78 24.83
C LEU D 118 49.11 -7.88 25.54
N PHE D 119 47.81 -7.95 25.29
CA PHE D 119 46.98 -8.98 25.87
C PHE D 119 47.60 -10.27 25.43
N PRO D 120 47.69 -11.26 26.33
CA PRO D 120 47.18 -11.21 27.70
C PRO D 120 48.17 -10.69 28.74
N PHE D 121 49.12 -9.89 28.31
CA PHE D 121 50.14 -9.43 29.23
C PHE D 121 50.09 -7.92 29.40
N ASP D 122 48.88 -7.36 29.45
CA ASP D 122 48.69 -5.91 29.56
C ASP D 122 48.57 -5.33 30.99
N ARG D 123 48.92 -4.05 31.13
CA ARG D 123 48.68 -3.31 32.36
C ARG D 123 47.71 -2.18 32.05
N GLN D 124 46.76 -1.98 32.94
CA GLN D 124 45.79 -0.93 32.73
C GLN D 124 45.79 -0.07 33.98
N GLN D 125 45.35 1.17 33.89
CA GLN D 125 45.15 1.96 35.10
C GLN D 125 43.70 2.36 35.18
N PHE D 126 43.06 1.99 36.28
CA PHE D 126 41.67 2.35 36.51
C PHE D 126 41.55 3.74 37.08
N VAL D 127 40.75 4.57 36.44
CA VAL D 127 40.68 5.98 36.80
C VAL D 127 39.30 6.46 37.29
N LEU D 128 39.31 7.29 38.32
CA LEU D 128 38.17 8.08 38.69
C LEU D 128 38.52 9.54 38.54
N GLU D 129 37.64 10.29 37.87
CA GLU D 129 37.78 11.72 37.77
C GLU D 129 36.52 12.41 38.31
N LEU D 130 36.70 13.22 39.36
CA LEU D 130 35.61 13.86 40.07
C LEU D 130 35.82 15.36 40.10
N GLU D 131 34.76 16.12 39.79
CA GLU D 131 34.81 17.58 39.56
C GLU D 131 33.44 18.17 39.90
N PRO D 132 33.39 19.38 40.49
CA PRO D 132 32.05 19.87 40.78
C PRO D 132 31.31 20.31 39.52
N PHE D 133 29.99 20.20 39.53
CA PHE D 133 29.26 20.38 38.29
C PHE D 133 29.03 21.85 37.97
N SER D 134 28.90 22.67 39.00
CA SER D 134 28.41 24.01 38.79
C SER D 134 29.33 25.11 39.29
N TYR D 135 30.16 24.77 40.27
CA TYR D 135 30.96 25.74 41.01
C TYR D 135 32.45 25.73 40.69
N ASN D 136 33.03 26.87 40.32
CA ASN D 136 34.48 26.92 40.08
C ASN D 136 35.37 26.96 41.35
N ASN D 137 36.68 27.05 41.13
CA ASN D 137 37.65 27.07 42.23
C ASN D 137 37.65 28.36 43.03
N GLN D 138 36.94 29.36 42.53
CA GLN D 138 36.79 30.60 43.27
C GLN D 138 35.66 30.36 44.27
N GLN D 139 34.87 29.35 43.97
CA GLN D 139 33.70 29.10 44.79
C GLN D 139 33.80 27.85 45.63
N LEU D 140 34.26 26.76 45.02
CA LEU D 140 34.39 25.46 45.67
C LEU D 140 35.68 24.82 45.25
N ARG D 141 36.52 24.44 46.22
CA ARG D 141 37.79 23.80 45.91
C ARG D 141 38.03 22.55 46.76
N PHE D 142 38.70 21.60 46.13
CA PHE D 142 39.00 20.33 46.75
C PHE D 142 40.26 20.46 47.59
N SER D 143 40.06 20.23 48.89
CA SER D 143 41.12 20.37 49.85
C SER D 143 42.08 19.18 49.81
N ASP D 144 41.53 17.99 49.97
CA ASP D 144 42.31 16.76 49.92
C ASP D 144 41.51 15.53 49.49
N ILE D 145 42.18 14.52 48.95
CA ILE D 145 41.47 13.34 48.54
C ILE D 145 42.09 12.10 49.16
N GLN D 146 41.27 11.37 49.90
CA GLN D 146 41.64 10.13 50.52
C GLN D 146 40.93 8.97 49.78
N VAL D 147 41.70 7.99 49.34
CA VAL D 147 41.13 6.80 48.69
C VAL D 147 41.41 5.53 49.44
N TYR D 148 40.37 4.82 49.81
CA TYR D 148 40.53 3.61 50.60
C TYR D 148 40.22 2.34 49.81
N THR D 149 41.16 1.41 49.73
CA THR D 149 40.88 0.17 49.02
C THR D 149 41.26 -1.05 49.84
N GLU D 150 40.43 -2.08 49.84
CA GLU D 150 40.78 -3.33 50.48
C GLU D 150 41.98 -3.83 49.70
N ASN D 151 42.81 -4.66 50.32
CA ASN D 151 43.94 -5.28 49.63
C ASN D 151 43.60 -6.70 49.19
N ILE D 152 43.40 -6.93 47.89
CA ILE D 152 43.09 -8.29 47.45
C ILE D 152 44.38 -9.12 47.40
N ASP D 153 44.42 -10.13 48.25
CA ASP D 153 45.60 -10.98 48.44
C ASP D 153 45.47 -12.38 47.83
N ASN D 154 44.27 -12.96 47.91
CA ASN D 154 44.04 -14.22 47.23
C ASN D 154 43.68 -13.83 45.79
N GLU D 155 44.63 -13.10 45.21
CA GLU D 155 44.61 -12.49 43.89
C GLU D 155 44.74 -13.54 42.78
N GLU D 156 44.99 -14.79 43.19
CA GLU D 156 45.15 -15.91 42.27
C GLU D 156 43.84 -16.40 41.64
N ILE D 157 42.72 -16.07 42.27
CA ILE D 157 41.40 -16.34 41.71
C ILE D 157 40.83 -15.03 41.19
N ASP D 158 41.67 -14.00 41.18
CA ASP D 158 41.28 -12.73 40.62
C ASP D 158 41.88 -12.57 39.25
N GLU D 159 41.08 -11.95 38.37
CA GLU D 159 41.45 -11.73 37.00
C GLU D 159 42.62 -10.74 36.90
N TRP D 160 42.58 -9.71 37.75
CA TRP D 160 43.56 -8.59 37.78
C TRP D 160 44.36 -8.44 39.08
N TRP D 161 45.68 -8.28 38.93
CA TRP D 161 46.56 -8.02 40.07
C TRP D 161 46.74 -6.52 40.18
N ILE D 162 46.23 -5.96 41.28
CA ILE D 162 46.40 -4.55 41.60
C ILE D 162 47.82 -4.28 42.09
N ARG D 163 48.51 -3.39 41.39
CA ARG D 163 49.96 -3.17 41.51
C ARG D 163 50.24 -2.12 42.62
N GLY D 164 49.56 -2.22 43.76
CA GLY D 164 49.70 -1.25 44.83
C GLY D 164 48.54 -0.25 45.01
N LYS D 165 48.52 0.43 46.16
CA LYS D 165 47.48 1.40 46.54
C LYS D 165 47.35 2.57 45.58
N ALA D 166 46.18 3.22 45.67
CA ALA D 166 45.80 4.29 44.75
C ALA D 166 46.63 5.54 44.84
N SER D 167 46.93 6.10 43.68
CA SER D 167 47.58 7.38 43.55
C SER D 167 46.55 8.47 43.19
N THR D 168 46.75 9.69 43.67
CA THR D 168 45.84 10.79 43.44
C THR D 168 46.55 12.03 42.87
N HIS D 169 45.78 13.01 42.38
CA HIS D 169 46.30 14.28 41.81
C HIS D 169 45.18 15.31 41.74
N ILE D 170 45.18 16.24 42.69
CA ILE D 170 44.25 17.37 42.62
C ILE D 170 44.83 18.56 41.86
N SER D 171 44.06 19.06 40.92
CA SER D 171 44.52 20.12 40.06
C SER D 171 43.38 21.02 39.67
N ASP D 172 43.64 21.98 38.78
CA ASP D 172 42.62 22.93 38.35
C ASP D 172 42.52 22.84 36.85
N ILE D 173 41.30 22.93 36.34
CA ILE D 173 41.14 22.79 34.91
C ILE D 173 40.47 24.01 34.31
N ARG D 174 41.21 24.61 33.38
CA ARG D 174 40.75 25.78 32.68
C ARG D 174 39.99 25.32 31.45
N TYR D 175 38.73 25.70 31.45
CA TYR D 175 37.79 25.52 30.37
C TYR D 175 37.75 26.78 29.53
N ASP D 176 38.18 26.67 28.28
CA ASP D 176 38.28 27.82 27.41
C ASP D 176 36.88 28.37 27.16
N HIS D 177 36.04 27.53 26.55
CA HIS D 177 34.69 27.92 26.15
C HIS D 177 33.69 27.82 27.30
N LEU D 178 33.58 28.92 28.04
CA LEU D 178 32.58 29.10 29.06
C LEU D 178 31.71 30.30 28.68
N SER D 179 30.41 30.22 28.92
CA SER D 179 29.51 31.33 28.57
C SER D 179 29.28 32.26 29.75
N SER D 180 30.13 32.12 30.77
CA SER D 180 29.93 32.80 32.05
C SER D 180 30.58 34.19 32.05
N VAL D 181 31.45 34.46 33.02
CA VAL D 181 32.11 35.78 33.11
C VAL D 181 33.62 35.53 32.92
N GLN D 182 34.43 36.57 33.02
CA GLN D 182 35.82 36.44 32.56
C GLN D 182 36.96 36.38 33.60
N PRO D 183 36.98 37.27 34.60
CA PRO D 183 38.24 37.34 35.37
C PRO D 183 38.45 36.15 36.33
N ASN D 184 39.21 35.14 35.87
CA ASN D 184 39.55 33.96 36.68
C ASN D 184 38.34 33.11 37.09
N GLN D 185 37.23 33.22 36.36
CA GLN D 185 36.03 32.48 36.71
C GLN D 185 35.78 31.26 35.80
N ASN D 186 36.86 30.77 35.21
CA ASN D 186 36.80 29.70 34.22
C ASN D 186 37.58 28.43 34.56
N GLU D 187 38.00 28.29 35.81
CA GLU D 187 38.78 27.13 36.28
C GLU D 187 38.05 26.30 37.34
N PHE D 188 38.13 24.98 37.23
CA PHE D 188 37.41 24.07 38.16
C PHE D 188 38.32 23.11 38.91
N SER D 189 37.96 22.79 40.15
CA SER D 189 38.83 21.92 40.97
C SER D 189 38.54 20.44 40.74
N ARG D 190 39.54 19.68 40.26
CA ARG D 190 39.31 18.27 39.89
C ARG D 190 40.24 17.24 40.54
N ILE D 191 39.64 16.31 41.26
CA ILE D 191 40.32 15.14 41.78
C ILE D 191 40.53 14.10 40.70
N THR D 192 41.71 13.48 40.65
CA THR D 192 41.97 12.38 39.72
C THR D 192 42.60 11.17 40.42
N VAL D 193 41.83 10.10 40.60
CA VAL D 193 42.33 8.93 41.28
C VAL D 193 42.81 7.87 40.29
N ARG D 194 43.98 7.30 40.53
CA ARG D 194 44.55 6.30 39.65
C ARG D 194 44.86 5.03 40.43
N ILE D 195 44.51 3.89 39.84
CA ILE D 195 44.82 2.59 40.41
C ILE D 195 45.46 1.79 39.32
N ASP D 196 46.69 1.33 39.56
CA ASP D 196 47.42 0.54 38.55
C ASP D 196 47.16 -0.96 38.72
N ALA D 197 47.15 -1.69 37.61
CA ALA D 197 46.90 -3.13 37.69
C ALA D 197 47.41 -3.89 36.47
N VAL D 198 47.77 -5.15 36.66
CA VAL D 198 48.20 -5.98 35.54
C VAL D 198 47.36 -7.23 35.40
N ARG D 199 47.29 -7.74 34.18
CA ARG D 199 46.47 -8.91 33.94
C ARG D 199 47.21 -10.20 34.28
N ASN D 200 46.49 -11.10 34.94
CA ASN D 200 46.93 -12.45 35.32
C ASN D 200 46.97 -13.46 34.16
N PRO D 201 48.13 -13.63 33.52
CA PRO D 201 48.17 -14.30 32.21
C PRO D 201 48.03 -15.80 32.33
N SER D 202 47.72 -16.27 33.53
CA SER D 202 47.64 -17.71 33.79
C SER D 202 46.77 -18.40 32.77
N TYR D 203 45.46 -18.16 32.85
CA TYR D 203 44.49 -18.85 32.02
C TYR D 203 44.87 -18.80 30.54
N TYR D 204 45.37 -17.65 30.08
CA TYR D 204 45.61 -17.45 28.66
C TYR D 204 46.89 -18.13 28.18
N LEU D 205 47.81 -18.38 29.10
CA LEU D 205 49.05 -19.10 28.78
C LEU D 205 48.81 -20.60 28.56
N TRP D 206 48.15 -21.22 29.54
CA TRP D 206 47.89 -22.65 29.55
C TRP D 206 46.80 -23.09 28.60
N SER D 207 45.77 -22.26 28.44
CA SER D 207 44.63 -22.66 27.62
C SER D 207 44.60 -22.01 26.25
N PHE D 208 45.49 -21.07 25.99
CA PHE D 208 45.48 -20.47 24.67
C PHE D 208 46.86 -20.45 24.04
N ILE D 209 47.83 -19.85 24.72
CA ILE D 209 49.17 -19.77 24.17
C ILE D 209 49.80 -21.14 23.95
N LEU D 210 49.76 -21.99 24.98
CA LEU D 210 50.42 -23.30 24.89
C LEU D 210 49.81 -24.22 23.79
N PRO D 211 48.50 -24.55 23.87
CA PRO D 211 48.08 -25.44 22.79
C PRO D 211 48.18 -24.83 21.39
N LEU D 212 48.23 -23.51 21.27
CA LEU D 212 48.46 -22.96 19.93
C LEU D 212 49.86 -23.29 19.50
N GLY D 213 50.78 -23.28 20.48
CA GLY D 213 52.17 -23.64 20.24
C GLY D 213 52.35 -25.10 19.84
N LEU D 214 51.76 -26.01 20.61
CA LEU D 214 51.76 -27.44 20.30
C LEU D 214 51.28 -27.72 18.87
N ILE D 215 50.20 -27.05 18.49
CA ILE D 215 49.62 -27.18 17.15
C ILE D 215 50.48 -26.53 16.07
N ILE D 216 50.97 -25.34 16.33
CA ILE D 216 51.82 -24.69 15.37
C ILE D 216 53.10 -25.48 15.22
N ALA D 217 53.58 -26.08 16.31
CA ALA D 217 54.78 -26.96 16.30
C ALA D 217 54.60 -28.22 15.45
N ALA D 218 53.60 -29.03 15.82
CA ALA D 218 53.24 -30.27 15.13
C ALA D 218 52.85 -30.02 13.67
N SER D 219 52.61 -28.75 13.32
CA SER D 219 52.37 -28.37 11.94
C SER D 219 53.57 -28.70 11.11
N TRP D 220 54.72 -28.61 11.76
CA TRP D 220 56.01 -28.83 11.13
C TRP D 220 56.22 -30.32 10.85
N SER D 221 55.55 -31.18 11.61
CA SER D 221 55.76 -32.61 11.46
C SER D 221 55.19 -33.13 10.14
N VAL D 222 54.87 -32.20 9.26
CA VAL D 222 54.42 -32.55 7.93
C VAL D 222 55.60 -32.88 7.02
N PHE D 223 56.78 -32.31 7.30
CA PHE D 223 57.94 -32.53 6.44
C PHE D 223 58.51 -33.92 6.64
N TRP D 224 57.93 -34.65 7.57
CA TRP D 224 58.38 -36.00 7.87
C TRP D 224 57.48 -37.05 7.28
N LEU D 225 56.54 -36.64 6.43
CA LEU D 225 55.77 -37.57 5.61
C LEU D 225 56.53 -37.89 4.33
N GLU D 226 56.24 -39.04 3.73
CA GLU D 226 57.12 -39.56 2.69
C GLU D 226 56.79 -39.20 1.25
N SER D 227 55.58 -39.50 0.77
CA SER D 227 55.29 -39.12 -0.60
C SER D 227 54.86 -37.68 -0.59
N PHE D 228 54.87 -37.08 -1.77
CA PHE D 228 54.45 -35.70 -1.97
C PHE D 228 52.93 -35.63 -1.76
N SER D 229 52.22 -36.64 -2.27
CA SER D 229 50.79 -36.79 -2.02
C SER D 229 50.42 -36.75 -0.53
N GLU D 230 51.19 -37.46 0.29
CA GLU D 230 50.99 -37.45 1.75
C GLU D 230 51.23 -36.06 2.31
N ARG D 231 52.30 -35.44 1.83
CA ARG D 231 52.76 -34.18 2.39
C ARG D 231 51.80 -33.04 2.08
N LEU D 232 51.35 -32.95 0.83
CA LEU D 232 50.43 -31.89 0.41
C LEU D 232 49.01 -32.12 0.90
N GLN D 233 48.51 -33.34 0.80
CA GLN D 233 47.14 -33.54 1.23
C GLN D 233 46.94 -33.26 2.71
N THR D 234 47.96 -33.53 3.51
CA THR D 234 47.88 -33.29 4.95
C THR D 234 47.84 -31.83 5.38
N SER D 235 48.60 -30.96 4.73
CA SER D 235 48.62 -29.56 5.15
C SER D 235 47.23 -28.90 4.96
N PHE D 236 46.39 -29.46 4.10
CA PHE D 236 45.06 -28.87 3.95
C PHE D 236 44.26 -29.17 5.21
N THR D 237 44.57 -30.28 5.88
CA THR D 237 43.94 -30.59 7.16
C THR D 237 44.59 -29.77 8.28
N LEU D 238 45.89 -29.51 8.14
CA LEU D 238 46.56 -28.64 9.09
C LEU D 238 45.93 -27.26 8.97
N MET D 239 45.68 -26.86 7.72
CA MET D 239 45.02 -25.58 7.40
C MET D 239 43.67 -25.48 8.06
N LEU D 240 42.86 -26.53 7.95
CA LEU D 240 41.54 -26.56 8.57
C LEU D 240 41.69 -26.41 10.07
N THR D 241 42.75 -26.99 10.64
CA THR D 241 42.94 -26.93 12.08
C THR D 241 43.20 -25.52 12.61
N VAL D 242 43.96 -24.72 11.87
CA VAL D 242 44.25 -23.33 12.29
C VAL D 242 42.96 -22.51 12.29
N VAL D 243 42.18 -22.61 11.22
CA VAL D 243 40.88 -21.97 11.14
C VAL D 243 39.96 -22.41 12.27
N ALA D 244 39.96 -23.69 12.59
CA ALA D 244 39.17 -24.17 13.71
C ALA D 244 39.63 -23.50 15.00
N TYR D 245 40.93 -23.30 15.15
CA TYR D 245 41.48 -22.66 16.35
C TYR D 245 41.32 -21.15 16.42
N ALA D 246 41.31 -20.49 15.27
CA ALA D 246 41.02 -19.06 15.23
C ALA D 246 39.60 -18.78 15.74
N PHE D 247 38.70 -19.69 15.40
CA PHE D 247 37.29 -19.58 15.71
C PHE D 247 37.12 -19.75 17.21
N TYR D 248 37.79 -20.74 17.76
CA TYR D 248 37.77 -21.03 19.19
C TYR D 248 38.21 -19.83 20.02
N THR D 249 39.31 -19.20 19.63
CA THR D 249 39.83 -18.12 20.44
C THR D 249 38.93 -16.89 20.44
N SER D 250 38.69 -16.36 19.24
CA SER D 250 38.01 -15.07 19.09
C SER D 250 36.59 -15.09 19.64
N ASN D 251 35.99 -16.27 19.69
CA ASN D 251 34.67 -16.41 20.26
C ASN D 251 34.70 -16.35 21.77
N ILE D 252 35.85 -16.65 22.37
CA ILE D 252 35.95 -16.65 23.84
C ILE D 252 36.78 -15.47 24.39
N LEU D 253 37.87 -15.12 23.68
CA LEU D 253 38.75 -14.01 24.04
C LEU D 253 38.12 -12.64 23.82
N PRO D 254 38.62 -11.61 24.52
CA PRO D 254 38.00 -10.28 24.47
C PRO D 254 38.01 -9.66 23.11
N ARG D 255 36.89 -9.04 22.76
CA ARG D 255 36.68 -8.40 21.47
C ARG D 255 37.49 -7.12 21.39
N LEU D 256 38.20 -6.90 20.28
CA LEU D 256 39.05 -5.72 20.11
C LEU D 256 39.10 -5.20 18.66
N PRO D 257 39.58 -3.97 18.42
CA PRO D 257 39.75 -3.40 17.08
C PRO D 257 41.14 -3.62 16.50
N TYR D 258 41.95 -4.41 17.17
CA TYR D 258 43.29 -4.69 16.69
C TYR D 258 43.72 -6.12 16.94
N THR D 259 44.90 -6.43 16.41
CA THR D 259 45.52 -7.72 16.59
C THR D 259 46.21 -7.72 17.94
N THR D 260 46.11 -8.84 18.63
CA THR D 260 46.81 -9.05 19.88
C THR D 260 48.07 -9.88 19.64
N VAL D 261 48.69 -10.35 20.70
CA VAL D 261 49.74 -11.33 20.55
C VAL D 261 49.17 -12.60 19.98
N ILE D 262 48.16 -13.12 20.67
CA ILE D 262 47.58 -14.39 20.30
C ILE D 262 47.05 -14.34 18.87
N ASP D 263 46.48 -13.20 18.48
CA ASP D 263 45.99 -13.01 17.13
C ASP D 263 47.13 -13.25 16.14
N GLN D 264 48.29 -12.72 16.48
CA GLN D 264 49.43 -12.79 15.58
C GLN D 264 49.97 -14.21 15.47
N MET D 265 50.05 -14.89 16.61
CA MET D 265 50.45 -16.29 16.65
C MET D 265 49.65 -17.07 15.64
N ILE D 266 48.35 -16.81 15.63
CA ILE D 266 47.45 -17.45 14.69
C ILE D 266 47.74 -17.03 13.25
N ILE D 267 48.06 -15.76 13.03
CA ILE D 267 48.38 -15.34 11.68
C ILE D 267 49.67 -16.04 11.27
N ALA D 268 50.58 -16.19 12.22
CA ALA D 268 51.82 -16.91 11.96
C ALA D 268 51.59 -18.38 11.59
N GLY D 269 50.69 -19.04 12.29
CA GLY D 269 50.33 -20.40 11.98
C GLY D 269 49.73 -20.53 10.59
N TYR D 270 48.90 -19.58 10.19
CA TYR D 270 48.37 -19.54 8.84
C TYR D 270 49.51 -19.39 7.84
N GLY D 271 50.52 -18.62 8.23
CA GLY D 271 51.64 -18.38 7.34
C GLY D 271 52.48 -19.63 7.22
N SER D 272 52.83 -20.21 8.36
CA SER D 272 53.67 -21.41 8.37
C SER D 272 53.10 -22.52 7.49
N ILE D 273 51.79 -22.68 7.50
CA ILE D 273 51.16 -23.75 6.74
C ILE D 273 51.09 -23.38 5.26
N PHE D 274 50.85 -22.11 4.97
CA PHE D 274 50.89 -21.68 3.58
C PHE D 274 52.33 -21.70 3.09
N ALA D 275 53.26 -21.41 3.99
CA ALA D 275 54.67 -21.47 3.65
C ALA D 275 55.08 -22.89 3.28
N ALA D 276 54.70 -23.86 4.11
CA ALA D 276 55.01 -25.28 3.88
C ALA D 276 54.44 -25.81 2.55
N ILE D 277 53.20 -25.43 2.24
CA ILE D 277 52.58 -25.82 0.98
C ILE D 277 53.34 -25.22 -0.21
N LEU D 278 53.85 -24.01 -0.05
CA LEU D 278 54.60 -23.34 -1.12
C LEU D 278 55.90 -24.09 -1.35
N LEU D 279 56.47 -24.63 -0.28
CA LEU D 279 57.73 -25.38 -0.34
C LEU D 279 57.53 -26.81 -0.82
N ILE D 280 56.54 -27.50 -0.23
CA ILE D 280 56.23 -28.88 -0.58
C ILE D 280 56.00 -29.07 -2.07
N ILE D 281 55.39 -28.07 -2.68
CA ILE D 281 55.06 -28.16 -4.08
C ILE D 281 56.28 -27.79 -4.90
N PHE D 282 57.22 -27.09 -4.30
CA PHE D 282 58.40 -26.63 -5.02
C PHE D 282 59.45 -27.73 -5.10
N ALA D 283 59.70 -28.36 -3.95
CA ALA D 283 60.71 -29.44 -3.86
C ALA D 283 60.37 -30.62 -4.77
N HIS D 284 59.13 -30.68 -5.24
CA HIS D 284 58.69 -31.73 -6.14
C HIS D 284 58.98 -31.48 -7.63
N HIS D 285 59.23 -30.23 -8.04
CA HIS D 285 59.41 -29.91 -9.46
C HIS D 285 60.65 -29.07 -9.72
N ARG D 286 61.46 -28.87 -8.68
CA ARG D 286 62.65 -28.02 -8.76
C ARG D 286 63.62 -28.55 -9.82
N GLN D 287 63.95 -29.84 -9.73
CA GLN D 287 64.92 -30.50 -10.60
C GLN D 287 64.35 -31.27 -11.81
N ALA D 288 65.21 -31.51 -12.80
CA ALA D 288 64.89 -32.40 -13.92
C ALA D 288 64.83 -33.84 -13.40
N ASN D 289 64.48 -34.76 -14.28
CA ASN D 289 64.22 -36.20 -13.98
C ASN D 289 62.88 -36.37 -13.25
N GLY D 290 62.35 -35.27 -12.72
CA GLY D 290 61.17 -35.29 -11.88
C GLY D 290 61.52 -35.83 -10.50
N VAL D 291 62.81 -35.98 -10.24
CA VAL D 291 63.34 -36.57 -8.99
C VAL D 291 63.05 -35.67 -7.78
N GLU D 292 62.49 -36.27 -6.74
CA GLU D 292 62.14 -35.55 -5.50
C GLU D 292 63.35 -34.94 -4.81
N ASP D 293 63.43 -33.61 -4.83
CA ASP D 293 64.53 -32.90 -4.15
C ASP D 293 64.46 -33.01 -2.64
N ASP D 294 64.82 -34.17 -2.10
CA ASP D 294 64.83 -34.38 -0.66
C ASP D 294 66.01 -33.71 0.02
N LEU D 295 66.77 -32.93 -0.75
CA LEU D 295 67.78 -32.07 -0.16
C LEU D 295 67.08 -30.89 0.48
N LEU D 296 66.08 -30.36 -0.21
CA LEU D 296 65.30 -29.20 0.24
C LEU D 296 64.36 -29.58 1.39
N ILE D 297 63.56 -30.62 1.18
CA ILE D 297 62.82 -31.27 2.26
C ILE D 297 63.86 -31.80 3.24
N GLN D 298 63.42 -32.17 4.44
CA GLN D 298 64.32 -32.70 5.46
C GLN D 298 65.20 -31.61 6.07
N ARG D 299 65.80 -30.78 5.21
CA ARG D 299 66.48 -29.59 5.70
C ARG D 299 65.43 -28.66 6.27
N CYS D 300 64.22 -28.79 5.74
CA CYS D 300 63.07 -28.03 6.24
C CYS D 300 62.60 -28.53 7.60
N ARG D 301 63.03 -29.72 7.98
CA ARG D 301 62.71 -30.29 9.29
C ARG D 301 63.38 -29.49 10.41
N LEU D 302 64.30 -28.62 10.02
CA LEU D 302 64.88 -27.66 10.94
C LEU D 302 64.90 -26.27 10.37
N ALA D 303 64.38 -26.11 9.16
CA ALA D 303 64.24 -24.77 8.63
C ALA D 303 63.07 -24.12 9.31
N PHE D 304 61.92 -24.78 9.24
CA PHE D 304 60.74 -24.21 9.84
C PHE D 304 60.82 -24.19 11.36
N PRO D 305 61.18 -25.33 11.99
CA PRO D 305 61.20 -25.25 13.45
C PRO D 305 62.14 -24.18 13.98
N LEU D 306 63.07 -23.71 13.16
CA LEU D 306 63.93 -22.58 13.54
C LEU D 306 63.51 -21.32 12.84
N GLY D 307 63.13 -21.42 11.58
CA GLY D 307 62.77 -20.23 10.83
C GLY D 307 61.65 -19.50 11.51
N PHE D 308 60.56 -20.21 11.81
CA PHE D 308 59.48 -19.63 12.57
C PHE D 308 60.03 -19.22 13.95
N LEU D 309 60.80 -20.13 14.57
CA LEU D 309 61.32 -19.84 15.90
C LEU D 309 62.45 -18.80 15.87
N ALA D 310 62.92 -18.42 14.68
CA ALA D 310 63.92 -17.36 14.57
C ALA D 310 63.28 -16.03 14.12
N ILE D 311 62.51 -16.09 13.04
CA ILE D 311 61.84 -14.90 12.54
C ILE D 311 60.64 -14.58 13.45
N GLY D 312 60.30 -15.51 14.34
CA GLY D 312 59.22 -15.25 15.26
C GLY D 312 59.63 -14.79 16.63
N CYS D 313 60.91 -14.86 16.98
CA CYS D 313 61.36 -14.29 18.25
C CYS D 313 61.92 -12.88 18.03
N VAL D 314 61.72 -12.35 16.82
CA VAL D 314 62.12 -10.98 16.49
C VAL D 314 60.87 -10.19 16.12
N LEU D 315 59.83 -10.43 16.91
CA LEU D 315 58.60 -9.66 16.91
C LEU D 315 58.74 -8.65 18.04
N VAL D 316 59.79 -7.83 17.97
CA VAL D 316 60.08 -6.82 19.00
C VAL D 316 59.21 -5.55 18.84
N ILE D 317 58.08 -5.71 18.12
CA ILE D 317 57.01 -4.71 18.01
C ILE D 317 56.35 -4.51 19.38
N ARG D 318 56.58 -3.35 20.02
CA ARG D 318 56.11 -3.13 21.39
C ARG D 318 55.47 -1.77 21.55
N ARG E 10 20.69 2.87 75.85
CA ARG E 10 20.40 3.87 74.80
C ARG E 10 20.10 3.31 73.41
N PRO E 11 20.95 2.41 72.87
CA PRO E 11 20.73 2.05 71.47
C PRO E 11 19.46 1.23 71.23
N VAL E 12 18.83 1.47 70.09
CA VAL E 12 17.61 0.76 69.76
C VAL E 12 17.97 -0.66 69.30
N ASP E 13 17.30 -1.62 69.91
CA ASP E 13 17.47 -3.01 69.55
C ASP E 13 16.54 -3.24 68.38
N VAL E 14 17.07 -3.75 67.27
CA VAL E 14 16.21 -4.10 66.14
C VAL E 14 16.33 -5.60 65.85
N SER E 15 15.19 -6.24 65.73
CA SER E 15 15.11 -7.66 65.48
C SER E 15 14.86 -7.92 64.00
N VAL E 16 15.77 -8.63 63.35
CA VAL E 16 15.68 -8.87 61.91
C VAL E 16 15.34 -10.30 61.56
N SER E 17 14.46 -10.46 60.58
CA SER E 17 14.14 -11.76 60.02
C SER E 17 14.31 -11.67 58.52
N ILE E 18 15.05 -12.61 57.95
CA ILE E 18 15.25 -12.65 56.51
C ILE E 18 14.73 -13.93 55.89
N PHE E 19 13.75 -13.76 54.99
CA PHE E 19 13.15 -14.87 54.27
C PHE E 19 13.71 -14.94 52.87
N ILE E 20 14.28 -16.09 52.52
CA ILE E 20 14.90 -16.30 51.21
C ILE E 20 14.02 -17.18 50.30
N ASN E 21 13.68 -16.65 49.13
CA ASN E 21 12.80 -17.35 48.18
C ASN E 21 13.46 -18.13 47.06
N LYS E 22 14.53 -17.56 46.51
CA LYS E 22 15.19 -18.08 45.32
C LYS E 22 16.62 -17.55 45.34
N ILE E 23 17.58 -18.43 45.17
CA ILE E 23 18.92 -17.96 44.98
C ILE E 23 19.21 -18.45 43.58
N TYR E 24 19.31 -17.52 42.63
CA TYR E 24 19.46 -17.93 41.26
C TYR E 24 20.45 -17.04 40.51
N GLY E 25 20.74 -17.39 39.27
CA GLY E 25 21.54 -16.57 38.38
C GLY E 25 22.96 -16.25 38.82
N VAL E 26 23.72 -17.27 39.23
CA VAL E 26 25.11 -17.04 39.57
C VAL E 26 25.91 -16.58 38.36
N ASN E 27 26.65 -15.50 38.53
CA ASN E 27 27.56 -15.03 37.50
C ASN E 27 28.96 -15.39 37.87
N THR E 28 29.55 -16.30 37.12
CA THR E 28 30.87 -16.76 37.43
C THR E 28 31.94 -15.69 37.25
N LEU E 29 31.87 -14.90 36.19
CA LEU E 29 32.96 -13.97 35.98
C LEU E 29 32.94 -12.83 37.03
N GLU E 30 31.76 -12.28 37.30
CA GLU E 30 31.61 -11.19 38.26
C GLU E 30 31.60 -11.66 39.70
N GLN E 31 31.45 -12.96 39.89
CA GLN E 31 31.34 -13.56 41.22
C GLN E 31 30.18 -12.96 41.97
N THR E 32 29.00 -13.03 41.37
CA THR E 32 27.78 -12.45 41.94
C THR E 32 26.69 -13.48 41.85
N TYR E 33 25.57 -13.23 42.51
CA TYR E 33 24.40 -14.11 42.43
C TYR E 33 23.16 -13.36 42.86
N LYS E 34 21.99 -13.80 42.43
CA LYS E 34 20.76 -13.08 42.74
C LYS E 34 19.99 -13.73 43.87
N VAL E 35 19.39 -12.92 44.72
CA VAL E 35 18.60 -13.46 45.82
C VAL E 35 17.29 -12.72 45.88
N ASP E 36 16.20 -13.47 45.82
CA ASP E 36 14.88 -12.90 46.02
C ASP E 36 14.36 -13.33 47.37
N GLY E 37 13.81 -12.37 48.11
CA GLY E 37 13.26 -12.63 49.41
C GLY E 37 12.59 -11.45 50.07
N TYR E 38 12.27 -11.63 51.36
CA TYR E 38 11.67 -10.59 52.18
C TYR E 38 12.57 -10.24 53.34
N ILE E 39 12.47 -9.02 53.86
CA ILE E 39 13.18 -8.64 55.08
C ILE E 39 12.25 -8.04 56.13
N VAL E 40 12.46 -8.42 57.38
CA VAL E 40 11.67 -7.93 58.49
C VAL E 40 12.57 -7.32 59.55
N ALA E 41 12.22 -6.12 60.02
CA ALA E 41 12.95 -5.45 61.09
C ALA E 41 11.93 -4.98 62.10
N GLN E 42 12.16 -5.29 63.36
CA GLN E 42 11.22 -4.86 64.40
C GLN E 42 12.01 -4.11 65.46
N TRP E 43 11.50 -2.95 65.87
CA TRP E 43 12.11 -2.25 66.99
C TRP E 43 11.01 -1.51 67.73
N THR E 44 11.32 -0.97 68.91
CA THR E 44 10.30 -0.27 69.69
C THR E 44 10.68 1.19 69.94
N GLY E 45 9.70 2.08 69.77
CA GLY E 45 9.89 3.50 69.95
C GLY E 45 8.80 4.15 70.79
N LYS E 46 8.70 5.48 70.73
CA LYS E 46 7.69 6.24 71.48
C LYS E 46 6.31 5.84 71.01
N PRO E 47 5.48 5.31 71.92
CA PRO E 47 4.08 4.84 71.70
C PRO E 47 3.16 5.87 71.05
N ARG E 48 2.05 5.43 70.46
CA ARG E 48 1.35 6.24 69.48
C ARG E 48 -0.18 6.17 69.51
N LYS E 49 -0.81 7.22 69.00
CA LYS E 49 -2.24 7.24 68.79
C LYS E 49 -2.58 6.50 67.51
N THR E 50 -3.34 5.41 67.63
CA THR E 50 -3.78 4.65 66.47
C THR E 50 -5.30 4.65 66.35
N PRO E 51 -5.83 4.62 65.11
CA PRO E 51 -7.28 4.48 64.94
C PRO E 51 -7.73 3.09 65.39
N GLY E 52 -8.53 3.02 66.46
CA GLY E 52 -8.78 1.77 67.14
C GLY E 52 -7.54 1.41 67.95
N ASP E 53 -7.67 0.52 68.93
CA ASP E 53 -6.49 0.10 69.67
C ASP E 53 -5.77 -0.98 68.87
N LYS E 54 -6.03 -0.96 67.56
CA LYS E 54 -5.45 -1.92 66.64
C LYS E 54 -4.29 -1.26 65.90
N PRO E 55 -3.28 -2.06 65.54
CA PRO E 55 -2.10 -1.53 64.88
C PRO E 55 -2.45 -0.91 63.53
N LEU E 56 -1.61 0.01 63.07
CA LEU E 56 -1.91 0.72 61.83
C LEU E 56 -1.06 0.10 60.73
N ILE E 57 -1.64 -0.09 59.55
CA ILE E 57 -0.91 -0.69 58.44
C ILE E 57 -0.67 0.39 57.40
N VAL E 58 0.59 0.66 57.05
CA VAL E 58 0.86 1.68 56.06
C VAL E 58 1.77 1.13 54.95
N GLU E 59 1.26 1.19 53.72
CA GLU E 59 1.88 0.58 52.54
C GLU E 59 2.53 1.57 51.56
N ASN E 60 3.71 1.18 51.06
CA ASN E 60 4.35 1.81 49.92
C ASN E 60 4.44 3.33 49.98
N THR E 61 3.74 4.00 49.07
CA THR E 61 3.89 5.44 48.95
C THR E 61 3.50 6.19 50.22
N GLN E 62 2.78 5.53 51.12
CA GLN E 62 2.36 6.21 52.33
C GLN E 62 3.45 6.24 53.39
N ILE E 63 4.38 5.29 53.33
CA ILE E 63 5.46 5.24 54.32
C ILE E 63 6.33 6.48 54.24
N GLU E 64 6.58 6.91 53.00
CA GLU E 64 7.35 8.11 52.77
C GLU E 64 6.71 9.30 53.47
N ARG E 65 5.39 9.34 53.51
CA ARG E 65 4.73 10.46 54.13
C ARG E 65 5.06 10.52 55.63
N TRP E 66 5.00 9.37 56.31
CA TRP E 66 5.20 9.32 57.76
C TRP E 66 6.61 9.74 58.16
N ILE E 67 7.56 9.57 57.27
CA ILE E 67 8.92 9.96 57.56
C ILE E 67 8.99 11.48 57.69
N ASN E 68 8.24 12.18 56.82
CA ASN E 68 8.18 13.64 56.83
C ASN E 68 7.50 14.23 58.06
N ASN E 69 6.56 13.48 58.66
CA ASN E 69 5.96 13.92 59.93
C ASN E 69 6.90 13.54 61.08
N GLY E 70 8.05 12.98 60.71
CA GLY E 70 9.16 12.75 61.62
C GLY E 70 9.28 11.34 62.17
N LEU E 71 8.75 10.36 61.46
CA LEU E 71 8.85 8.97 61.91
C LEU E 71 10.25 8.44 61.64
N TRP E 72 10.84 7.77 62.62
CA TRP E 72 12.20 7.25 62.44
C TRP E 72 12.21 5.84 61.87
N VAL E 73 12.58 5.74 60.60
CA VAL E 73 12.77 4.45 59.94
C VAL E 73 14.17 4.43 59.40
N PRO E 74 15.06 3.72 60.10
CA PRO E 74 16.50 3.71 59.82
C PRO E 74 16.79 2.91 58.58
N ALA E 75 17.65 3.42 57.68
CA ALA E 75 18.02 2.67 56.47
C ALA E 75 19.00 1.53 56.75
N LEU E 76 18.61 0.29 56.45
CA LEU E 76 19.47 -0.88 56.65
C LEU E 76 20.08 -1.30 55.30
N GLU E 77 21.40 -1.27 55.17
CA GLU E 77 22.05 -1.48 53.88
C GLU E 77 22.58 -2.90 53.70
N PHE E 78 22.32 -3.50 52.55
CA PHE E 78 22.97 -4.75 52.18
C PHE E 78 24.38 -4.42 51.73
N ILE E 79 25.35 -4.85 52.52
CA ILE E 79 26.74 -4.51 52.30
C ILE E 79 27.23 -5.02 50.97
N ASN E 80 26.87 -6.26 50.67
CA ASN E 80 27.45 -6.95 49.53
C ASN E 80 26.51 -7.02 48.35
N VAL E 81 25.48 -6.18 48.32
CA VAL E 81 24.68 -6.08 47.12
C VAL E 81 25.44 -5.25 46.08
N VAL E 82 25.21 -5.51 44.81
CA VAL E 82 25.91 -4.73 43.79
C VAL E 82 24.85 -3.91 43.06
N GLY E 83 24.68 -2.66 43.49
CA GLY E 83 23.62 -1.83 42.93
C GLY E 83 22.30 -1.89 43.67
N SER E 84 21.50 -0.84 43.51
CA SER E 84 20.26 -0.70 44.26
C SER E 84 19.35 -1.88 44.04
N PRO E 85 19.00 -2.59 45.12
CA PRO E 85 18.14 -3.76 44.92
C PRO E 85 16.76 -3.35 44.48
N ASP E 86 16.09 -4.27 43.81
CA ASP E 86 14.77 -4.01 43.28
C ASP E 86 13.79 -4.24 44.42
N THR E 87 13.28 -3.15 44.97
CA THR E 87 12.37 -3.28 46.08
C THR E 87 10.92 -3.34 45.62
N GLY E 88 10.26 -4.41 46.02
CA GLY E 88 8.85 -4.62 45.72
C GLY E 88 7.95 -3.83 46.63
N ASN E 89 7.12 -4.51 47.40
CA ASN E 89 6.24 -3.81 48.32
C ASN E 89 6.87 -3.48 49.65
N LYS E 90 6.57 -2.28 50.13
CA LYS E 90 7.03 -1.82 51.43
C LYS E 90 5.85 -1.80 52.36
N ARG E 91 6.10 -2.00 53.64
CA ARG E 91 5.04 -1.95 54.61
C ARG E 91 5.56 -1.55 56.00
N LEU E 92 4.87 -0.61 56.63
CA LEU E 92 5.13 -0.32 58.03
C LEU E 92 3.97 -0.85 58.85
N MET E 93 4.26 -1.56 59.93
CA MET E 93 3.22 -1.89 60.91
C MET E 93 3.52 -1.13 62.21
N LEU E 94 2.69 -0.12 62.49
CA LEU E 94 2.85 0.77 63.64
C LEU E 94 1.93 0.36 64.77
N PHE E 95 2.54 -0.06 65.89
CA PHE E 95 1.80 -0.49 67.08
C PHE E 95 1.57 0.67 68.05
N PRO E 96 0.43 0.62 68.79
CA PRO E 96 0.06 1.68 69.74
C PRO E 96 0.96 1.70 70.95
N ASP E 97 1.47 0.50 71.24
CA ASP E 97 2.40 0.26 72.34
C ASP E 97 3.85 0.57 71.97
N GLY E 98 4.03 1.33 70.89
CA GLY E 98 5.34 1.82 70.50
C GLY E 98 6.06 1.11 69.36
N ARG E 99 5.97 -0.23 69.32
CA ARG E 99 6.82 -1.02 68.42
C ARG E 99 6.49 -0.87 66.93
N VAL E 100 7.53 -1.04 66.11
CA VAL E 100 7.46 -0.75 64.69
C VAL E 100 8.04 -1.90 63.88
N ILE E 101 7.28 -2.35 62.88
CA ILE E 101 7.70 -3.44 62.00
C ILE E 101 7.81 -3.01 60.54
N TYR E 102 9.01 -3.13 59.99
CA TYR E 102 9.25 -2.82 58.59
C TYR E 102 9.26 -4.10 57.79
N ASN E 103 8.46 -4.15 56.74
CA ASN E 103 8.45 -5.32 55.90
C ASN E 103 8.61 -4.95 54.43
N ALA E 104 9.59 -5.52 53.76
CA ALA E 104 9.80 -5.21 52.36
C ALA E 104 10.32 -6.41 51.59
N ARG E 105 9.87 -6.55 50.36
CA ARG E 105 10.39 -7.59 49.49
C ARG E 105 11.49 -7.03 48.64
N PHE E 106 12.50 -7.85 48.39
CA PHE E 106 13.65 -7.44 47.62
C PHE E 106 14.09 -8.49 46.68
N LEU E 107 14.68 -8.04 45.58
CA LEU E 107 15.44 -8.90 44.71
C LEU E 107 16.74 -8.19 44.42
N GLY E 108 17.86 -8.86 44.68
CA GLY E 108 19.09 -8.14 44.55
C GLY E 108 20.25 -8.97 44.09
N SER E 109 21.21 -8.30 43.49
CA SER E 109 22.40 -8.97 43.05
C SER E 109 23.55 -8.78 44.06
N PHE E 110 24.01 -9.90 44.60
CA PHE E 110 24.94 -9.88 45.69
C PHE E 110 26.28 -10.41 45.26
N SER E 111 27.32 -9.94 45.95
CA SER E 111 28.68 -10.33 45.64
C SER E 111 29.26 -11.08 46.84
N ASN E 112 30.09 -12.07 46.53
CA ASN E 112 30.90 -12.74 47.52
C ASN E 112 32.06 -13.37 46.79
N ASP E 113 33.15 -13.61 47.50
CA ASP E 113 34.29 -14.29 46.91
C ASP E 113 33.87 -15.68 46.47
N MET E 114 34.21 -16.02 45.24
CA MET E 114 33.81 -17.32 44.71
C MET E 114 34.98 -17.96 44.00
N ASP E 115 35.39 -19.10 44.52
CA ASP E 115 36.48 -19.89 43.97
C ASP E 115 35.88 -20.97 43.10
N PHE E 116 36.12 -20.92 41.80
CA PHE E 116 35.49 -21.87 40.90
C PHE E 116 36.49 -22.88 40.36
N ARG E 117 37.58 -23.11 41.07
CA ARG E 117 38.64 -23.92 40.49
C ARG E 117 38.29 -25.42 40.38
N LEU E 118 37.49 -25.92 41.31
CA LEU E 118 37.16 -27.33 41.30
C LEU E 118 35.95 -27.66 40.44
N PHE E 119 35.57 -26.72 39.59
CA PHE E 119 34.40 -26.91 38.73
C PHE E 119 34.56 -28.16 37.89
N PRO E 120 33.50 -28.96 37.81
CA PRO E 120 32.17 -28.77 38.40
C PRO E 120 31.98 -29.39 39.79
N PHE E 121 33.04 -29.55 40.56
CA PHE E 121 32.90 -30.24 41.84
C PHE E 121 33.18 -29.29 43.00
N ASP E 122 32.83 -28.02 42.82
CA ASP E 122 33.07 -26.97 43.81
C ASP E 122 31.89 -26.75 44.76
N ARG E 123 32.21 -26.22 45.94
CA ARG E 123 31.17 -25.78 46.86
C ARG E 123 31.32 -24.27 47.01
N GLN E 124 30.19 -23.56 47.04
CA GLN E 124 30.20 -22.13 47.18
C GLN E 124 29.33 -21.76 48.36
N GLN E 125 29.55 -20.59 48.94
CA GLN E 125 28.59 -20.14 49.94
C GLN E 125 27.95 -18.80 49.56
N PHE E 126 26.62 -18.81 49.49
CA PHE E 126 25.86 -17.61 49.19
C PHE E 126 25.69 -16.78 50.45
N VAL E 127 26.14 -15.53 50.40
CA VAL E 127 26.20 -14.68 51.59
C VAL E 127 25.38 -13.39 51.54
N LEU E 128 24.71 -13.07 52.63
CA LEU E 128 24.08 -11.77 52.80
C LEU E 128 24.77 -11.00 53.90
N GLU E 129 25.13 -9.74 53.64
CA GLU E 129 25.69 -8.89 54.70
C GLU E 129 24.91 -7.59 54.88
N LEU E 130 24.29 -7.47 56.06
CA LEU E 130 23.34 -6.41 56.36
C LEU E 130 23.80 -5.55 57.53
N GLU E 131 23.74 -4.25 57.36
CA GLU E 131 24.31 -3.29 58.31
C GLU E 131 23.58 -1.97 58.12
N PRO E 132 23.25 -1.27 59.22
CA PRO E 132 22.53 0.00 59.06
C PRO E 132 23.44 1.08 58.45
N PHE E 133 22.85 2.02 57.72
CA PHE E 133 23.61 2.90 56.87
C PHE E 133 24.22 4.10 57.58
N SER E 134 23.57 4.60 58.63
CA SER E 134 23.99 5.87 59.22
C SER E 134 24.33 5.76 60.70
N TYR E 135 23.73 4.77 61.35
CA TYR E 135 23.74 4.68 62.78
C TYR E 135 24.67 3.61 63.32
N ASN E 136 25.57 3.99 64.22
CA ASN E 136 26.44 2.99 64.82
C ASN E 136 25.71 2.21 65.92
N ASN E 137 26.42 1.29 66.55
CA ASN E 137 25.84 0.40 67.57
C ASN E 137 25.54 1.05 68.91
N GLN E 138 25.95 2.29 69.10
CA GLN E 138 25.56 3.01 70.31
C GLN E 138 24.14 3.52 70.13
N GLN E 139 23.74 3.62 68.86
CA GLN E 139 22.44 4.15 68.44
C GLN E 139 21.48 3.06 67.96
N LEU E 140 22.00 2.17 67.12
CA LEU E 140 21.20 1.11 66.55
C LEU E 140 22.01 -0.19 66.49
N ARG E 141 21.49 -1.21 67.14
CA ARG E 141 22.17 -2.50 67.18
C ARG E 141 21.17 -3.61 66.94
N PHE E 142 21.66 -4.68 66.34
CA PHE E 142 20.82 -5.82 65.98
C PHE E 142 20.63 -6.82 67.13
N SER E 143 19.39 -7.00 67.57
CA SER E 143 19.15 -7.82 68.75
C SER E 143 19.33 -9.29 68.45
N ASP E 144 18.65 -9.77 67.42
CA ASP E 144 18.79 -11.15 67.00
C ASP E 144 18.47 -11.27 65.52
N ILE E 145 18.93 -12.35 64.89
CA ILE E 145 18.66 -12.55 63.47
C ILE E 145 18.16 -13.95 63.16
N GLN E 146 17.01 -14.02 62.50
CA GLN E 146 16.43 -15.27 62.03
C GLN E 146 16.47 -15.40 60.52
N VAL E 147 16.94 -16.53 60.01
CA VAL E 147 16.89 -16.75 58.56
C VAL E 147 16.05 -17.96 58.22
N TYR E 148 15.06 -17.76 57.36
CA TYR E 148 14.19 -18.85 56.98
C TYR E 148 14.38 -19.24 55.53
N THR E 149 14.57 -20.53 55.32
CA THR E 149 14.75 -21.10 53.99
C THR E 149 13.76 -22.23 53.75
N GLU E 150 13.32 -22.29 52.50
CA GLU E 150 12.46 -23.35 52.00
C GLU E 150 13.14 -24.70 52.01
N ASN E 151 12.32 -25.75 51.97
CA ASN E 151 12.81 -27.11 51.85
C ASN E 151 12.89 -27.52 50.39
N ILE E 152 14.11 -27.61 49.85
CA ILE E 152 14.23 -28.05 48.47
C ILE E 152 14.00 -29.55 48.50
N ASP E 153 12.92 -29.96 47.85
CA ASP E 153 12.44 -31.34 47.87
C ASP E 153 12.83 -32.05 46.59
N ASN E 154 12.65 -31.35 45.49
CA ASN E 154 13.08 -31.83 44.20
C ASN E 154 14.49 -31.30 43.93
N GLU E 155 15.42 -31.56 44.84
CA GLU E 155 16.74 -30.94 44.74
C GLU E 155 17.55 -31.50 43.57
N GLU E 156 17.11 -32.64 43.01
CA GLU E 156 17.79 -33.25 41.87
C GLU E 156 17.48 -32.46 40.60
N ILE E 157 16.46 -31.61 40.64
CA ILE E 157 16.18 -30.71 39.53
C ILE E 157 16.63 -29.27 39.84
N ASP E 158 17.32 -29.08 40.97
CA ASP E 158 17.90 -27.78 41.28
C ASP E 158 19.38 -27.83 40.87
N GLU E 159 19.89 -26.71 40.36
CA GLU E 159 21.27 -26.60 39.89
C GLU E 159 22.24 -26.68 41.05
N TRP E 160 21.84 -26.10 42.18
CA TRP E 160 22.65 -26.06 43.39
C TRP E 160 21.92 -26.79 44.51
N TRP E 161 22.63 -27.66 45.22
CA TRP E 161 22.05 -28.36 46.37
C TRP E 161 22.37 -27.62 47.63
N ILE E 162 21.33 -27.07 48.25
CA ILE E 162 21.54 -26.34 49.50
C ILE E 162 21.82 -27.35 50.60
N ARG E 163 22.99 -27.20 51.20
CA ARG E 163 23.53 -28.27 52.02
C ARG E 163 23.59 -27.92 53.50
N GLY E 164 22.46 -28.09 54.16
CA GLY E 164 22.36 -27.83 55.59
C GLY E 164 21.66 -26.52 55.68
N LYS E 165 21.04 -26.24 56.83
CA LYS E 165 20.30 -25.00 56.96
C LYS E 165 21.23 -23.80 57.08
N ALA E 166 20.69 -22.61 56.82
CA ALA E 166 21.47 -21.37 56.74
C ALA E 166 22.12 -20.96 58.05
N SER E 167 23.30 -20.34 57.96
CA SER E 167 24.02 -19.83 59.14
C SER E 167 23.90 -18.34 59.41
N THR E 168 23.84 -17.95 60.68
CA THR E 168 23.63 -16.53 61.02
C THR E 168 24.72 -16.03 61.96
N HIS E 169 24.92 -14.71 62.02
CA HIS E 169 25.99 -14.16 62.87
C HIS E 169 25.96 -12.62 63.02
N ILE E 170 25.55 -12.13 64.18
CA ILE E 170 25.63 -10.71 64.45
C ILE E 170 26.99 -10.34 64.96
N SER E 171 27.53 -9.25 64.46
CA SER E 171 28.88 -8.85 64.81
C SER E 171 29.06 -7.33 64.87
N ASP E 172 30.28 -6.84 65.08
CA ASP E 172 30.52 -5.39 65.12
C ASP E 172 31.70 -5.04 64.25
N ILE E 173 31.61 -3.93 63.52
CA ILE E 173 32.67 -3.62 62.55
C ILE E 173 33.33 -2.30 62.86
N ARG E 174 34.64 -2.30 63.05
CA ARG E 174 35.31 -1.06 63.30
C ARG E 174 35.71 -0.39 62.00
N TYR E 175 35.20 0.80 61.79
CA TYR E 175 35.68 1.54 60.66
C TYR E 175 36.74 2.51 61.14
N ASP E 176 37.98 2.22 60.78
CA ASP E 176 39.11 3.02 61.21
C ASP E 176 39.04 4.41 60.59
N HIS E 177 39.01 4.43 59.26
CA HIS E 177 39.05 5.68 58.52
C HIS E 177 37.68 6.34 58.53
N LEU E 178 37.42 7.15 59.56
CA LEU E 178 36.18 7.91 59.65
C LEU E 178 36.44 9.43 59.64
N SER E 179 35.54 10.18 58.98
CA SER E 179 35.63 11.64 58.92
C SER E 179 34.77 12.30 60.00
N SER E 180 34.26 11.48 60.90
CA SER E 180 33.30 11.90 61.93
C SER E 180 34.04 12.31 63.17
N VAL E 181 33.78 11.62 64.27
CA VAL E 181 34.43 11.91 65.54
C VAL E 181 35.53 10.90 65.84
N GLN E 182 35.39 10.21 66.98
CA GLN E 182 36.37 9.19 67.38
C GLN E 182 35.80 8.27 68.44
N PRO E 183 35.26 8.86 69.51
CA PRO E 183 34.68 8.08 70.61
C PRO E 183 33.85 6.91 70.09
N ASN E 184 34.32 5.69 70.33
CA ASN E 184 33.62 4.50 69.89
C ASN E 184 32.38 4.83 69.04
N GLN E 185 32.60 5.56 67.97
CA GLN E 185 31.52 5.95 67.09
C GLN E 185 31.84 5.36 65.72
N ASN E 186 32.67 4.32 65.75
CA ASN E 186 33.19 3.72 64.54
C ASN E 186 32.82 2.25 64.44
N GLU E 187 31.92 1.82 65.30
CA GLU E 187 31.51 0.44 65.27
C GLU E 187 30.04 0.29 64.92
N PHE E 188 29.75 -0.64 64.00
CA PHE E 188 28.41 -0.88 63.50
C PHE E 188 27.92 -2.30 63.68
N SER E 189 26.62 -2.46 63.88
CA SER E 189 26.04 -3.76 64.11
C SER E 189 25.77 -4.42 62.76
N ARG E 190 26.36 -5.59 62.51
CA ARG E 190 26.21 -6.24 61.19
C ARG E 190 25.79 -7.70 61.22
N ILE E 191 24.61 -7.98 60.66
CA ILE E 191 24.12 -9.34 60.41
C ILE E 191 24.80 -9.92 59.17
N THR E 192 25.24 -11.17 59.25
CA THR E 192 25.88 -11.83 58.12
C THR E 192 25.24 -13.19 57.93
N VAL E 193 24.52 -13.36 56.83
CA VAL E 193 23.88 -14.63 56.57
C VAL E 193 24.71 -15.47 55.63
N ARG E 194 24.84 -16.75 55.97
CA ARG E 194 25.55 -17.73 55.15
C ARG E 194 24.73 -18.95 54.79
N ILE E 195 24.80 -19.29 53.52
CA ILE E 195 24.18 -20.46 52.97
C ILE E 195 25.20 -21.25 52.17
N ASP E 196 25.49 -22.49 52.55
CA ASP E 196 26.43 -23.32 51.76
C ASP E 196 25.67 -24.13 50.73
N ALA E 197 26.31 -24.34 49.59
CA ALA E 197 25.68 -25.08 48.52
C ALA E 197 26.75 -25.73 47.66
N VAL E 198 26.40 -26.87 47.07
CA VAL E 198 27.31 -27.60 46.22
C VAL E 198 26.72 -27.74 44.85
N ARG E 199 27.60 -27.88 43.85
CA ARG E 199 27.13 -27.88 42.48
C ARG E 199 26.63 -29.27 42.08
N ASN E 200 25.52 -29.29 41.34
CA ASN E 200 24.95 -30.50 40.76
C ASN E 200 25.81 -30.94 39.58
N PRO E 201 26.72 -31.90 39.83
CA PRO E 201 27.81 -32.20 38.89
C PRO E 201 27.33 -33.13 37.78
N SER E 202 26.03 -33.39 37.77
CA SER E 202 25.45 -34.30 36.79
C SER E 202 25.77 -33.93 35.35
N TYR E 203 25.25 -32.80 34.89
CA TYR E 203 25.25 -32.43 33.47
C TYR E 203 26.66 -32.45 32.94
N TYR E 204 27.61 -32.04 33.76
CA TYR E 204 28.99 -31.91 33.33
C TYR E 204 29.73 -33.24 33.26
N LEU E 205 29.31 -34.22 34.06
CA LEU E 205 29.94 -35.53 33.98
C LEU E 205 29.55 -36.24 32.69
N TRP E 206 28.25 -36.38 32.50
CA TRP E 206 27.70 -37.17 31.42
C TRP E 206 27.88 -36.51 30.07
N SER E 207 27.78 -35.18 30.02
CA SER E 207 27.87 -34.52 28.73
C SER E 207 29.20 -33.84 28.50
N PHE E 208 30.09 -33.81 29.51
CA PHE E 208 31.40 -33.19 29.29
C PHE E 208 32.60 -34.04 29.66
N ILE E 209 32.68 -34.52 30.90
CA ILE E 209 33.86 -35.29 31.33
C ILE E 209 34.00 -36.59 30.56
N LEU E 210 32.90 -37.34 30.54
CA LEU E 210 32.82 -38.68 29.93
C LEU E 210 33.13 -38.67 28.44
N PRO E 211 32.37 -37.90 27.62
CA PRO E 211 32.73 -37.94 26.21
C PRO E 211 34.14 -37.43 25.93
N LEU E 212 34.67 -36.61 26.82
CA LEU E 212 36.04 -36.14 26.64
C LEU E 212 36.97 -37.33 26.87
N GLY E 213 36.58 -38.21 27.78
CA GLY E 213 37.37 -39.39 28.04
C GLY E 213 37.41 -40.33 26.86
N LEU E 214 36.23 -40.69 26.38
CA LEU E 214 36.09 -41.52 25.21
C LEU E 214 36.93 -40.93 24.08
N ILE E 215 36.93 -39.61 23.93
CA ILE E 215 37.75 -38.99 22.91
C ILE E 215 39.24 -39.12 23.21
N ILE E 216 39.64 -38.83 24.44
CA ILE E 216 41.06 -38.97 24.77
C ILE E 216 41.52 -40.42 24.70
N ALA E 217 40.64 -41.35 25.09
CA ALA E 217 40.98 -42.77 25.02
C ALA E 217 41.28 -43.19 23.58
N ALA E 218 40.28 -43.05 22.72
CA ALA E 218 40.40 -43.45 21.32
C ALA E 218 41.54 -42.72 20.60
N SER E 219 42.07 -41.67 21.21
CA SER E 219 43.28 -41.07 20.69
C SER E 219 44.41 -42.07 20.79
N TRP E 220 44.36 -42.93 21.81
CA TRP E 220 45.43 -43.90 22.06
C TRP E 220 45.45 -45.01 21.03
N SER E 221 44.29 -45.31 20.46
CA SER E 221 44.19 -46.36 19.48
C SER E 221 44.83 -45.93 18.16
N VAL E 222 45.63 -44.88 18.18
CA VAL E 222 46.40 -44.48 17.02
C VAL E 222 47.57 -45.41 16.81
N PHE E 223 48.01 -46.04 17.89
CA PHE E 223 49.15 -46.93 17.83
C PHE E 223 48.83 -48.32 17.25
N TRP E 224 47.54 -48.58 17.00
CA TRP E 224 47.14 -49.88 16.44
C TRP E 224 46.91 -49.79 14.96
N LEU E 225 47.30 -48.66 14.40
CA LEU E 225 47.36 -48.57 12.97
C LEU E 225 48.71 -49.17 12.64
N GLU E 226 48.84 -49.82 11.49
CA GLU E 226 50.05 -50.61 11.26
C GLU E 226 51.10 -49.82 10.46
N SER E 227 50.68 -48.86 9.63
CA SER E 227 51.64 -48.01 8.93
C SER E 227 52.11 -46.80 9.76
N PHE E 228 53.22 -46.19 9.33
CA PHE E 228 53.67 -44.93 9.90
C PHE E 228 52.83 -43.79 9.37
N SER E 229 52.63 -43.79 8.06
CA SER E 229 51.73 -42.85 7.40
C SER E 229 50.34 -42.85 8.03
N GLU E 230 49.80 -44.03 8.31
CA GLU E 230 48.49 -44.13 8.96
C GLU E 230 48.48 -43.49 10.36
N ARG E 231 49.49 -43.82 11.15
CA ARG E 231 49.53 -43.38 12.54
C ARG E 231 49.75 -41.88 12.61
N LEU E 232 50.64 -41.36 11.78
CA LEU E 232 50.96 -39.95 11.81
C LEU E 232 49.81 -39.10 11.29
N GLN E 233 49.26 -39.48 10.14
CA GLN E 233 48.16 -38.72 9.56
C GLN E 233 46.88 -38.75 10.38
N THR E 234 46.59 -39.86 11.04
CA THR E 234 45.40 -39.91 11.86
C THR E 234 45.47 -38.95 13.04
N SER E 235 46.66 -38.77 13.62
CA SER E 235 46.81 -37.90 14.78
C SER E 235 46.47 -36.43 14.48
N PHE E 236 46.58 -36.03 13.21
CA PHE E 236 46.22 -34.66 12.83
C PHE E 236 44.72 -34.49 12.85
N THR E 237 44.01 -35.60 12.64
CA THR E 237 42.58 -35.61 12.75
C THR E 237 42.17 -35.69 14.19
N LEU E 238 42.97 -36.37 14.99
CA LEU E 238 42.69 -36.41 16.41
C LEU E 238 42.91 -35.00 16.96
N MET E 239 43.95 -34.33 16.47
CA MET E 239 44.26 -32.95 16.84
C MET E 239 43.08 -32.03 16.60
N LEU E 240 42.51 -32.14 15.40
CA LEU E 240 41.33 -31.37 15.02
C LEU E 240 40.19 -31.71 15.94
N THR E 241 40.08 -32.98 16.32
CA THR E 241 39.00 -33.41 17.20
C THR E 241 39.11 -32.79 18.58
N VAL E 242 40.34 -32.58 19.06
CA VAL E 242 40.49 -31.90 20.34
C VAL E 242 40.11 -30.43 20.26
N VAL E 243 40.65 -29.70 19.29
CA VAL E 243 40.35 -28.27 19.15
C VAL E 243 38.84 -28.11 19.06
N ALA E 244 38.19 -29.01 18.34
CA ALA E 244 36.76 -28.98 18.25
C ALA E 244 36.15 -29.18 19.61
N TYR E 245 36.72 -30.07 20.42
CA TYR E 245 36.10 -30.31 21.72
C TYR E 245 36.34 -29.19 22.70
N ALA E 246 37.44 -28.45 22.52
CA ALA E 246 37.73 -27.27 23.32
C ALA E 246 36.71 -26.19 23.07
N PHE E 247 36.33 -26.06 21.81
CA PHE E 247 35.40 -25.01 21.42
C PHE E 247 34.02 -25.35 21.98
N TYR E 248 33.60 -26.61 21.88
CA TYR E 248 32.32 -27.06 22.45
C TYR E 248 32.21 -26.72 23.91
N THR E 249 33.24 -27.04 24.67
CA THR E 249 33.21 -26.83 26.11
C THR E 249 33.23 -25.34 26.48
N SER E 250 34.19 -24.59 25.96
CA SER E 250 34.39 -23.21 26.39
C SER E 250 33.23 -22.27 26.11
N ASN E 251 32.51 -22.61 25.04
CA ASN E 251 31.37 -21.84 24.56
C ASN E 251 30.14 -22.10 25.40
N ILE E 252 30.12 -23.25 26.06
CA ILE E 252 28.97 -23.66 26.83
C ILE E 252 29.20 -23.56 28.33
N LEU E 253 30.40 -23.92 28.78
CA LEU E 253 30.76 -23.85 30.18
C LEU E 253 30.99 -22.41 30.61
N PRO E 254 30.82 -22.13 31.92
CA PRO E 254 30.93 -20.76 32.43
C PRO E 254 32.31 -20.18 32.25
N ARG E 255 32.41 -18.96 31.75
CA ARG E 255 33.71 -18.32 31.52
C ARG E 255 34.34 -17.86 32.82
N LEU E 256 35.66 -18.10 32.95
CA LEU E 256 36.45 -17.87 34.16
C LEU E 256 37.85 -17.31 33.86
N PRO E 257 38.55 -16.81 34.90
CA PRO E 257 39.90 -16.25 34.73
C PRO E 257 40.97 -17.29 34.98
N TYR E 258 40.56 -18.52 35.21
CA TYR E 258 41.54 -19.54 35.46
C TYR E 258 41.12 -20.87 34.85
N THR E 259 42.02 -21.84 34.91
CA THR E 259 41.73 -23.16 34.39
C THR E 259 40.95 -24.02 35.40
N THR E 260 39.96 -24.72 34.90
CA THR E 260 39.15 -25.60 35.71
C THR E 260 39.72 -27.00 35.61
N VAL E 261 39.00 -27.97 36.15
CA VAL E 261 39.38 -29.36 35.95
C VAL E 261 39.33 -29.70 34.48
N ILE E 262 38.17 -29.45 33.88
CA ILE E 262 37.91 -29.74 32.50
C ILE E 262 38.90 -29.02 31.60
N ASP E 263 39.20 -27.77 31.94
CA ASP E 263 40.13 -26.96 31.16
C ASP E 263 41.45 -27.72 31.08
N GLN E 264 41.84 -28.40 32.16
CA GLN E 264 43.09 -29.13 32.12
C GLN E 264 43.08 -30.43 31.29
N MET E 265 41.99 -31.20 31.37
CA MET E 265 41.85 -32.44 30.59
C MET E 265 42.11 -32.14 29.13
N ILE E 266 41.56 -31.04 28.68
CA ILE E 266 41.68 -30.63 27.31
C ILE E 266 43.13 -30.35 26.98
N ILE E 267 43.82 -29.71 27.90
CA ILE E 267 45.24 -29.44 27.70
C ILE E 267 46.03 -30.77 27.71
N ALA E 268 45.56 -31.71 28.53
CA ALA E 268 46.17 -33.03 28.54
C ALA E 268 45.99 -33.76 27.20
N GLY E 269 44.77 -33.71 26.66
CA GLY E 269 44.50 -34.32 25.38
C GLY E 269 45.38 -33.66 24.34
N TYR E 270 45.53 -32.35 24.46
CA TYR E 270 46.43 -31.62 23.57
C TYR E 270 47.85 -32.13 23.69
N GLY E 271 48.24 -32.49 24.90
CA GLY E 271 49.59 -32.95 25.10
C GLY E 271 49.78 -34.34 24.56
N SER E 272 48.90 -35.24 24.98
CA SER E 272 48.98 -36.64 24.63
C SER E 272 49.08 -36.86 23.13
N ILE E 273 48.43 -36.00 22.36
CA ILE E 273 48.46 -36.19 20.93
C ILE E 273 49.79 -35.74 20.40
N PHE E 274 50.34 -34.68 20.98
CA PHE E 274 51.65 -34.20 20.58
C PHE E 274 52.72 -35.16 21.04
N ALA E 275 52.46 -35.81 22.18
CA ALA E 275 53.34 -36.86 22.69
C ALA E 275 53.36 -38.01 21.70
N ALA E 276 52.17 -38.44 21.30
CA ALA E 276 52.01 -39.55 20.36
C ALA E 276 52.69 -39.23 19.04
N ILE E 277 52.52 -38.01 18.56
CA ILE E 277 53.11 -37.61 17.29
C ILE E 277 54.62 -37.70 17.35
N LEU E 278 55.19 -37.36 18.49
CA LEU E 278 56.64 -37.45 18.61
C LEU E 278 57.10 -38.91 18.67
N LEU E 279 56.31 -39.80 19.25
CA LEU E 279 56.74 -41.19 19.31
C LEU E 279 56.55 -41.84 17.95
N ILE E 280 55.35 -41.66 17.43
CA ILE E 280 54.99 -42.19 16.12
C ILE E 280 56.00 -41.77 15.06
N ILE E 281 56.54 -40.57 15.20
CA ILE E 281 57.54 -40.09 14.25
C ILE E 281 58.91 -40.63 14.63
N PHE E 282 59.03 -41.07 15.88
CA PHE E 282 60.31 -41.51 16.39
C PHE E 282 60.62 -42.97 16.08
N ALA E 283 59.65 -43.85 16.38
CA ALA E 283 59.83 -45.30 16.16
C ALA E 283 60.07 -45.61 14.70
N HIS E 284 59.80 -44.62 13.87
CA HIS E 284 60.05 -44.71 12.45
C HIS E 284 61.51 -44.45 12.16
N HIS E 285 62.23 -43.90 13.13
CA HIS E 285 63.64 -43.59 12.94
C HIS E 285 64.52 -44.06 14.12
N ARG E 286 63.92 -44.73 15.11
CA ARG E 286 64.67 -45.13 16.32
C ARG E 286 65.83 -46.01 15.98
N GLN E 287 65.54 -47.10 15.29
CA GLN E 287 66.56 -48.10 15.00
C GLN E 287 67.23 -47.85 13.65
N ALA E 288 68.41 -48.44 13.50
CA ALA E 288 69.13 -48.49 12.23
C ALA E 288 68.30 -49.38 11.31
N ASN E 289 68.74 -49.54 10.06
CA ASN E 289 68.03 -50.26 8.99
C ASN E 289 66.87 -49.45 8.43
N GLY E 290 66.48 -48.41 9.15
CA GLY E 290 65.27 -47.67 8.83
C GLY E 290 64.05 -48.49 9.24
N VAL E 291 64.31 -49.58 9.97
CA VAL E 291 63.26 -50.45 10.47
C VAL E 291 62.47 -49.78 11.59
N GLU E 292 61.14 -49.80 11.45
CA GLU E 292 60.26 -49.28 12.47
C GLU E 292 60.39 -50.13 13.74
N ASP E 293 60.86 -49.51 14.82
CA ASP E 293 60.97 -50.20 16.09
C ASP E 293 59.54 -50.53 16.55
N ASP E 294 58.95 -51.57 15.95
CA ASP E 294 57.58 -51.97 16.29
C ASP E 294 57.58 -52.65 17.64
N LEU E 295 58.75 -52.61 18.27
CA LEU E 295 58.89 -52.97 19.65
C LEU E 295 58.39 -51.78 20.47
N LEU E 296 58.72 -50.56 20.03
CA LEU E 296 58.35 -49.32 20.73
C LEU E 296 56.88 -48.99 20.65
N ILE E 297 56.39 -48.89 19.43
CA ILE E 297 54.98 -48.88 19.17
C ILE E 297 54.58 -50.27 19.65
N GLN E 298 53.31 -50.51 19.90
CA GLN E 298 52.89 -51.79 20.49
C GLN E 298 53.25 -51.82 21.98
N ARG E 299 54.47 -51.39 22.33
CA ARG E 299 54.72 -51.15 23.75
C ARG E 299 53.79 -50.00 24.11
N CYS E 300 53.59 -49.12 23.13
CA CYS E 300 52.73 -47.95 23.25
C CYS E 300 51.26 -48.24 23.30
N ARG E 301 50.87 -49.43 22.89
CA ARG E 301 49.47 -49.79 22.97
C ARG E 301 49.09 -49.87 24.43
N LEU E 302 50.11 -49.91 25.29
CA LEU E 302 49.94 -49.77 26.74
C LEU E 302 50.97 -48.86 27.42
N ALA E 303 51.83 -48.18 26.66
CA ALA E 303 52.66 -47.15 27.31
C ALA E 303 51.77 -45.93 27.60
N PHE E 304 51.10 -45.41 26.57
CA PHE E 304 50.20 -44.27 26.73
C PHE E 304 48.96 -44.56 27.54
N PRO E 305 48.22 -45.65 27.22
CA PRO E 305 47.03 -45.84 28.05
C PRO E 305 47.34 -45.97 29.54
N LEU E 306 48.60 -46.25 29.85
CA LEU E 306 49.10 -46.34 31.22
C LEU E 306 49.95 -45.14 31.64
N GLY E 307 50.88 -44.72 30.78
CA GLY E 307 51.80 -43.61 31.06
C GLY E 307 51.12 -42.28 31.28
N PHE E 308 50.26 -41.91 30.33
CA PHE E 308 49.36 -40.77 30.44
C PHE E 308 48.44 -40.94 31.63
N LEU E 309 47.91 -42.14 31.81
CA LEU E 309 47.00 -42.44 32.90
C LEU E 309 47.73 -42.51 34.27
N ALA E 310 49.06 -42.49 34.27
CA ALA E 310 49.79 -42.47 35.53
C ALA E 310 50.36 -41.11 35.92
N ILE E 311 51.10 -40.47 35.00
CA ILE E 311 51.68 -39.14 35.27
C ILE E 311 50.56 -38.10 35.14
N GLY E 312 49.39 -38.55 34.68
CA GLY E 312 48.19 -37.75 34.71
C GLY E 312 47.31 -38.15 35.89
N CYS E 313 47.68 -39.25 36.57
CA CYS E 313 46.93 -39.69 37.75
C CYS E 313 47.52 -39.08 39.03
N VAL E 314 48.38 -38.09 38.84
CA VAL E 314 48.91 -37.33 39.96
C VAL E 314 48.38 -35.91 39.71
N LEU E 315 47.09 -35.86 39.34
CA LEU E 315 46.33 -34.62 39.24
C LEU E 315 45.58 -34.38 40.54
N VAL E 316 46.33 -34.35 41.64
CA VAL E 316 45.76 -34.05 42.94
C VAL E 316 45.70 -32.51 43.13
N ILE E 317 45.84 -31.72 42.04
CA ILE E 317 45.69 -30.25 42.11
C ILE E 317 44.25 -29.89 42.48
N ARG E 318 44.10 -29.42 43.72
CA ARG E 318 42.79 -29.07 44.28
C ARG E 318 42.91 -27.80 45.13
N ARG F 10 -43.18 -35.69 -39.71
CA ARG F 10 -43.23 -35.25 -38.32
C ARG F 10 -43.18 -33.72 -38.10
N PRO F 11 -42.24 -32.99 -38.75
CA PRO F 11 -42.02 -31.60 -38.32
C PRO F 11 -43.14 -30.59 -38.56
N VAL F 12 -43.27 -29.66 -37.61
CA VAL F 12 -44.27 -28.60 -37.61
C VAL F 12 -43.85 -27.44 -38.53
N ASP F 13 -44.74 -27.06 -39.43
CA ASP F 13 -44.51 -25.96 -40.36
C ASP F 13 -44.92 -24.63 -39.75
N VAL F 14 -44.00 -23.67 -39.78
CA VAL F 14 -44.27 -22.32 -39.30
C VAL F 14 -44.21 -21.34 -40.44
N SER F 15 -45.30 -20.57 -40.59
CA SER F 15 -45.45 -19.55 -41.61
C SER F 15 -45.19 -18.20 -40.98
N VAL F 16 -44.17 -17.51 -41.46
CA VAL F 16 -43.73 -16.28 -40.84
C VAL F 16 -44.01 -15.06 -41.70
N SER F 17 -44.43 -13.99 -41.03
CA SER F 17 -44.64 -12.71 -41.67
C SER F 17 -43.83 -11.64 -40.93
N ILE F 18 -43.00 -10.90 -41.67
CA ILE F 18 -42.17 -9.83 -41.10
C ILE F 18 -42.53 -8.48 -41.71
N PHE F 19 -43.01 -7.58 -40.86
CA PHE F 19 -43.32 -6.20 -41.23
C PHE F 19 -42.24 -5.22 -40.78
N ILE F 20 -41.70 -4.44 -41.71
CA ILE F 20 -40.62 -3.51 -41.42
C ILE F 20 -41.12 -2.06 -41.39
N ASN F 21 -40.95 -1.34 -40.28
CA ASN F 21 -41.41 0.06 -40.13
C ASN F 21 -40.35 1.14 -40.37
N LYS F 22 -39.13 0.87 -39.94
CA LYS F 22 -38.11 1.89 -39.93
C LYS F 22 -36.76 1.18 -39.93
N ILE F 23 -35.85 1.57 -40.81
CA ILE F 23 -34.50 1.08 -40.71
C ILE F 23 -33.61 2.29 -40.54
N TYR F 24 -33.08 2.49 -39.34
CA TYR F 24 -32.35 3.70 -39.04
C TYR F 24 -31.15 3.43 -38.17
N GLY F 25 -30.39 4.48 -37.88
CA GLY F 25 -29.30 4.38 -36.92
C GLY F 25 -28.21 3.40 -37.32
N VAL F 26 -27.69 3.53 -38.53
CA VAL F 26 -26.53 2.78 -38.91
C VAL F 26 -25.32 3.23 -38.07
N ASN F 27 -24.66 2.30 -37.41
CA ASN F 27 -23.44 2.61 -36.68
C ASN F 27 -22.26 2.04 -37.46
N THR F 28 -21.47 2.89 -38.10
CA THR F 28 -20.45 2.42 -39.04
C THR F 28 -19.33 1.59 -38.42
N LEU F 29 -18.89 2.00 -37.24
CA LEU F 29 -17.78 1.32 -36.62
C LEU F 29 -18.22 -0.08 -36.17
N GLU F 30 -19.39 -0.18 -35.55
CA GLU F 30 -19.86 -1.45 -35.02
C GLU F 30 -20.42 -2.34 -36.11
N GLN F 31 -20.63 -1.75 -37.28
CA GLN F 31 -21.30 -2.40 -38.40
C GLN F 31 -22.68 -2.92 -37.97
N THR F 32 -23.52 -2.02 -37.49
CA THR F 32 -24.89 -2.33 -37.04
C THR F 32 -25.91 -1.33 -37.55
N TYR F 33 -27.19 -1.66 -37.35
CA TYR F 33 -28.29 -0.79 -37.69
C TYR F 33 -29.53 -1.16 -36.89
N LYS F 34 -30.44 -0.23 -36.70
CA LYS F 34 -31.61 -0.49 -35.88
C LYS F 34 -32.81 -0.78 -36.79
N VAL F 35 -33.65 -1.73 -36.38
CA VAL F 35 -34.83 -2.08 -37.16
C VAL F 35 -36.08 -2.23 -36.28
N ASP F 36 -37.11 -1.44 -36.58
CA ASP F 36 -38.38 -1.59 -35.87
C ASP F 36 -39.40 -2.21 -36.80
N GLY F 37 -40.16 -3.15 -36.25
CA GLY F 37 -41.18 -3.83 -36.99
C GLY F 37 -41.94 -4.81 -36.13
N TYR F 38 -42.76 -5.62 -36.80
CA TYR F 38 -43.56 -6.66 -36.16
C TYR F 38 -43.16 -8.01 -36.71
N ILE F 39 -43.37 -9.07 -35.93
CA ILE F 39 -43.16 -10.41 -36.49
C ILE F 39 -44.37 -11.30 -36.23
N VAL F 40 -44.73 -12.08 -37.25
CA VAL F 40 -45.86 -12.98 -37.15
C VAL F 40 -45.45 -14.41 -37.47
N ALA F 41 -45.86 -15.34 -36.60
CA ALA F 41 -45.60 -16.76 -36.78
C ALA F 41 -46.89 -17.55 -36.55
N GLN F 42 -47.19 -18.42 -37.51
CA GLN F 42 -48.37 -19.27 -37.50
C GLN F 42 -47.95 -20.71 -37.66
N TRP F 43 -48.52 -21.59 -36.83
CA TRP F 43 -48.35 -23.03 -36.92
C TRP F 43 -49.68 -23.67 -36.46
N THR F 44 -49.81 -25.00 -36.60
CA THR F 44 -51.05 -25.68 -36.19
C THR F 44 -50.86 -26.74 -35.11
N GLY F 45 -51.73 -26.76 -34.10
CA GLY F 45 -51.55 -27.67 -32.99
C GLY F 45 -52.78 -28.50 -32.64
N LYS F 46 -52.78 -29.07 -31.43
CA LYS F 46 -53.90 -29.88 -30.96
C LYS F 46 -55.06 -28.94 -31.01
N PRO F 47 -56.08 -29.23 -31.83
CA PRO F 47 -57.22 -28.29 -31.82
C PRO F 47 -57.78 -28.08 -30.40
N ARG F 48 -58.50 -26.99 -30.18
CA ARG F 48 -58.66 -26.47 -28.83
C ARG F 48 -60.06 -25.96 -28.58
N LYS F 49 -60.45 -26.04 -27.31
CA LYS F 49 -61.72 -25.55 -26.82
C LYS F 49 -61.61 -24.06 -26.46
N THR F 50 -62.31 -23.21 -27.21
CA THR F 50 -62.26 -21.76 -27.00
C THR F 50 -63.63 -21.27 -26.56
N PRO F 51 -63.69 -20.16 -25.79
CA PRO F 51 -64.99 -19.60 -25.38
C PRO F 51 -65.77 -19.09 -26.58
N GLY F 52 -66.90 -19.73 -26.89
CA GLY F 52 -67.56 -19.51 -28.16
C GLY F 52 -66.72 -20.19 -29.22
N ASP F 53 -67.30 -20.46 -30.38
CA ASP F 53 -66.49 -21.09 -31.41
C ASP F 53 -65.65 -20.06 -32.15
N LYS F 54 -65.34 -18.94 -31.49
CA LYS F 54 -64.56 -17.89 -32.13
C LYS F 54 -63.11 -17.87 -31.56
N PRO F 55 -62.11 -17.49 -32.39
CA PRO F 55 -60.72 -17.59 -31.94
C PRO F 55 -60.47 -16.73 -30.70
N LEU F 56 -59.51 -17.13 -29.87
CA LEU F 56 -59.21 -16.44 -28.61
C LEU F 56 -57.93 -15.62 -28.68
N ILE F 57 -57.95 -14.45 -28.08
CA ILE F 57 -56.79 -13.55 -28.04
C ILE F 57 -56.13 -13.42 -26.66
N VAL F 58 -54.82 -13.65 -26.62
CA VAL F 58 -54.05 -13.47 -25.40
C VAL F 58 -52.83 -12.58 -25.65
N GLU F 59 -52.80 -11.53 -24.83
CA GLU F 59 -51.85 -10.44 -24.90
C GLU F 59 -50.86 -10.43 -23.74
N ASN F 60 -49.60 -10.15 -24.07
CA ASN F 60 -48.59 -9.78 -23.10
C ASN F 60 -48.47 -10.71 -21.87
N THR F 61 -48.79 -10.25 -20.67
CA THR F 61 -48.50 -11.10 -19.50
C THR F 61 -49.22 -12.42 -19.54
N GLN F 62 -50.23 -12.55 -20.38
CA GLN F 62 -51.00 -13.78 -20.39
C GLN F 62 -50.38 -14.88 -21.25
N ILE F 63 -49.53 -14.53 -22.22
CA ILE F 63 -48.92 -15.58 -23.02
C ILE F 63 -48.11 -16.46 -22.09
N GLU F 64 -47.45 -15.84 -21.13
CA GLU F 64 -46.63 -16.57 -20.19
C GLU F 64 -47.46 -17.63 -19.43
N ARG F 65 -48.67 -17.27 -19.02
CA ARG F 65 -49.57 -18.18 -18.32
C ARG F 65 -49.98 -19.36 -19.18
N TRP F 66 -50.30 -19.11 -20.44
CA TRP F 66 -50.72 -20.19 -21.32
C TRP F 66 -49.58 -21.14 -21.60
N ILE F 67 -48.35 -20.63 -21.54
CA ILE F 67 -47.16 -21.45 -21.76
C ILE F 67 -46.93 -22.44 -20.64
N ASN F 68 -47.17 -21.98 -19.42
CA ASN F 68 -46.97 -22.79 -18.24
C ASN F 68 -47.89 -24.00 -18.19
N ASN F 69 -49.08 -23.85 -18.75
CA ASN F 69 -50.02 -24.96 -18.87
C ASN F 69 -49.72 -25.83 -20.06
N GLY F 70 -48.62 -25.56 -20.75
CA GLY F 70 -48.17 -26.46 -21.78
C GLY F 70 -48.50 -26.04 -23.19
N LEU F 71 -48.64 -24.75 -23.39
CA LEU F 71 -48.76 -24.26 -24.76
C LEU F 71 -47.37 -24.26 -25.34
N TRP F 72 -47.26 -24.75 -26.57
CA TRP F 72 -45.97 -24.76 -27.21
C TRP F 72 -45.82 -23.49 -28.03
N VAL F 73 -45.01 -22.55 -27.56
CA VAL F 73 -44.78 -21.36 -28.35
C VAL F 73 -43.28 -21.31 -28.53
N PRO F 74 -42.80 -21.76 -29.70
CA PRO F 74 -41.35 -21.93 -29.87
C PRO F 74 -40.57 -20.64 -29.97
N ALA F 75 -39.52 -20.49 -29.18
CA ALA F 75 -38.73 -19.27 -29.24
C ALA F 75 -37.89 -19.24 -30.52
N LEU F 76 -38.16 -18.22 -31.34
CA LEU F 76 -37.51 -17.96 -32.62
C LEU F 76 -36.46 -16.85 -32.49
N GLU F 77 -35.20 -17.12 -32.79
CA GLU F 77 -34.13 -16.16 -32.57
C GLU F 77 -33.68 -15.39 -33.81
N PHE F 78 -33.45 -14.08 -33.67
CA PHE F 78 -32.80 -13.33 -34.72
C PHE F 78 -31.33 -13.66 -34.64
N ILE F 79 -30.80 -14.39 -35.62
CA ILE F 79 -29.41 -14.85 -35.52
C ILE F 79 -28.44 -13.68 -35.45
N ASN F 80 -28.68 -12.65 -36.26
CA ASN F 80 -27.73 -11.55 -36.43
C ASN F 80 -28.10 -10.27 -35.66
N VAL F 81 -28.92 -10.42 -34.62
CA VAL F 81 -29.18 -9.32 -33.70
C VAL F 81 -27.97 -9.13 -32.82
N VAL F 82 -27.77 -7.93 -32.31
CA VAL F 82 -26.69 -7.68 -31.37
C VAL F 82 -27.25 -7.36 -30.02
N GLY F 83 -27.44 -8.36 -29.17
CA GLY F 83 -28.07 -8.11 -27.89
C GLY F 83 -29.59 -8.21 -27.90
N SER F 84 -30.18 -8.49 -26.74
CA SER F 84 -31.60 -8.79 -26.67
C SER F 84 -32.46 -7.64 -27.17
N PRO F 85 -33.23 -7.91 -28.23
CA PRO F 85 -34.09 -6.95 -28.89
C PRO F 85 -35.24 -6.57 -27.99
N ASP F 86 -35.78 -5.38 -28.26
CA ASP F 86 -36.80 -4.75 -27.44
C ASP F 86 -38.21 -5.16 -27.81
N THR F 87 -38.84 -5.94 -26.95
CA THR F 87 -40.16 -6.41 -27.24
C THR F 87 -41.23 -5.45 -26.77
N GLY F 88 -42.07 -5.03 -27.72
CA GLY F 88 -43.23 -4.18 -27.49
C GLY F 88 -44.41 -5.01 -26.98
N ASN F 89 -45.52 -5.05 -27.72
CA ASN F 89 -46.61 -5.94 -27.33
C ASN F 89 -46.55 -7.34 -27.94
N LYS F 90 -46.93 -8.32 -27.14
CA LYS F 90 -47.03 -9.69 -27.60
C LYS F 90 -48.49 -10.06 -27.72
N ARG F 91 -48.80 -10.94 -28.66
CA ARG F 91 -50.17 -11.41 -28.82
C ARG F 91 -50.23 -12.81 -29.32
N LEU F 92 -51.03 -13.64 -28.65
CA LEU F 92 -51.32 -14.96 -29.21
C LEU F 92 -52.73 -14.93 -29.74
N MET F 93 -52.89 -15.37 -30.98
CA MET F 93 -54.20 -15.56 -31.57
C MET F 93 -54.37 -17.06 -31.66
N LEU F 94 -55.24 -17.60 -30.80
CA LEU F 94 -55.50 -19.03 -30.69
C LEU F 94 -56.77 -19.41 -31.41
N PHE F 95 -56.64 -20.20 -32.47
CA PHE F 95 -57.78 -20.65 -33.25
C PHE F 95 -58.31 -22.00 -32.77
N PRO F 96 -59.63 -22.25 -32.95
CA PRO F 96 -60.29 -23.48 -32.47
C PRO F 96 -59.89 -24.72 -33.28
N ASP F 97 -59.57 -24.52 -34.55
CA ASP F 97 -59.15 -25.63 -35.40
C ASP F 97 -57.68 -25.92 -35.20
N GLY F 98 -57.13 -25.45 -34.09
CA GLY F 98 -55.77 -25.75 -33.69
C GLY F 98 -54.70 -24.69 -33.88
N ARG F 99 -54.75 -23.95 -34.98
CA ARG F 99 -53.65 -23.07 -35.39
C ARG F 99 -53.45 -21.94 -34.40
N VAL F 100 -52.20 -21.50 -34.34
CA VAL F 100 -51.77 -20.52 -33.37
C VAL F 100 -50.97 -19.46 -34.08
N ILE F 101 -51.32 -18.20 -33.82
CA ILE F 101 -50.63 -17.06 -34.40
C ILE F 101 -49.99 -16.21 -33.31
N TYR F 102 -48.66 -16.09 -33.41
CA TYR F 102 -47.87 -15.27 -32.51
C TYR F 102 -47.58 -13.95 -33.18
N ASN F 103 -48.00 -12.87 -32.53
CA ASN F 103 -47.77 -11.55 -33.09
C ASN F 103 -47.13 -10.67 -32.02
N ALA F 104 -45.95 -10.17 -32.33
CA ALA F 104 -45.22 -9.35 -31.37
C ALA F 104 -44.39 -8.34 -32.13
N ARG F 105 -44.26 -7.17 -31.52
CA ARG F 105 -43.50 -6.08 -32.10
C ARG F 105 -42.08 -5.98 -31.60
N PHE F 106 -41.14 -5.65 -32.48
CA PHE F 106 -39.74 -5.60 -32.06
C PHE F 106 -38.98 -4.40 -32.56
N LEU F 107 -38.03 -3.97 -31.75
CA LEU F 107 -37.05 -3.00 -32.17
C LEU F 107 -35.75 -3.61 -31.80
N GLY F 108 -34.85 -3.73 -32.75
CA GLY F 108 -33.60 -4.39 -32.46
C GLY F 108 -32.42 -3.84 -33.23
N SER F 109 -31.23 -3.99 -32.67
CA SER F 109 -30.00 -3.58 -33.36
C SER F 109 -29.41 -4.81 -34.02
N PHE F 110 -29.27 -4.76 -35.35
CA PHE F 110 -28.87 -5.94 -36.13
C PHE F 110 -27.51 -5.77 -36.72
N SER F 111 -26.80 -6.88 -36.93
CA SER F 111 -25.46 -6.82 -37.47
C SER F 111 -25.32 -7.45 -38.84
N ASN F 112 -24.55 -6.81 -39.70
CA ASN F 112 -24.21 -7.36 -40.98
C ASN F 112 -22.97 -6.68 -41.55
N ASP F 113 -22.27 -7.39 -42.43
CA ASP F 113 -21.06 -6.86 -43.04
C ASP F 113 -21.34 -5.62 -43.86
N MET F 114 -20.51 -4.60 -43.66
CA MET F 114 -20.70 -3.33 -44.33
C MET F 114 -19.39 -2.73 -44.87
N ASP F 115 -19.36 -2.52 -46.18
CA ASP F 115 -18.22 -1.90 -46.85
C ASP F 115 -18.53 -0.42 -47.09
N PHE F 116 -17.78 0.47 -46.46
CA PHE F 116 -18.06 1.89 -46.60
C PHE F 116 -17.00 2.58 -47.44
N ARG F 117 -16.29 1.80 -48.25
CA ARG F 117 -15.12 2.33 -48.93
C ARG F 117 -15.49 3.31 -50.05
N LEU F 118 -16.65 3.11 -50.66
CA LEU F 118 -17.08 4.00 -51.73
C LEU F 118 -17.93 5.16 -51.20
N PHE F 119 -17.87 5.42 -49.90
CA PHE F 119 -18.60 6.50 -49.26
C PHE F 119 -18.29 7.82 -49.94
N PRO F 120 -19.31 8.68 -50.12
CA PRO F 120 -20.71 8.54 -49.70
C PRO F 120 -21.58 7.89 -50.76
N PHE F 121 -20.98 7.06 -51.60
CA PHE F 121 -21.71 6.43 -52.69
C PHE F 121 -21.76 4.92 -52.55
N ASP F 122 -21.92 4.47 -51.31
CA ASP F 122 -21.95 3.05 -51.01
C ASP F 122 -23.36 2.46 -51.12
N ARG F 123 -23.43 1.17 -51.36
CA ARG F 123 -24.68 0.42 -51.29
C ARG F 123 -24.52 -0.56 -50.15
N GLN F 124 -25.57 -0.73 -49.36
CA GLN F 124 -25.55 -1.64 -48.25
C GLN F 124 -26.73 -2.59 -48.40
N GLN F 125 -26.70 -3.75 -47.74
CA GLN F 125 -27.92 -4.53 -47.65
C GLN F 125 -28.30 -4.79 -46.20
N PHE F 126 -29.50 -4.35 -45.84
CA PHE F 126 -30.02 -4.55 -44.50
C PHE F 126 -30.61 -5.95 -44.38
N VAL F 127 -30.13 -6.69 -43.40
CA VAL F 127 -30.48 -8.10 -43.24
C VAL F 127 -31.11 -8.53 -41.91
N LEU F 128 -32.14 -9.38 -41.98
CA LEU F 128 -32.60 -10.07 -40.80
C LEU F 128 -32.40 -11.56 -41.05
N GLU F 129 -31.87 -12.27 -40.05
CA GLU F 129 -31.75 -13.74 -40.13
C GLU F 129 -32.46 -14.43 -38.96
N LEU F 130 -33.52 -15.18 -39.26
CA LEU F 130 -34.39 -15.74 -38.22
C LEU F 130 -34.40 -17.26 -38.26
N GLU F 131 -34.26 -17.85 -37.08
CA GLU F 131 -34.02 -19.28 -36.93
C GLU F 131 -34.51 -19.73 -35.55
N PRO F 132 -35.11 -20.92 -35.46
CA PRO F 132 -35.60 -21.36 -34.16
C PRO F 132 -34.43 -21.62 -33.22
N PHE F 133 -34.66 -21.48 -31.92
CA PHE F 133 -33.52 -21.52 -31.02
C PHE F 133 -33.15 -22.92 -30.62
N SER F 134 -34.15 -23.79 -30.59
CA SER F 134 -33.98 -25.09 -29.99
C SER F 134 -34.31 -26.21 -30.95
N TYR F 135 -35.15 -25.93 -31.95
CA TYR F 135 -35.72 -26.98 -32.77
C TYR F 135 -35.16 -27.09 -34.21
N ASN F 136 -34.71 -28.28 -34.56
CA ASN F 136 -34.14 -28.60 -35.87
C ASN F 136 -35.16 -28.77 -36.97
N ASN F 137 -34.68 -29.05 -38.18
CA ASN F 137 -35.58 -29.22 -39.32
C ASN F 137 -36.37 -30.51 -39.29
N GLN F 138 -36.04 -31.38 -38.33
CA GLN F 138 -36.83 -32.58 -38.12
C GLN F 138 -38.07 -32.26 -37.28
N GLN F 139 -37.98 -31.17 -36.53
CA GLN F 139 -39.02 -30.75 -35.59
C GLN F 139 -39.83 -29.49 -35.98
N LEU F 140 -39.13 -28.45 -36.44
CA LEU F 140 -39.77 -27.20 -36.78
C LEU F 140 -39.07 -26.64 -38.03
N ARG F 141 -39.85 -26.39 -39.06
CA ARG F 141 -39.31 -25.89 -40.30
C ARG F 141 -40.16 -24.77 -40.80
N PHE F 142 -39.51 -23.83 -41.47
CA PHE F 142 -40.17 -22.64 -41.99
C PHE F 142 -40.80 -22.88 -43.37
N SER F 143 -42.12 -22.75 -43.47
CA SER F 143 -42.83 -23.05 -44.72
C SER F 143 -42.70 -21.94 -45.77
N ASP F 144 -42.96 -20.70 -45.38
CA ASP F 144 -42.79 -19.58 -46.30
C ASP F 144 -42.51 -18.28 -45.55
N ILE F 145 -41.92 -17.29 -46.22
CA ILE F 145 -41.65 -16.03 -45.55
C ILE F 145 -42.11 -14.82 -46.39
N GLN F 146 -43.03 -14.03 -45.82
CA GLN F 146 -43.51 -12.82 -46.49
C GLN F 146 -42.97 -11.61 -45.75
N VAL F 147 -42.27 -10.74 -46.46
CA VAL F 147 -41.74 -9.52 -45.84
C VAL F 147 -42.25 -8.22 -46.51
N TYR F 148 -42.86 -7.38 -45.70
CA TYR F 148 -43.49 -6.16 -46.16
C TYR F 148 -42.73 -4.90 -45.73
N THR F 149 -42.56 -4.00 -46.68
CA THR F 149 -41.83 -2.77 -46.47
C THR F 149 -42.73 -1.58 -46.82
N GLU F 150 -42.57 -0.50 -46.09
CA GLU F 150 -43.31 0.72 -46.37
C GLU F 150 -43.00 1.25 -47.76
N ASN F 151 -43.90 2.04 -48.31
CA ASN F 151 -43.62 2.70 -49.58
C ASN F 151 -43.06 4.08 -49.31
N ILE F 152 -41.74 4.23 -49.49
CA ILE F 152 -41.10 5.51 -49.29
C ILE F 152 -41.34 6.36 -50.53
N ASP F 153 -42.13 7.42 -50.40
CA ASP F 153 -42.49 8.22 -51.57
C ASP F 153 -41.71 9.54 -51.58
N ASN F 154 -41.61 10.16 -50.40
CA ASN F 154 -40.77 11.34 -50.24
C ASN F 154 -39.34 10.97 -49.81
N GLU F 155 -38.69 10.08 -50.55
CA GLU F 155 -37.38 9.56 -50.13
C GLU F 155 -36.27 10.61 -50.25
N GLU F 156 -36.61 11.77 -50.81
CA GLU F 156 -35.66 12.86 -50.99
C GLU F 156 -35.26 13.55 -49.69
N ILE F 157 -36.05 13.34 -48.65
CA ILE F 157 -35.74 13.85 -47.31
C ILE F 157 -35.25 12.73 -46.38
N ASP F 158 -35.03 11.54 -46.96
CA ASP F 158 -34.52 10.37 -46.23
C ASP F 158 -33.03 10.22 -46.43
N GLU F 159 -32.34 9.70 -45.42
CA GLU F 159 -30.91 9.39 -45.53
C GLU F 159 -30.60 8.23 -46.46
N TRP F 160 -31.43 7.20 -46.40
CA TRP F 160 -31.21 6.00 -47.20
C TRP F 160 -32.36 5.83 -48.19
N TRP F 161 -31.99 5.59 -49.43
CA TRP F 161 -33.01 5.31 -50.41
C TRP F 161 -33.09 3.82 -50.51
N ILE F 162 -34.22 3.27 -50.08
CA ILE F 162 -34.48 1.84 -50.19
C ILE F 162 -34.79 1.44 -51.63
N ARG F 163 -34.04 0.46 -52.14
CA ARG F 163 -34.01 0.19 -53.57
C ARG F 163 -34.62 -1.15 -53.96
N GLY F 164 -35.95 -1.19 -54.01
CA GLY F 164 -36.66 -2.38 -54.42
C GLY F 164 -37.20 -3.10 -53.20
N LYS F 165 -38.17 -3.99 -53.42
CA LYS F 165 -38.74 -4.75 -52.33
C LYS F 165 -37.71 -5.74 -51.78
N ALA F 166 -37.95 -6.19 -50.56
CA ALA F 166 -37.02 -7.07 -49.87
C ALA F 166 -36.94 -8.43 -50.57
N SER F 167 -35.75 -9.05 -50.59
CA SER F 167 -35.66 -10.42 -51.10
C SER F 167 -35.53 -11.43 -49.97
N THR F 168 -36.20 -12.57 -50.14
CA THR F 168 -36.12 -13.65 -49.15
C THR F 168 -35.80 -15.01 -49.76
N HIS F 169 -35.35 -15.90 -48.89
CA HIS F 169 -34.87 -17.24 -49.24
C HIS F 169 -34.75 -18.08 -47.97
N ILE F 170 -35.59 -19.12 -47.85
CA ILE F 170 -35.42 -20.09 -46.76
C ILE F 170 -34.37 -21.11 -47.13
N SER F 171 -33.52 -21.42 -46.16
CA SER F 171 -32.43 -22.33 -46.38
C SER F 171 -32.25 -23.18 -45.14
N ASP F 172 -31.21 -24.02 -45.15
CA ASP F 172 -30.96 -24.93 -44.04
C ASP F 172 -29.51 -24.86 -43.59
N ILE F 173 -29.27 -24.99 -42.29
CA ILE F 173 -27.91 -24.86 -41.78
C ILE F 173 -27.39 -26.04 -40.94
N ARG F 174 -26.20 -26.52 -41.30
CA ARG F 174 -25.49 -27.59 -40.59
C ARG F 174 -24.66 -27.05 -39.42
N TYR F 175 -24.93 -27.51 -38.19
CA TYR F 175 -24.07 -27.18 -37.06
C TYR F 175 -23.06 -28.29 -36.72
N ASP F 176 -21.78 -27.99 -36.96
CA ASP F 176 -20.71 -28.98 -36.79
C ASP F 176 -20.48 -29.42 -35.36
N HIS F 177 -19.96 -28.51 -34.55
CA HIS F 177 -19.55 -28.84 -33.19
C HIS F 177 -20.71 -28.91 -32.23
N LEU F 178 -21.32 -30.09 -32.16
CA LEU F 178 -22.43 -30.32 -31.27
C LEU F 178 -22.03 -31.40 -30.25
N SER F 179 -22.42 -31.22 -28.99
CA SER F 179 -22.12 -32.23 -27.95
C SER F 179 -23.31 -33.18 -27.65
N SER F 180 -24.30 -33.17 -28.53
CA SER F 180 -25.56 -33.88 -28.28
C SER F 180 -25.57 -35.33 -28.79
N VAL F 181 -26.54 -35.62 -29.67
CA VAL F 181 -26.73 -36.96 -30.27
C VAL F 181 -26.50 -36.86 -31.78
N GLN F 182 -26.76 -37.94 -32.52
CA GLN F 182 -26.29 -38.06 -33.91
C GLN F 182 -27.27 -37.94 -35.11
N PRO F 183 -28.42 -38.65 -35.08
CA PRO F 183 -29.11 -38.77 -36.39
C PRO F 183 -29.91 -37.57 -36.93
N ASN F 184 -29.25 -36.74 -37.75
CA ASN F 184 -29.91 -35.63 -38.45
C ASN F 184 -30.55 -34.55 -37.57
N GLN F 185 -30.04 -34.41 -36.35
CA GLN F 185 -30.61 -33.46 -35.41
C GLN F 185 -29.77 -32.19 -35.39
N ASN F 186 -29.01 -31.96 -36.47
CA ASN F 186 -28.03 -30.88 -36.51
C ASN F 186 -28.25 -29.86 -37.62
N GLU F 187 -29.39 -29.91 -38.28
CA GLU F 187 -29.69 -28.95 -39.33
C GLU F 187 -30.90 -28.13 -38.95
N PHE F 188 -30.78 -26.82 -39.16
CA PHE F 188 -31.81 -25.89 -38.76
C PHE F 188 -32.37 -25.09 -39.91
N SER F 189 -33.66 -24.76 -39.80
CA SER F 189 -34.38 -24.01 -40.83
C SER F 189 -34.20 -22.50 -40.59
N ARG F 190 -33.63 -21.77 -41.55
CA ARG F 190 -33.34 -20.34 -41.35
C ARG F 190 -33.84 -19.41 -42.45
N ILE F 191 -34.69 -18.45 -42.07
CA ILE F 191 -35.14 -17.37 -42.95
C ILE F 191 -34.07 -16.30 -43.09
N THR F 192 -33.80 -15.84 -44.31
CA THR F 192 -32.85 -14.76 -44.49
C THR F 192 -33.39 -13.66 -45.40
N VAL F 193 -33.67 -12.51 -44.80
CA VAL F 193 -34.23 -11.36 -45.50
C VAL F 193 -33.19 -10.33 -45.86
N ARG F 194 -33.21 -9.86 -47.09
CA ARG F 194 -32.25 -8.84 -47.52
C ARG F 194 -32.97 -7.62 -48.03
N ILE F 195 -32.51 -6.45 -47.64
CA ILE F 195 -33.06 -5.21 -48.15
C ILE F 195 -31.94 -4.35 -48.69
N ASP F 196 -31.99 -4.01 -49.97
CA ASP F 196 -30.93 -3.21 -50.58
C ASP F 196 -31.24 -1.75 -50.40
N ALA F 197 -30.20 -0.94 -50.25
CA ALA F 197 -30.35 0.50 -50.06
C ALA F 197 -29.10 1.26 -50.49
N VAL F 198 -29.28 2.52 -50.90
CA VAL F 198 -28.14 3.40 -51.18
C VAL F 198 -28.22 4.75 -50.45
N ARG F 199 -27.07 5.36 -50.23
CA ARG F 199 -27.00 6.55 -49.40
C ARG F 199 -27.38 7.79 -50.21
N ASN F 200 -28.16 8.66 -49.59
CA ASN F 200 -28.53 9.95 -50.16
C ASN F 200 -27.35 10.87 -50.17
N PRO F 201 -26.68 10.94 -51.33
CA PRO F 201 -25.35 11.52 -51.52
C PRO F 201 -25.35 13.04 -51.59
N SER F 202 -26.51 13.64 -51.35
CA SER F 202 -26.60 15.09 -51.42
C SER F 202 -25.58 15.77 -50.52
N TYR F 203 -25.83 15.72 -49.20
CA TYR F 203 -25.09 16.55 -48.26
C TYR F 203 -23.61 16.36 -48.48
N TYR F 204 -23.22 15.14 -48.77
CA TYR F 204 -21.80 14.88 -48.84
C TYR F 204 -21.23 15.36 -50.17
N LEU F 205 -22.06 15.47 -51.20
CA LEU F 205 -21.59 16.07 -52.45
C LEU F 205 -21.40 17.55 -52.29
N TRP F 206 -22.46 18.22 -51.85
CA TRP F 206 -22.48 19.68 -51.81
C TRP F 206 -21.67 20.32 -50.69
N SER F 207 -21.63 19.71 -49.51
CA SER F 207 -20.98 20.40 -48.41
C SER F 207 -19.60 19.83 -48.09
N PHE F 208 -19.23 18.74 -48.74
CA PHE F 208 -17.90 18.17 -48.51
C PHE F 208 -17.09 18.01 -49.77
N ILE F 209 -17.61 17.29 -50.75
CA ILE F 209 -16.82 17.06 -51.97
C ILE F 209 -16.50 18.37 -52.71
N LEU F 210 -17.53 19.18 -52.93
CA LEU F 210 -17.44 20.40 -53.73
C LEU F 210 -16.47 21.44 -53.12
N PRO F 211 -16.67 21.86 -51.86
CA PRO F 211 -15.69 22.82 -51.35
C PRO F 211 -14.28 22.26 -51.22
N LEU F 212 -14.11 20.94 -51.08
CA LEU F 212 -12.77 20.36 -51.02
C LEU F 212 -12.15 20.45 -52.41
N GLY F 213 -12.98 20.35 -53.44
CA GLY F 213 -12.51 20.58 -54.79
C GLY F 213 -12.03 22.02 -54.97
N LEU F 214 -12.86 23.00 -54.57
CA LEU F 214 -12.48 24.41 -54.60
C LEU F 214 -11.17 24.71 -53.88
N ILE F 215 -10.93 24.08 -52.73
CA ILE F 215 -9.67 24.25 -52.03
C ILE F 215 -8.48 23.60 -52.74
N ILE F 216 -8.64 22.36 -53.19
CA ILE F 216 -7.59 21.69 -53.94
C ILE F 216 -7.37 22.37 -55.30
N ALA F 217 -8.45 22.84 -55.92
CA ALA F 217 -8.33 23.59 -57.17
C ALA F 217 -7.51 24.85 -56.93
N ALA F 218 -8.01 25.72 -56.03
CA ALA F 218 -7.36 26.99 -55.67
C ALA F 218 -5.98 26.82 -55.03
N SER F 219 -5.63 25.61 -54.62
CA SER F 219 -4.28 25.39 -54.14
C SER F 219 -3.36 25.64 -55.31
N TRP F 220 -3.86 25.34 -56.52
CA TRP F 220 -3.04 25.44 -57.71
C TRP F 220 -2.70 26.88 -58.07
N SER F 221 -3.53 27.83 -57.65
CA SER F 221 -3.31 29.23 -58.02
C SER F 221 -2.09 29.83 -57.29
N VAL F 222 -1.21 28.97 -56.77
CA VAL F 222 0.05 29.40 -56.19
C VAL F 222 1.14 29.71 -57.22
N PHE F 223 1.10 29.02 -58.35
CA PHE F 223 2.10 29.21 -59.38
C PHE F 223 1.89 30.53 -60.12
N TRP F 224 0.81 31.23 -59.77
CA TRP F 224 0.48 32.48 -60.42
C TRP F 224 0.89 33.67 -59.54
N LEU F 225 1.63 33.39 -58.46
CA LEU F 225 2.34 34.43 -57.69
C LEU F 225 3.73 34.65 -58.27
N GLU F 226 4.26 35.88 -58.18
CA GLU F 226 5.46 36.18 -58.96
C GLU F 226 6.82 36.11 -58.27
N SER F 227 6.94 36.47 -57.00
CA SER F 227 8.23 36.26 -56.35
C SER F 227 8.27 34.87 -55.75
N PHE F 228 9.47 34.39 -55.46
CA PHE F 228 9.65 33.10 -54.79
C PHE F 228 9.25 33.24 -53.32
N SER F 229 9.63 34.34 -52.71
CA SER F 229 9.22 34.68 -51.35
C SER F 229 7.69 34.61 -51.20
N GLU F 230 6.95 35.13 -52.17
CA GLU F 230 5.49 35.05 -52.16
C GLU F 230 5.01 33.59 -52.21
N ARG F 231 5.62 32.80 -53.11
CA ARG F 231 5.14 31.44 -53.41
C ARG F 231 5.35 30.41 -52.30
N LEU F 232 6.52 30.40 -51.67
CA LEU F 232 6.83 29.42 -50.62
C LEU F 232 6.06 29.66 -49.34
N GLN F 233 5.99 30.91 -48.92
CA GLN F 233 5.26 31.25 -47.71
C GLN F 233 3.77 30.95 -47.82
N THR F 234 3.23 31.09 -49.02
CA THR F 234 1.81 30.87 -49.21
C THR F 234 1.39 29.41 -48.96
N SER F 235 2.25 28.47 -49.33
CA SER F 235 1.96 27.05 -49.17
C SER F 235 1.79 26.64 -47.72
N PHE F 236 2.39 27.39 -46.80
CA PHE F 236 2.26 27.11 -45.39
C PHE F 236 0.87 27.52 -44.92
N THR F 237 0.28 28.47 -45.63
CA THR F 237 -1.10 28.82 -45.34
C THR F 237 -1.99 27.75 -45.99
N LEU F 238 -1.60 27.24 -47.15
CA LEU F 238 -2.36 26.14 -47.78
C LEU F 238 -2.29 24.83 -46.96
N MET F 239 -1.12 24.53 -46.41
CA MET F 239 -0.94 23.38 -45.53
C MET F 239 -1.93 23.48 -44.38
N LEU F 240 -1.95 24.65 -43.72
CA LEU F 240 -2.85 24.89 -42.61
C LEU F 240 -4.30 24.73 -43.03
N THR F 241 -4.62 25.18 -44.24
CA THR F 241 -6.00 25.07 -44.72
C THR F 241 -6.42 23.62 -44.99
N VAL F 242 -5.53 22.80 -45.53
CA VAL F 242 -5.90 21.40 -45.74
C VAL F 242 -6.07 20.73 -44.39
N VAL F 243 -5.15 20.97 -43.44
CA VAL F 243 -5.28 20.36 -42.12
C VAL F 243 -6.61 20.75 -41.46
N ALA F 244 -6.97 22.02 -41.58
CA ALA F 244 -8.23 22.53 -41.03
C ALA F 244 -9.43 21.91 -41.72
N TYR F 245 -9.31 21.68 -43.02
CA TYR F 245 -10.39 21.05 -43.77
C TYR F 245 -10.47 19.56 -43.48
N ALA F 246 -9.32 18.98 -43.18
CA ALA F 246 -9.23 17.59 -42.73
C ALA F 246 -9.95 17.44 -41.41
N PHE F 247 -9.82 18.46 -40.57
CA PHE F 247 -10.40 18.45 -39.25
C PHE F 247 -11.92 18.47 -39.40
N TYR F 248 -12.40 19.35 -40.29
CA TYR F 248 -13.82 19.50 -40.57
C TYR F 248 -14.48 18.21 -41.09
N THR F 249 -13.89 17.57 -42.10
CA THR F 249 -14.53 16.38 -42.68
C THR F 249 -14.53 15.26 -41.67
N SER F 250 -13.35 14.98 -41.15
CA SER F 250 -13.16 13.84 -40.27
C SER F 250 -14.01 13.93 -38.99
N ASN F 251 -14.37 15.14 -38.60
CA ASN F 251 -15.23 15.33 -37.44
C ASN F 251 -16.68 15.05 -37.75
N ILE F 252 -17.06 15.14 -39.02
CA ILE F 252 -18.47 14.98 -39.35
C ILE F 252 -18.77 13.64 -40.05
N LEU F 253 -17.84 13.17 -40.87
CA LEU F 253 -18.00 11.89 -41.56
C LEU F 253 -17.89 10.69 -40.59
N PRO F 254 -18.45 9.53 -40.97
CA PRO F 254 -18.49 8.39 -40.06
C PRO F 254 -17.13 7.86 -39.70
N ARG F 255 -16.88 7.51 -38.44
CA ARG F 255 -15.58 6.94 -38.10
C ARG F 255 -15.48 5.54 -38.71
N LEU F 256 -14.32 5.24 -39.26
CA LEU F 256 -14.09 3.96 -39.94
C LEU F 256 -12.66 3.47 -39.69
N PRO F 257 -12.38 2.19 -40.00
CA PRO F 257 -11.03 1.66 -39.88
C PRO F 257 -10.25 1.74 -41.19
N TYR F 258 -10.80 2.40 -42.20
CA TYR F 258 -10.05 2.53 -43.46
C TYR F 258 -10.19 3.88 -44.13
N THR F 259 -9.42 4.04 -45.18
CA THR F 259 -9.43 5.28 -45.93
C THR F 259 -10.65 5.27 -46.79
N THR F 260 -11.31 6.42 -46.89
CA THR F 260 -12.45 6.53 -47.77
C THR F 260 -12.00 7.19 -49.08
N VAL F 261 -12.95 7.48 -49.96
CA VAL F 261 -12.65 8.26 -51.14
C VAL F 261 -12.26 9.69 -50.75
N ILE F 262 -13.10 10.32 -49.95
CA ILE F 262 -12.85 11.68 -49.51
C ILE F 262 -11.54 11.77 -48.73
N ASP F 263 -11.27 10.77 -47.90
CA ASP F 263 -10.01 10.73 -47.14
C ASP F 263 -8.82 10.77 -48.08
N GLN F 264 -8.95 10.08 -49.19
CA GLN F 264 -7.87 9.99 -50.16
C GLN F 264 -7.63 11.32 -50.88
N MET F 265 -8.71 11.99 -51.27
CA MET F 265 -8.62 13.32 -51.87
C MET F 265 -7.81 14.23 -50.95
N ILE F 266 -8.07 14.13 -49.64
CA ILE F 266 -7.37 14.95 -48.67
C ILE F 266 -5.89 14.59 -48.60
N ILE F 267 -5.59 13.30 -48.68
CA ILE F 267 -4.20 12.87 -48.68
C ILE F 267 -3.53 13.36 -49.97
N ALA F 268 -4.27 13.36 -51.06
CA ALA F 268 -3.78 13.94 -52.31
C ALA F 268 -3.60 15.47 -52.16
N GLY F 269 -4.54 16.11 -51.46
CA GLY F 269 -4.48 17.53 -51.17
C GLY F 269 -3.26 17.85 -50.34
N TYR F 270 -3.00 17.00 -49.35
CA TYR F 270 -1.77 17.08 -48.57
C TYR F 270 -0.52 16.88 -49.44
N GLY F 271 -0.65 15.95 -50.39
CA GLY F 271 0.44 15.57 -51.27
C GLY F 271 0.73 16.64 -52.30
N SER F 272 -0.31 17.10 -52.98
CA SER F 272 -0.17 18.14 -54.00
C SER F 272 0.54 19.37 -53.42
N ILE F 273 0.30 19.67 -52.15
CA ILE F 273 0.91 20.85 -51.53
C ILE F 273 2.37 20.64 -51.13
N PHE F 274 2.71 19.45 -50.65
CA PHE F 274 4.10 19.15 -50.35
C PHE F 274 4.88 19.03 -51.65
N ALA F 275 4.23 18.50 -52.67
CA ALA F 275 4.83 18.36 -53.98
C ALA F 275 5.19 19.72 -54.55
N ALA F 276 4.23 20.63 -54.48
CA ALA F 276 4.43 21.98 -54.98
C ALA F 276 5.57 22.68 -54.25
N ILE F 277 5.63 22.51 -52.93
CA ILE F 277 6.69 23.14 -52.15
C ILE F 277 8.04 22.60 -52.59
N LEU F 278 8.08 21.32 -52.96
CA LEU F 278 9.33 20.72 -53.41
C LEU F 278 9.73 21.33 -54.75
N LEU F 279 8.74 21.66 -55.58
CA LEU F 279 8.99 22.22 -56.90
C LEU F 279 9.34 23.70 -56.84
N ILE F 280 8.56 24.48 -56.11
CA ILE F 280 8.82 25.91 -55.94
C ILE F 280 10.23 26.16 -55.43
N ILE F 281 10.72 25.26 -54.60
CA ILE F 281 12.05 25.42 -54.03
C ILE F 281 13.09 24.92 -55.05
N PHE F 282 12.63 24.10 -56.00
CA PHE F 282 13.49 23.56 -57.05
C PHE F 282 13.66 24.55 -58.17
N ALA F 283 12.56 25.14 -58.62
CA ALA F 283 12.55 26.14 -59.68
C ALA F 283 13.33 27.40 -59.30
N HIS F 284 13.62 27.55 -58.02
CA HIS F 284 14.41 28.67 -57.53
C HIS F 284 15.92 28.36 -57.63
N HIS F 285 16.27 27.09 -57.80
CA HIS F 285 17.69 26.70 -57.85
C HIS F 285 18.09 25.76 -59.00
N ARG F 286 17.17 25.45 -59.92
CA ARG F 286 17.48 24.51 -61.02
C ARG F 286 18.65 25.07 -61.81
N GLN F 287 18.51 26.31 -62.26
CA GLN F 287 19.54 26.96 -63.08
C GLN F 287 20.48 27.85 -62.25
N ALA F 288 21.67 28.08 -62.82
CA ALA F 288 22.69 28.96 -62.26
C ALA F 288 22.29 30.44 -62.30
N ASN F 289 23.17 31.28 -61.73
CA ASN F 289 22.99 32.74 -61.61
C ASN F 289 21.94 33.10 -60.55
N GLY F 290 21.19 32.10 -60.08
CA GLY F 290 20.07 32.33 -59.19
C GLY F 290 18.82 32.82 -59.91
N VAL F 291 18.80 32.72 -61.24
CA VAL F 291 17.64 33.12 -62.01
C VAL F 291 16.47 32.14 -61.76
N GLU F 292 15.32 32.69 -61.36
CA GLU F 292 14.13 31.89 -61.09
C GLU F 292 13.69 31.17 -62.35
N ASP F 293 13.80 29.85 -62.35
CA ASP F 293 13.43 29.07 -63.51
C ASP F 293 11.93 29.21 -63.76
N ASP F 294 11.51 30.37 -64.28
CA ASP F 294 10.12 30.59 -64.63
C ASP F 294 9.82 29.82 -65.93
N LEU F 295 10.79 29.00 -66.34
CA LEU F 295 10.61 28.01 -67.38
C LEU F 295 9.84 26.81 -66.80
N LEU F 296 10.22 26.41 -65.58
CA LEU F 296 9.57 25.32 -64.85
C LEU F 296 8.22 25.72 -64.28
N ILE F 297 8.23 26.79 -63.49
CA ILE F 297 7.00 27.44 -63.09
C ILE F 297 6.36 27.89 -64.40
N GLN F 298 5.07 28.18 -64.39
CA GLN F 298 4.28 28.48 -65.60
C GLN F 298 4.04 27.20 -66.37
N ARG F 299 5.09 26.40 -66.58
CA ARG F 299 4.94 25.06 -67.14
C ARG F 299 4.20 24.24 -66.09
N CYS F 300 4.39 24.62 -64.83
CA CYS F 300 3.65 24.05 -63.70
C CYS F 300 2.22 24.58 -63.58
N ARG F 301 1.93 25.71 -64.23
CA ARG F 301 0.59 26.28 -64.15
C ARG F 301 -0.49 25.44 -64.81
N LEU F 302 -0.09 24.45 -65.61
CA LEU F 302 -1.05 23.49 -66.16
C LEU F 302 -0.53 22.08 -66.00
N ALA F 303 0.61 21.96 -65.33
CA ALA F 303 1.14 20.65 -64.99
C ALA F 303 0.37 20.02 -63.83
N PHE F 304 0.21 20.75 -62.74
CA PHE F 304 -0.51 20.21 -61.60
C PHE F 304 -2.01 20.02 -61.90
N PRO F 305 -2.69 21.05 -62.42
CA PRO F 305 -4.10 20.81 -62.74
C PRO F 305 -4.35 19.72 -63.79
N LEU F 306 -3.34 19.26 -64.51
CA LEU F 306 -3.55 18.13 -65.40
C LEU F 306 -3.01 16.89 -64.72
N GLY F 307 -1.87 17.05 -64.07
CA GLY F 307 -1.18 15.98 -63.35
C GLY F 307 -1.97 15.41 -62.18
N PHE F 308 -2.41 16.30 -61.29
CA PHE F 308 -3.31 15.95 -60.19
C PHE F 308 -4.59 15.39 -60.75
N LEU F 309 -5.08 16.01 -61.81
CA LEU F 309 -6.30 15.62 -62.48
C LEU F 309 -6.13 14.28 -63.22
N ALA F 310 -4.90 13.80 -63.29
CA ALA F 310 -4.58 12.51 -63.89
C ALA F 310 -4.37 11.47 -62.81
N ILE F 311 -3.56 11.82 -61.81
CA ILE F 311 -3.25 10.93 -60.69
C ILE F 311 -4.41 10.84 -59.68
N GLY F 312 -5.40 11.71 -59.85
CA GLY F 312 -6.58 11.64 -59.02
C GLY F 312 -7.62 10.88 -59.83
N CYS F 313 -7.32 10.63 -61.11
CA CYS F 313 -8.20 9.83 -61.98
C CYS F 313 -7.86 8.34 -61.99
N VAL F 314 -6.98 7.92 -61.09
CA VAL F 314 -6.67 6.49 -60.99
C VAL F 314 -7.03 6.02 -59.60
N LEU F 315 -8.16 6.51 -59.07
CA LEU F 315 -8.68 5.99 -57.81
C LEU F 315 -9.87 5.06 -57.99
N VAL F 316 -9.72 4.09 -58.88
CA VAL F 316 -10.75 3.09 -59.16
C VAL F 316 -10.68 1.79 -58.31
N ILE F 317 -10.01 1.82 -57.15
CA ILE F 317 -9.90 0.64 -56.27
C ILE F 317 -11.28 0.19 -55.75
N ARG F 318 -11.78 -0.94 -56.27
CA ARG F 318 -13.14 -1.40 -55.97
C ARG F 318 -13.25 -2.92 -55.77
N ARG G 10 -72.24 -4.17 -31.73
CA ARG G 10 -71.41 -5.18 -31.07
C ARG G 10 -70.04 -4.65 -30.52
N PRO G 11 -69.28 -3.86 -31.31
CA PRO G 11 -67.92 -3.49 -30.87
C PRO G 11 -67.93 -2.54 -29.68
N VAL G 12 -66.90 -2.63 -28.83
CA VAL G 12 -66.83 -1.80 -27.64
C VAL G 12 -66.39 -0.39 -28.00
N ASP G 13 -67.12 0.60 -27.50
CA ASP G 13 -66.76 2.00 -27.74
C ASP G 13 -65.74 2.46 -26.69
N VAL G 14 -64.59 2.96 -27.16
CA VAL G 14 -63.59 3.50 -26.23
C VAL G 14 -63.35 4.97 -26.47
N SER G 15 -63.46 5.76 -25.40
CA SER G 15 -63.19 7.19 -25.43
C SER G 15 -61.81 7.50 -24.80
N VAL G 16 -60.94 8.12 -25.59
CA VAL G 16 -59.55 8.39 -25.20
C VAL G 16 -59.29 9.87 -24.92
N SER G 17 -58.50 10.13 -23.87
CA SER G 17 -58.03 11.47 -23.57
C SER G 17 -56.50 11.44 -23.43
N ILE G 18 -55.81 12.27 -24.19
CA ILE G 18 -54.36 12.32 -24.13
C ILE G 18 -53.87 13.69 -23.68
N PHE G 19 -53.22 13.73 -22.52
CA PHE G 19 -52.70 14.96 -22.00
C PHE G 19 -51.22 15.07 -22.26
N ILE G 20 -50.78 16.14 -22.91
CA ILE G 20 -49.37 16.28 -23.25
C ILE G 20 -48.69 17.26 -22.30
N ASN G 21 -47.63 16.79 -21.64
CA ASN G 21 -46.88 17.55 -20.62
C ASN G 21 -45.67 18.29 -21.06
N LYS G 22 -44.91 17.68 -21.96
CA LYS G 22 -43.62 18.20 -22.36
C LYS G 22 -43.36 17.60 -23.71
N ILE G 23 -42.98 18.42 -24.68
CA ILE G 23 -42.51 17.81 -25.90
C ILE G 23 -41.10 18.26 -26.08
N TYR G 24 -40.17 17.33 -25.98
CA TYR G 24 -38.77 17.71 -26.03
C TYR G 24 -37.91 16.75 -26.81
N GLY G 25 -36.66 17.15 -27.00
CA GLY G 25 -35.65 16.29 -27.55
C GLY G 25 -35.81 15.77 -28.96
N VAL G 26 -36.00 16.67 -29.93
CA VAL G 26 -36.01 16.24 -31.32
C VAL G 26 -34.66 15.65 -31.78
N ASN G 27 -34.68 14.48 -32.41
CA ASN G 27 -33.49 13.93 -33.03
C ASN G 27 -33.56 14.06 -34.53
N THR G 28 -32.78 14.96 -35.10
CA THR G 28 -32.94 15.29 -36.51
C THR G 28 -32.59 14.18 -37.46
N LEU G 29 -31.50 13.50 -37.20
CA LEU G 29 -31.06 12.51 -38.17
C LEU G 29 -32.07 11.35 -38.14
N GLU G 30 -32.50 10.96 -36.93
CA GLU G 30 -33.45 9.87 -36.73
C GLU G 30 -34.92 10.22 -36.96
N GLN G 31 -35.22 11.51 -37.06
CA GLN G 31 -36.60 12.00 -37.20
C GLN G 31 -37.52 11.50 -36.09
N THR G 32 -37.15 11.77 -34.83
CA THR G 32 -37.93 11.39 -33.65
C THR G 32 -38.02 12.55 -32.64
N TYR G 33 -38.88 12.44 -31.63
CA TYR G 33 -39.02 13.48 -30.59
C TYR G 33 -39.60 12.80 -29.36
N LYS G 34 -39.41 13.34 -28.17
CA LYS G 34 -39.86 12.64 -26.99
C LYS G 34 -41.11 13.29 -26.47
N VAL G 35 -42.08 12.50 -26.03
CA VAL G 35 -43.33 13.06 -25.52
C VAL G 35 -43.71 12.47 -24.18
N ASP G 36 -43.85 13.33 -23.19
CA ASP G 36 -44.31 12.92 -21.88
C ASP G 36 -45.71 13.44 -21.66
N GLY G 37 -46.56 12.57 -21.13
CA GLY G 37 -47.92 12.89 -20.82
C GLY G 37 -48.64 11.73 -20.16
N TYR G 38 -49.96 11.82 -20.08
CA TYR G 38 -50.79 10.75 -19.57
C TYR G 38 -51.73 10.27 -20.68
N ILE G 39 -52.19 9.03 -20.60
CA ILE G 39 -53.23 8.60 -21.53
C ILE G 39 -54.42 8.02 -20.77
N VAL G 40 -55.62 8.37 -21.22
CA VAL G 40 -56.84 7.87 -20.60
C VAL G 40 -57.79 7.18 -21.59
N ALA G 41 -58.32 6.02 -21.20
CA ALA G 41 -59.26 5.30 -22.03
C ALA G 41 -60.41 4.90 -21.14
N GLN G 42 -61.63 5.13 -21.62
CA GLN G 42 -62.82 4.73 -20.89
C GLN G 42 -63.68 3.88 -21.81
N TRP G 43 -64.19 2.77 -21.26
CA TRP G 43 -65.13 1.89 -21.95
C TRP G 43 -66.08 1.36 -20.91
N THR G 44 -67.13 0.66 -21.35
CA THR G 44 -68.09 0.10 -20.40
C THR G 44 -68.24 -1.40 -20.52
N GLY G 45 -68.27 -2.07 -19.37
CA GLY G 45 -68.36 -3.51 -19.38
C GLY G 45 -69.47 -3.99 -18.47
N LYS G 46 -69.47 -5.29 -18.21
CA LYS G 46 -70.48 -5.90 -17.36
C LYS G 46 -70.40 -5.31 -15.97
N PRO G 47 -71.50 -4.68 -15.50
CA PRO G 47 -71.54 -4.06 -14.17
C PRO G 47 -71.09 -5.01 -13.06
N ARG G 48 -70.69 -4.41 -11.93
CA ARG G 48 -69.79 -5.08 -10.99
C ARG G 48 -70.07 -4.79 -9.53
N LYS G 49 -69.73 -5.74 -8.69
CA LYS G 49 -69.76 -5.54 -7.25
C LYS G 49 -68.45 -4.89 -6.76
N THR G 50 -68.56 -3.68 -6.22
CA THR G 50 -67.39 -3.00 -5.68
C THR G 50 -67.59 -2.84 -4.18
N PRO G 51 -66.49 -2.83 -3.42
CA PRO G 51 -66.61 -2.59 -1.98
C PRO G 51 -67.11 -1.16 -1.74
N GLY G 52 -68.27 -1.04 -1.12
CA GLY G 52 -69.00 0.21 -1.06
C GLY G 52 -69.59 0.41 -2.44
N ASP G 53 -70.66 1.19 -2.55
CA ASP G 53 -71.24 1.33 -3.88
C ASP G 53 -70.46 2.41 -4.63
N LYS G 54 -69.25 2.62 -4.14
CA LYS G 54 -68.32 3.60 -4.68
C LYS G 54 -67.27 2.90 -5.54
N PRO G 55 -66.75 3.61 -6.55
CA PRO G 55 -65.84 3.02 -7.52
C PRO G 55 -64.57 2.51 -6.84
N LEU G 56 -63.99 1.48 -7.44
CA LEU G 56 -62.83 0.80 -6.87
C LEU G 56 -61.59 1.26 -7.59
N ILE G 57 -60.52 1.54 -6.86
CA ILE G 57 -59.30 2.03 -7.50
C ILE G 57 -58.22 0.96 -7.44
N VAL G 58 -57.62 0.67 -8.59
CA VAL G 58 -56.58 -0.34 -8.67
C VAL G 58 -55.30 0.23 -9.24
N GLU G 59 -54.22 0.19 -8.47
CA GLU G 59 -52.98 0.85 -8.89
C GLU G 59 -51.85 -0.12 -9.26
N ASN G 60 -51.18 0.20 -10.36
CA ASN G 60 -49.90 -0.42 -10.70
C ASN G 60 -49.90 -1.95 -10.62
N THR G 61 -49.20 -2.52 -9.65
CA THR G 61 -49.02 -3.97 -9.62
C THR G 61 -50.28 -4.82 -9.51
N GLN G 62 -51.39 -4.22 -9.10
CA GLN G 62 -52.67 -4.92 -8.89
C GLN G 62 -53.51 -5.14 -10.14
N ILE G 63 -53.29 -4.31 -11.14
CA ILE G 63 -54.04 -4.40 -12.39
C ILE G 63 -53.79 -5.76 -13.00
N GLU G 64 -52.56 -6.23 -12.89
CA GLU G 64 -52.22 -7.56 -13.38
C GLU G 64 -53.07 -8.63 -12.72
N ARG G 65 -53.35 -8.46 -11.43
CA ARG G 65 -54.10 -9.47 -10.70
C ARG G 65 -55.50 -9.55 -11.28
N TRP G 66 -56.10 -8.38 -11.53
CA TRP G 66 -57.46 -8.34 -12.05
C TRP G 66 -57.57 -8.89 -13.45
N ILE G 67 -56.48 -8.85 -14.19
CA ILE G 67 -56.48 -9.36 -15.55
C ILE G 67 -56.72 -10.86 -15.48
N ASN G 68 -56.06 -11.52 -14.52
CA ASN G 68 -56.18 -12.97 -14.33
C ASN G 68 -57.51 -13.49 -13.82
N ASN G 69 -58.26 -12.67 -13.10
CA ASN G 69 -59.63 -13.05 -12.77
C ASN G 69 -60.57 -12.73 -13.93
N GLY G 70 -60.01 -12.29 -15.04
CA GLY G 70 -60.76 -12.17 -16.28
C GLY G 70 -61.28 -10.80 -16.64
N LEU G 71 -60.60 -9.75 -16.17
CA LEU G 71 -60.94 -8.39 -16.58
C LEU G 71 -60.39 -8.09 -17.95
N TRP G 72 -61.22 -7.48 -18.79
CA TRP G 72 -60.78 -7.14 -20.14
C TRP G 72 -60.17 -5.76 -20.14
N VAL G 73 -58.85 -5.72 -20.24
CA VAL G 73 -58.14 -4.47 -20.40
C VAL G 73 -57.28 -4.57 -21.65
N PRO G 74 -57.77 -3.98 -22.74
CA PRO G 74 -57.19 -4.07 -24.10
C PRO G 74 -55.86 -3.33 -24.29
N ALA G 75 -54.92 -3.98 -24.95
CA ALA G 75 -53.64 -3.34 -25.19
C ALA G 75 -53.72 -2.30 -26.28
N LEU G 76 -53.54 -1.03 -25.92
CA LEU G 76 -53.58 0.06 -26.89
C LEU G 76 -52.17 0.55 -27.25
N GLU G 77 -51.82 0.42 -28.52
CA GLU G 77 -50.47 0.67 -29.00
C GLU G 77 -50.19 2.03 -29.60
N PHE G 78 -49.09 2.66 -29.21
CA PHE G 78 -48.60 3.84 -29.91
C PHE G 78 -47.94 3.32 -31.16
N ILE G 79 -48.58 3.54 -32.28
CA ILE G 79 -48.14 2.93 -33.51
C ILE G 79 -46.76 3.46 -33.86
N ASN G 80 -46.53 4.76 -33.60
CA ASN G 80 -45.31 5.43 -34.07
C ASN G 80 -44.27 5.66 -32.99
N VAL G 81 -44.39 4.93 -31.89
CA VAL G 81 -43.35 4.96 -30.87
C VAL G 81 -42.17 4.16 -31.38
N VAL G 82 -40.97 4.47 -30.92
CA VAL G 82 -39.82 3.68 -31.35
C VAL G 82 -39.33 2.93 -30.11
N GLY G 83 -39.80 1.69 -29.92
CA GLY G 83 -39.40 0.95 -28.75
C GLY G 83 -40.25 1.21 -27.54
N SER G 84 -40.25 0.26 -26.62
CA SER G 84 -41.18 0.32 -25.51
C SER G 84 -41.05 1.62 -24.73
N PRO G 85 -42.14 2.36 -24.69
CA PRO G 85 -42.22 3.64 -23.99
C PRO G 85 -42.10 3.41 -22.48
N ASP G 86 -41.65 4.44 -21.78
CA ASP G 86 -41.43 4.31 -20.36
C ASP G 86 -42.77 4.58 -19.71
N THR G 87 -43.38 3.51 -19.23
CA THR G 87 -44.66 3.60 -18.60
C THR G 87 -44.48 3.89 -17.11
N GLY G 88 -45.07 4.99 -16.65
CA GLY G 88 -45.08 5.33 -15.24
C GLY G 88 -46.15 4.59 -14.43
N ASN G 89 -47.04 5.34 -13.81
CA ASN G 89 -48.10 4.73 -13.02
C ASN G 89 -49.31 4.30 -13.82
N LYS G 90 -49.86 3.15 -13.45
CA LYS G 90 -51.08 2.66 -14.03
C LYS G 90 -52.17 2.80 -13.01
N ARG G 91 -53.41 2.96 -13.48
CA ARG G 91 -54.58 3.03 -12.61
C ARG G 91 -55.78 2.47 -13.33
N LEU G 92 -56.53 1.60 -12.65
CA LEU G 92 -57.86 1.21 -13.12
C LEU G 92 -58.89 1.82 -12.16
N MET G 93 -59.89 2.49 -12.70
CA MET G 93 -61.02 2.92 -11.88
C MET G 93 -62.21 2.07 -12.32
N LEU G 94 -62.61 1.15 -11.44
CA LEU G 94 -63.67 0.21 -11.74
C LEU G 94 -64.93 0.72 -11.12
N PHE G 95 -65.90 1.02 -11.95
CA PHE G 95 -67.19 1.55 -11.49
C PHE G 95 -68.18 0.44 -11.27
N PRO G 96 -69.11 0.63 -10.31
CA PRO G 96 -70.05 -0.46 -10.02
C PRO G 96 -71.06 -0.65 -11.19
N ASP G 97 -71.35 0.45 -11.86
CA ASP G 97 -72.28 0.49 -12.99
C ASP G 97 -71.64 0.08 -14.31
N GLY G 98 -70.56 -0.69 -14.26
CA GLY G 98 -69.99 -1.25 -15.47
C GLY G 98 -68.75 -0.60 -16.07
N ARG G 99 -68.70 0.74 -16.07
CA ARG G 99 -67.63 1.47 -16.76
C ARG G 99 -66.26 1.32 -16.14
N VAL G 100 -65.27 1.45 -17.00
CA VAL G 100 -63.88 1.22 -16.69
C VAL G 100 -63.02 2.37 -17.20
N ILE G 101 -62.17 2.92 -16.33
CA ILE G 101 -61.30 3.99 -16.75
C ILE G 101 -59.84 3.56 -16.55
N TYR G 102 -59.09 3.58 -17.64
CA TYR G 102 -57.66 3.30 -17.58
C TYR G 102 -56.86 4.59 -17.57
N ASN G 103 -55.99 4.76 -16.58
CA ASN G 103 -55.18 5.96 -16.51
C ASN G 103 -53.72 5.56 -16.35
N ALA G 104 -52.89 6.05 -17.27
CA ALA G 104 -51.49 5.69 -17.26
C ALA G 104 -50.62 6.85 -17.74
N ARG G 105 -49.47 7.01 -17.09
CA ARG G 105 -48.54 8.04 -17.53
C ARG G 105 -47.48 7.44 -18.43
N PHE G 106 -47.07 8.18 -19.45
CA PHE G 106 -46.05 7.71 -20.37
C PHE G 106 -45.06 8.77 -20.76
N LEU G 107 -43.86 8.30 -21.04
CA LEU G 107 -42.84 9.09 -21.69
C LEU G 107 -42.35 8.23 -22.82
N GLY G 108 -42.36 8.75 -24.03
CA GLY G 108 -42.02 7.91 -25.15
C GLY G 108 -41.35 8.63 -26.29
N SER G 109 -40.56 7.87 -27.04
CA SER G 109 -39.87 8.42 -28.18
C SER G 109 -40.64 8.08 -29.41
N PHE G 110 -41.08 9.10 -30.12
CA PHE G 110 -42.00 8.95 -31.24
C PHE G 110 -41.35 9.35 -32.54
N SER G 111 -41.85 8.79 -33.64
CA SER G 111 -41.34 9.09 -34.98
C SER G 111 -42.38 9.72 -35.91
N ASN G 112 -41.92 10.58 -36.81
CA ASN G 112 -42.75 11.11 -37.90
C ASN G 112 -41.88 11.62 -39.03
N ASP G 113 -42.41 11.70 -40.25
CA ASP G 113 -41.63 12.29 -41.33
C ASP G 113 -41.36 13.73 -40.93
N MET G 114 -40.11 14.16 -41.05
CA MET G 114 -39.72 15.52 -40.68
C MET G 114 -38.77 16.13 -41.72
N ASP G 115 -39.20 17.21 -42.35
CA ASP G 115 -38.42 17.90 -43.38
C ASP G 115 -37.71 19.08 -42.74
N PHE G 116 -36.39 19.08 -42.77
CA PHE G 116 -35.64 20.16 -42.14
C PHE G 116 -34.97 21.10 -43.13
N ARG G 117 -35.45 21.16 -44.38
CA ARG G 117 -34.72 21.92 -45.41
C ARG G 117 -34.78 23.44 -45.19
N LEU G 118 -35.83 23.90 -44.52
CA LEU G 118 -36.00 25.34 -44.29
C LEU G 118 -35.33 25.81 -43.01
N PHE G 119 -34.47 24.98 -42.44
CA PHE G 119 -33.76 25.32 -41.21
C PHE G 119 -33.00 26.59 -41.44
N PRO G 120 -32.98 27.48 -40.43
CA PRO G 120 -33.59 27.35 -39.12
C PRO G 120 -34.98 27.91 -39.10
N PHE G 121 -35.65 27.94 -40.23
CA PHE G 121 -36.99 28.50 -40.24
C PHE G 121 -38.02 27.43 -40.58
N ASP G 122 -37.81 26.21 -40.09
CA ASP G 122 -38.72 25.10 -40.39
C ASP G 122 -39.91 25.03 -39.41
N ARG G 123 -41.00 24.48 -39.92
CA ARG G 123 -42.21 24.26 -39.16
C ARG G 123 -42.31 22.76 -39.12
N GLN G 124 -42.64 22.18 -37.98
CA GLN G 124 -42.75 20.73 -37.86
C GLN G 124 -44.05 20.33 -37.21
N GLN G 125 -44.48 19.08 -37.39
CA GLN G 125 -45.61 18.62 -36.59
C GLN G 125 -45.33 17.34 -35.80
N PHE G 126 -45.59 17.46 -34.50
CA PHE G 126 -45.46 16.39 -33.54
C PHE G 126 -46.72 15.55 -33.51
N VAL G 127 -46.58 14.26 -33.75
CA VAL G 127 -47.70 13.34 -33.94
C VAL G 127 -47.80 12.17 -32.93
N LEU G 128 -49.00 11.84 -32.52
CA LEU G 128 -49.21 10.62 -31.78
C LEU G 128 -50.08 9.71 -32.61
N GLU G 129 -49.73 8.43 -32.74
CA GLU G 129 -50.62 7.48 -33.41
C GLU G 129 -50.95 6.27 -32.53
N LEU G 130 -52.23 6.18 -32.16
CA LEU G 130 -52.70 5.20 -31.20
C LEU G 130 -53.79 4.30 -31.82
N GLU G 131 -53.66 2.98 -31.64
CA GLU G 131 -54.42 1.94 -32.32
C GLU G 131 -54.44 0.67 -31.44
N PRO G 132 -55.58 -0.04 -31.35
CA PRO G 132 -55.51 -1.23 -30.51
C PRO G 132 -54.61 -2.26 -31.15
N PHE G 133 -54.05 -3.13 -30.33
CA PHE G 133 -53.03 -4.03 -30.79
C PHE G 133 -53.59 -5.32 -31.40
N SER G 134 -54.71 -5.81 -30.86
CA SER G 134 -55.19 -7.15 -31.19
C SER G 134 -56.59 -7.19 -31.77
N TYR G 135 -57.40 -6.20 -31.41
CA TYR G 135 -58.82 -6.18 -31.71
C TYR G 135 -59.20 -5.17 -32.80
N ASN G 136 -59.91 -5.60 -33.83
CA ASN G 136 -60.35 -4.70 -34.92
C ASN G 136 -61.58 -3.85 -34.58
N ASN G 137 -62.02 -3.06 -35.57
CA ASN G 137 -63.16 -2.15 -35.43
C ASN G 137 -64.51 -2.86 -35.34
N GLN G 138 -64.50 -4.17 -35.55
CA GLN G 138 -65.68 -4.97 -35.30
C GLN G 138 -65.73 -5.30 -33.81
N GLN G 139 -64.58 -5.15 -33.17
CA GLN G 139 -64.40 -5.47 -31.75
C GLN G 139 -64.21 -4.23 -30.84
N LEU G 140 -63.36 -3.31 -31.26
CA LEU G 140 -63.05 -2.13 -30.44
C LEU G 140 -62.89 -0.92 -31.33
N ARG G 141 -63.65 0.12 -31.01
CA ARG G 141 -63.58 1.36 -31.77
C ARG G 141 -63.49 2.57 -30.85
N PHE G 142 -62.78 3.56 -31.35
CA PHE G 142 -62.56 4.78 -30.61
C PHE G 142 -63.74 5.69 -30.87
N SER G 143 -64.50 5.98 -29.80
CA SER G 143 -65.72 6.74 -29.99
C SER G 143 -65.36 8.19 -30.27
N ASP G 144 -64.55 8.80 -29.41
CA ASP G 144 -64.09 10.18 -29.56
C ASP G 144 -62.72 10.39 -28.93
N ILE G 145 -62.02 11.44 -29.32
CA ILE G 145 -60.71 11.72 -28.73
C ILE G 145 -60.46 13.18 -28.30
N GLN G 146 -60.16 13.39 -27.03
CA GLN G 146 -59.80 14.71 -26.53
C GLN G 146 -58.30 14.85 -26.23
N VAL G 147 -57.68 15.93 -26.72
CA VAL G 147 -56.28 16.23 -26.44
C VAL G 147 -56.04 17.52 -25.71
N TYR G 148 -55.38 17.42 -24.58
CA TYR G 148 -55.15 18.60 -23.79
C TYR G 148 -53.70 19.05 -23.72
N THR G 149 -53.49 20.32 -24.07
CA THR G 149 -52.18 20.90 -23.97
C THR G 149 -52.26 22.19 -23.21
N GLU G 150 -51.32 22.35 -22.30
CA GLU G 150 -51.15 23.56 -21.54
C GLU G 150 -50.86 24.67 -22.53
N ASN G 151 -51.15 25.91 -22.13
CA ASN G 151 -50.86 27.08 -22.97
C ASN G 151 -49.52 27.71 -22.56
N ILE G 152 -48.50 27.57 -23.40
CA ILE G 152 -47.18 28.14 -23.12
C ILE G 152 -47.14 29.64 -23.39
N ASP G 153 -46.88 30.41 -22.35
CA ASP G 153 -46.91 31.86 -22.43
C ASP G 153 -45.52 32.55 -22.51
N ASN G 154 -44.54 32.10 -21.73
CA ASN G 154 -43.17 32.62 -21.88
C ASN G 154 -42.35 31.78 -22.85
N GLU G 155 -42.88 31.56 -24.05
CA GLU G 155 -42.29 30.65 -25.02
C GLU G 155 -41.00 31.16 -25.67
N GLU G 156 -40.62 32.41 -25.38
CA GLU G 156 -39.42 33.00 -25.97
C GLU G 156 -38.16 32.36 -25.42
N ILE G 157 -38.30 31.62 -24.32
CA ILE G 157 -37.21 30.84 -23.73
C ILE G 157 -37.35 29.36 -24.10
N ASP G 158 -38.34 29.04 -24.92
CA ASP G 158 -38.49 27.68 -25.42
C ASP G 158 -37.98 27.55 -26.83
N GLU G 159 -37.43 26.38 -27.11
CA GLU G 159 -36.87 26.08 -28.41
C GLU G 159 -37.94 26.02 -29.49
N TRP G 160 -39.11 25.49 -29.13
CA TRP G 160 -40.22 25.34 -30.07
C TRP G 160 -41.52 26.12 -29.72
N TRP G 161 -42.08 26.82 -30.71
CA TRP G 161 -43.36 27.53 -30.55
C TRP G 161 -44.54 26.71 -31.05
N ILE G 162 -45.38 26.29 -30.12
CA ILE G 162 -46.61 25.55 -30.39
C ILE G 162 -47.73 26.45 -30.90
N ARG G 163 -48.32 26.09 -32.05
CA ARG G 163 -49.27 26.97 -32.74
C ARG G 163 -50.71 26.45 -32.82
N GLY G 164 -51.49 26.65 -31.75
CA GLY G 164 -52.89 26.26 -31.77
C GLY G 164 -53.12 24.97 -31.02
N LYS G 165 -54.38 24.69 -30.65
CA LYS G 165 -54.63 23.45 -29.95
C LYS G 165 -54.34 22.26 -30.87
N ALA G 166 -54.18 21.09 -30.26
CA ALA G 166 -53.86 19.90 -31.01
C ALA G 166 -55.04 19.51 -31.91
N SER G 167 -54.76 18.98 -33.09
CA SER G 167 -55.86 18.47 -33.92
C SER G 167 -56.06 16.96 -33.74
N THR G 168 -57.30 16.49 -33.81
CA THR G 168 -57.57 15.09 -33.53
C THR G 168 -58.23 14.44 -34.73
N HIS G 169 -58.16 13.12 -34.76
CA HIS G 169 -58.47 12.36 -35.94
C HIS G 169 -58.69 10.85 -35.66
N ILE G 170 -59.93 10.41 -35.71
CA ILE G 170 -60.26 8.98 -35.76
C ILE G 170 -60.52 8.52 -37.22
N SER G 171 -59.98 7.36 -37.61
CA SER G 171 -60.16 6.78 -38.95
C SER G 171 -60.08 5.27 -38.81
N ASP G 172 -60.04 4.53 -39.92
CA ASP G 172 -59.95 3.06 -39.87
C ASP G 172 -58.83 2.57 -40.80
N ILE G 173 -58.10 1.52 -40.43
CA ILE G 173 -56.96 1.12 -41.28
C ILE G 173 -57.15 -0.29 -41.80
N ARG G 174 -57.06 -0.47 -43.10
CA ARG G 174 -57.12 -1.79 -43.70
C ARG G 174 -55.73 -2.41 -43.73
N TYR G 175 -55.56 -3.55 -43.08
CA TYR G 175 -54.34 -4.30 -43.26
C TYR G 175 -54.59 -5.41 -44.28
N ASP G 176 -53.99 -5.33 -45.46
CA ASP G 176 -54.27 -6.31 -46.51
C ASP G 176 -53.84 -7.71 -46.15
N HIS G 177 -52.55 -7.84 -45.93
CA HIS G 177 -51.90 -9.12 -45.71
C HIS G 177 -52.10 -9.57 -44.26
N LEU G 178 -53.23 -10.25 -44.03
CA LEU G 178 -53.56 -10.85 -42.73
C LEU G 178 -53.74 -12.37 -42.82
N SER G 179 -53.31 -13.05 -41.76
CA SER G 179 -53.40 -14.51 -41.63
C SER G 179 -54.67 -14.93 -40.89
N SER G 180 -55.61 -13.99 -40.73
CA SER G 180 -56.77 -14.19 -39.86
C SER G 180 -57.96 -14.81 -40.56
N VAL G 181 -59.11 -14.14 -40.50
CA VAL G 181 -60.33 -14.63 -41.16
C VAL G 181 -60.71 -13.60 -42.22
N GLN G 182 -61.83 -13.79 -42.90
CA GLN G 182 -62.14 -13.04 -44.12
C GLN G 182 -63.23 -11.96 -44.07
N PRO G 183 -64.39 -12.24 -43.46
CA PRO G 183 -65.45 -11.23 -43.66
C PRO G 183 -65.29 -9.96 -42.79
N ASN G 184 -64.70 -8.89 -43.36
CA ASN G 184 -64.57 -7.58 -42.70
C ASN G 184 -63.74 -7.52 -41.39
N GLN G 185 -62.80 -8.43 -41.20
CA GLN G 185 -62.03 -8.50 -39.95
C GLN G 185 -60.57 -7.98 -39.97
N ASN G 186 -60.24 -7.10 -40.92
CA ASN G 186 -58.87 -6.66 -41.12
C ASN G 186 -58.64 -5.16 -40.97
N GLU G 187 -59.62 -4.46 -40.40
CA GLU G 187 -59.58 -3.01 -40.27
C GLU G 187 -59.48 -2.63 -38.80
N PHE G 188 -58.61 -1.68 -38.48
CA PHE G 188 -58.41 -1.30 -37.08
C PHE G 188 -58.72 0.15 -36.81
N SER G 189 -59.19 0.43 -35.60
CA SER G 189 -59.61 1.78 -35.22
C SER G 189 -58.43 2.68 -34.79
N ARG G 190 -58.18 3.80 -35.49
CA ARG G 190 -57.00 4.63 -35.15
C ARG G 190 -57.15 6.14 -34.93
N ILE G 191 -56.81 6.54 -33.70
CA ILE G 191 -56.60 7.92 -33.26
C ILE G 191 -55.24 8.44 -33.71
N THR G 192 -55.22 9.70 -34.19
CA THR G 192 -54.01 10.41 -34.59
C THR G 192 -54.01 11.82 -34.05
N VAL G 193 -53.11 12.14 -33.13
CA VAL G 193 -53.04 13.49 -32.61
C VAL G 193 -51.93 14.24 -33.34
N ARG G 194 -52.24 15.47 -33.71
CA ARG G 194 -51.26 16.37 -34.35
C ARG G 194 -51.06 17.70 -33.62
N ILE G 195 -49.79 18.07 -33.43
CA ILE G 195 -49.39 19.35 -32.82
C ILE G 195 -48.46 20.07 -33.79
N ASP G 196 -48.82 21.29 -34.18
CA ASP G 196 -47.97 22.11 -35.06
C ASP G 196 -47.03 22.93 -34.23
N ALA G 197 -45.84 23.18 -34.76
CA ALA G 197 -44.87 23.99 -34.03
C ALA G 197 -43.86 24.67 -34.96
N VAL G 198 -43.34 25.80 -34.50
CA VAL G 198 -42.32 26.54 -35.22
C VAL G 198 -41.05 26.65 -34.42
N ARG G 199 -39.93 26.72 -35.12
CA ARG G 199 -38.62 26.69 -34.50
C ARG G 199 -38.33 28.11 -34.00
N ASN G 200 -37.78 28.25 -32.80
CA ASN G 200 -37.38 29.58 -32.35
C ASN G 200 -36.08 30.00 -33.04
N PRO G 201 -36.18 30.82 -34.10
CA PRO G 201 -35.10 31.04 -35.05
C PRO G 201 -34.06 32.05 -34.61
N SER G 202 -34.18 32.58 -33.40
CA SER G 202 -33.26 33.61 -32.90
C SER G 202 -31.81 33.19 -32.99
N TYR G 203 -31.43 32.22 -32.17
CA TYR G 203 -30.03 31.87 -31.96
C TYR G 203 -29.35 31.72 -33.31
N TYR G 204 -30.05 31.12 -34.26
CA TYR G 204 -29.46 30.80 -35.55
C TYR G 204 -29.34 32.02 -36.44
N LEU G 205 -30.21 32.99 -36.24
CA LEU G 205 -30.14 34.22 -37.01
C LEU G 205 -28.95 35.05 -36.59
N TRP G 206 -28.90 35.33 -35.29
CA TRP G 206 -27.92 36.25 -34.72
C TRP G 206 -26.52 35.66 -34.62
N SER G 207 -26.45 34.39 -34.28
CA SER G 207 -25.16 33.81 -34.01
C SER G 207 -24.63 32.92 -35.16
N PHE G 208 -25.47 32.65 -36.17
CA PHE G 208 -25.04 31.86 -37.34
C PHE G 208 -25.30 32.55 -38.70
N ILE G 209 -26.54 32.97 -38.97
CA ILE G 209 -26.85 33.59 -40.26
C ILE G 209 -26.09 34.89 -40.45
N LEU G 210 -26.18 35.77 -39.43
CA LEU G 210 -25.61 37.14 -39.43
C LEU G 210 -24.08 37.24 -39.56
N PRO G 211 -23.32 36.62 -38.63
CA PRO G 211 -21.87 36.72 -38.87
C PRO G 211 -21.40 36.03 -40.15
N LEU G 212 -22.15 35.06 -40.67
CA LEU G 212 -21.75 34.42 -41.91
C LEU G 212 -21.81 35.42 -43.05
N GLY G 213 -22.78 36.31 -43.00
CA GLY G 213 -22.86 37.35 -44.01
C GLY G 213 -21.67 38.27 -43.90
N LEU G 214 -21.45 38.76 -42.68
CA LEU G 214 -20.36 39.65 -42.36
C LEU G 214 -19.02 39.11 -42.88
N ILE G 215 -18.80 37.82 -42.69
CA ILE G 215 -17.60 37.21 -43.22
C ILE G 215 -17.64 37.22 -44.74
N ILE G 216 -18.80 36.84 -45.28
CA ILE G 216 -18.99 36.80 -46.73
C ILE G 216 -18.89 38.21 -47.31
N ALA G 217 -19.40 39.19 -46.56
CA ALA G 217 -19.31 40.59 -46.93
C ALA G 217 -17.88 41.08 -46.99
N ALA G 218 -17.20 41.00 -45.85
CA ALA G 218 -15.82 41.47 -45.76
C ALA G 218 -14.93 40.69 -46.71
N SER G 219 -15.42 39.56 -47.20
CA SER G 219 -14.67 38.83 -48.20
C SER G 219 -14.51 39.66 -49.46
N TRP G 220 -15.50 40.50 -49.75
CA TRP G 220 -15.50 41.28 -50.98
C TRP G 220 -14.44 42.37 -50.96
N SER G 221 -14.05 42.79 -49.76
CA SER G 221 -13.07 43.85 -49.63
C SER G 221 -11.64 43.39 -50.00
N VAL G 222 -11.53 42.27 -50.72
CA VAL G 222 -10.25 41.87 -51.29
C VAL G 222 -9.91 42.69 -52.49
N PHE G 223 -10.94 43.25 -53.12
CA PHE G 223 -10.74 44.02 -54.32
C PHE G 223 -10.18 45.42 -54.07
N TRP G 224 -10.09 45.78 -52.80
CA TRP G 224 -9.62 47.10 -52.41
C TRP G 224 -8.18 47.06 -51.96
N LEU G 225 -7.53 45.92 -52.18
CA LEU G 225 -6.10 45.84 -52.02
C LEU G 225 -5.53 46.31 -53.34
N GLU G 226 -4.37 46.95 -53.33
CA GLU G 226 -3.94 47.62 -54.53
C GLU G 226 -2.92 46.85 -55.36
N SER G 227 -2.06 46.06 -54.73
CA SER G 227 -1.18 45.24 -55.53
C SER G 227 -1.90 43.93 -55.87
N PHE G 228 -1.40 43.22 -56.89
CA PHE G 228 -1.91 41.90 -57.23
C PHE G 228 -1.48 40.87 -56.19
N SER G 229 -0.21 40.95 -55.79
CA SER G 229 0.32 40.12 -54.72
C SER G 229 -0.56 40.16 -53.45
N GLU G 230 -0.93 41.36 -53.02
CA GLU G 230 -1.78 41.52 -51.83
C GLU G 230 -3.15 40.84 -51.99
N ARG G 231 -3.77 41.03 -53.15
CA ARG G 231 -5.13 40.55 -53.34
C ARG G 231 -5.20 39.03 -53.39
N LEU G 232 -4.26 38.40 -54.09
CA LEU G 232 -4.29 36.94 -54.26
C LEU G 232 -3.96 36.20 -52.98
N GLN G 233 -2.93 36.64 -52.30
CA GLN G 233 -2.55 35.98 -51.06
C GLN G 233 -3.62 36.16 -49.96
N THR G 234 -4.31 37.31 -49.94
CA THR G 234 -5.34 37.57 -48.94
C THR G 234 -6.54 36.65 -49.11
N SER G 235 -6.84 36.27 -50.34
CA SER G 235 -7.97 35.40 -50.60
C SER G 235 -7.77 34.04 -49.92
N PHE G 236 -6.51 33.65 -49.71
CA PHE G 236 -6.21 32.38 -49.05
C PHE G 236 -6.47 32.37 -47.54
N THR G 237 -6.42 33.52 -46.89
CA THR G 237 -6.83 33.64 -45.50
C THR G 237 -8.36 33.63 -45.40
N LEU G 238 -9.01 34.23 -46.39
CA LEU G 238 -10.46 34.19 -46.45
C LEU G 238 -10.94 32.78 -46.70
N MET G 239 -10.26 32.07 -47.59
CA MET G 239 -10.58 30.69 -47.89
C MET G 239 -10.59 29.88 -46.60
N LEU G 240 -9.51 30.01 -45.85
CA LEU G 240 -9.35 29.37 -44.54
C LEU G 240 -10.39 29.89 -43.56
N THR G 241 -10.76 31.17 -43.66
CA THR G 241 -11.73 31.72 -42.72
C THR G 241 -13.10 31.05 -42.91
N VAL G 242 -13.46 30.74 -44.16
CA VAL G 242 -14.71 30.04 -44.40
C VAL G 242 -14.66 28.62 -43.89
N VAL G 243 -13.59 27.90 -44.20
CA VAL G 243 -13.41 26.52 -43.75
C VAL G 243 -13.50 26.48 -42.23
N ALA G 244 -12.94 27.48 -41.57
CA ALA G 244 -13.07 27.57 -40.13
C ALA G 244 -14.53 27.78 -39.73
N TYR G 245 -15.26 28.55 -40.54
CA TYR G 245 -16.68 28.81 -40.28
C TYR G 245 -17.59 27.65 -40.72
N ALA G 246 -17.16 26.90 -41.73
CA ALA G 246 -17.90 25.69 -42.12
C ALA G 246 -17.87 24.71 -40.97
N PHE G 247 -16.72 24.65 -40.32
CA PHE G 247 -16.46 23.74 -39.21
C PHE G 247 -17.24 24.18 -37.99
N TYR G 248 -17.23 25.46 -37.70
CA TYR G 248 -17.98 26.00 -36.58
C TYR G 248 -19.46 25.68 -36.71
N THR G 249 -20.02 25.87 -37.90
CA THR G 249 -21.45 25.65 -38.09
C THR G 249 -21.82 24.19 -37.94
N SER G 250 -21.15 23.32 -38.71
CA SER G 250 -21.52 21.90 -38.78
C SER G 250 -21.36 21.20 -37.43
N ASN G 251 -20.53 21.74 -36.55
CA ASN G 251 -20.32 21.12 -35.24
C ASN G 251 -21.46 21.40 -34.26
N ILE G 252 -22.16 22.52 -34.43
CA ILE G 252 -23.19 22.89 -33.47
C ILE G 252 -24.58 22.65 -34.07
N LEU G 253 -24.70 22.90 -35.37
CA LEU G 253 -25.95 22.67 -36.11
C LEU G 253 -26.20 21.17 -36.38
N PRO G 254 -27.48 20.77 -36.38
CA PRO G 254 -27.93 19.38 -36.47
C PRO G 254 -27.59 18.68 -37.77
N ARG G 255 -27.16 17.42 -37.69
CA ARG G 255 -26.78 16.63 -38.87
C ARG G 255 -28.00 16.26 -39.70
N LEU G 256 -27.91 16.36 -41.02
CA LEU G 256 -29.04 16.09 -41.88
C LEU G 256 -28.52 15.40 -43.15
N PRO G 257 -29.41 14.87 -44.00
CA PRO G 257 -28.90 14.28 -45.24
C PRO G 257 -28.92 15.27 -46.39
N TYR G 258 -29.21 16.53 -46.08
CA TYR G 258 -29.24 17.57 -47.10
C TYR G 258 -28.72 18.91 -46.64
N THR G 259 -28.57 19.81 -47.60
CA THR G 259 -28.10 21.15 -47.29
C THR G 259 -29.27 21.99 -46.81
N THR G 260 -29.02 22.79 -45.80
CA THR G 260 -30.02 23.71 -45.30
C THR G 260 -29.72 25.06 -45.93
N VAL G 261 -30.41 26.09 -45.47
CA VAL G 261 -30.10 27.44 -45.89
C VAL G 261 -28.69 27.82 -45.46
N ILE G 262 -28.39 27.60 -44.19
CA ILE G 262 -27.09 27.97 -43.66
C ILE G 262 -25.99 27.25 -44.40
N ASP G 263 -26.20 25.97 -44.68
CA ASP G 263 -25.25 25.15 -45.43
C ASP G 263 -24.96 25.78 -46.77
N GLN G 264 -26.01 26.33 -47.34
CA GLN G 264 -25.97 26.92 -48.66
C GLN G 264 -25.17 28.22 -48.66
N MET G 265 -25.42 29.08 -47.66
CA MET G 265 -24.64 30.30 -47.46
C MET G 265 -23.15 29.99 -47.39
N ILE G 266 -22.81 28.93 -46.68
CA ILE G 266 -21.42 28.55 -46.56
C ILE G 266 -20.83 28.21 -47.92
N ILE G 267 -21.57 27.43 -48.71
CA ILE G 267 -21.10 27.06 -50.06
C ILE G 267 -21.09 28.32 -50.91
N ALA G 268 -21.99 29.24 -50.58
CA ALA G 268 -21.99 30.53 -51.21
C ALA G 268 -20.72 31.32 -50.88
N GLY G 269 -20.31 31.25 -49.61
CA GLY G 269 -19.09 31.89 -49.17
C GLY G 269 -17.88 31.29 -49.86
N TYR G 270 -17.87 29.95 -49.98
CA TYR G 270 -16.82 29.21 -50.68
C TYR G 270 -16.71 29.66 -52.12
N GLY G 271 -17.87 29.98 -52.70
CA GLY G 271 -17.97 30.38 -54.09
C GLY G 271 -17.47 31.79 -54.33
N SER G 272 -17.95 32.72 -53.51
CA SER G 272 -17.57 34.13 -53.61
C SER G 272 -16.06 34.26 -53.58
N ILE G 273 -15.44 33.43 -52.76
CA ILE G 273 -14.01 33.48 -52.55
C ILE G 273 -13.22 32.82 -53.68
N PHE G 274 -13.75 31.73 -54.23
CA PHE G 274 -13.16 31.11 -55.41
C PHE G 274 -13.40 31.96 -56.65
N ALA G 275 -14.52 32.67 -56.66
CA ALA G 275 -14.80 33.56 -57.75
C ALA G 275 -13.75 34.65 -57.82
N ALA G 276 -13.51 35.29 -56.67
CA ALA G 276 -12.54 36.37 -56.56
C ALA G 276 -11.15 35.93 -56.97
N ILE G 277 -10.76 34.73 -56.55
CA ILE G 277 -9.45 34.20 -56.89
C ILE G 277 -9.30 34.08 -58.41
N LEU G 278 -10.36 33.69 -59.08
CA LEU G 278 -10.28 33.58 -60.51
C LEU G 278 -10.19 34.98 -61.16
N LEU G 279 -10.89 35.95 -60.58
CA LEU G 279 -10.92 37.31 -61.13
C LEU G 279 -9.63 38.04 -60.81
N ILE G 280 -9.21 37.97 -59.55
CA ILE G 280 -7.97 38.60 -59.13
C ILE G 280 -6.81 38.11 -60.00
N ILE G 281 -6.87 36.85 -60.44
CA ILE G 281 -5.86 36.25 -61.32
C ILE G 281 -6.14 36.56 -62.80
N PHE G 282 -7.38 36.91 -63.12
CA PHE G 282 -7.74 37.17 -64.52
C PHE G 282 -7.35 38.59 -64.92
N ALA G 283 -7.70 39.55 -64.07
CA ALA G 283 -7.40 40.95 -64.30
C ALA G 283 -5.91 41.24 -64.35
N HIS G 284 -5.09 40.32 -63.87
CA HIS G 284 -3.65 40.51 -63.91
C HIS G 284 -3.05 40.13 -65.26
N HIS G 285 -3.79 39.35 -66.06
CA HIS G 285 -3.30 38.90 -67.38
C HIS G 285 -4.30 39.08 -68.54
N ARG G 286 -5.43 39.77 -68.33
CA ARG G 286 -6.44 39.88 -69.41
C ARG G 286 -5.87 40.51 -70.65
N GLN G 287 -5.25 41.67 -70.49
CA GLN G 287 -4.75 42.42 -71.63
C GLN G 287 -3.32 42.08 -71.99
N ALA G 288 -2.96 42.40 -73.22
CA ALA G 288 -1.57 42.39 -73.65
C ALA G 288 -0.89 43.54 -72.90
N ASN G 289 0.41 43.73 -73.12
CA ASN G 289 1.30 44.67 -72.42
C ASN G 289 1.69 44.14 -71.03
N GLY G 290 0.90 43.19 -70.53
CA GLY G 290 1.06 42.64 -69.19
C GLY G 290 0.61 43.66 -68.17
N VAL G 291 0.04 44.76 -68.68
CA VAL G 291 -0.44 45.84 -67.83
C VAL G 291 -1.65 45.35 -67.06
N GLU G 292 -1.64 45.52 -65.75
CA GLU G 292 -2.77 45.05 -64.96
C GLU G 292 -4.05 45.77 -65.36
N ASP G 293 -4.99 44.98 -65.91
CA ASP G 293 -6.30 45.46 -66.31
C ASP G 293 -7.09 45.87 -65.06
N ASP G 294 -6.72 47.02 -64.52
CA ASP G 294 -7.35 47.60 -63.32
C ASP G 294 -8.70 48.21 -63.64
N LEU G 295 -9.15 47.97 -64.86
CA LEU G 295 -10.50 48.34 -65.26
C LEU G 295 -11.48 47.36 -64.64
N LEU G 296 -11.11 46.07 -64.64
CA LEU G 296 -11.95 44.99 -64.12
C LEU G 296 -12.03 45.00 -62.59
N ILE G 297 -10.89 45.01 -61.93
CA ILE G 297 -10.84 45.27 -60.50
C ILE G 297 -11.37 46.68 -60.33
N GLN G 298 -11.74 47.05 -59.11
CA GLN G 298 -12.38 48.34 -58.81
C GLN G 298 -13.82 48.35 -59.28
N ARG G 299 -14.07 47.87 -60.49
CA ARG G 299 -15.44 47.61 -60.90
C ARG G 299 -15.98 46.45 -60.06
N CYS G 300 -15.08 45.58 -59.65
CA CYS G 300 -15.41 44.45 -58.79
C CYS G 300 -15.72 44.88 -57.35
N ARG G 301 -15.36 46.11 -57.02
CA ARG G 301 -15.63 46.60 -55.68
C ARG G 301 -17.12 46.72 -55.43
N LEU G 302 -17.91 46.71 -56.50
CA LEU G 302 -19.36 46.74 -56.35
C LEU G 302 -20.08 45.75 -57.30
N ALA G 303 -19.31 44.95 -58.03
CA ALA G 303 -19.86 43.85 -58.83
C ALA G 303 -20.25 42.66 -57.97
N PHE G 304 -19.30 42.16 -57.17
CA PHE G 304 -19.56 41.05 -56.26
C PHE G 304 -20.54 41.47 -55.15
N PRO G 305 -20.32 42.64 -54.51
CA PRO G 305 -21.36 43.02 -53.53
C PRO G 305 -22.77 43.11 -54.13
N LEU G 306 -22.89 43.12 -55.46
CA LEU G 306 -24.19 43.08 -56.12
C LEU G 306 -24.51 41.69 -56.65
N GLY G 307 -23.51 41.04 -57.27
CA GLY G 307 -23.67 39.73 -57.87
C GLY G 307 -24.03 38.57 -56.95
N PHE G 308 -23.23 38.38 -55.91
CA PHE G 308 -23.52 37.40 -54.85
C PHE G 308 -24.84 37.74 -54.19
N LEU G 309 -25.04 39.03 -53.95
CA LEU G 309 -26.22 39.50 -53.29
C LEU G 309 -27.45 39.35 -54.19
N ALA G 310 -27.22 39.08 -55.48
CA ALA G 310 -28.28 38.81 -56.46
C ALA G 310 -28.40 37.34 -56.92
N ILE G 311 -27.28 36.73 -57.30
CA ILE G 311 -27.31 35.34 -57.79
C ILE G 311 -27.46 34.32 -56.67
N GLY G 312 -27.27 34.78 -55.43
CA GLY G 312 -27.48 33.96 -54.25
C GLY G 312 -28.84 34.32 -53.67
N CYS G 313 -29.45 35.33 -54.27
CA CYS G 313 -30.75 35.89 -53.88
C CYS G 313 -31.91 35.14 -54.54
N VAL G 314 -31.60 33.97 -55.08
CA VAL G 314 -32.59 33.08 -55.66
C VAL G 314 -32.61 31.74 -54.92
N LEU G 315 -32.63 31.76 -53.59
CA LEU G 315 -32.74 30.53 -52.82
C LEU G 315 -34.19 30.24 -52.45
N VAL G 316 -35.07 30.40 -53.45
CA VAL G 316 -36.49 30.12 -53.29
C VAL G 316 -36.80 28.66 -53.65
N ILE G 317 -35.76 27.82 -53.69
CA ILE G 317 -35.94 26.39 -53.95
C ILE G 317 -36.72 25.84 -52.74
N ARG G 318 -38.02 25.64 -52.94
CA ARG G 318 -38.93 25.35 -51.84
C ARG G 318 -39.99 24.30 -52.21
N ARG H 10 -62.61 12.22 7.54
CA ARG H 10 -62.59 11.19 6.51
C ARG H 10 -61.34 11.18 5.60
N PRO H 11 -60.91 12.34 5.05
CA PRO H 11 -59.78 12.17 4.13
C PRO H 11 -58.55 11.80 4.95
N VAL H 12 -57.65 10.98 4.40
CA VAL H 12 -56.49 10.53 5.17
C VAL H 12 -55.40 11.59 5.25
N ASP H 13 -54.93 11.88 6.47
CA ASP H 13 -53.83 12.81 6.61
C ASP H 13 -52.53 12.07 6.38
N VAL H 14 -51.74 12.54 5.41
CA VAL H 14 -50.43 11.97 5.15
C VAL H 14 -49.37 13.06 5.28
N SER H 15 -48.37 12.77 6.10
CA SER H 15 -47.26 13.67 6.37
C SER H 15 -46.04 13.25 5.55
N VAL H 16 -45.51 14.18 4.77
CA VAL H 16 -44.41 13.86 3.87
C VAL H 16 -43.07 14.44 4.32
N SER H 17 -41.99 13.66 4.14
CA SER H 17 -40.63 14.13 4.38
C SER H 17 -39.73 13.87 3.16
N ILE H 18 -39.05 14.88 2.66
CA ILE H 18 -38.15 14.71 1.52
C ILE H 18 -36.72 15.10 1.85
N PHE H 19 -35.80 14.15 1.83
CA PHE H 19 -34.40 14.44 2.14
C PHE H 19 -33.58 14.48 0.85
N ILE H 20 -32.90 15.59 0.55
CA ILE H 20 -32.20 15.72 -0.74
C ILE H 20 -30.68 15.52 -0.60
N ASN H 21 -30.13 14.57 -1.34
CA ASN H 21 -28.72 14.21 -1.26
C ASN H 21 -27.78 14.87 -2.25
N LYS H 22 -28.23 15.00 -3.48
CA LYS H 22 -27.39 15.52 -4.54
C LYS H 22 -28.32 16.08 -5.61
N ILE H 23 -28.08 17.30 -6.04
CA ILE H 23 -28.79 17.80 -7.19
C ILE H 23 -27.74 18.02 -8.24
N TYR H 24 -27.76 17.21 -9.28
CA TYR H 24 -26.69 17.30 -10.26
C TYR H 24 -27.17 17.17 -11.69
N GLY H 25 -26.24 17.40 -12.62
CA GLY H 25 -26.48 17.20 -14.03
C GLY H 25 -27.59 17.97 -14.73
N VAL H 26 -27.58 19.29 -14.65
CA VAL H 26 -28.58 20.07 -15.39
C VAL H 26 -28.44 19.91 -16.91
N ASN H 27 -29.54 19.62 -17.60
CA ASN H 27 -29.51 19.56 -19.05
C ASN H 27 -30.19 20.79 -19.61
N THR H 28 -29.42 21.67 -20.24
CA THR H 28 -29.95 22.97 -20.65
C THR H 28 -31.02 22.92 -21.74
N LEU H 29 -30.86 22.08 -22.76
CA LEU H 29 -31.87 22.12 -23.82
C LEU H 29 -33.20 21.52 -23.34
N GLU H 30 -33.10 20.42 -22.59
CA GLU H 30 -34.27 19.72 -22.11
C GLU H 30 -34.91 20.39 -20.90
N GLN H 31 -34.22 21.37 -20.30
CA GLN H 31 -34.66 22.04 -19.07
C GLN H 31 -34.99 21.07 -17.94
N THR H 32 -34.04 20.20 -17.65
CA THR H 32 -34.16 19.19 -16.59
C THR H 32 -32.90 19.09 -15.74
N TYR H 33 -33.01 18.39 -14.61
CA TYR H 33 -31.91 18.21 -13.68
C TYR H 33 -32.13 16.98 -12.84
N LYS H 34 -31.08 16.41 -12.25
CA LYS H 34 -31.25 15.19 -11.46
C LYS H 34 -31.31 15.44 -9.93
N VAL H 35 -32.16 14.67 -9.22
CA VAL H 35 -32.29 14.77 -7.77
C VAL H 35 -32.30 13.42 -7.07
N ASP H 36 -31.33 13.20 -6.20
CA ASP H 36 -31.28 11.96 -5.41
C ASP H 36 -31.67 12.29 -3.97
N GLY H 37 -32.50 11.44 -3.41
CA GLY H 37 -32.93 11.62 -2.04
C GLY H 37 -33.84 10.50 -1.56
N TYR H 38 -34.41 10.72 -0.39
CA TYR H 38 -35.32 9.77 0.18
C TYR H 38 -36.67 10.43 0.28
N ILE H 39 -37.70 9.61 0.26
CA ILE H 39 -39.03 10.13 0.51
C ILE H 39 -39.70 9.32 1.61
N VAL H 40 -40.34 10.05 2.51
CA VAL H 40 -41.01 9.42 3.62
C VAL H 40 -42.47 9.86 3.68
N ALA H 41 -43.37 8.88 3.84
CA ALA H 41 -44.79 9.18 3.94
C ALA H 41 -45.39 8.46 5.13
N GLN H 42 -46.11 9.19 5.97
CA GLN H 42 -46.74 8.58 7.12
C GLN H 42 -48.22 8.89 7.19
N TRP H 43 -49.01 7.84 7.40
CA TRP H 43 -50.44 7.96 7.62
C TRP H 43 -50.87 6.91 8.60
N THR H 44 -52.09 7.00 9.09
CA THR H 44 -52.55 6.02 10.05
C THR H 44 -53.81 5.33 9.57
N GLY H 45 -53.87 4.02 9.76
CA GLY H 45 -55.02 3.25 9.34
C GLY H 45 -55.53 2.43 10.53
N LYS H 46 -56.35 1.43 10.24
CA LYS H 46 -56.88 0.53 11.27
C LYS H 46 -55.74 -0.25 11.92
N PRO H 47 -55.60 -0.15 13.27
CA PRO H 47 -54.54 -0.80 14.06
C PRO H 47 -54.36 -2.29 13.77
N ARG H 48 -53.19 -2.83 14.12
CA ARG H 48 -52.68 -4.06 13.51
C ARG H 48 -51.99 -4.98 14.50
N LYS H 49 -52.08 -6.28 14.24
CA LYS H 49 -51.35 -7.29 15.00
C LYS H 49 -49.96 -7.44 14.39
N THR H 50 -48.94 -7.18 15.20
CA THR H 50 -47.55 -7.26 14.79
C THR H 50 -46.86 -8.36 15.58
N PRO H 51 -45.77 -8.93 15.03
CA PRO H 51 -45.04 -9.89 15.86
C PRO H 51 -44.40 -9.13 17.04
N GLY H 52 -44.80 -9.41 18.27
CA GLY H 52 -44.38 -8.57 19.39
C GLY H 52 -45.11 -7.24 19.33
N ASP H 53 -45.16 -6.50 20.44
CA ASP H 53 -45.83 -5.20 20.39
C ASP H 53 -44.87 -4.18 19.77
N LYS H 54 -44.00 -4.70 18.90
CA LYS H 54 -42.97 -3.94 18.22
C LYS H 54 -43.42 -3.59 16.80
N PRO H 55 -43.05 -2.40 16.30
CA PRO H 55 -43.45 -2.08 14.93
C PRO H 55 -42.79 -3.07 13.94
N LEU H 56 -43.40 -3.31 12.77
CA LEU H 56 -42.85 -4.30 11.84
C LEU H 56 -42.15 -3.68 10.63
N ILE H 57 -41.04 -4.28 10.20
CA ILE H 57 -40.31 -3.79 9.04
C ILE H 57 -40.47 -4.69 7.84
N VAL H 58 -40.87 -4.10 6.72
CA VAL H 58 -41.07 -4.82 5.45
C VAL H 58 -40.27 -4.18 4.32
N GLU H 59 -39.36 -4.96 3.75
CA GLU H 59 -38.43 -4.42 2.77
C GLU H 59 -38.66 -4.91 1.35
N ASN H 60 -38.62 -3.98 0.42
CA ASN H 60 -38.56 -4.30 -1.01
C ASN H 60 -39.59 -5.33 -1.56
N THR H 61 -39.16 -6.51 -2.00
CA THR H 61 -40.12 -7.42 -2.68
C THR H 61 -41.29 -7.78 -1.77
N GLN H 62 -41.14 -7.52 -0.49
CA GLN H 62 -42.17 -7.90 0.45
C GLN H 62 -43.31 -6.89 0.46
N ILE H 63 -43.04 -5.64 0.06
CA ILE H 63 -44.12 -4.65 0.05
C ILE H 63 -45.18 -5.12 -0.93
N GLU H 64 -44.74 -5.63 -2.07
CA GLU H 64 -45.66 -6.13 -3.08
C GLU H 64 -46.57 -7.21 -2.53
N ARG H 65 -46.01 -8.05 -1.68
CA ARG H 65 -46.76 -9.12 -1.08
C ARG H 65 -47.86 -8.59 -0.16
N TRP H 66 -47.54 -7.59 0.65
CA TRP H 66 -48.53 -7.04 1.59
C TRP H 66 -49.71 -6.32 0.91
N ILE H 67 -49.46 -5.77 -0.26
CA ILE H 67 -50.49 -5.10 -1.03
C ILE H 67 -51.53 -6.10 -1.53
N ASN H 68 -51.07 -7.28 -1.95
CA ASN H 68 -51.97 -8.30 -2.50
C ASN H 68 -52.96 -8.82 -1.49
N ASN H 69 -52.54 -8.92 -0.25
CA ASN H 69 -53.43 -9.23 0.86
C ASN H 69 -54.12 -8.01 1.42
N GLY H 70 -53.97 -6.87 0.74
CA GLY H 70 -54.81 -5.74 1.05
C GLY H 70 -54.29 -4.62 1.90
N LEU H 71 -52.98 -4.38 1.87
CA LEU H 71 -52.47 -3.21 2.56
C LEU H 71 -52.66 -1.99 1.66
N TRP H 72 -53.16 -0.89 2.21
CA TRP H 72 -53.35 0.29 1.39
C TRP H 72 -52.08 1.12 1.37
N VAL H 73 -51.38 1.09 0.25
CA VAL H 73 -50.22 1.92 0.06
C VAL H 73 -50.46 2.75 -1.21
N PRO H 74 -50.83 4.02 -1.02
CA PRO H 74 -51.19 4.86 -2.16
C PRO H 74 -50.01 5.29 -3.01
N ALA H 75 -50.09 5.11 -4.32
CA ALA H 75 -49.00 5.50 -5.18
C ALA H 75 -48.90 7.02 -5.31
N LEU H 76 -47.77 7.60 -4.89
CA LEU H 76 -47.52 9.06 -4.95
C LEU H 76 -46.61 9.42 -6.13
N GLU H 77 -47.04 10.33 -6.98
CA GLU H 77 -46.31 10.64 -8.22
C GLU H 77 -45.47 11.94 -8.17
N PHE H 78 -44.25 11.86 -8.66
CA PHE H 78 -43.49 13.08 -8.88
C PHE H 78 -44.02 13.68 -10.17
N ILE H 79 -44.75 14.77 -10.05
CA ILE H 79 -45.42 15.32 -11.21
C ILE H 79 -44.46 15.73 -12.29
N ASN H 80 -43.37 16.38 -11.90
CA ASN H 80 -42.48 16.95 -12.88
C ASN H 80 -41.25 16.12 -13.09
N VAL H 81 -41.31 14.84 -12.69
CA VAL H 81 -40.26 13.92 -13.05
C VAL H 81 -40.42 13.58 -14.51
N VAL H 82 -39.35 13.24 -15.20
CA VAL H 82 -39.48 12.92 -16.61
C VAL H 82 -39.11 11.47 -16.88
N GLY H 83 -40.11 10.60 -16.91
CA GLY H 83 -39.85 9.17 -17.07
C GLY H 83 -39.71 8.54 -15.72
N SER H 84 -39.97 7.23 -15.61
CA SER H 84 -39.99 6.58 -14.30
C SER H 84 -38.66 6.70 -13.63
N PRO H 85 -38.65 7.30 -12.44
CA PRO H 85 -37.49 7.56 -11.61
C PRO H 85 -36.91 6.27 -11.09
N ASP H 86 -35.62 6.27 -10.73
CA ASP H 86 -34.99 5.06 -10.25
C ASP H 86 -35.18 4.87 -8.75
N THR H 87 -36.06 3.94 -8.40
CA THR H 87 -36.38 3.67 -7.01
C THR H 87 -35.40 2.68 -6.46
N GLY H 88 -34.77 3.06 -5.35
CA GLY H 88 -33.85 2.21 -4.61
C GLY H 88 -34.52 1.23 -3.68
N ASN H 89 -34.24 1.35 -2.38
CA ASN H 89 -34.89 0.46 -1.44
C ASN H 89 -36.21 1.00 -1.00
N LYS H 90 -37.17 0.11 -0.88
CA LYS H 90 -38.45 0.48 -0.35
C LYS H 90 -38.57 -0.18 1.02
N ARG H 91 -39.29 0.45 1.94
CA ARG H 91 -39.43 -0.15 3.24
C ARG H 91 -40.69 0.29 3.94
N LEU H 92 -41.53 -0.66 4.32
CA LEU H 92 -42.72 -0.32 5.06
C LEU H 92 -42.49 -0.55 6.54
N MET H 93 -42.74 0.48 7.35
CA MET H 93 -42.72 0.29 8.80
C MET H 93 -44.13 0.37 9.33
N LEU H 94 -44.69 -0.78 9.68
CA LEU H 94 -46.09 -0.92 10.08
C LEU H 94 -46.19 -0.93 11.57
N PHE H 95 -46.85 0.08 12.13
CA PHE H 95 -47.03 0.20 13.59
C PHE H 95 -48.26 -0.51 14.09
N PRO H 96 -48.21 -1.01 15.34
CA PRO H 96 -49.37 -1.72 15.89
C PRO H 96 -50.50 -0.74 16.21
N ASP H 97 -50.15 0.52 16.53
CA ASP H 97 -51.16 1.54 16.85
C ASP H 97 -51.78 2.18 15.60
N GLY H 98 -51.65 1.49 14.48
CA GLY H 98 -52.28 1.90 13.24
C GLY H 98 -51.38 2.57 12.20
N ARG H 99 -50.47 3.42 12.65
CA ARG H 99 -49.71 4.25 11.73
C ARG H 99 -48.75 3.49 10.83
N VAL H 100 -48.52 4.05 9.65
CA VAL H 100 -47.71 3.42 8.62
C VAL H 100 -46.74 4.41 8.00
N ILE H 101 -45.48 3.99 7.92
CA ILE H 101 -44.43 4.81 7.36
C ILE H 101 -43.79 4.15 6.14
N TYR H 102 -43.86 4.85 5.02
CA TYR H 102 -43.19 4.44 3.80
C TYR H 102 -41.93 5.25 3.54
N ASN H 103 -40.84 4.53 3.33
CA ASN H 103 -39.58 5.16 3.07
C ASN H 103 -38.98 4.56 1.80
N ALA H 104 -38.59 5.43 0.88
CA ALA H 104 -37.93 4.94 -0.32
C ALA H 104 -36.93 5.96 -0.78
N ARG H 105 -35.84 5.46 -1.31
CA ARG H 105 -34.80 6.28 -1.86
C ARG H 105 -35.11 6.39 -3.32
N PHE H 106 -34.86 7.55 -3.90
CA PHE H 106 -35.18 7.75 -5.30
C PHE H 106 -34.12 8.52 -6.02
N LEU H 107 -33.98 8.25 -7.30
CA LEU H 107 -33.18 9.13 -8.13
C LEU H 107 -33.96 9.43 -9.39
N GLY H 108 -34.18 10.70 -9.69
CA GLY H 108 -35.00 11.05 -10.82
C GLY H 108 -34.56 12.30 -11.51
N SER H 109 -34.90 12.39 -12.79
CA SER H 109 -34.61 13.56 -13.58
C SER H 109 -35.86 14.43 -13.55
N PHE H 110 -35.75 15.66 -13.08
CA PHE H 110 -36.94 16.50 -12.88
C PHE H 110 -36.94 17.67 -13.86
N SER H 111 -38.14 18.17 -14.15
CA SER H 111 -38.31 19.23 -15.14
C SER H 111 -38.84 20.50 -14.51
N ASN H 112 -38.33 21.64 -14.97
CA ASN H 112 -38.85 22.94 -14.57
C ASN H 112 -38.43 23.97 -15.60
N ASP H 113 -39.16 25.09 -15.65
CA ASP H 113 -38.83 26.20 -16.55
C ASP H 113 -37.48 26.79 -16.17
N MET H 114 -36.58 26.93 -17.13
CA MET H 114 -35.26 27.45 -16.85
C MET H 114 -34.81 28.47 -17.88
N ASP H 115 -34.58 29.67 -17.37
CA ASP H 115 -34.13 30.78 -18.19
C ASP H 115 -32.62 30.85 -18.04
N PHE H 116 -31.90 30.62 -19.12
CA PHE H 116 -30.44 30.62 -19.04
C PHE H 116 -29.87 31.85 -19.73
N ARG H 117 -30.66 32.91 -19.80
CA ARG H 117 -30.25 34.08 -20.56
C ARG H 117 -29.14 34.90 -19.85
N LEU H 118 -29.09 34.84 -18.52
CA LEU H 118 -28.10 35.63 -17.79
C LEU H 118 -26.78 34.88 -17.60
N PHE H 119 -26.65 33.75 -18.28
CA PHE H 119 -25.47 32.90 -18.18
C PHE H 119 -24.22 33.70 -18.53
N PRO H 120 -23.15 33.49 -17.75
CA PRO H 120 -23.11 32.52 -16.66
C PRO H 120 -23.54 33.11 -15.32
N PHE H 121 -24.34 34.14 -15.31
CA PHE H 121 -24.66 34.78 -14.04
C PHE H 121 -26.14 34.58 -13.70
N ASP H 122 -26.66 33.40 -14.05
CA ASP H 122 -28.07 33.04 -13.85
C ASP H 122 -28.37 32.40 -12.49
N ARG H 123 -29.62 32.54 -12.08
CA ARG H 123 -30.13 31.98 -10.85
C ARG H 123 -31.21 30.98 -11.22
N GLN H 124 -31.28 29.85 -10.53
CA GLN H 124 -32.31 28.84 -10.87
C GLN H 124 -33.16 28.38 -9.70
N GLN H 125 -34.27 27.75 -10.05
CA GLN H 125 -35.07 27.03 -9.06
C GLN H 125 -35.11 25.55 -9.40
N PHE H 126 -34.63 24.74 -8.46
CA PHE H 126 -34.82 23.31 -8.56
C PHE H 126 -36.12 22.97 -7.87
N VAL H 127 -37.02 22.31 -8.58
CA VAL H 127 -38.33 22.03 -8.02
C VAL H 127 -38.69 20.55 -7.97
N LEU H 128 -39.32 20.13 -6.88
CA LEU H 128 -40.01 18.86 -6.87
C LEU H 128 -41.47 19.15 -6.63
N GLU H 129 -42.35 18.52 -7.42
CA GLU H 129 -43.82 18.61 -7.28
C GLU H 129 -44.47 17.23 -7.08
N LEU H 130 -45.05 17.04 -5.91
CA LEU H 130 -45.51 15.72 -5.51
C LEU H 130 -47.02 15.71 -5.22
N GLU H 131 -47.73 14.72 -5.77
CA GLU H 131 -49.19 14.65 -5.75
C GLU H 131 -49.63 13.19 -5.91
N PRO H 132 -50.69 12.75 -5.20
CA PRO H 132 -51.14 11.36 -5.29
C PRO H 132 -51.77 11.03 -6.64
N PHE H 133 -51.68 9.78 -7.05
CA PHE H 133 -52.02 9.42 -8.42
C PHE H 133 -53.51 9.14 -8.63
N SER H 134 -54.18 8.69 -7.57
CA SER H 134 -55.54 8.19 -7.70
C SER H 134 -56.54 8.83 -6.74
N TYR H 135 -56.04 9.40 -5.67
CA TYR H 135 -56.91 9.84 -4.58
C TYR H 135 -57.01 11.38 -4.51
N ASN H 136 -58.24 11.89 -4.45
CA ASN H 136 -58.48 13.34 -4.35
C ASN H 136 -58.24 13.89 -2.93
N ASN H 137 -58.45 15.18 -2.74
CA ASN H 137 -58.26 15.77 -1.41
C ASN H 137 -59.38 15.40 -0.46
N GLN H 138 -60.41 14.79 -1.01
CA GLN H 138 -61.49 14.26 -0.19
C GLN H 138 -61.12 12.88 0.35
N GLN H 139 -60.16 12.24 -0.30
CA GLN H 139 -59.75 10.91 0.11
C GLN H 139 -58.39 10.91 0.82
N LEU H 140 -57.42 11.64 0.26
CA LEU H 140 -56.05 11.66 0.77
C LEU H 140 -55.50 13.08 0.69
N ARG H 141 -55.04 13.61 1.82
CA ARG H 141 -54.50 14.96 1.81
C ARG H 141 -53.20 15.07 2.61
N PHE H 142 -52.33 15.95 2.13
CA PHE H 142 -51.03 16.13 2.71
C PHE H 142 -51.12 17.07 3.89
N SER H 143 -50.85 16.58 5.10
CA SER H 143 -51.00 17.43 6.27
C SER H 143 -49.85 18.42 6.35
N ASP H 144 -48.62 17.95 6.25
CA ASP H 144 -47.44 18.82 6.29
C ASP H 144 -46.25 18.28 5.51
N ILE H 145 -45.31 19.17 5.17
CA ILE H 145 -44.13 18.79 4.41
C ILE H 145 -42.80 19.30 5.00
N GLN H 146 -41.88 18.36 5.27
CA GLN H 146 -40.54 18.70 5.77
C GLN H 146 -39.43 18.41 4.76
N VAL H 147 -38.60 19.39 4.43
CA VAL H 147 -37.49 19.12 3.52
C VAL H 147 -36.12 19.31 4.13
N TYR H 148 -35.32 18.26 4.03
CA TYR H 148 -34.02 18.32 4.63
C TYR H 148 -32.88 18.29 3.59
N THR H 149 -31.96 19.24 3.69
CA THR H 149 -30.82 19.27 2.77
C THR H 149 -29.47 19.30 3.53
N GLU H 150 -28.49 18.59 2.98
CA GLU H 150 -27.13 18.59 3.49
C GLU H 150 -26.55 19.99 3.27
N ASN H 151 -25.54 20.36 4.03
CA ASN H 151 -24.83 21.62 3.80
C ASN H 151 -23.51 21.51 3.03
N ILE H 152 -23.50 21.97 1.78
CA ILE H 152 -22.27 22.03 1.00
C ILE H 152 -21.52 23.31 1.44
N ASP H 153 -20.34 23.14 2.05
CA ASP H 153 -19.60 24.28 2.60
C ASP H 153 -18.44 24.70 1.70
N ASN H 154 -17.76 23.72 1.10
CA ASN H 154 -16.75 24.04 0.12
C ASN H 154 -17.44 24.19 -1.23
N GLU H 155 -18.47 25.04 -1.28
CA GLU H 155 -19.29 25.09 -2.48
C GLU H 155 -18.54 25.75 -3.64
N GLU H 156 -17.33 26.22 -3.38
CA GLU H 156 -16.49 26.80 -4.41
C GLU H 156 -15.96 25.72 -5.33
N ILE H 157 -16.06 24.47 -4.91
CA ILE H 157 -15.73 23.34 -5.80
C ILE H 157 -16.99 22.63 -6.34
N ASP H 158 -18.17 23.16 -6.00
CA ASP H 158 -19.47 22.68 -6.52
C ASP H 158 -19.95 23.63 -7.61
N GLU H 159 -20.55 23.09 -8.68
CA GLU H 159 -20.98 23.96 -9.78
C GLU H 159 -22.12 24.90 -9.39
N TRP H 160 -23.05 24.42 -8.56
CA TRP H 160 -24.18 25.25 -8.19
C TRP H 160 -24.07 25.58 -6.71
N TRP H 161 -24.26 26.87 -6.43
CA TRP H 161 -24.26 27.33 -5.05
C TRP H 161 -25.71 27.38 -4.63
N ILE H 162 -26.10 26.52 -3.69
CA ILE H 162 -27.46 26.52 -3.18
C ILE H 162 -27.70 27.71 -2.27
N ARG H 163 -28.69 28.51 -2.61
CA ARG H 163 -28.84 29.82 -2.00
C ARG H 163 -30.07 29.87 -1.13
N GLY H 164 -29.91 29.36 0.08
CA GLY H 164 -30.97 29.38 1.05
C GLY H 164 -31.58 28.02 1.22
N LYS H 165 -32.28 27.85 2.34
CA LYS H 165 -32.95 26.59 2.64
C LYS H 165 -34.15 26.37 1.71
N ALA H 166 -34.56 25.12 1.58
CA ALA H 166 -35.63 24.79 0.65
C ALA H 166 -36.92 25.42 1.13
N SER H 167 -37.70 25.95 0.20
CA SER H 167 -39.03 26.45 0.51
C SER H 167 -40.10 25.43 0.06
N THR H 168 -41.17 25.30 0.85
CA THR H 168 -42.20 24.31 0.59
C THR H 168 -43.58 24.92 0.52
N HIS H 169 -44.54 24.17 0.00
CA HIS H 169 -45.90 24.67 -0.17
C HIS H 169 -46.93 23.59 -0.50
N ILE H 170 -47.83 23.29 0.44
CA ILE H 170 -48.98 22.42 0.13
C ILE H 170 -50.12 23.23 -0.51
N SER H 171 -50.75 22.69 -1.55
CA SER H 171 -51.86 23.40 -2.19
C SER H 171 -52.91 22.39 -2.69
N ASP H 172 -53.92 22.88 -3.42
CA ASP H 172 -54.98 22.03 -3.96
C ASP H 172 -55.06 22.30 -5.44
N ILE H 173 -55.27 21.24 -6.23
CA ILE H 173 -55.27 21.43 -7.67
C ILE H 173 -56.57 20.96 -8.31
N ARG H 174 -57.23 21.89 -9.00
CA ARG H 174 -58.45 21.60 -9.74
C ARG H 174 -58.13 21.14 -11.16
N TYR H 175 -58.51 19.92 -11.49
CA TYR H 175 -58.44 19.43 -12.86
C TYR H 175 -59.82 19.53 -13.56
N ASP H 176 -59.93 20.40 -14.57
CA ASP H 176 -61.23 20.54 -15.23
C ASP H 176 -61.53 19.24 -15.95
N HIS H 177 -60.71 18.95 -16.95
CA HIS H 177 -61.01 17.84 -17.82
C HIS H 177 -60.72 16.56 -17.09
N LEU H 178 -61.74 16.10 -16.36
CA LEU H 178 -61.69 14.81 -15.69
C LEU H 178 -62.70 13.88 -16.33
N SER H 179 -62.32 12.63 -16.47
CA SER H 179 -63.16 11.62 -17.09
C SER H 179 -63.95 10.89 -15.97
N SER H 180 -63.91 11.44 -14.76
CA SER H 180 -64.44 10.80 -13.54
C SER H 180 -65.88 11.17 -13.11
N VAL H 181 -66.01 11.67 -11.87
CA VAL H 181 -67.30 11.97 -11.23
C VAL H 181 -67.45 13.49 -10.99
N GLN H 182 -68.51 13.95 -10.31
CA GLN H 182 -68.85 15.38 -10.32
C GLN H 182 -68.63 16.27 -9.07
N PRO H 183 -69.07 15.84 -7.87
CA PRO H 183 -69.18 16.83 -6.79
C PRO H 183 -67.88 17.09 -6.01
N ASN H 184 -67.12 18.11 -6.39
CA ASN H 184 -65.92 18.51 -5.63
C ASN H 184 -64.89 17.36 -5.54
N GLN H 185 -64.97 16.45 -6.49
CA GLN H 185 -64.09 15.28 -6.53
C GLN H 185 -62.98 15.53 -7.55
N ASN H 186 -62.70 16.80 -7.80
CA ASN H 186 -61.78 17.18 -8.86
C ASN H 186 -60.60 17.97 -8.33
N GLU H 187 -60.39 17.94 -7.02
CA GLU H 187 -59.25 18.60 -6.40
C GLU H 187 -58.28 17.60 -5.75
N PHE H 188 -56.99 17.81 -6.01
CA PHE H 188 -55.92 16.94 -5.51
C PHE H 188 -55.00 17.75 -4.65
N SER H 189 -54.44 17.10 -3.65
CA SER H 189 -53.56 17.71 -2.68
C SER H 189 -52.14 17.66 -3.26
N ARG H 190 -51.47 18.80 -3.40
CA ARG H 190 -50.13 18.82 -4.01
C ARG H 190 -49.00 19.52 -3.24
N ILE H 191 -47.95 18.75 -2.91
CA ILE H 191 -46.69 19.29 -2.37
C ILE H 191 -45.77 19.84 -3.45
N THR H 192 -45.19 21.01 -3.18
CA THR H 192 -44.28 21.67 -4.10
C THR H 192 -43.03 22.13 -3.36
N VAL H 193 -41.87 21.52 -3.62
CA VAL H 193 -40.66 22.04 -2.99
C VAL H 193 -39.77 22.78 -4.00
N ARG H 194 -39.24 23.91 -3.55
CA ARG H 194 -38.38 24.78 -4.35
C ARG H 194 -37.03 24.98 -3.71
N ILE H 195 -36.00 24.91 -4.53
CA ILE H 195 -34.65 25.17 -4.09
C ILE H 195 -34.00 26.18 -5.01
N ASP H 196 -33.53 27.29 -4.45
CA ASP H 196 -32.82 28.29 -5.25
C ASP H 196 -31.34 27.99 -5.30
N ALA H 197 -30.70 28.38 -6.40
CA ALA H 197 -29.28 28.18 -6.57
C ALA H 197 -28.76 29.18 -7.59
N VAL H 198 -27.48 29.53 -7.48
CA VAL H 198 -26.84 30.36 -8.48
C VAL H 198 -25.61 29.67 -9.03
N ARG H 199 -25.24 30.05 -10.25
CA ARG H 199 -24.14 29.37 -10.91
C ARG H 199 -22.80 29.95 -10.44
N ASN H 200 -21.82 29.06 -10.29
CA ASN H 200 -20.43 29.44 -10.00
C ASN H 200 -19.78 30.05 -11.24
N PRO H 201 -19.75 31.39 -11.31
CA PRO H 201 -19.43 32.03 -12.60
C PRO H 201 -17.94 32.03 -12.91
N SER H 202 -17.17 31.45 -12.00
CA SER H 202 -15.73 31.48 -12.07
C SER H 202 -15.20 30.95 -13.39
N TYR H 203 -15.30 29.63 -13.63
CA TYR H 203 -14.61 29.04 -14.79
C TYR H 203 -14.87 29.81 -16.07
N TYR H 204 -16.08 30.34 -16.20
CA TYR H 204 -16.50 31.03 -17.43
C TYR H 204 -15.97 32.47 -17.45
N LEU H 205 -15.74 33.06 -16.28
CA LEU H 205 -15.15 34.41 -16.22
C LEU H 205 -13.71 34.39 -16.65
N TRP H 206 -12.95 33.59 -15.93
CA TRP H 206 -11.53 33.59 -16.10
C TRP H 206 -11.15 32.90 -17.38
N SER H 207 -11.89 31.89 -17.80
CA SER H 207 -11.44 31.18 -18.98
C SER H 207 -12.24 31.54 -20.23
N PHE H 208 -13.32 32.32 -20.10
CA PHE H 208 -14.12 32.73 -21.29
C PHE H 208 -14.35 34.23 -21.46
N ILE H 209 -14.92 34.88 -20.45
CA ILE H 209 -15.23 36.31 -20.56
C ILE H 209 -13.97 37.16 -20.80
N LEU H 210 -12.98 37.00 -19.92
CA LEU H 210 -11.76 37.82 -19.90
C LEU H 210 -10.89 37.70 -21.15
N PRO H 211 -10.41 36.50 -21.50
CA PRO H 211 -9.59 36.51 -22.72
C PRO H 211 -10.36 36.98 -23.95
N LEU H 212 -11.68 36.87 -23.92
CA LEU H 212 -12.44 37.36 -25.05
C LEU H 212 -12.33 38.86 -25.07
N GLY H 213 -12.34 39.47 -23.90
CA GLY H 213 -12.19 40.91 -23.80
C GLY H 213 -10.84 41.32 -24.33
N LEU H 214 -9.81 40.64 -23.84
CA LEU H 214 -8.44 40.85 -24.29
C LEU H 214 -8.36 40.79 -25.80
N ILE H 215 -9.06 39.84 -26.43
CA ILE H 215 -9.09 39.77 -27.90
C ILE H 215 -9.87 40.95 -28.50
N ILE H 216 -11.02 41.28 -27.93
CA ILE H 216 -11.76 42.44 -28.42
C ILE H 216 -10.98 43.73 -28.20
N ALA H 217 -10.28 43.86 -27.08
CA ALA H 217 -9.45 45.05 -26.85
C ALA H 217 -8.37 45.10 -27.91
N ALA H 218 -7.51 44.08 -27.91
CA ALA H 218 -6.40 44.00 -28.85
C ALA H 218 -6.89 43.95 -30.30
N SER H 219 -8.19 43.72 -30.48
CA SER H 219 -8.75 43.80 -31.81
C SER H 219 -8.64 45.23 -32.31
N TRP H 220 -8.77 46.18 -31.39
CA TRP H 220 -8.81 47.58 -31.73
C TRP H 220 -7.46 48.12 -32.22
N SER H 221 -6.38 47.49 -31.80
CA SER H 221 -5.06 47.96 -32.13
C SER H 221 -4.66 47.73 -33.58
N VAL H 222 -5.63 47.55 -34.49
CA VAL H 222 -5.30 47.49 -35.92
C VAL H 222 -5.00 48.88 -36.48
N PHE H 223 -5.54 49.90 -35.83
CA PHE H 223 -5.35 51.26 -36.30
C PHE H 223 -3.94 51.85 -36.07
N TRP H 224 -3.08 51.12 -35.37
CA TRP H 224 -1.75 51.63 -35.07
C TRP H 224 -0.73 51.02 -36.02
N LEU H 225 -1.21 50.35 -37.07
CA LEU H 225 -0.34 49.93 -38.17
C LEU H 225 -0.24 51.11 -39.11
N GLU H 226 0.87 51.21 -39.84
CA GLU H 226 1.09 52.45 -40.53
C GLU H 226 0.57 52.42 -41.96
N SER H 227 0.64 51.27 -42.63
CA SER H 227 0.12 51.16 -43.99
C SER H 227 -1.38 50.81 -44.03
N PHE H 228 -2.02 51.06 -45.16
CA PHE H 228 -3.39 50.59 -45.38
C PHE H 228 -3.36 49.09 -45.70
N SER H 229 -2.44 48.71 -46.60
CA SER H 229 -2.21 47.31 -46.98
C SER H 229 -2.05 46.44 -45.75
N GLU H 230 -1.28 46.95 -44.79
CA GLU H 230 -1.10 46.28 -43.51
C GLU H 230 -2.43 46.19 -42.75
N ARG H 231 -3.17 47.29 -42.72
CA ARG H 231 -4.37 47.36 -41.88
C ARG H 231 -5.52 46.48 -42.33
N LEU H 232 -5.76 46.44 -43.64
CA LEU H 232 -6.87 45.65 -44.19
C LEU H 232 -6.52 44.17 -44.07
N GLN H 233 -5.30 43.82 -44.43
CA GLN H 233 -4.86 42.44 -44.40
C GLN H 233 -4.90 41.89 -42.96
N THR H 234 -4.62 42.75 -41.99
CA THR H 234 -4.66 42.33 -40.57
C THR H 234 -6.06 42.07 -40.00
N SER H 235 -7.05 42.86 -40.41
CA SER H 235 -8.39 42.71 -39.87
C SER H 235 -9.00 41.35 -40.27
N PHE H 236 -8.51 40.76 -41.36
CA PHE H 236 -9.00 39.45 -41.78
C PHE H 236 -8.47 38.35 -40.87
N THR H 237 -7.32 38.62 -40.25
CA THR H 237 -6.73 37.71 -39.27
C THR H 237 -7.44 37.84 -37.94
N LEU H 238 -7.90 39.04 -37.60
CA LEU H 238 -8.75 39.18 -36.42
C LEU H 238 -10.08 38.49 -36.66
N MET H 239 -10.57 38.60 -37.90
CA MET H 239 -11.78 37.90 -38.34
C MET H 239 -11.66 36.39 -38.11
N LEU H 240 -10.55 35.80 -38.55
CA LEU H 240 -10.28 34.39 -38.32
C LEU H 240 -10.22 34.08 -36.82
N THR H 241 -9.66 34.99 -36.05
CA THR H 241 -9.54 34.77 -34.63
C THR H 241 -10.87 34.71 -33.93
N VAL H 242 -11.80 35.57 -34.32
CA VAL H 242 -13.09 35.53 -33.66
C VAL H 242 -13.83 34.24 -33.96
N VAL H 243 -13.86 33.85 -35.24
CA VAL H 243 -14.55 32.61 -35.64
C VAL H 243 -14.00 31.44 -34.85
N ALA H 244 -12.68 31.41 -34.71
CA ALA H 244 -12.01 30.38 -33.93
C ALA H 244 -12.41 30.48 -32.47
N TYR H 245 -12.59 31.69 -31.95
CA TYR H 245 -12.99 31.84 -30.56
C TYR H 245 -14.44 31.53 -30.33
N ALA H 246 -15.26 31.76 -31.35
CA ALA H 246 -16.67 31.36 -31.34
C ALA H 246 -16.82 29.85 -31.24
N PHE H 247 -15.95 29.14 -31.95
CA PHE H 247 -15.99 27.70 -32.04
C PHE H 247 -15.63 27.14 -30.66
N TYR H 248 -14.59 27.72 -30.05
CA TYR H 248 -14.13 27.36 -28.72
C TYR H 248 -15.22 27.50 -27.69
N THR H 249 -15.94 28.62 -27.69
CA THR H 249 -16.96 28.83 -26.68
C THR H 249 -18.16 27.90 -26.83
N SER H 250 -18.74 27.87 -28.02
CA SER H 250 -19.96 27.09 -28.20
C SER H 250 -19.77 25.59 -27.99
N ASN H 251 -18.57 25.10 -28.28
CA ASN H 251 -18.30 23.66 -28.19
C ASN H 251 -18.16 23.18 -26.74
N ILE H 252 -17.88 24.10 -25.85
CA ILE H 252 -17.65 23.75 -24.47
C ILE H 252 -18.85 24.17 -23.67
N LEU H 253 -19.43 25.30 -24.02
CA LEU H 253 -20.62 25.87 -23.39
C LEU H 253 -21.93 25.13 -23.66
N PRO H 254 -22.91 25.31 -22.76
CA PRO H 254 -24.18 24.57 -22.86
C PRO H 254 -24.93 24.99 -24.10
N ARG H 255 -25.50 24.08 -24.88
CA ARG H 255 -26.25 24.51 -26.07
C ARG H 255 -27.56 25.11 -25.60
N LEU H 256 -27.98 26.17 -26.28
CA LEU H 256 -29.21 26.87 -25.90
C LEU H 256 -29.99 27.31 -27.15
N PRO H 257 -31.26 27.71 -26.97
CA PRO H 257 -32.05 28.23 -28.08
C PRO H 257 -31.95 29.74 -28.23
N TYR H 258 -31.11 30.35 -27.40
CA TYR H 258 -30.92 31.79 -27.40
C TYR H 258 -29.50 32.25 -27.22
N THR H 259 -29.30 33.55 -27.35
CA THR H 259 -28.01 34.13 -27.12
C THR H 259 -27.85 34.36 -25.62
N THR H 260 -26.65 34.06 -25.13
CA THR H 260 -26.33 34.33 -23.74
C THR H 260 -25.56 35.64 -23.68
N VAL H 261 -25.09 35.98 -22.50
CA VAL H 261 -24.22 37.13 -22.36
C VAL H 261 -22.92 36.89 -23.14
N ILE H 262 -22.28 35.76 -22.88
CA ILE H 262 -21.04 35.39 -23.57
C ILE H 262 -21.27 35.28 -25.07
N ASP H 263 -22.41 34.69 -25.45
CA ASP H 263 -22.79 34.56 -26.86
C ASP H 263 -22.85 35.94 -27.51
N GLN H 264 -23.33 36.92 -26.74
CA GLN H 264 -23.51 38.27 -27.22
C GLN H 264 -22.17 38.96 -27.47
N MET H 265 -21.25 38.79 -26.53
CA MET H 265 -19.92 39.35 -26.70
C MET H 265 -19.28 38.96 -28.03
N ILE H 266 -19.40 37.71 -28.41
CA ILE H 266 -18.74 37.26 -29.62
C ILE H 266 -19.30 37.99 -30.82
N ILE H 267 -20.60 38.26 -30.82
CA ILE H 267 -21.16 39.03 -31.93
C ILE H 267 -20.59 40.46 -31.94
N ALA H 268 -20.38 41.06 -30.77
CA ALA H 268 -19.79 42.39 -30.74
C ALA H 268 -18.41 42.36 -31.36
N GLY H 269 -17.65 41.33 -31.02
CA GLY H 269 -16.33 41.13 -31.58
C GLY H 269 -16.37 40.94 -33.08
N TYR H 270 -17.34 40.19 -33.58
CA TYR H 270 -17.54 40.05 -35.01
C TYR H 270 -17.82 41.37 -35.67
N GLY H 271 -18.53 42.24 -34.95
CA GLY H 271 -18.91 43.55 -35.45
C GLY H 271 -17.79 44.55 -35.49
N SER H 272 -17.09 44.68 -34.36
CA SER H 272 -15.98 45.61 -34.19
C SER H 272 -14.96 45.42 -35.31
N ILE H 273 -14.78 44.17 -35.75
CA ILE H 273 -13.79 43.83 -36.75
C ILE H 273 -14.27 44.22 -38.16
N PHE H 274 -15.57 44.06 -38.43
CA PHE H 274 -16.12 44.46 -39.73
C PHE H 274 -16.26 45.98 -39.80
N ALA H 275 -16.57 46.62 -38.67
CA ALA H 275 -16.64 48.08 -38.61
C ALA H 275 -15.28 48.63 -38.96
N ALA H 276 -14.26 48.07 -38.32
CA ALA H 276 -12.90 48.46 -38.58
C ALA H 276 -12.56 48.26 -40.05
N ILE H 277 -12.98 47.13 -40.64
CA ILE H 277 -12.70 46.89 -42.06
C ILE H 277 -13.36 47.98 -42.90
N LEU H 278 -14.51 48.45 -42.45
CA LEU H 278 -15.23 49.51 -43.16
C LEU H 278 -14.54 50.88 -43.05
N LEU H 279 -13.95 51.19 -41.91
CA LEU H 279 -13.29 52.48 -41.73
C LEU H 279 -11.91 52.49 -42.39
N ILE H 280 -11.15 51.43 -42.15
CA ILE H 280 -9.83 51.28 -42.73
C ILE H 280 -9.89 51.45 -44.24
N ILE H 281 -10.98 50.98 -44.83
CA ILE H 281 -11.17 51.08 -46.28
C ILE H 281 -11.80 52.44 -46.67
N PHE H 282 -12.44 53.11 -45.70
CA PHE H 282 -13.13 54.36 -45.99
C PHE H 282 -12.17 55.53 -45.98
N ALA H 283 -11.38 55.63 -44.92
CA ALA H 283 -10.41 56.72 -44.77
C ALA H 283 -9.38 56.72 -45.89
N HIS H 284 -9.29 55.61 -46.62
CA HIS H 284 -8.35 55.48 -47.72
C HIS H 284 -8.87 56.16 -48.98
N HIS H 285 -10.17 56.45 -49.01
CA HIS H 285 -10.75 57.09 -50.18
C HIS H 285 -11.72 58.21 -49.80
N ARG H 286 -11.74 58.60 -48.52
CA ARG H 286 -12.74 59.56 -48.01
C ARG H 286 -12.75 60.90 -48.74
N GLN H 287 -11.59 61.53 -48.81
CA GLN H 287 -11.45 62.83 -49.44
C GLN H 287 -11.06 62.49 -50.86
N ALA H 288 -11.18 63.45 -51.79
CA ALA H 288 -10.76 63.17 -53.15
C ALA H 288 -9.25 62.87 -53.18
N ASN H 289 -8.77 62.43 -54.33
CA ASN H 289 -7.39 61.92 -54.55
C ASN H 289 -7.18 60.55 -53.91
N GLY H 290 -8.10 60.12 -53.06
CA GLY H 290 -7.88 58.88 -52.35
C GLY H 290 -6.86 59.08 -51.25
N VAL H 291 -6.66 60.32 -50.81
CA VAL H 291 -5.65 60.63 -49.80
C VAL H 291 -5.97 59.91 -48.49
N GLU H 292 -4.96 59.22 -47.97
CA GLU H 292 -5.07 58.45 -46.74
C GLU H 292 -5.41 59.43 -45.62
N ASP H 293 -6.70 59.44 -45.26
CA ASP H 293 -7.28 60.34 -44.26
C ASP H 293 -6.83 60.00 -42.83
N ASP H 294 -5.60 60.38 -42.48
CA ASP H 294 -5.03 60.08 -41.16
C ASP H 294 -5.56 60.98 -40.05
N LEU H 295 -6.54 61.84 -40.37
CA LEU H 295 -7.29 62.57 -39.34
C LEU H 295 -8.37 61.67 -38.73
N LEU H 296 -9.00 60.83 -39.56
CA LEU H 296 -10.01 59.86 -39.10
C LEU H 296 -9.38 58.67 -38.37
N ILE H 297 -8.48 57.95 -39.05
CA ILE H 297 -7.67 56.94 -38.37
C ILE H 297 -6.86 57.72 -37.34
N GLN H 298 -6.32 57.01 -36.34
CA GLN H 298 -5.61 57.64 -35.23
C GLN H 298 -6.60 58.36 -34.32
N ARG H 299 -7.55 59.07 -34.92
CA ARG H 299 -8.67 59.58 -34.16
C ARG H 299 -9.47 58.36 -33.70
N CYS H 300 -9.42 57.31 -34.51
CA CYS H 300 -10.03 56.01 -34.19
C CYS H 300 -9.24 55.14 -33.22
N ARG H 301 -7.98 55.47 -32.97
CA ARG H 301 -7.16 54.68 -32.05
C ARG H 301 -7.66 54.73 -30.60
N LEU H 302 -8.56 55.67 -30.31
CA LEU H 302 -9.28 55.68 -29.03
C LEU H 302 -10.78 55.99 -29.22
N ALA H 303 -11.24 55.95 -30.47
CA ALA H 303 -12.68 56.01 -30.77
C ALA H 303 -13.37 54.68 -30.45
N PHE H 304 -12.81 53.57 -30.94
CA PHE H 304 -13.35 52.23 -30.66
C PHE H 304 -13.23 51.81 -29.19
N PRO H 305 -12.03 51.96 -28.56
CA PRO H 305 -11.97 51.54 -27.14
C PRO H 305 -12.94 52.31 -26.24
N LEU H 306 -13.43 53.44 -26.76
CA LEU H 306 -14.41 54.25 -26.07
C LEU H 306 -15.78 54.02 -26.65
N GLY H 307 -15.86 53.96 -27.98
CA GLY H 307 -17.13 53.76 -28.64
C GLY H 307 -17.79 52.43 -28.31
N PHE H 308 -17.05 51.33 -28.49
CA PHE H 308 -17.52 49.99 -28.12
C PHE H 308 -17.82 49.90 -26.62
N LEU H 309 -16.93 50.44 -25.80
CA LEU H 309 -17.07 50.37 -24.34
C LEU H 309 -18.20 51.26 -23.80
N ALA H 310 -18.76 52.11 -24.66
CA ALA H 310 -19.87 52.99 -24.29
C ALA H 310 -21.21 52.42 -24.73
N ILE H 311 -21.26 51.97 -25.98
CA ILE H 311 -22.47 51.38 -26.55
C ILE H 311 -22.71 49.93 -26.11
N GLY H 312 -21.70 49.29 -25.56
CA GLY H 312 -21.83 47.93 -25.05
C GLY H 312 -22.01 47.78 -23.55
N CYS H 313 -21.84 48.87 -22.80
CA CYS H 313 -22.00 48.84 -21.35
C CYS H 313 -23.45 49.10 -20.94
N VAL H 314 -24.34 49.04 -21.94
CA VAL H 314 -25.78 49.16 -21.76
C VAL H 314 -26.48 47.87 -22.22
N LEU H 315 -25.90 46.72 -21.86
CA LEU H 315 -26.53 45.41 -22.11
C LEU H 315 -27.32 44.92 -20.90
N VAL H 316 -28.18 45.80 -20.40
CA VAL H 316 -29.03 45.51 -19.25
C VAL H 316 -30.29 44.78 -19.70
N ILE H 317 -30.26 44.19 -20.92
CA ILE H 317 -31.34 43.35 -21.42
C ILE H 317 -31.43 42.11 -20.54
N ARG H 318 -32.45 42.07 -19.67
CA ARG H 318 -32.58 41.04 -18.65
C ARG H 318 -34.02 40.56 -18.48
N ARG I 10 -28.54 -8.39 21.95
CA ARG I 10 -29.72 -8.27 21.10
C ARG I 10 -29.39 -7.94 19.63
N PRO I 11 -28.58 -6.90 19.35
CA PRO I 11 -28.44 -6.61 17.92
C PRO I 11 -27.69 -7.70 17.22
N VAL I 12 -28.04 -7.96 15.98
CA VAL I 12 -27.39 -9.00 15.20
C VAL I 12 -26.03 -8.51 14.73
N ASP I 13 -25.00 -9.32 14.92
CA ASP I 13 -23.68 -8.91 14.44
C ASP I 13 -23.54 -9.31 12.98
N VAL I 14 -23.21 -8.32 12.14
CA VAL I 14 -22.98 -8.59 10.72
C VAL I 14 -21.53 -8.32 10.35
N SER I 15 -20.90 -9.35 9.80
CA SER I 15 -19.51 -9.31 9.38
C SER I 15 -19.46 -9.09 7.89
N VAL I 16 -18.91 -7.97 7.46
CA VAL I 16 -18.89 -7.62 6.04
C VAL I 16 -17.52 -7.72 5.42
N SER I 17 -17.48 -8.24 4.20
CA SER I 17 -16.27 -8.27 3.41
C SER I 17 -16.55 -7.60 2.07
N ILE I 18 -15.74 -6.62 1.68
CA ILE I 18 -15.95 -5.93 0.43
C ILE I 18 -14.76 -6.14 -0.47
N PHE I 19 -14.95 -6.85 -1.58
CA PHE I 19 -13.82 -7.06 -2.47
C PHE I 19 -13.87 -6.11 -3.65
N ILE I 20 -12.87 -5.26 -3.82
CA ILE I 20 -12.91 -4.26 -4.87
C ILE I 20 -12.09 -4.69 -6.10
N ASN I 21 -12.74 -4.80 -7.26
CA ASN I 21 -12.11 -5.31 -8.50
C ASN I 21 -11.55 -4.29 -9.44
N LYS I 22 -12.22 -3.16 -9.54
CA LYS I 22 -11.87 -2.13 -10.50
C LYS I 22 -12.47 -0.85 -9.97
N ILE I 23 -11.67 0.20 -9.96
CA ILE I 23 -12.23 1.52 -9.74
C ILE I 23 -11.88 2.28 -10.99
N TYR I 24 -12.89 2.60 -11.80
CA TYR I 24 -12.68 3.21 -13.11
C TYR I 24 -13.72 4.25 -13.46
N GLY I 25 -13.50 4.98 -14.55
CA GLY I 25 -14.49 5.92 -15.05
C GLY I 25 -14.84 7.06 -14.09
N VAL I 26 -13.86 7.85 -13.69
CA VAL I 26 -14.19 9.02 -12.87
C VAL I 26 -15.02 10.01 -13.69
N ASN I 27 -16.10 10.52 -13.11
CA ASN I 27 -16.84 11.60 -13.75
C ASN I 27 -16.56 12.91 -13.01
N THR I 28 -15.79 13.79 -13.62
CA THR I 28 -15.32 14.98 -12.92
C THR I 28 -16.42 15.97 -12.55
N LEU I 29 -17.33 16.22 -13.48
CA LEU I 29 -18.38 17.20 -13.25
C LEU I 29 -19.36 16.72 -12.20
N GLU I 30 -19.76 15.45 -12.31
CA GLU I 30 -20.75 14.85 -11.40
C GLU I 30 -20.12 14.51 -10.09
N GLN I 31 -18.77 14.46 -10.07
CA GLN I 31 -17.99 14.00 -8.92
C GLN I 31 -18.36 12.57 -8.49
N THR I 32 -18.25 11.65 -9.44
CA THR I 32 -18.53 10.23 -9.23
C THR I 32 -17.46 9.34 -9.85
N TYR I 33 -17.48 8.07 -9.52
CA TYR I 33 -16.52 7.11 -10.05
C TYR I 33 -17.21 5.76 -9.97
N LYS I 34 -16.81 4.83 -10.84
CA LYS I 34 -17.44 3.49 -10.89
C LYS I 34 -16.62 2.44 -10.15
N VAL I 35 -17.29 1.53 -9.45
CA VAL I 35 -16.62 0.48 -8.70
C VAL I 35 -17.26 -0.88 -8.95
N ASP I 36 -16.48 -1.84 -9.47
CA ASP I 36 -16.98 -3.21 -9.59
C ASP I 36 -16.31 -4.06 -8.50
N GLY I 37 -17.13 -4.89 -7.84
CA GLY I 37 -16.64 -5.74 -6.79
C GLY I 37 -17.69 -6.69 -6.26
N TYR I 38 -17.36 -7.32 -5.14
CA TYR I 38 -18.25 -8.20 -4.42
C TYR I 38 -18.45 -7.69 -3.00
N ILE I 39 -19.58 -8.04 -2.42
CA ILE I 39 -19.86 -7.77 -1.03
C ILE I 39 -20.28 -9.06 -0.36
N VAL I 40 -19.77 -9.33 0.83
CA VAL I 40 -20.19 -10.54 1.54
C VAL I 40 -20.65 -10.16 2.94
N ALA I 41 -21.79 -10.66 3.38
CA ALA I 41 -22.24 -10.33 4.73
C ALA I 41 -22.60 -11.58 5.47
N GLN I 42 -22.09 -11.70 6.69
CA GLN I 42 -22.31 -12.90 7.46
C GLN I 42 -22.94 -12.55 8.80
N TRP I 43 -23.95 -13.33 9.18
CA TRP I 43 -24.53 -13.19 10.50
C TRP I 43 -25.00 -14.56 10.94
N THR I 44 -25.40 -14.71 12.20
CA THR I 44 -25.91 -16.00 12.68
C THR I 44 -27.33 -15.86 13.25
N GLY I 45 -28.19 -16.83 12.91
CA GLY I 45 -29.58 -16.81 13.32
C GLY I 45 -29.98 -18.16 13.89
N LYS I 46 -31.30 -18.45 13.94
CA LYS I 46 -31.77 -19.74 14.43
C LYS I 46 -31.17 -20.86 13.57
N PRO I 47 -30.44 -21.79 14.20
CA PRO I 47 -29.84 -22.95 13.54
C PRO I 47 -30.88 -23.75 12.74
N ARG I 48 -30.44 -24.52 11.76
CA ARG I 48 -31.39 -24.94 10.72
C ARG I 48 -31.08 -26.36 10.23
N LYS I 49 -32.11 -27.06 9.78
CA LYS I 49 -31.97 -28.38 9.16
C LYS I 49 -31.64 -28.31 7.65
N THR I 50 -30.47 -28.80 7.27
CA THR I 50 -30.06 -28.76 5.88
C THR I 50 -29.97 -30.19 5.32
N PRO I 51 -30.12 -30.34 4.00
CA PRO I 51 -29.93 -31.67 3.39
C PRO I 51 -28.47 -32.12 3.52
N GLY I 52 -28.26 -33.17 4.31
CA GLY I 52 -26.93 -33.53 4.79
C GLY I 52 -26.59 -32.48 5.83
N ASP I 53 -25.65 -32.76 6.72
CA ASP I 53 -25.30 -31.71 7.69
C ASP I 53 -24.32 -30.75 7.01
N LYS I 54 -24.44 -30.66 5.68
CA LYS I 54 -23.60 -29.79 4.85
C LYS I 54 -24.36 -28.52 4.49
N PRO I 55 -23.62 -27.40 4.40
CA PRO I 55 -24.24 -26.09 4.19
C PRO I 55 -24.98 -26.02 2.88
N LEU I 56 -26.04 -25.21 2.83
CA LEU I 56 -26.90 -25.13 1.67
C LEU I 56 -26.67 -23.89 0.84
N ILE I 57 -26.65 -24.08 -0.46
CA ILE I 57 -26.42 -22.96 -1.36
C ILE I 57 -27.67 -22.58 -2.15
N VAL I 58 -28.01 -21.29 -2.11
CA VAL I 58 -29.17 -20.75 -2.81
C VAL I 58 -28.76 -19.65 -3.78
N GLU I 59 -29.00 -19.85 -5.07
CA GLU I 59 -28.48 -18.93 -6.05
C GLU I 59 -29.56 -18.06 -6.70
N ASN I 60 -29.24 -16.77 -6.79
CA ASN I 60 -29.98 -15.82 -7.58
C ASN I 60 -31.48 -15.83 -7.34
N THR I 61 -32.25 -16.27 -8.33
CA THR I 61 -33.70 -16.12 -8.22
C THR I 61 -34.32 -16.83 -7.01
N GLN I 62 -33.57 -17.77 -6.44
CA GLN I 62 -34.08 -18.58 -5.36
C GLN I 62 -34.02 -17.93 -4.00
N ILE I 63 -33.16 -16.93 -3.82
CA ILE I 63 -33.09 -16.27 -2.51
C ILE I 63 -34.40 -15.63 -2.18
N GLU I 64 -35.04 -15.04 -3.20
CA GLU I 64 -36.32 -14.36 -3.03
C GLU I 64 -37.36 -15.34 -2.50
N ARG I 65 -37.28 -16.57 -2.98
CA ARG I 65 -38.20 -17.62 -2.55
C ARG I 65 -38.08 -17.88 -1.05
N TRP I 66 -36.84 -17.98 -0.57
CA TRP I 66 -36.58 -18.23 0.84
C TRP I 66 -36.98 -17.06 1.72
N ILE I 67 -36.90 -15.85 1.16
CA ILE I 67 -37.21 -14.65 1.91
C ILE I 67 -38.70 -14.66 2.21
N ASN I 68 -39.47 -15.18 1.26
CA ASN I 68 -40.92 -15.27 1.43
C ASN I 68 -41.36 -16.22 2.53
N ASN I 69 -40.57 -17.27 2.79
CA ASN I 69 -40.88 -18.16 3.92
C ASN I 69 -40.36 -17.60 5.23
N GLY I 70 -39.77 -16.41 5.18
CA GLY I 70 -39.37 -15.69 6.37
C GLY I 70 -37.88 -15.69 6.74
N LEU I 71 -37.03 -15.87 5.73
CA LEU I 71 -35.60 -15.74 5.97
C LEU I 71 -35.31 -14.28 6.12
N TRP I 72 -34.58 -13.94 7.17
CA TRP I 72 -34.23 -12.56 7.37
C TRP I 72 -32.90 -12.29 6.72
N VAL I 73 -32.94 -11.63 5.55
CA VAL I 73 -31.73 -11.19 4.91
C VAL I 73 -31.99 -9.70 4.64
N PRO I 74 -31.43 -8.83 5.50
CA PRO I 74 -31.65 -7.38 5.61
C PRO I 74 -31.05 -6.55 4.48
N ALA I 75 -31.78 -5.53 4.09
CA ALA I 75 -31.31 -4.65 3.03
C ALA I 75 -30.23 -3.74 3.53
N LEU I 76 -29.03 -3.88 2.96
CA LEU I 76 -27.90 -3.01 3.30
C LEU I 76 -27.72 -2.03 2.15
N GLU I 77 -27.77 -0.72 2.42
CA GLU I 77 -27.75 0.28 1.34
C GLU I 77 -26.37 0.94 1.10
N PHE I 78 -25.93 1.06 -0.16
CA PHE I 78 -24.76 1.89 -0.40
C PHE I 78 -25.18 3.34 -0.37
N ILE I 79 -24.82 4.02 0.70
CA ILE I 79 -25.26 5.38 0.94
C ILE I 79 -24.81 6.37 -0.10
N ASN I 80 -23.59 6.25 -0.59
CA ASN I 80 -23.07 7.26 -1.50
C ASN I 80 -23.04 6.78 -2.96
N VAL I 81 -23.78 5.72 -3.24
CA VAL I 81 -23.95 5.30 -4.62
C VAL I 81 -24.93 6.26 -5.28
N VAL I 82 -24.85 6.42 -6.60
CA VAL I 82 -25.81 7.28 -7.29
C VAL I 82 -26.77 6.48 -8.14
N GLY I 83 -27.90 6.13 -7.52
CA GLY I 83 -28.93 5.31 -8.14
C GLY I 83 -28.69 3.83 -8.00
N SER I 84 -29.74 3.01 -8.06
CA SER I 84 -29.63 1.57 -7.77
C SER I 84 -28.59 0.90 -8.66
N PRO I 85 -27.56 0.34 -8.01
CA PRO I 85 -26.37 -0.31 -8.55
C PRO I 85 -26.69 -1.65 -9.14
N ASP I 86 -25.88 -2.11 -10.09
CA ASP I 86 -26.16 -3.33 -10.85
C ASP I 86 -25.76 -4.65 -10.20
N THR I 87 -26.73 -5.38 -9.71
CA THR I 87 -26.39 -6.61 -9.03
C THR I 87 -26.28 -7.78 -9.97
N GLY I 88 -25.12 -8.41 -9.96
CA GLY I 88 -24.87 -9.61 -10.75
C GLY I 88 -25.43 -10.85 -10.07
N ASN I 89 -24.57 -11.80 -9.70
CA ASN I 89 -25.05 -13.01 -9.04
C ASN I 89 -25.23 -12.92 -7.55
N LYS I 90 -26.31 -13.50 -7.06
CA LYS I 90 -26.58 -13.50 -5.64
C LYS I 90 -26.37 -14.90 -5.08
N ARG I 91 -26.01 -14.97 -3.81
CA ARG I 91 -25.89 -16.26 -3.18
C ARG I 91 -26.17 -16.16 -1.71
N LEU I 92 -27.05 -17.01 -1.22
CA LEU I 92 -27.20 -17.19 0.21
C LEU I 92 -26.60 -18.54 0.45
N MET I 93 -25.67 -18.59 1.40
CA MET I 93 -25.16 -19.85 1.89
C MET I 93 -25.63 -20.08 3.33
N LEU I 94 -26.50 -21.08 3.49
CA LEU I 94 -27.09 -21.40 4.77
C LEU I 94 -26.36 -22.53 5.47
N PHE I 95 -25.77 -22.20 6.61
CA PHE I 95 -25.05 -23.17 7.42
C PHE I 95 -26.01 -23.73 8.46
N PRO I 96 -25.84 -25.03 8.82
CA PRO I 96 -26.79 -25.68 9.74
C PRO I 96 -26.68 -25.17 11.16
N ASP I 97 -25.48 -24.75 11.52
CA ASP I 97 -25.22 -24.26 12.85
C ASP I 97 -25.69 -22.83 13.05
N GLY I 98 -26.59 -22.37 12.19
CA GLY I 98 -27.19 -21.06 12.34
C GLY I 98 -26.72 -19.93 11.44
N ARG I 99 -25.41 -19.85 11.18
CA ARG I 99 -24.86 -18.70 10.47
C ARG I 99 -25.32 -18.69 9.02
N VAL I 100 -25.38 -17.48 8.47
CA VAL I 100 -25.87 -17.20 7.12
C VAL I 100 -24.88 -16.26 6.44
N ILE I 101 -24.46 -16.60 5.22
CA ILE I 101 -23.54 -15.78 4.45
C ILE I 101 -24.19 -15.28 3.16
N TYR I 102 -24.29 -13.97 2.98
CA TYR I 102 -24.78 -13.38 1.75
C TYR I 102 -23.63 -12.95 0.86
N ASN I 103 -23.59 -13.44 -0.37
CA ASN I 103 -22.53 -13.05 -1.27
C ASN I 103 -23.12 -12.57 -2.59
N ALA I 104 -22.77 -11.35 -2.96
CA ALA I 104 -23.34 -10.76 -4.16
C ALA I 104 -22.31 -9.90 -4.87
N ARG I 105 -22.31 -9.92 -6.19
CA ARG I 105 -21.42 -9.07 -6.95
C ARG I 105 -22.14 -7.76 -7.28
N PHE I 106 -21.41 -6.65 -7.33
CA PHE I 106 -22.05 -5.38 -7.64
C PHE I 106 -21.18 -4.56 -8.57
N LEU I 107 -21.82 -3.72 -9.36
CA LEU I 107 -21.14 -2.65 -10.09
C LEU I 107 -21.96 -1.39 -9.98
N GLY I 108 -21.37 -0.32 -9.47
CA GLY I 108 -22.16 0.87 -9.18
C GLY I 108 -21.42 2.16 -9.36
N SER I 109 -22.16 3.24 -9.59
CA SER I 109 -21.52 4.55 -9.64
C SER I 109 -21.71 5.28 -8.35
N PHE I 110 -20.58 5.65 -7.75
CA PHE I 110 -20.53 6.19 -6.43
C PHE I 110 -20.12 7.65 -6.43
N SER I 111 -20.56 8.37 -5.40
CA SER I 111 -20.24 9.78 -5.25
C SER I 111 -19.39 10.11 -4.04
N ASN I 112 -18.51 11.09 -4.21
CA ASN I 112 -17.74 11.62 -3.10
C ASN I 112 -17.29 13.01 -3.45
N ASP I 113 -17.01 13.83 -2.44
CA ASP I 113 -16.49 15.16 -2.71
C ASP I 113 -15.16 15.03 -3.46
N MET I 114 -14.99 15.76 -4.57
CA MET I 114 -13.76 15.67 -5.34
C MET I 114 -13.23 17.01 -5.78
N ASP I 115 -12.04 17.35 -5.32
CA ASP I 115 -11.37 18.60 -5.69
C ASP I 115 -10.38 18.36 -6.80
N PHE I 116 -10.62 18.97 -7.95
CA PHE I 116 -9.77 18.79 -9.09
C PHE I 116 -8.95 20.02 -9.42
N ARG I 117 -8.74 20.90 -8.43
CA ARG I 117 -8.11 22.18 -8.74
C ARG I 117 -6.62 22.05 -9.08
N LEU I 118 -5.95 21.07 -8.49
CA LEU I 118 -4.52 20.84 -8.69
C LEU I 118 -4.25 19.96 -9.89
N PHE I 119 -5.26 19.77 -10.73
CA PHE I 119 -5.15 18.95 -11.93
C PHE I 119 -4.00 19.47 -12.76
N PRO I 120 -3.19 18.57 -13.34
CA PRO I 120 -3.29 17.12 -13.28
C PRO I 120 -2.54 16.52 -12.11
N PHE I 121 -2.41 17.27 -11.04
CA PHE I 121 -1.63 16.78 -9.92
C PHE I 121 -2.52 16.57 -8.69
N ASP I 122 -3.76 16.11 -8.90
CA ASP I 122 -4.69 15.95 -7.79
C ASP I 122 -4.59 14.58 -7.14
N ARG I 123 -4.97 14.52 -5.87
CA ARG I 123 -5.09 13.24 -5.18
C ARG I 123 -6.56 13.11 -4.85
N GLN I 124 -7.10 11.91 -4.96
CA GLN I 124 -8.53 11.71 -4.69
C GLN I 124 -8.80 10.59 -3.71
N GLN I 125 -9.98 10.60 -3.12
CA GLN I 125 -10.40 9.48 -2.27
C GLN I 125 -11.62 8.73 -2.79
N PHE I 126 -11.44 7.45 -3.09
CA PHE I 126 -12.56 6.65 -3.50
C PHE I 126 -13.26 6.10 -2.26
N VAL I 127 -14.54 6.35 -2.12
CA VAL I 127 -15.25 6.01 -0.90
C VAL I 127 -16.43 5.04 -1.13
N LEU I 128 -16.61 4.11 -0.22
CA LEU I 128 -17.84 3.34 -0.11
C LEU I 128 -18.47 3.62 1.26
N GLU I 129 -19.78 3.87 1.29
CA GLU I 129 -20.51 4.02 2.56
C GLU I 129 -21.68 3.01 2.63
N LEU I 130 -21.69 2.14 3.62
CA LEU I 130 -22.64 1.03 3.66
C LEU I 130 -23.44 1.04 4.95
N GLU I 131 -24.74 0.85 4.89
CA GLU I 131 -25.57 1.04 6.07
C GLU I 131 -26.84 0.21 5.90
N PRO I 132 -27.37 -0.33 7.00
CA PRO I 132 -28.61 -1.06 6.77
C PRO I 132 -29.72 -0.08 6.41
N PHE I 133 -30.69 -0.50 5.62
CA PHE I 133 -31.68 0.46 5.15
C PHE I 133 -32.75 0.63 6.22
N SER I 134 -33.00 -0.42 6.98
CA SER I 134 -34.19 -0.43 7.82
C SER I 134 -33.91 -0.62 9.29
N TYR I 135 -32.79 -1.27 9.59
CA TYR I 135 -32.51 -1.70 10.97
C TYR I 135 -31.40 -0.84 11.60
N ASN I 136 -31.67 -0.24 12.76
CA ASN I 136 -30.66 0.58 13.46
C ASN I 136 -29.61 -0.21 14.26
N ASN I 137 -28.75 0.52 14.98
CA ASN I 137 -27.70 -0.12 15.74
C ASN I 137 -28.20 -0.91 16.96
N GLN I 138 -29.46 -0.73 17.31
CA GLN I 138 -30.05 -1.53 18.37
C GLN I 138 -30.53 -2.86 17.77
N GLN I 139 -30.69 -2.89 16.45
CA GLN I 139 -31.23 -4.06 15.78
C GLN I 139 -30.19 -4.81 14.97
N LEU I 140 -29.38 -4.04 14.26
CA LEU I 140 -28.35 -4.60 13.41
C LEU I 140 -27.12 -3.71 13.46
N ARG I 141 -25.97 -4.29 13.80
CA ARG I 141 -24.74 -3.52 13.86
C ARG I 141 -23.62 -4.23 13.11
N PHE I 142 -22.72 -3.43 12.57
CA PHE I 142 -21.59 -3.95 11.83
C PHE I 142 -20.48 -4.27 12.79
N SER I 143 -20.13 -5.56 12.84
CA SER I 143 -19.11 -6.06 13.75
C SER I 143 -17.71 -5.75 13.21
N ASP I 144 -17.45 -6.09 11.96
CA ASP I 144 -16.17 -5.78 11.36
C ASP I 144 -16.28 -5.65 9.86
N ILE I 145 -15.27 -5.02 9.28
CA ILE I 145 -15.26 -4.81 7.85
C ILE I 145 -13.92 -5.28 7.26
N GLN I 146 -14.01 -6.15 6.27
CA GLN I 146 -12.84 -6.63 5.53
C GLN I 146 -12.82 -6.03 4.14
N VAL I 147 -11.73 -5.44 3.74
CA VAL I 147 -11.64 -4.99 2.36
C VAL I 147 -10.46 -5.62 1.67
N TYR I 148 -10.72 -6.35 0.60
CA TYR I 148 -9.66 -7.02 -0.10
C TYR I 148 -9.49 -6.39 -1.50
N THR I 149 -8.28 -6.00 -1.86
CA THR I 149 -8.02 -5.38 -3.16
C THR I 149 -6.81 -6.00 -3.91
N GLU I 150 -6.84 -5.99 -5.24
CA GLU I 150 -5.67 -6.34 -6.04
C GLU I 150 -4.56 -5.32 -5.76
N ASN I 151 -3.31 -5.70 -5.98
CA ASN I 151 -2.23 -4.72 -5.90
C ASN I 151 -1.72 -4.29 -7.28
N ILE I 152 -2.00 -3.05 -7.70
CA ILE I 152 -1.54 -2.58 -9.00
C ILE I 152 -0.06 -2.14 -9.04
N ASP I 153 0.72 -2.89 -9.82
CA ASP I 153 2.15 -2.69 -9.95
C ASP I 153 2.42 -2.02 -11.31
N ASN I 154 1.65 -2.42 -12.32
CA ASN I 154 1.73 -1.80 -13.65
C ASN I 154 0.87 -0.53 -13.66
N GLU I 155 1.15 0.32 -12.69
CA GLU I 155 0.38 1.52 -12.45
C GLU I 155 0.62 2.64 -13.49
N GLU I 156 1.64 2.48 -14.33
CA GLU I 156 1.92 3.41 -15.43
C GLU I 156 1.01 3.20 -16.66
N ILE I 157 0.30 2.08 -16.72
CA ILE I 157 -0.73 1.90 -17.75
C ILE I 157 -2.10 2.11 -17.09
N ASP I 158 -2.05 2.48 -15.82
CA ASP I 158 -3.24 2.84 -15.07
C ASP I 158 -3.27 4.36 -14.94
N GLU I 159 -4.47 4.92 -14.98
CA GLU I 159 -4.60 6.36 -14.86
C GLU I 159 -4.24 6.79 -13.43
N TRP I 160 -4.61 5.96 -12.46
CA TRP I 160 -4.45 6.29 -11.05
C TRP I 160 -3.45 5.39 -10.27
N TRP I 161 -2.61 6.02 -9.46
CA TRP I 161 -1.73 5.28 -8.57
C TRP I 161 -2.45 5.18 -7.21
N ILE I 162 -2.83 3.96 -6.83
CA ILE I 162 -3.44 3.70 -5.52
C ILE I 162 -2.37 3.77 -4.45
N ARG I 163 -2.59 4.55 -3.39
CA ARG I 163 -1.53 4.89 -2.45
C ARG I 163 -1.73 4.09 -1.15
N GLY I 164 -1.49 2.78 -1.18
CA GLY I 164 -1.70 1.98 0.02
C GLY I 164 -2.98 1.16 0.05
N LYS I 165 -3.04 0.16 0.94
CA LYS I 165 -4.21 -0.74 1.10
C LYS I 165 -5.42 0.01 1.62
N ALA I 166 -6.62 -0.58 1.46
CA ALA I 166 -7.83 0.14 1.85
C ALA I 166 -7.90 0.38 3.35
N SER I 167 -8.29 1.59 3.74
CA SER I 167 -8.53 1.90 5.16
C SER I 167 -10.04 2.11 5.50
N THR I 168 -10.43 1.74 6.71
CA THR I 168 -11.83 1.71 7.13
C THR I 168 -12.21 2.47 8.42
N HIS I 169 -13.52 2.57 8.67
CA HIS I 169 -14.07 3.25 9.86
C HIS I 169 -15.53 2.82 10.07
N ILE I 170 -15.76 2.01 11.10
CA ILE I 170 -17.11 1.69 11.56
C ILE I 170 -17.60 2.79 12.49
N SER I 171 -18.84 3.24 12.29
CA SER I 171 -19.34 4.36 13.07
C SER I 171 -20.79 4.21 13.42
N ASP I 172 -21.34 5.19 14.11
CA ASP I 172 -22.77 5.21 14.45
C ASP I 172 -23.28 6.56 14.01
N ILE I 173 -24.49 6.61 13.47
CA ILE I 173 -25.02 7.89 12.96
C ILE I 173 -26.35 8.29 13.58
N ARG I 174 -26.39 9.49 14.17
CA ARG I 174 -27.63 10.02 14.72
C ARG I 174 -28.36 10.68 13.59
N TYR I 175 -29.57 10.22 13.35
CA TYR I 175 -30.48 10.89 12.46
C TYR I 175 -31.39 11.76 13.31
N ASP I 176 -31.25 13.08 13.22
CA ASP I 176 -32.02 13.97 14.07
C ASP I 176 -33.49 13.85 13.71
N HIS I 177 -33.80 14.20 12.46
CA HIS I 177 -35.18 14.22 11.98
C HIS I 177 -35.64 12.81 11.59
N LEU I 178 -36.20 12.09 12.56
CA LEU I 178 -36.81 10.81 12.28
C LEU I 178 -38.30 10.81 12.61
N SER I 179 -39.07 10.07 11.82
CA SER I 179 -40.53 10.00 11.99
C SER I 179 -40.97 8.85 12.90
N SER I 180 -40.03 8.26 13.63
CA SER I 180 -40.34 7.04 14.36
C SER I 180 -40.87 7.42 15.73
N VAL I 181 -40.26 6.82 16.76
CA VAL I 181 -40.73 7.00 18.13
C VAL I 181 -39.85 7.97 18.89
N GLN I 182 -39.08 7.47 19.86
CA GLN I 182 -38.20 8.34 20.62
C GLN I 182 -36.92 7.72 21.17
N PRO I 183 -37.04 6.64 21.94
CA PRO I 183 -35.89 6.12 22.70
C PRO I 183 -34.76 5.43 21.90
N ASN I 184 -33.68 6.14 21.58
CA ASN I 184 -32.52 5.51 20.92
C ASN I 184 -32.75 4.90 19.54
N GLN I 185 -33.76 5.34 18.82
CA GLN I 185 -34.04 4.69 17.55
C GLN I 185 -33.52 5.49 16.38
N ASN I 186 -32.53 6.34 16.64
CA ASN I 186 -32.04 7.23 15.61
C ASN I 186 -30.56 7.04 15.33
N GLU I 187 -29.97 5.94 15.79
CA GLU I 187 -28.57 5.72 15.46
C GLU I 187 -28.40 4.47 14.63
N PHE I 188 -27.64 4.59 13.54
CA PHE I 188 -27.43 3.50 12.56
C PHE I 188 -25.98 3.11 12.33
N SER I 189 -25.74 1.83 12.10
CA SER I 189 -24.36 1.36 11.96
C SER I 189 -23.80 1.53 10.55
N ARG I 190 -22.71 2.29 10.39
CA ARG I 190 -22.21 2.50 9.03
C ARG I 190 -20.73 2.17 8.82
N ILE I 191 -20.49 1.23 7.89
CA ILE I 191 -19.16 0.96 7.37
C ILE I 191 -18.75 2.02 6.36
N THR I 192 -17.51 2.46 6.47
CA THR I 192 -16.99 3.42 5.54
C THR I 192 -15.63 3.00 5.05
N VAL I 193 -15.51 2.64 3.80
CA VAL I 193 -14.21 2.26 3.27
C VAL I 193 -13.60 3.41 2.45
N ARG I 194 -12.30 3.63 2.63
CA ARG I 194 -11.57 4.69 1.94
C ARG I 194 -10.37 4.14 1.17
N ILE I 195 -10.18 4.65 -0.04
CA ILE I 195 -9.02 4.33 -0.84
C ILE I 195 -8.38 5.62 -1.32
N ASP I 196 -7.13 5.87 -0.95
CA ASP I 196 -6.46 7.08 -1.39
C ASP I 196 -5.80 6.80 -2.74
N ALA I 197 -5.71 7.82 -3.59
CA ALA I 197 -5.09 7.64 -4.91
C ALA I 197 -4.56 8.95 -5.45
N VAL I 198 -3.50 8.88 -6.25
CA VAL I 198 -2.96 10.09 -6.85
C VAL I 198 -2.90 9.90 -8.36
N ARG I 199 -2.97 11.03 -9.07
CA ARG I 199 -3.08 11.01 -10.52
C ARG I 199 -1.70 10.87 -11.14
N ASN I 200 -1.59 10.04 -12.18
CA ASN I 200 -0.36 9.93 -12.95
C ASN I 200 -0.18 11.10 -13.94
N PRO I 201 0.58 12.13 -13.56
CA PRO I 201 0.61 13.40 -14.30
C PRO I 201 1.43 13.31 -15.55
N SER I 202 1.87 12.11 -15.88
CA SER I 202 2.70 11.87 -17.04
C SER I 202 2.06 12.47 -18.26
N TYR I 203 0.97 11.86 -18.71
CA TYR I 203 0.38 12.24 -19.98
C TYR I 203 0.19 13.74 -20.15
N TYR I 204 -0.28 14.41 -19.10
CA TYR I 204 -0.66 15.80 -19.25
C TYR I 204 0.53 16.72 -19.25
N LEU I 205 1.62 16.28 -18.63
CA LEU I 205 2.83 17.08 -18.59
C LEU I 205 3.46 17.11 -19.98
N TRP I 206 3.68 15.93 -20.55
CA TRP I 206 4.38 15.80 -21.84
C TRP I 206 3.57 16.22 -23.05
N SER I 207 2.26 15.97 -23.05
CA SER I 207 1.48 16.23 -24.25
C SER I 207 0.61 17.47 -24.11
N PHE I 208 0.55 18.08 -22.92
CA PHE I 208 -0.24 19.31 -22.78
C PHE I 208 0.56 20.46 -22.18
N ILE I 209 1.12 20.28 -20.99
CA ILE I 209 1.87 21.35 -20.29
C ILE I 209 3.08 21.85 -21.08
N LEU I 210 3.89 20.89 -21.54
CA LEU I 210 5.14 21.15 -22.25
C LEU I 210 4.92 21.90 -23.56
N PRO I 211 4.09 21.36 -24.47
CA PRO I 211 3.98 22.11 -25.72
C PRO I 211 3.36 23.50 -25.55
N LEU I 212 2.61 23.71 -24.47
CA LEU I 212 2.05 25.03 -24.22
C LEU I 212 3.16 25.95 -23.81
N GLY I 213 4.11 25.38 -23.10
CA GLY I 213 5.26 26.13 -22.66
C GLY I 213 6.05 26.60 -23.86
N LEU I 214 6.37 25.66 -24.76
CA LEU I 214 7.11 26.00 -25.97
C LEU I 214 6.47 27.18 -26.73
N ILE I 215 5.14 27.17 -26.83
CA ILE I 215 4.43 28.21 -27.55
C ILE I 215 4.47 29.55 -26.80
N ILE I 216 4.26 29.54 -25.49
CA ILE I 216 4.34 30.79 -24.74
C ILE I 216 5.75 31.32 -24.80
N ALA I 217 6.74 30.42 -24.83
CA ALA I 217 8.13 30.82 -24.97
C ALA I 217 8.31 31.58 -26.27
N ALA I 218 8.02 30.91 -27.37
CA ALA I 218 8.15 31.50 -28.69
C ALA I 218 7.24 32.71 -28.87
N SER I 219 6.29 32.92 -27.96
CA SER I 219 5.47 34.14 -28.00
C SER I 219 6.36 35.34 -27.76
N TRP I 220 7.41 35.11 -26.98
CA TRP I 220 8.37 36.14 -26.61
C TRP I 220 9.32 36.52 -27.74
N SER I 221 9.57 35.60 -28.66
CA SER I 221 10.55 35.87 -29.72
C SER I 221 10.01 36.87 -30.75
N VAL I 222 8.98 37.59 -30.35
CA VAL I 222 8.45 38.68 -31.15
C VAL I 222 9.35 39.91 -31.02
N PHE I 223 10.03 40.00 -29.89
CA PHE I 223 10.85 41.16 -29.62
C PHE I 223 12.17 41.16 -30.39
N TRP I 224 12.44 40.04 -31.05
CA TRP I 224 13.63 39.86 -31.86
C TRP I 224 13.35 40.04 -33.36
N LEU I 225 12.14 40.48 -33.67
CA LEU I 225 11.82 40.97 -35.01
C LEU I 225 12.21 42.43 -35.04
N GLU I 226 12.64 42.88 -36.21
CA GLU I 226 13.34 44.16 -36.28
C GLU I 226 12.45 45.35 -36.67
N SER I 227 11.45 45.10 -37.50
CA SER I 227 10.51 46.17 -37.87
C SER I 227 9.43 46.33 -36.81
N PHE I 228 8.73 47.48 -36.80
CA PHE I 228 7.55 47.64 -35.94
C PHE I 228 6.33 46.91 -36.49
N SER I 229 6.17 47.02 -37.80
CA SER I 229 5.11 46.34 -38.54
C SER I 229 5.11 44.84 -38.26
N GLU I 230 6.31 44.25 -38.30
CA GLU I 230 6.48 42.83 -38.06
C GLU I 230 6.03 42.43 -36.66
N ARG I 231 6.39 43.25 -35.68
CA ARG I 231 6.15 42.93 -34.29
C ARG I 231 4.68 42.97 -33.94
N LEU I 232 3.95 43.99 -34.39
CA LEU I 232 2.52 44.05 -34.04
C LEU I 232 1.71 43.04 -34.83
N GLN I 233 1.97 42.93 -36.13
CA GLN I 233 1.23 41.97 -36.95
C GLN I 233 1.48 40.52 -36.53
N THR I 234 2.70 40.18 -36.11
CA THR I 234 2.96 38.82 -35.69
C THR I 234 2.26 38.47 -34.40
N SER I 235 2.15 39.41 -33.47
CA SER I 235 1.53 39.10 -32.19
C SER I 235 0.06 38.68 -32.36
N PHE I 236 -0.61 39.10 -33.45
CA PHE I 236 -1.98 38.67 -33.70
C PHE I 236 -2.07 37.21 -34.16
N THR I 237 -1.00 36.71 -34.76
CA THR I 237 -0.96 35.31 -35.14
C THR I 237 -0.72 34.47 -33.90
N LEU I 238 0.04 35.02 -32.96
CA LEU I 238 0.26 34.35 -31.68
C LEU I 238 -1.03 34.29 -30.89
N MET I 239 -1.81 35.38 -30.95
CA MET I 239 -3.11 35.46 -30.30
C MET I 239 -3.99 34.32 -30.75
N LEU I 240 -4.03 34.11 -32.06
CA LEU I 240 -4.78 33.01 -32.66
C LEU I 240 -4.29 31.66 -32.20
N THR I 241 -2.98 31.51 -32.04
CA THR I 241 -2.40 30.23 -31.64
C THR I 241 -2.78 29.86 -30.20
N VAL I 242 -2.84 30.84 -29.30
CA VAL I 242 -3.28 30.57 -27.93
C VAL I 242 -4.78 30.17 -27.93
N VAL I 243 -5.59 30.93 -28.67
CA VAL I 243 -6.99 30.62 -28.80
C VAL I 243 -7.17 29.24 -29.41
N ALA I 244 -6.40 28.94 -30.44
CA ALA I 244 -6.47 27.63 -31.07
C ALA I 244 -6.08 26.57 -30.06
N TYR I 245 -5.08 26.88 -29.24
CA TYR I 245 -4.59 25.95 -28.22
C TYR I 245 -5.52 25.83 -27.01
N ALA I 246 -6.24 26.91 -26.70
CA ALA I 246 -7.26 26.88 -25.67
C ALA I 246 -8.38 25.91 -26.10
N PHE I 247 -8.67 25.90 -27.39
CA PHE I 247 -9.71 25.06 -27.96
C PHE I 247 -9.29 23.62 -27.83
N TYR I 248 -8.05 23.34 -28.20
CA TYR I 248 -7.45 22.01 -28.13
C TYR I 248 -7.45 21.42 -26.70
N THR I 249 -7.02 22.19 -25.72
CA THR I 249 -6.96 21.67 -24.36
C THR I 249 -8.35 21.44 -23.76
N SER I 250 -9.18 22.47 -23.76
CA SER I 250 -10.48 22.43 -23.09
C SER I 250 -11.43 21.38 -23.63
N ASN I 251 -11.23 21.00 -24.89
CA ASN I 251 -12.03 19.95 -25.55
C ASN I 251 -11.67 18.56 -25.10
N ILE I 252 -10.44 18.39 -24.64
CA ILE I 252 -9.96 17.06 -24.26
C ILE I 252 -9.82 16.91 -22.75
N LEU I 253 -9.37 17.95 -22.06
CA LEU I 253 -9.24 17.87 -20.61
C LEU I 253 -10.61 17.86 -19.97
N PRO I 254 -10.73 17.25 -18.79
CA PRO I 254 -12.06 17.05 -18.19
C PRO I 254 -12.77 18.32 -17.79
N ARG I 255 -14.07 18.45 -18.13
CA ARG I 255 -14.82 19.66 -17.80
C ARG I 255 -14.93 19.73 -16.31
N LEU I 256 -14.77 20.94 -15.77
CA LEU I 256 -14.77 21.20 -14.34
C LEU I 256 -15.48 22.52 -14.10
N PRO I 257 -15.88 22.81 -12.87
CA PRO I 257 -16.53 24.10 -12.68
C PRO I 257 -15.60 25.25 -12.26
N TYR I 258 -14.28 25.04 -12.27
CA TYR I 258 -13.29 26.07 -11.90
C TYR I 258 -12.06 25.97 -12.80
N THR I 259 -11.14 26.93 -12.71
CA THR I 259 -9.94 26.85 -13.53
C THR I 259 -8.93 25.95 -12.88
N THR I 260 -8.23 25.18 -13.69
CA THR I 260 -7.19 24.33 -13.18
C THR I 260 -5.85 24.99 -13.37
N VAL I 261 -4.81 24.21 -13.11
CA VAL I 261 -3.45 24.59 -13.35
C VAL I 261 -3.14 24.87 -14.82
N ILE I 262 -3.48 23.89 -15.67
CA ILE I 262 -3.29 24.00 -17.10
C ILE I 262 -4.11 25.17 -17.63
N ASP I 263 -5.32 25.33 -17.08
CA ASP I 263 -6.20 26.45 -17.46
C ASP I 263 -5.50 27.79 -17.23
N GLN I 264 -4.74 27.84 -16.14
CA GLN I 264 -4.09 29.08 -15.74
C GLN I 264 -2.97 29.47 -16.71
N MET I 265 -2.17 28.51 -17.14
CA MET I 265 -1.18 28.76 -18.18
C MET I 265 -1.80 29.42 -19.39
N ILE I 266 -2.96 28.91 -19.78
CA ILE I 266 -3.65 29.43 -20.95
C ILE I 266 -4.00 30.89 -20.78
N ILE I 267 -4.45 31.27 -19.59
CA ILE I 267 -4.76 32.67 -19.40
C ILE I 267 -3.46 33.48 -19.45
N ALA I 268 -2.36 32.91 -18.94
CA ALA I 268 -1.06 33.59 -18.94
C ALA I 268 -0.50 33.87 -20.32
N GLY I 269 -0.66 32.91 -21.23
CA GLY I 269 -0.27 33.12 -22.60
C GLY I 269 -1.12 34.23 -23.19
N TYR I 270 -2.42 34.21 -22.88
CA TYR I 270 -3.34 35.27 -23.31
C TYR I 270 -2.90 36.62 -22.75
N GLY I 271 -2.38 36.61 -21.52
CA GLY I 271 -1.96 37.83 -20.87
C GLY I 271 -0.70 38.33 -21.53
N SER I 272 0.26 37.43 -21.68
CA SER I 272 1.56 37.75 -22.27
C SER I 272 1.46 38.42 -23.65
N ILE I 273 0.52 37.95 -24.46
CA ILE I 273 0.42 38.44 -25.83
C ILE I 273 -0.32 39.78 -25.88
N PHE I 274 -1.33 39.97 -25.02
CA PHE I 274 -1.95 41.28 -24.88
C PHE I 274 -1.00 42.23 -24.13
N ALA I 275 -0.21 41.67 -23.22
CA ALA I 275 0.81 42.46 -22.52
C ALA I 275 1.86 42.94 -23.51
N ALA I 276 2.35 42.02 -24.34
CA ALA I 276 3.36 42.34 -25.35
C ALA I 276 2.85 43.41 -26.32
N ILE I 277 1.59 43.32 -26.74
CA ILE I 277 0.99 44.33 -27.60
C ILE I 277 0.92 45.71 -26.91
N LEU I 278 0.67 45.73 -25.59
CA LEU I 278 0.59 47.02 -24.88
C LEU I 278 1.94 47.69 -24.87
N LEU I 279 3.01 46.91 -24.81
CA LEU I 279 4.38 47.44 -24.84
C LEU I 279 4.88 47.76 -26.27
N ILE I 280 4.68 46.83 -27.21
CA ILE I 280 5.11 47.06 -28.60
C ILE I 280 4.53 48.35 -29.14
N ILE I 281 3.29 48.65 -28.73
CA ILE I 281 2.61 49.85 -29.20
C ILE I 281 3.06 51.06 -28.38
N PHE I 282 3.62 50.81 -27.20
CA PHE I 282 4.05 51.91 -26.34
C PHE I 282 5.43 52.35 -26.80
N ALA I 283 6.30 51.37 -27.06
CA ALA I 283 7.68 51.62 -27.49
C ALA I 283 7.78 52.40 -28.80
N HIS I 284 6.69 52.45 -29.57
CA HIS I 284 6.67 53.21 -30.81
C HIS I 284 6.23 54.67 -30.56
N HIS I 285 5.67 54.95 -29.38
CA HIS I 285 5.18 56.30 -29.04
C HIS I 285 5.57 56.85 -27.66
N ARG I 286 6.47 56.16 -26.95
CA ARG I 286 6.97 56.62 -25.63
C ARG I 286 7.66 57.99 -25.71
N GLN I 287 8.70 58.07 -26.52
CA GLN I 287 9.56 59.26 -26.66
C GLN I 287 9.22 60.16 -27.84
N ALA I 288 9.67 61.41 -27.74
CA ALA I 288 9.56 62.38 -28.83
C ALA I 288 10.44 61.97 -30.02
N ASN I 289 10.35 62.76 -31.10
CA ASN I 289 11.03 62.55 -32.40
C ASN I 289 10.43 61.40 -33.21
N GLY I 290 9.63 60.56 -32.56
CA GLY I 290 9.11 59.35 -33.20
C GLY I 290 10.18 58.26 -33.29
N VAL I 291 11.31 58.45 -32.61
CA VAL I 291 12.41 57.49 -32.61
C VAL I 291 12.05 56.19 -31.85
N GLU I 292 12.25 55.04 -32.50
CA GLU I 292 11.95 53.73 -31.89
C GLU I 292 12.82 53.41 -30.67
N ASP I 293 12.19 53.41 -29.49
CA ASP I 293 12.85 53.12 -28.21
C ASP I 293 13.31 51.66 -28.09
N ASP I 294 14.41 51.30 -28.78
CA ASP I 294 14.92 49.92 -28.71
C ASP I 294 15.60 49.65 -27.38
N LEU I 295 15.49 50.60 -26.46
CA LEU I 295 15.88 50.40 -25.06
C LEU I 295 14.80 49.58 -24.37
N LEU I 296 13.55 49.92 -24.70
CA LEU I 296 12.39 49.25 -24.12
C LEU I 296 12.27 47.86 -24.78
N ILE I 297 12.20 47.84 -26.11
CA ILE I 297 12.40 46.60 -26.87
C ILE I 297 13.83 46.11 -26.61
N GLN I 298 14.11 44.85 -26.90
CA GLN I 298 15.41 44.24 -26.65
C GLN I 298 15.67 44.05 -25.16
N ARG I 299 15.36 45.05 -24.33
CA ARG I 299 15.35 44.81 -22.90
C ARG I 299 14.17 43.89 -22.61
N CYS I 300 13.18 43.90 -23.50
CA CYS I 300 12.07 42.96 -23.42
C CYS I 300 12.52 41.55 -23.77
N ARG I 301 13.67 41.44 -24.45
CA ARG I 301 14.20 40.14 -24.80
C ARG I 301 14.63 39.40 -23.52
N LEU I 302 14.71 40.13 -22.41
CA LEU I 302 14.92 39.50 -21.11
C LEU I 302 13.98 40.09 -20.07
N ALA I 303 13.14 41.04 -20.47
CA ALA I 303 12.12 41.52 -19.53
C ALA I 303 11.01 40.48 -19.42
N PHE I 304 10.48 40.06 -20.56
CA PHE I 304 9.46 39.02 -20.57
C PHE I 304 9.96 37.59 -20.27
N PRO I 305 11.00 37.09 -20.97
CA PRO I 305 11.39 35.69 -20.63
C PRO I 305 11.81 35.50 -19.17
N LEU I 306 12.13 36.58 -18.47
CA LEU I 306 12.46 36.53 -17.04
C LEU I 306 11.30 37.05 -16.19
N GLY I 307 10.68 38.15 -16.63
CA GLY I 307 9.57 38.76 -15.91
C GLY I 307 8.40 37.80 -15.79
N PHE I 308 7.99 37.24 -16.93
CA PHE I 308 6.97 36.19 -16.96
C PHE I 308 7.45 34.99 -16.14
N LEU I 309 8.73 34.63 -16.29
CA LEU I 309 9.28 33.49 -15.58
C LEU I 309 9.38 33.81 -14.08
N ALA I 310 9.16 35.08 -13.74
CA ALA I 310 9.10 35.56 -12.36
C ALA I 310 7.64 35.77 -11.91
N ILE I 311 6.84 36.42 -12.73
CA ILE I 311 5.43 36.63 -12.39
C ILE I 311 4.64 35.34 -12.60
N GLY I 312 5.28 34.37 -13.26
CA GLY I 312 4.73 33.04 -13.42
C GLY I 312 5.32 32.08 -12.42
N CYS I 313 6.34 32.53 -11.70
CA CYS I 313 6.98 31.74 -10.66
C CYS I 313 6.29 32.00 -9.32
N VAL I 314 5.14 32.67 -9.40
CA VAL I 314 4.34 32.95 -8.21
C VAL I 314 2.92 32.33 -8.29
N LEU I 315 2.84 31.09 -8.77
CA LEU I 315 1.60 30.30 -8.72
C LEU I 315 1.57 29.32 -7.53
N VAL I 316 1.78 29.84 -6.32
CA VAL I 316 1.72 29.02 -5.12
C VAL I 316 0.28 28.83 -4.58
N ILE I 317 -0.71 29.15 -5.42
CA ILE I 317 -2.15 29.04 -5.10
C ILE I 317 -2.65 27.59 -4.87
N ARG I 318 -3.00 27.27 -3.62
CA ARG I 318 -3.42 25.91 -3.28
C ARG I 318 -4.64 25.95 -2.36
N ARG J 10 -17.00 -37.58 -6.04
CA ARG J 10 -17.81 -36.50 -5.47
C ARG J 10 -18.10 -35.34 -6.45
N PRO J 11 -17.06 -34.71 -7.06
CA PRO J 11 -17.34 -33.50 -7.86
C PRO J 11 -17.97 -33.73 -9.24
N VAL J 12 -18.84 -32.81 -9.64
CA VAL J 12 -19.50 -32.87 -10.94
C VAL J 12 -18.61 -32.38 -12.07
N ASP J 13 -18.43 -33.20 -13.11
CA ASP J 13 -17.66 -32.74 -14.27
C ASP J 13 -18.60 -32.02 -15.23
N VAL J 14 -18.27 -30.78 -15.59
CA VAL J 14 -19.07 -30.08 -16.60
C VAL J 14 -18.22 -29.68 -17.80
N SER J 15 -18.66 -30.06 -18.99
CA SER J 15 -17.93 -29.69 -20.20
C SER J 15 -18.58 -28.49 -20.87
N VAL J 16 -17.84 -27.39 -21.00
CA VAL J 16 -18.41 -26.17 -21.57
C VAL J 16 -17.83 -25.87 -22.96
N SER J 17 -18.71 -25.37 -23.83
CA SER J 17 -18.35 -24.92 -25.17
C SER J 17 -18.77 -23.49 -25.38
N ILE J 18 -17.83 -22.67 -25.86
CA ILE J 18 -18.09 -21.26 -26.11
C ILE J 18 -17.95 -20.91 -27.58
N PHE J 19 -19.03 -20.43 -28.17
CA PHE J 19 -19.00 -19.95 -29.55
C PHE J 19 -18.97 -18.43 -29.61
N ILE J 20 -17.98 -17.86 -30.29
CA ILE J 20 -17.82 -16.42 -30.36
C ILE J 20 -18.28 -15.86 -31.71
N ASN J 21 -19.26 -14.94 -31.67
CA ASN J 21 -19.87 -14.30 -32.86
C ASN J 21 -19.30 -12.93 -33.25
N LYS J 22 -18.97 -12.13 -32.24
CA LYS J 22 -18.56 -10.76 -32.47
C LYS J 22 -17.73 -10.28 -31.28
N ILE J 23 -16.55 -9.72 -31.53
CA ILE J 23 -15.83 -8.99 -30.51
C ILE J 23 -15.67 -7.60 -31.08
N TYR J 24 -16.37 -6.64 -30.49
CA TYR J 24 -16.39 -5.28 -31.02
C TYR J 24 -16.40 -4.29 -29.87
N GLY J 25 -16.37 -3.01 -30.20
CA GLY J 25 -16.53 -1.95 -29.23
C GLY J 25 -15.46 -1.88 -28.17
N VAL J 26 -14.21 -1.88 -28.61
CA VAL J 26 -13.11 -1.67 -27.69
C VAL J 26 -13.24 -0.28 -27.07
N ASN J 27 -13.20 -0.22 -25.76
CA ASN J 27 -13.16 1.06 -25.04
C ASN J 27 -11.78 1.28 -24.45
N THR J 28 -11.03 2.22 -24.99
CA THR J 28 -9.64 2.37 -24.57
C THR J 28 -9.45 2.90 -23.13
N LEU J 29 -10.21 3.89 -22.69
CA LEU J 29 -9.96 4.38 -21.34
C LEU J 29 -10.39 3.35 -20.29
N GLU J 30 -11.55 2.73 -20.47
CA GLU J 30 -12.03 1.77 -19.48
C GLU J 30 -11.33 0.43 -19.62
N GLN J 31 -10.60 0.28 -20.72
CA GLN J 31 -9.93 -0.97 -21.05
C GLN J 31 -10.94 -2.11 -21.06
N THR J 32 -11.97 -1.97 -21.90
CA THR J 32 -13.03 -2.96 -22.04
C THR J 32 -13.36 -3.25 -23.51
N TYR J 33 -14.15 -4.28 -23.76
CA TYR J 33 -14.57 -4.61 -25.12
C TYR J 33 -15.86 -5.46 -25.06
N LYS J 34 -16.61 -5.51 -26.14
CA LYS J 34 -17.86 -6.27 -26.13
C LYS J 34 -17.67 -7.60 -26.85
N VAL J 35 -18.32 -8.64 -26.36
CA VAL J 35 -18.28 -9.93 -27.04
C VAL J 35 -19.65 -10.55 -27.12
N ASP J 36 -20.10 -10.84 -28.34
CA ASP J 36 -21.36 -11.55 -28.53
C ASP J 36 -21.07 -12.94 -29.00
N GLY J 37 -21.71 -13.91 -28.37
CA GLY J 37 -21.60 -15.30 -28.74
C GLY J 37 -22.52 -16.12 -27.88
N TYR J 38 -22.42 -17.45 -27.93
CA TYR J 38 -23.26 -18.30 -27.10
C TYR J 38 -22.37 -19.08 -26.15
N ILE J 39 -22.92 -19.54 -25.03
CA ILE J 39 -22.17 -20.41 -24.14
C ILE J 39 -22.93 -21.71 -23.88
N VAL J 40 -22.21 -22.84 -23.94
CA VAL J 40 -22.85 -24.14 -23.72
C VAL J 40 -22.20 -24.92 -22.59
N ALA J 41 -22.99 -25.45 -21.65
CA ALA J 41 -22.46 -26.21 -20.52
C ALA J 41 -23.22 -27.52 -20.34
N GLN J 42 -22.50 -28.64 -20.30
CA GLN J 42 -23.11 -29.95 -20.19
C GLN J 42 -22.58 -30.74 -18.98
N TRP J 43 -23.50 -31.34 -18.23
CA TRP J 43 -23.14 -32.21 -17.11
C TRP J 43 -24.16 -33.32 -16.99
N THR J 44 -23.90 -34.32 -16.14
CA THR J 44 -24.88 -35.40 -15.99
C THR J 44 -25.38 -35.51 -14.55
N GLY J 45 -26.69 -35.70 -14.40
CA GLY J 45 -27.33 -35.76 -13.09
C GLY J 45 -28.24 -36.95 -12.91
N LYS J 46 -29.09 -36.89 -11.88
CA LYS J 46 -30.03 -37.97 -11.57
C LYS J 46 -30.98 -38.17 -12.73
N PRO J 47 -30.96 -39.38 -13.36
CA PRO J 47 -31.78 -39.73 -14.53
C PRO J 47 -33.28 -39.47 -14.37
N ARG J 48 -33.96 -39.34 -15.51
CA ARG J 48 -35.25 -38.66 -15.55
C ARG J 48 -36.20 -39.28 -16.53
N LYS J 49 -37.49 -39.13 -16.23
CA LYS J 49 -38.53 -39.53 -17.15
C LYS J 49 -38.85 -38.38 -18.11
N THR J 50 -38.68 -38.62 -19.41
CA THR J 50 -38.97 -37.64 -20.45
C THR J 50 -40.09 -38.16 -21.37
N PRO J 51 -40.87 -37.27 -22.00
CA PRO J 51 -41.91 -37.71 -22.96
C PRO J 51 -41.30 -38.32 -24.21
N GLY J 52 -41.52 -39.63 -24.44
CA GLY J 52 -40.74 -40.37 -25.42
C GLY J 52 -39.36 -40.56 -24.81
N ASP J 53 -38.59 -41.52 -25.28
CA ASP J 53 -37.28 -41.69 -24.68
C ASP J 53 -36.30 -40.69 -25.36
N LYS J 54 -36.87 -39.63 -25.91
CA LYS J 54 -36.11 -38.56 -26.57
C LYS J 54 -36.02 -37.32 -25.65
N PRO J 55 -34.92 -36.56 -25.77
CA PRO J 55 -34.64 -35.45 -24.84
C PRO J 55 -35.72 -34.40 -24.81
N LEU J 56 -35.81 -33.68 -23.68
CA LEU J 56 -36.81 -32.65 -23.42
C LEU J 56 -36.22 -31.25 -23.56
N ILE J 57 -36.94 -30.32 -24.18
CA ILE J 57 -36.43 -28.97 -24.36
C ILE J 57 -37.18 -27.94 -23.51
N VAL J 58 -36.43 -27.15 -22.74
CA VAL J 58 -37.00 -26.09 -21.90
C VAL J 58 -36.34 -24.73 -22.18
N GLU J 59 -37.17 -23.78 -22.65
CA GLU J 59 -36.73 -22.47 -23.13
C GLU J 59 -37.08 -21.30 -22.20
N ASN J 60 -36.13 -20.38 -22.02
CA ASN J 60 -36.36 -19.09 -21.40
C ASN J 60 -37.14 -19.08 -20.09
N THR J 61 -38.33 -18.51 -20.07
CA THR J 61 -39.02 -18.29 -18.80
C THR J 61 -39.30 -19.58 -18.03
N GLN J 62 -39.21 -20.70 -18.72
CA GLN J 62 -39.56 -21.97 -18.13
C GLN J 62 -38.44 -22.58 -17.33
N ILE J 63 -37.21 -22.23 -17.65
CA ILE J 63 -36.08 -22.80 -16.92
C ILE J 63 -36.16 -22.45 -15.45
N GLU J 64 -36.57 -21.22 -15.19
CA GLU J 64 -36.73 -20.76 -13.83
C GLU J 64 -37.71 -21.65 -13.08
N ARG J 65 -38.74 -22.12 -13.76
CA ARG J 65 -39.75 -22.93 -13.11
C ARG J 65 -39.19 -24.26 -12.65
N TRP J 66 -38.40 -24.92 -13.50
CA TRP J 66 -37.85 -26.24 -13.17
C TRP J 66 -36.89 -26.19 -11.99
N ILE J 67 -36.23 -25.07 -11.83
CA ILE J 67 -35.29 -24.86 -10.73
C ILE J 67 -36.07 -24.86 -9.44
N ASN J 68 -37.27 -24.29 -9.48
CA ASN J 68 -38.13 -24.22 -8.32
C ASN J 68 -38.55 -25.60 -7.83
N ASN J 69 -38.63 -26.55 -8.75
CA ASN J 69 -38.90 -27.91 -8.35
C ASN J 69 -37.63 -28.63 -7.95
N GLY J 70 -36.50 -27.94 -8.02
CA GLY J 70 -35.26 -28.50 -7.53
C GLY J 70 -34.34 -29.11 -8.59
N LEU J 71 -34.45 -28.61 -9.82
CA LEU J 71 -33.53 -29.03 -10.86
C LEU J 71 -32.25 -28.23 -10.61
N TRP J 72 -31.11 -28.90 -10.67
CA TRP J 72 -29.86 -28.24 -10.40
C TRP J 72 -29.22 -27.69 -11.68
N VAL J 73 -29.18 -26.36 -11.77
CA VAL J 73 -28.47 -25.66 -12.83
C VAL J 73 -27.47 -24.71 -12.15
N PRO J 74 -26.19 -25.03 -12.23
CA PRO J 74 -25.19 -24.25 -11.48
C PRO J 74 -24.99 -22.87 -12.10
N ALA J 75 -25.02 -21.82 -11.29
CA ALA J 75 -24.82 -20.48 -11.85
C ALA J 75 -23.37 -20.20 -12.21
N LEU J 76 -23.08 -20.04 -13.50
CA LEU J 76 -21.72 -19.79 -13.97
C LEU J 76 -21.43 -18.31 -14.29
N GLU J 77 -20.44 -17.73 -13.62
CA GLU J 77 -20.12 -16.31 -13.71
C GLU J 77 -18.97 -16.01 -14.67
N PHE J 78 -19.12 -14.98 -15.49
CA PHE J 78 -17.99 -14.38 -16.21
C PHE J 78 -17.19 -13.50 -15.24
N ILE J 79 -15.96 -13.90 -14.96
CA ILE J 79 -15.19 -13.23 -13.93
C ILE J 79 -14.93 -11.77 -14.27
N ASN J 80 -14.52 -11.55 -15.51
CA ASN J 80 -14.04 -10.26 -15.97
C ASN J 80 -15.02 -9.48 -16.80
N VAL J 81 -16.30 -9.82 -16.70
CA VAL J 81 -17.37 -9.03 -17.32
C VAL J 81 -17.60 -7.77 -16.47
N VAL J 82 -18.02 -6.68 -17.11
CA VAL J 82 -18.24 -5.44 -16.37
C VAL J 82 -19.73 -5.15 -16.34
N GLY J 83 -20.39 -5.59 -15.28
CA GLY J 83 -21.82 -5.45 -15.14
C GLY J 83 -22.55 -6.61 -15.82
N SER J 84 -23.72 -6.93 -15.30
CA SER J 84 -24.45 -8.11 -15.76
C SER J 84 -24.73 -7.98 -17.21
N PRO J 85 -24.29 -8.97 -17.99
CA PRO J 85 -24.39 -9.11 -19.46
C PRO J 85 -25.81 -9.29 -19.96
N ASP J 86 -26.02 -9.05 -21.25
CA ASP J 86 -27.35 -9.17 -21.85
C ASP J 86 -27.62 -10.60 -22.27
N THR J 87 -28.48 -11.29 -21.52
CA THR J 87 -28.79 -12.68 -21.79
C THR J 87 -29.91 -12.82 -22.77
N GLY J 88 -29.62 -13.45 -23.90
CA GLY J 88 -30.62 -13.66 -24.93
C GLY J 88 -31.53 -14.83 -24.63
N ASN J 89 -31.55 -15.81 -25.51
CA ASN J 89 -32.35 -16.98 -25.22
C ASN J 89 -31.62 -17.99 -24.34
N LYS J 90 -32.35 -18.54 -23.39
CA LYS J 90 -31.85 -19.57 -22.53
C LYS J 90 -32.50 -20.86 -22.98
N ARG J 91 -31.83 -21.97 -22.79
CA ARG J 91 -32.40 -23.25 -23.14
C ARG J 91 -31.85 -24.38 -22.29
N LEU J 92 -32.73 -25.19 -21.73
CA LEU J 92 -32.30 -26.42 -21.09
C LEU J 92 -32.69 -27.59 -21.96
N MET J 93 -31.71 -28.46 -22.24
CA MET J 93 -31.95 -29.72 -22.89
C MET J 93 -31.76 -30.85 -21.87
N LEU J 94 -32.85 -31.49 -21.47
CA LEU J 94 -32.85 -32.55 -20.48
C LEU J 94 -32.87 -33.94 -21.11
N PHE J 95 -31.81 -34.70 -20.87
CA PHE J 95 -31.71 -36.07 -21.35
C PHE J 95 -32.22 -37.04 -20.28
N PRO J 96 -32.78 -38.19 -20.71
CA PRO J 96 -33.40 -39.14 -19.78
C PRO J 96 -32.37 -39.88 -18.93
N ASP J 97 -31.19 -40.05 -19.52
CA ASP J 97 -30.08 -40.74 -18.89
C ASP J 97 -29.31 -39.86 -17.93
N GLY J 98 -29.96 -38.80 -17.49
CA GLY J 98 -29.40 -37.94 -16.49
C GLY J 98 -28.83 -36.63 -16.95
N ARG J 99 -28.16 -36.61 -18.11
CA ARG J 99 -27.39 -35.44 -18.52
C ARG J 99 -28.25 -34.24 -18.82
N VAL J 100 -27.63 -33.08 -18.62
CA VAL J 100 -28.27 -31.78 -18.73
C VAL J 100 -27.37 -30.86 -19.55
N ILE J 101 -27.94 -30.21 -20.56
CA ILE J 101 -27.19 -29.28 -21.41
C ILE J 101 -27.76 -27.86 -21.37
N TYR J 102 -26.93 -26.89 -21.00
CA TYR J 102 -27.35 -25.49 -20.98
C TYR J 102 -26.82 -24.68 -22.18
N ASN J 103 -27.73 -24.02 -22.89
CA ASN J 103 -27.39 -23.19 -24.04
C ASN J 103 -28.00 -21.81 -23.90
N ALA J 104 -27.17 -20.80 -24.02
CA ALA J 104 -27.60 -19.43 -23.87
C ALA J 104 -26.82 -18.54 -24.83
N ARG J 105 -27.46 -17.49 -25.31
CA ARG J 105 -26.74 -16.50 -26.09
C ARG J 105 -26.36 -15.34 -25.16
N PHE J 106 -25.18 -14.76 -25.33
CA PHE J 106 -24.78 -13.67 -24.47
C PHE J 106 -24.09 -12.57 -25.24
N LEU J 107 -24.30 -11.35 -24.77
CA LEU J 107 -23.55 -10.17 -25.18
C LEU J 107 -23.10 -9.46 -23.92
N GLY J 108 -21.79 -9.24 -23.80
CA GLY J 108 -21.24 -8.71 -22.57
C GLY J 108 -20.02 -7.82 -22.71
N SER J 109 -19.83 -6.96 -21.70
CA SER J 109 -18.67 -6.10 -21.66
C SER J 109 -17.59 -6.62 -20.75
N PHE J 110 -16.46 -6.93 -21.35
CA PHE J 110 -15.39 -7.61 -20.65
C PHE J 110 -14.20 -6.68 -20.44
N SER J 111 -13.45 -6.94 -19.38
CA SER J 111 -12.32 -6.11 -18.98
C SER J 111 -11.03 -6.91 -19.11
N ASN J 112 -9.95 -6.24 -19.50
CA ASN J 112 -8.65 -6.88 -19.55
C ASN J 112 -7.60 -5.80 -19.50
N ASP J 113 -6.41 -6.13 -19.04
CA ASP J 113 -5.31 -5.18 -19.08
C ASP J 113 -4.99 -4.89 -20.56
N MET J 114 -4.91 -3.62 -20.92
CA MET J 114 -4.65 -3.25 -22.30
C MET J 114 -3.62 -2.11 -22.41
N ASP J 115 -2.49 -2.44 -23.02
CA ASP J 115 -1.42 -1.48 -23.23
C ASP J 115 -1.54 -0.98 -24.65
N PHE J 116 -1.81 0.30 -24.81
CA PHE J 116 -2.01 0.86 -26.14
C PHE J 116 -0.84 1.73 -26.55
N ARG J 117 0.31 1.53 -25.93
CA ARG J 117 1.41 2.44 -26.16
C ARG J 117 1.99 2.25 -27.56
N LEU J 118 1.86 1.05 -28.11
CA LEU J 118 2.40 0.80 -29.43
C LEU J 118 1.40 1.16 -30.51
N PHE J 119 0.35 1.88 -30.12
CA PHE J 119 -0.68 2.35 -31.03
C PHE J 119 -0.01 3.21 -32.08
N PRO J 120 -0.43 3.06 -33.35
CA PRO J 120 -1.51 2.21 -33.85
C PRO J 120 -1.03 0.84 -34.25
N PHE J 121 0.06 0.39 -33.64
CA PHE J 121 0.63 -0.89 -33.98
C PHE J 121 0.54 -1.83 -32.78
N ASP J 122 -0.50 -1.69 -31.99
CA ASP J 122 -0.59 -2.48 -30.78
C ASP J 122 -1.22 -3.81 -31.10
N ARG J 123 -0.93 -4.77 -30.23
CA ARG J 123 -1.59 -6.06 -30.26
C ARG J 123 -2.29 -6.16 -28.95
N GLN J 124 -3.51 -6.69 -28.95
CA GLN J 124 -4.21 -6.90 -27.70
C GLN J 124 -4.69 -8.34 -27.68
N GLN J 125 -4.98 -8.87 -26.50
CA GLN J 125 -5.62 -10.17 -26.46
C GLN J 125 -6.98 -10.06 -25.73
N PHE J 126 -8.05 -10.41 -26.43
CA PHE J 126 -9.38 -10.32 -25.86
C PHE J 126 -9.61 -11.57 -25.04
N VAL J 127 -9.94 -11.39 -23.76
CA VAL J 127 -10.03 -12.50 -22.83
C VAL J 127 -11.40 -12.75 -22.18
N LEU J 128 -11.74 -14.03 -22.05
CA LEU J 128 -12.92 -14.46 -21.31
C LEU J 128 -12.45 -15.23 -20.09
N GLU J 129 -12.99 -14.94 -18.92
CA GLU J 129 -12.69 -15.76 -17.74
C GLU J 129 -13.95 -16.30 -17.06
N LEU J 130 -14.11 -17.62 -17.02
CA LEU J 130 -15.35 -18.26 -16.56
C LEU J 130 -15.14 -19.21 -15.37
N GLU J 131 -15.99 -19.07 -14.35
CA GLU J 131 -15.82 -19.76 -13.07
C GLU J 131 -17.19 -19.86 -12.37
N PRO J 132 -17.51 -20.99 -11.75
CA PRO J 132 -18.82 -21.03 -11.08
C PRO J 132 -18.91 -20.11 -9.89
N PHE J 133 -20.11 -19.66 -9.56
CA PHE J 133 -20.31 -18.63 -8.55
C PHE J 133 -20.36 -19.21 -7.13
N SER J 134 -20.83 -20.45 -7.01
CA SER J 134 -21.06 -21.01 -5.69
C SER J 134 -20.32 -22.34 -5.45
N TYR J 135 -20.04 -23.06 -6.53
CA TYR J 135 -19.54 -24.41 -6.37
C TYR J 135 -18.07 -24.52 -6.69
N ASN J 136 -17.31 -25.02 -5.71
CA ASN J 136 -15.87 -25.26 -5.83
C ASN J 136 -15.59 -26.55 -6.61
N ASN J 137 -14.31 -26.91 -6.76
CA ASN J 137 -13.95 -28.14 -7.49
C ASN J 137 -14.22 -29.43 -6.72
N GLN J 138 -14.59 -29.31 -5.44
CA GLN J 138 -14.98 -30.46 -4.65
C GLN J 138 -16.41 -30.78 -5.01
N GLN J 139 -17.11 -29.76 -5.49
CA GLN J 139 -18.52 -29.84 -5.82
C GLN J 139 -18.73 -29.83 -7.33
N LEU J 140 -18.04 -28.92 -8.01
CA LEU J 140 -18.21 -28.73 -9.45
C LEU J 140 -16.90 -28.40 -10.14
N ARG J 141 -16.54 -29.16 -11.17
CA ARG J 141 -15.28 -28.88 -11.84
C ARG J 141 -15.36 -28.91 -13.37
N PHE J 142 -14.54 -28.06 -13.99
CA PHE J 142 -14.57 -27.94 -15.45
C PHE J 142 -13.70 -28.99 -16.11
N SER J 143 -14.33 -29.88 -16.88
CA SER J 143 -13.60 -30.97 -17.49
C SER J 143 -12.81 -30.54 -18.73
N ASP J 144 -13.48 -29.95 -19.71
CA ASP J 144 -12.78 -29.52 -20.92
C ASP J 144 -13.46 -28.31 -21.56
N ILE J 145 -12.70 -27.56 -22.34
CA ILE J 145 -13.22 -26.33 -22.87
C ILE J 145 -13.02 -26.20 -24.36
N GLN J 146 -14.13 -26.02 -25.06
CA GLN J 146 -14.11 -25.80 -26.49
C GLN J 146 -14.43 -24.35 -26.83
N VAL J 147 -13.57 -23.70 -27.62
CA VAL J 147 -13.86 -22.36 -28.11
C VAL J 147 -13.86 -22.26 -29.60
N TYR J 148 -15.00 -21.84 -30.11
CA TYR J 148 -15.20 -21.78 -31.54
C TYR J 148 -15.25 -20.34 -32.02
N THR J 149 -14.52 -20.06 -33.09
CA THR J 149 -14.52 -18.74 -33.65
C THR J 149 -14.90 -18.85 -35.13
N GLU J 150 -15.72 -17.93 -35.61
CA GLU J 150 -16.07 -17.87 -37.03
C GLU J 150 -14.79 -17.52 -37.78
N ASN J 151 -14.73 -17.84 -39.07
CA ASN J 151 -13.58 -17.44 -39.86
C ASN J 151 -13.83 -16.15 -40.65
N ILE J 152 -13.20 -15.06 -40.22
CA ILE J 152 -13.30 -13.75 -40.90
C ILE J 152 -12.42 -13.67 -42.14
N ASP J 153 -13.04 -13.42 -43.28
CA ASP J 153 -12.34 -13.42 -44.56
C ASP J 153 -12.00 -12.00 -45.03
N ASN J 154 -12.95 -11.09 -44.87
CA ASN J 154 -12.71 -9.68 -45.16
C ASN J 154 -12.20 -8.85 -43.99
N GLU J 155 -11.10 -9.27 -43.36
CA GLU J 155 -10.61 -8.56 -42.17
C GLU J 155 -9.92 -7.21 -42.47
N GLU J 156 -9.73 -6.88 -43.75
CA GLU J 156 -9.11 -5.60 -44.12
C GLU J 156 -10.10 -4.44 -43.88
N ILE J 157 -11.38 -4.79 -43.73
CA ILE J 157 -12.41 -3.82 -43.35
C ILE J 157 -12.76 -4.02 -41.89
N ASP J 158 -12.04 -4.90 -41.24
CA ASP J 158 -12.25 -5.10 -39.83
C ASP J 158 -11.18 -4.33 -39.10
N GLU J 159 -11.57 -3.74 -37.98
CA GLU J 159 -10.69 -2.87 -37.21
C GLU J 159 -9.53 -3.66 -36.58
N TRP J 160 -9.81 -4.91 -36.18
CA TRP J 160 -8.82 -5.81 -35.57
C TRP J 160 -8.61 -7.10 -36.38
N TRP J 161 -7.34 -7.49 -36.58
CA TRP J 161 -7.01 -8.77 -37.21
C TRP J 161 -6.71 -9.84 -36.16
N ILE J 162 -7.57 -10.87 -36.09
CA ILE J 162 -7.42 -12.00 -35.15
C ILE J 162 -6.31 -12.98 -35.55
N ARG J 163 -5.42 -13.30 -34.61
CA ARG J 163 -4.12 -13.95 -34.91
C ARG J 163 -3.97 -15.43 -34.43
N GLY J 164 -4.58 -16.38 -35.14
CA GLY J 164 -4.44 -17.78 -34.76
C GLY J 164 -5.66 -18.27 -34.02
N LYS J 165 -5.83 -19.59 -33.86
CA LYS J 165 -7.01 -20.09 -33.14
C LYS J 165 -7.03 -19.68 -31.68
N ALA J 166 -8.22 -19.75 -31.10
CA ALA J 166 -8.44 -19.34 -29.73
C ALA J 166 -7.67 -20.28 -28.83
N SER J 167 -7.06 -19.75 -27.79
CA SER J 167 -6.42 -20.61 -26.82
C SER J 167 -7.35 -20.76 -25.61
N THR J 168 -7.33 -21.93 -24.99
CA THR J 168 -8.23 -22.20 -23.89
C THR J 168 -7.34 -22.58 -22.73
N HIS J 169 -7.89 -22.60 -21.51
CA HIS J 169 -7.09 -22.93 -20.34
C HIS J 169 -7.91 -23.19 -19.08
N ILE J 170 -8.04 -24.44 -18.65
CA ILE J 170 -8.65 -24.69 -17.34
C ILE J 170 -7.60 -24.68 -16.22
N SER J 171 -7.91 -24.04 -15.09
CA SER J 171 -7.01 -23.93 -13.95
C SER J 171 -7.79 -23.89 -12.63
N ASP J 172 -7.09 -23.66 -11.51
CA ASP J 172 -7.73 -23.56 -10.17
C ASP J 172 -7.29 -22.36 -9.35
N ILE J 173 -8.18 -21.86 -8.51
CA ILE J 173 -7.86 -20.67 -7.73
C ILE J 173 -8.05 -20.72 -6.20
N ARG J 174 -7.00 -20.36 -5.45
CA ARG J 174 -7.15 -20.28 -3.99
C ARG J 174 -7.69 -18.93 -3.59
N TYR J 175 -8.79 -18.95 -2.87
CA TYR J 175 -9.22 -17.73 -2.23
C TYR J 175 -8.78 -17.85 -0.77
N ASP J 176 -7.80 -17.04 -0.36
CA ASP J 176 -7.30 -17.11 1.00
C ASP J 176 -8.36 -16.65 1.98
N HIS J 177 -8.77 -15.41 1.78
CA HIS J 177 -9.68 -14.71 2.68
C HIS J 177 -11.13 -15.14 2.47
N LEU J 178 -11.55 -16.13 3.25
CA LEU J 178 -12.94 -16.60 3.29
C LEU J 178 -13.67 -16.42 4.63
N SER J 179 -14.95 -16.08 4.51
CA SER J 179 -15.84 -15.95 5.66
C SER J 179 -16.53 -17.29 5.84
N SER J 180 -16.08 -18.23 5.00
CA SER J 180 -16.67 -19.56 4.89
C SER J 180 -15.93 -20.54 5.77
N VAL J 181 -15.47 -21.63 5.17
CA VAL J 181 -14.70 -22.63 5.90
C VAL J 181 -13.37 -22.90 5.14
N GLN J 182 -12.45 -23.65 5.76
CA GLN J 182 -11.09 -23.85 5.24
C GLN J 182 -10.68 -25.19 4.58
N PRO J 183 -11.09 -26.36 5.12
CA PRO J 183 -10.45 -27.60 4.65
C PRO J 183 -10.87 -28.03 3.25
N ASN J 184 -10.01 -27.69 2.28
CA ASN J 184 -10.18 -28.02 0.86
C ASN J 184 -11.41 -27.36 0.25
N GLN J 185 -11.92 -26.32 0.89
CA GLN J 185 -13.11 -25.66 0.41
C GLN J 185 -12.80 -24.31 -0.20
N ASN J 186 -11.56 -24.07 -0.63
CA ASN J 186 -11.16 -22.74 -1.08
C ASN J 186 -10.60 -22.69 -2.49
N GLU J 187 -10.85 -23.73 -3.27
CA GLU J 187 -10.36 -23.75 -4.64
C GLU J 187 -11.52 -23.85 -5.64
N PHE J 188 -11.49 -23.02 -6.69
CA PHE J 188 -12.56 -23.02 -7.70
C PHE J 188 -12.01 -23.31 -9.09
N SER J 189 -12.76 -24.01 -9.91
CA SER J 189 -12.31 -24.39 -11.26
C SER J 189 -12.57 -23.25 -12.29
N ARG J 190 -11.53 -22.74 -12.97
CA ARG J 190 -11.73 -21.57 -13.87
C ARG J 190 -11.23 -21.69 -15.31
N ILE J 191 -12.16 -21.58 -16.27
CA ILE J 191 -11.80 -21.52 -17.68
C ILE J 191 -11.25 -20.15 -18.08
N THR J 192 -10.20 -20.13 -18.89
CA THR J 192 -9.68 -18.86 -19.40
C THR J 192 -9.44 -18.94 -20.90
N VAL J 193 -10.28 -18.27 -21.67
CA VAL J 193 -10.13 -18.25 -23.12
C VAL J 193 -9.48 -16.99 -23.62
N ARG J 194 -8.52 -17.13 -24.52
CA ARG J 194 -7.79 -16.00 -25.07
C ARG J 194 -7.85 -15.92 -26.59
N ILE J 195 -8.02 -14.72 -27.11
CA ILE J 195 -7.97 -14.52 -28.54
C ILE J 195 -6.94 -13.45 -28.81
N ASP J 196 -5.94 -13.77 -29.63
CA ASP J 196 -4.91 -12.78 -29.95
C ASP J 196 -5.33 -11.95 -31.15
N ALA J 197 -4.95 -10.68 -31.14
CA ALA J 197 -5.29 -9.80 -32.25
C ALA J 197 -4.35 -8.61 -32.38
N VAL J 198 -4.19 -8.14 -33.60
CA VAL J 198 -3.40 -6.95 -33.82
C VAL J 198 -4.24 -5.88 -34.51
N ARG J 199 -3.89 -4.62 -34.28
CA ARG J 199 -4.69 -3.52 -34.79
C ARG J 199 -4.41 -3.27 -36.26
N ASN J 200 -5.49 -3.00 -37.00
CA ASN J 200 -5.44 -2.66 -38.42
C ASN J 200 -4.88 -1.26 -38.60
N PRO J 201 -3.59 -1.17 -38.92
CA PRO J 201 -2.80 0.07 -38.88
C PRO J 201 -2.87 0.86 -40.19
N SER J 202 -3.61 0.38 -41.18
CA SER J 202 -3.72 1.07 -42.46
C SER J 202 -4.22 2.50 -42.23
N TYR J 203 -5.50 2.65 -41.86
CA TYR J 203 -6.15 3.96 -41.75
C TYR J 203 -5.33 4.94 -40.97
N TYR J 204 -4.69 4.47 -39.90
CA TYR J 204 -3.96 5.40 -39.06
C TYR J 204 -2.68 5.75 -39.77
N LEU J 205 -2.20 4.88 -40.66
CA LEU J 205 -0.99 5.19 -41.41
C LEU J 205 -1.23 6.29 -42.46
N TRP J 206 -2.21 6.07 -43.32
CA TRP J 206 -2.42 6.94 -44.46
C TRP J 206 -3.03 8.29 -44.11
N SER J 207 -3.92 8.32 -43.13
CA SER J 207 -4.61 9.55 -42.84
C SER J 207 -4.06 10.24 -41.59
N PHE J 208 -3.12 9.61 -40.89
CA PHE J 208 -2.54 10.26 -39.72
C PHE J 208 -1.01 10.32 -39.68
N ILE J 209 -0.33 9.17 -39.76
CA ILE J 209 1.15 9.16 -39.66
C ILE J 209 1.85 9.93 -40.79
N LEU J 210 1.49 9.59 -42.04
CA LEU J 210 2.10 10.17 -43.23
C LEU J 210 1.94 11.69 -43.34
N PRO J 211 0.69 12.20 -43.31
CA PRO J 211 0.61 13.65 -43.42
C PRO J 211 1.29 14.42 -42.28
N LEU J 212 1.45 13.79 -41.12
CA LEU J 212 2.14 14.49 -40.04
C LEU J 212 3.59 14.63 -40.45
N GLY J 213 4.08 13.64 -41.18
CA GLY J 213 5.44 13.68 -41.70
C GLY J 213 5.63 14.83 -42.68
N LEU J 214 4.75 14.91 -43.67
CA LEU J 214 4.75 15.99 -44.64
C LEU J 214 4.70 17.35 -43.96
N ILE J 215 3.86 17.49 -42.94
CA ILE J 215 3.75 18.75 -42.21
C ILE J 215 5.00 19.03 -41.44
N ILE J 216 5.50 18.02 -40.75
CA ILE J 216 6.75 18.16 -39.99
C ILE J 216 7.95 18.35 -40.93
N ALA J 217 7.97 17.65 -42.06
CA ALA J 217 9.03 17.81 -43.08
C ALA J 217 9.05 19.22 -43.68
N ALA J 218 7.95 19.57 -44.34
CA ALA J 218 7.82 20.85 -44.98
C ALA J 218 7.94 22.00 -43.96
N SER J 219 7.84 21.69 -42.67
CA SER J 219 8.10 22.69 -41.65
C SER J 219 9.56 23.10 -41.71
N TRP J 220 10.43 22.17 -42.10
CA TRP J 220 11.87 22.44 -42.13
C TRP J 220 12.27 23.38 -43.26
N SER J 221 11.48 23.39 -44.34
CA SER J 221 11.85 24.19 -45.48
C SER J 221 11.67 25.69 -45.18
N VAL J 222 11.57 26.02 -43.90
CA VAL J 222 11.56 27.40 -43.47
C VAL J 222 12.95 28.02 -43.57
N PHE J 223 13.99 27.21 -43.54
CA PHE J 223 15.38 27.71 -43.64
C PHE J 223 15.75 28.12 -45.07
N TRP J 224 14.83 27.93 -46.00
CA TRP J 224 15.06 28.30 -47.39
C TRP J 224 14.36 29.62 -47.74
N LEU J 225 13.86 30.32 -46.73
CA LEU J 225 13.43 31.70 -46.93
C LEU J 225 14.68 32.56 -46.84
N GLU J 226 14.71 33.66 -47.56
CA GLU J 226 15.97 34.35 -47.79
C GLU J 226 16.23 35.44 -46.78
N SER J 227 15.20 36.12 -46.34
CA SER J 227 15.39 37.13 -45.30
C SER J 227 15.33 36.46 -43.95
N PHE J 228 15.77 37.17 -42.92
CA PHE J 228 15.60 36.72 -41.55
C PHE J 228 14.15 36.84 -41.12
N SER J 229 13.54 37.98 -41.43
CA SER J 229 12.12 38.20 -41.12
C SER J 229 11.16 37.15 -41.68
N GLU J 230 11.35 36.77 -42.94
CA GLU J 230 10.49 35.76 -43.56
C GLU J 230 10.57 34.44 -42.78
N ARG J 231 11.79 34.05 -42.40
CA ARG J 231 12.02 32.75 -41.79
C ARG J 231 11.38 32.69 -40.41
N LEU J 232 11.51 33.77 -39.63
CA LEU J 232 10.99 33.82 -38.27
C LEU J 232 9.47 33.93 -38.23
N GLN J 233 8.93 34.81 -39.06
CA GLN J 233 7.49 34.99 -39.11
C GLN J 233 6.77 33.74 -39.64
N THR J 234 7.41 33.02 -40.55
CA THR J 234 6.81 31.80 -41.10
C THR J 234 6.70 30.66 -40.07
N SER J 235 7.66 30.55 -39.17
CA SER J 235 7.66 29.47 -38.19
C SER J 235 6.43 29.53 -37.26
N PHE J 236 5.85 30.71 -37.12
CA PHE J 236 4.63 30.90 -36.32
C PHE J 236 3.37 30.35 -37.01
N THR J 237 3.42 30.26 -38.33
CA THR J 237 2.39 29.62 -39.15
C THR J 237 2.53 28.10 -39.07
N LEU J 238 3.77 27.67 -39.00
CA LEU J 238 4.09 26.28 -38.74
C LEU J 238 3.69 25.93 -37.31
N MET J 239 3.89 26.89 -36.40
CA MET J 239 3.48 26.76 -35.00
C MET J 239 1.97 26.49 -34.92
N LEU J 240 1.20 27.35 -35.57
CA LEU J 240 -0.25 27.21 -35.63
C LEU J 240 -0.64 25.93 -36.34
N THR J 241 0.13 25.56 -37.36
CA THR J 241 -0.14 24.35 -38.14
C THR J 241 0.05 23.07 -37.31
N VAL J 242 1.02 23.05 -36.42
CA VAL J 242 1.16 21.91 -35.52
C VAL J 242 0.03 21.89 -34.49
N VAL J 243 -0.28 23.03 -33.88
CA VAL J 243 -1.39 23.10 -32.90
C VAL J 243 -2.68 22.60 -33.53
N ALA J 244 -2.89 22.97 -34.79
CA ALA J 244 -4.04 22.51 -35.54
C ALA J 244 -3.97 21.00 -35.79
N TYR J 245 -2.79 20.49 -36.11
CA TYR J 245 -2.66 19.05 -36.35
C TYR J 245 -2.71 18.28 -35.05
N ALA J 246 -2.33 18.97 -33.98
CA ALA J 246 -2.47 18.42 -32.65
C ALA J 246 -3.94 18.15 -32.39
N PHE J 247 -4.76 19.12 -32.78
CA PHE J 247 -6.19 19.10 -32.53
C PHE J 247 -6.89 18.07 -33.41
N TYR J 248 -6.51 18.00 -34.67
CA TYR J 248 -7.07 17.04 -35.62
C TYR J 248 -6.93 15.61 -35.19
N THR J 249 -5.72 15.19 -34.81
CA THR J 249 -5.46 13.80 -34.38
C THR J 249 -6.11 13.49 -33.05
N SER J 250 -5.94 14.38 -32.09
CA SER J 250 -6.44 14.20 -30.72
C SER J 250 -7.96 14.11 -30.55
N ASN J 251 -8.70 14.74 -31.46
CA ASN J 251 -10.17 14.71 -31.46
C ASN J 251 -10.70 13.37 -31.99
N ILE J 252 -9.86 12.68 -32.76
CA ILE J 252 -10.25 11.44 -33.40
C ILE J 252 -9.63 10.15 -32.82
N LEU J 253 -8.36 10.23 -32.45
CA LEU J 253 -7.63 9.10 -31.91
C LEU J 253 -8.12 8.76 -30.50
N PRO J 254 -7.96 7.48 -30.10
CA PRO J 254 -8.58 7.03 -28.84
C PRO J 254 -7.97 7.71 -27.65
N ARG J 255 -8.79 8.24 -26.75
CA ARG J 255 -8.21 8.91 -25.60
C ARG J 255 -7.62 7.88 -24.65
N LEU J 256 -6.42 8.19 -24.17
CA LEU J 256 -5.64 7.27 -23.33
C LEU J 256 -5.01 8.10 -22.23
N PRO J 257 -4.56 7.46 -21.16
CA PRO J 257 -3.90 8.24 -20.12
C PRO J 257 -2.40 8.30 -20.32
N TYR J 258 -1.91 7.87 -21.48
CA TYR J 258 -0.48 7.95 -21.72
C TYR J 258 -0.13 8.38 -23.14
N THR J 259 1.13 8.69 -23.36
CA THR J 259 1.57 9.17 -24.66
C THR J 259 1.74 8.01 -25.58
N THR J 260 1.28 8.19 -26.81
CA THR J 260 1.48 7.19 -27.83
C THR J 260 2.68 7.60 -28.66
N VAL J 261 2.94 6.83 -29.71
CA VAL J 261 3.95 7.21 -30.67
C VAL J 261 3.46 8.46 -31.43
N ILE J 262 2.20 8.45 -31.85
CA ILE J 262 1.62 9.60 -32.54
C ILE J 262 1.58 10.83 -31.63
N ASP J 263 1.21 10.64 -30.37
CA ASP J 263 1.22 11.73 -29.40
C ASP J 263 2.63 12.31 -29.32
N GLN J 264 3.61 11.41 -29.47
CA GLN J 264 5.02 11.75 -29.40
C GLN J 264 5.48 12.55 -30.62
N MET J 265 5.07 12.13 -31.82
CA MET J 265 5.36 12.87 -33.05
C MET J 265 4.93 14.33 -32.94
N ILE J 266 3.78 14.54 -32.32
CA ILE J 266 3.25 15.87 -32.14
C ILE J 266 4.15 16.72 -31.26
N ILE J 267 4.65 16.13 -30.18
CA ILE J 267 5.57 16.84 -29.29
C ILE J 267 6.89 17.11 -30.03
N ALA J 268 7.26 16.16 -30.89
CA ALA J 268 8.44 16.30 -31.72
C ALA J 268 8.30 17.46 -32.70
N GLY J 269 7.14 17.55 -33.32
CA GLY J 269 6.86 18.66 -34.21
C GLY J 269 6.90 19.97 -33.46
N TYR J 270 6.34 19.99 -32.25
CA TYR J 270 6.39 21.17 -31.41
C TYR J 270 7.81 21.55 -31.15
N GLY J 271 8.66 20.54 -31.06
CA GLY J 271 10.07 20.76 -30.78
C GLY J 271 10.83 21.32 -31.97
N SER J 272 10.77 20.65 -33.11
CA SER J 272 11.48 21.09 -34.30
C SER J 272 11.11 22.55 -34.65
N ILE J 273 9.88 22.95 -34.35
CA ILE J 273 9.40 24.29 -34.70
C ILE J 273 10.01 25.30 -33.75
N PHE J 274 10.15 24.90 -32.49
CA PHE J 274 10.80 25.75 -31.50
C PHE J 274 12.32 25.82 -31.70
N ALA J 275 12.89 24.71 -32.20
CA ALA J 275 14.32 24.64 -32.53
C ALA J 275 14.68 25.62 -33.63
N ALA J 276 13.88 25.57 -34.70
CA ALA J 276 14.06 26.44 -35.85
C ALA J 276 13.98 27.91 -35.46
N ILE J 277 13.05 28.26 -34.57
CA ILE J 277 12.93 29.65 -34.10
C ILE J 277 14.21 30.10 -33.41
N LEU J 278 14.83 29.19 -32.66
CA LEU J 278 16.08 29.49 -31.96
C LEU J 278 17.26 29.64 -32.91
N LEU J 279 17.30 28.85 -33.97
CA LEU J 279 18.42 28.91 -34.88
C LEU J 279 18.30 30.12 -35.80
N ILE J 280 17.11 30.28 -36.38
CA ILE J 280 16.81 31.40 -37.26
C ILE J 280 17.11 32.74 -36.60
N ILE J 281 16.88 32.78 -35.29
CA ILE J 281 17.10 33.98 -34.49
C ILE J 281 18.56 34.10 -34.04
N PHE J 282 19.26 32.97 -34.06
CA PHE J 282 20.64 32.94 -33.61
C PHE J 282 21.59 33.32 -34.72
N ALA J 283 21.44 32.67 -35.88
CA ALA J 283 22.31 32.92 -37.02
C ALA J 283 22.24 34.39 -37.45
N HIS J 284 21.21 35.08 -36.97
CA HIS J 284 21.05 36.48 -37.24
C HIS J 284 21.91 37.35 -36.32
N HIS J 285 22.36 36.78 -35.20
CA HIS J 285 23.10 37.57 -34.22
C HIS J 285 24.40 36.87 -33.81
N ARG J 286 24.70 35.74 -34.46
CA ARG J 286 25.85 34.89 -34.11
C ARG J 286 27.15 35.67 -34.23
N GLN J 287 27.36 36.30 -35.39
CA GLN J 287 28.60 37.03 -35.64
C GLN J 287 28.40 38.52 -35.30
N ALA J 288 29.49 39.24 -35.05
CA ALA J 288 29.38 40.65 -34.70
C ALA J 288 28.88 41.51 -35.86
N ASN J 289 28.51 42.75 -35.53
CA ASN J 289 27.90 43.71 -36.48
C ASN J 289 26.49 43.27 -36.92
N GLY J 290 26.07 42.08 -36.48
CA GLY J 290 24.80 41.48 -36.85
C GLY J 290 24.71 40.84 -38.23
N VAL J 291 25.87 40.61 -38.86
CA VAL J 291 25.93 40.06 -40.21
C VAL J 291 25.30 38.67 -40.22
N GLU J 292 24.38 38.47 -41.16
CA GLU J 292 23.67 37.21 -41.27
C GLU J 292 24.63 36.05 -41.57
N ASP J 293 24.83 35.20 -40.57
CA ASP J 293 25.65 34.01 -40.72
C ASP J 293 24.95 32.98 -41.61
N ASP J 294 24.96 33.17 -42.91
CA ASP J 294 24.29 32.22 -43.81
C ASP J 294 25.10 30.92 -43.90
N LEU J 295 26.12 30.81 -43.07
CA LEU J 295 26.86 29.56 -42.88
C LEU J 295 26.11 28.61 -41.93
N LEU J 296 25.52 29.14 -40.87
CA LEU J 296 24.73 28.34 -39.92
C LEU J 296 23.43 27.89 -40.55
N ILE J 297 22.69 28.87 -41.06
CA ILE J 297 21.59 28.61 -41.97
C ILE J 297 22.29 27.96 -43.18
N GLN J 298 21.56 27.28 -44.05
CA GLN J 298 22.15 26.49 -45.16
C GLN J 298 22.81 25.22 -44.61
N ARG J 299 23.56 25.35 -43.51
CA ARG J 299 23.97 24.15 -42.81
C ARG J 299 22.68 23.56 -42.27
N CYS J 300 21.73 24.43 -41.95
CA CYS J 300 20.43 24.03 -41.45
C CYS J 300 19.51 23.42 -42.51
N ARG J 301 19.82 23.66 -43.77
CA ARG J 301 19.06 23.10 -44.89
C ARG J 301 19.28 21.59 -45.05
N LEU J 302 20.32 21.06 -44.42
CA LEU J 302 20.51 19.61 -44.35
C LEU J 302 20.91 19.15 -42.94
N ALA J 303 20.93 20.10 -41.99
CA ALA J 303 21.11 19.74 -40.58
C ALA J 303 19.80 19.18 -40.02
N PHE J 304 18.71 19.93 -40.15
CA PHE J 304 17.41 19.46 -39.67
C PHE J 304 16.86 18.26 -40.45
N PRO J 305 16.86 18.29 -41.81
CA PRO J 305 16.32 17.10 -42.49
C PRO J 305 17.07 15.81 -42.15
N LEU J 306 18.28 15.95 -41.60
CA LEU J 306 19.05 14.81 -41.14
C LEU J 306 19.09 14.69 -39.61
N GLY J 307 19.26 15.83 -38.93
CA GLY J 307 19.39 15.88 -37.48
C GLY J 307 18.24 15.36 -36.63
N PHE J 308 17.03 15.88 -36.89
CA PHE J 308 15.81 15.37 -36.27
C PHE J 308 15.62 13.90 -36.70
N LEU J 309 15.95 13.60 -37.96
CA LEU J 309 15.80 12.26 -38.54
C LEU J 309 16.76 11.23 -37.91
N ALA J 310 17.70 11.71 -37.11
CA ALA J 310 18.65 10.85 -36.38
C ALA J 310 18.22 10.70 -34.92
N ILE J 311 17.83 11.82 -34.31
CA ILE J 311 17.37 11.85 -32.92
C ILE J 311 15.95 11.26 -32.89
N GLY J 312 15.38 11.08 -34.08
CA GLY J 312 14.08 10.45 -34.26
C GLY J 312 14.18 8.98 -34.63
N CYS J 313 15.40 8.51 -34.86
CA CYS J 313 15.62 7.10 -35.16
C CYS J 313 15.87 6.28 -33.87
N VAL J 314 15.65 6.93 -32.72
CA VAL J 314 15.70 6.25 -31.43
C VAL J 314 14.40 6.39 -30.59
N LEU J 315 13.25 6.31 -31.24
CA LEU J 315 11.97 6.23 -30.51
C LEU J 315 11.46 4.78 -30.50
N VAL J 316 12.34 3.86 -30.13
CA VAL J 316 12.03 2.43 -30.08
C VAL J 316 11.35 2.09 -28.74
N ILE J 317 10.75 3.10 -28.10
CA ILE J 317 10.03 2.90 -26.84
C ILE J 317 8.91 1.91 -27.10
N ARG J 318 9.13 0.68 -26.63
CA ARG J 318 8.22 -0.43 -26.89
C ARG J 318 8.06 -1.30 -25.64
C01 4LE K . 36.03 -28.57 11.15
C02 4LE K . 35.21 -27.81 12.19
O01 4LE K . 34.95 -28.61 13.32
C03 4LE K . 34.31 -29.85 13.05
F01 4LE K . 35.29 -29.40 10.40
F02 4LE K . 36.60 -27.68 10.35
F03 4LE K . 36.97 -29.28 11.77
CL1 4LE K . 33.72 -27.22 11.51
F04 4LE K . 33.12 -29.67 12.45
F05 4LE K . 34.19 -30.56 14.18
O1 MES L . 9.64 -31.24 6.00
C2 MES L . 9.96 -30.18 6.92
C3 MES L . 8.72 -29.42 7.41
N4 MES L . 7.72 -30.43 7.76
C5 MES L . 7.40 -31.54 6.86
C6 MES L . 8.26 -31.30 5.62
C7 MES L . 6.96 -30.24 8.99
C8 MES L . 5.64 -30.98 8.84
S MES L . 4.73 -30.60 10.19
O1S MES L . 3.81 -31.71 10.56
O2S MES L . 5.67 -30.33 11.28
O3S MES L . 3.92 -29.38 9.92
BR 4LJ M . -9.86 -4.83 30.54
BR 4LJ N . 3.49 -7.25 43.19
O1 MES O . 20.79 -6.74 -6.78
C2 MES O . 20.61 -7.35 -5.49
C3 MES O . 21.73 -6.89 -4.56
N4 MES O . 22.98 -7.32 -5.17
C5 MES O . 23.01 -7.81 -6.55
C6 MES O . 22.08 -6.93 -7.37
C7 MES O . 24.19 -7.45 -4.35
C8 MES O . 24.41 -8.94 -4.06
S MES O . 25.78 -9.51 -4.83
O1S MES O . 25.46 -10.78 -5.53
O2S MES O . 26.24 -8.50 -5.81
O3S MES O . 26.85 -9.82 -3.85
BR 4LJ P . 5.47 16.48 16.07
BR 4LJ Q . 0.45 2.29 26.37
O1 MES R . 49.19 -1.12 11.89
C2 MES R . 50.33 -1.16 11.02
C3 MES R . 51.22 -2.39 11.24
N4 MES R . 50.36 -3.57 11.39
C5 MES R . 49.19 -3.53 12.26
C6 MES R . 49.16 -2.14 12.89
C7 MES R . 50.83 -4.86 10.88
C8 MES R . 51.31 -5.71 12.06
S MES R . 50.34 -7.06 12.26
O1S MES R . 50.99 -8.36 11.93
O2S MES R . 49.17 -6.85 11.40
O3S MES R . 49.88 -7.12 13.67
BR 4LJ S . 30.61 21.79 30.71
BR 4LJ T . 15.62 14.16 23.33
O1 MES U . 50.78 -20.40 37.61
C2 MES U . 51.49 -21.51 38.17
C3 MES U . 50.93 -22.82 37.59
N4 MES U . 49.51 -22.60 37.32
C5 MES U . 48.76 -21.71 38.19
C6 MES U . 49.42 -20.34 38.07
C7 MES U . 48.84 -23.31 36.22
C8 MES U . 48.70 -24.81 36.52
S MES U . 48.34 -25.56 35.06
O1S MES U . 49.56 -25.72 34.24
O2S MES U . 47.74 -26.91 35.23
O3S MES U . 47.40 -24.66 34.38
BR 4LJ V . 27.83 12.26 38.29
C01 4LE W . 39.86 -35.31 8.49
C02 4LE W . 38.61 -35.30 7.63
O01 4LE W . 38.92 -34.81 6.35
C03 4LE W . 39.07 -33.41 6.23
F01 4LE W . 39.86 -34.20 9.24
F02 4LE W . 39.81 -36.42 9.23
F03 4LE W . 40.98 -35.32 7.76
CL1 4LE W . 37.42 -34.33 8.46
F04 4LE W . 40.02 -32.86 7.03
F05 4LE W . 37.88 -32.81 6.41
O1 MES X . 21.68 -39.62 38.78
C2 MES X . 20.45 -39.30 38.13
C3 MES X . 20.27 -40.05 36.82
N4 MES X . 21.50 -40.01 36.04
C5 MES X . 22.77 -40.26 36.71
C6 MES X . 22.82 -39.38 37.96
C7 MES X . 21.37 -40.52 34.68
C8 MES X . 22.67 -40.32 33.92
S MES X . 22.32 -40.41 32.30
O1S MES X . 23.50 -40.86 31.52
O2S MES X . 21.18 -41.34 32.08
O3S MES X . 21.92 -39.07 31.81
BR 4LJ Y . 20.42 -2.15 49.95
BR 4LJ Z . 31.62 8.45 57.74
BR 4LJ AA . 4.24 -11.10 56.58
C01 4LE BA . -2.81 34.11 -39.69
C02 4LE BA . -3.42 32.97 -40.49
O01 4LE BA . -2.48 32.00 -40.88
C03 4LE BA . -1.67 32.32 -42.00
F01 4LE BA . -1.55 33.84 -39.32
F02 4LE BA . -2.82 35.22 -40.45
F03 4LE BA . -3.55 34.35 -38.59
CL1 4LE BA . -4.15 33.65 -41.91
F04 4LE BA . -0.86 31.30 -42.27
F05 4LE BA . -2.40 32.55 -43.09
O1 MES CA . -31.76 17.90 -55.67
C2 MES CA . -30.34 17.64 -55.61
C3 MES CA . -29.48 18.89 -55.78
N4 MES CA . -30.06 19.95 -54.96
C5 MES CA . -31.50 20.20 -54.95
C6 MES CA . -32.13 19.24 -55.98
C7 MES CA . -29.17 20.75 -54.10
C8 MES CA . -29.35 22.24 -54.43
S MES CA . -28.31 23.17 -53.50
O1S MES CA . -26.92 23.08 -54.00
O2S MES CA . -28.33 22.65 -52.11
O3S MES CA . -28.72 24.59 -53.46
BR 4LJ DA . -49.16 -6.38 -37.65
BR 4LJ EA . -26.02 -26.88 -28.96
O1 MES FA . -36.23 38.84 -30.04
C2 MES FA . -35.02 38.78 -30.79
C3 MES FA . -33.86 38.40 -29.88
N4 MES FA . -33.88 39.30 -28.75
C5 MES FA . -35.10 39.47 -27.97
C6 MES FA . -36.21 39.79 -28.97
C7 MES FA . -32.59 39.58 -28.10
C8 MES FA . -31.84 40.53 -29.05
S MES FA . -30.37 39.89 -29.54
O1S MES FA . -30.49 38.42 -29.63
O2S MES FA . -30.01 40.44 -30.87
O3S MES FA . -29.29 40.24 -28.58
BR 4LJ GA . -53.98 13.53 -15.76
BR 4LJ HA . -47.23 0.79 -27.13
O1 MES IA . -12.17 32.84 -7.30
C2 MES IA . -11.79 34.21 -7.43
C3 MES IA . -10.29 34.38 -7.59
N4 MES IA . -9.92 33.37 -8.57
C5 MES IA . -10.14 31.96 -8.30
C6 MES IA . -11.07 31.94 -7.09
C7 MES IA . -9.24 33.78 -9.80
C8 MES IA . -7.95 32.97 -9.83
S MES IA . -7.47 32.88 -11.43
O1S MES IA . -6.06 32.46 -11.56
O2S MES IA . -8.30 31.86 -12.11
O3S MES IA . -7.67 34.21 -12.09
BR 4LJ JA . -33.77 6.15 7.39
BR 4LJ KA . -43.57 9.39 -10.16
O1 MES LA . 8.48 8.29 -17.49
C2 MES LA . 8.42 9.69 -17.77
C3 MES LA . 7.31 10.02 -18.76
N4 MES LA . 7.42 9.12 -19.91
C5 MES LA . 7.47 7.68 -19.66
C6 MES LA . 8.61 7.47 -18.65
C7 MES LA . 6.87 9.59 -21.17
C8 MES LA . 8.05 9.74 -22.15
S MES LA . 7.66 10.79 -23.40
O1S MES LA . 8.46 10.45 -24.60
O2S MES LA . 6.23 10.68 -23.75
O3S MES LA . 7.93 12.19 -23.00
BR 4LJ MA . -27.92 -0.12 -2.51
BR 4LJ NA . -15.02 -13.61 -4.21
C01 4LE OA . -6.60 27.00 -36.90
C02 4LE OA . -7.50 27.24 -38.10
O01 4LE OA . -8.06 28.54 -38.06
C03 4LE OA . -8.94 28.86 -36.99
F01 4LE OA . -5.62 26.14 -37.24
F02 4LE OA . -6.04 28.15 -36.50
F03 4LE OA . -7.31 26.49 -35.88
CL1 4LE OA . -8.75 26.02 -38.21
F04 4LE OA . -8.23 29.28 -35.93
F05 4LE OA . -9.71 27.83 -36.64
O1 MES PA . -3.85 -3.26 -49.53
C2 MES PA . -2.79 -2.69 -48.75
C3 MES PA . -3.28 -1.50 -47.92
N4 MES PA . -4.02 -0.61 -48.80
C5 MES PA . -5.05 -1.14 -49.69
C6 MES PA . -4.44 -2.32 -50.43
C7 MES PA . -4.21 0.74 -48.31
C8 MES PA . -3.48 1.68 -49.28
S MES PA . -4.45 3.00 -49.60
O1S MES PA . -3.65 4.25 -49.60
O2S MES PA . -5.08 2.81 -50.92
O3S MES PA . -5.50 3.07 -48.56
BR 4LJ QA . -33.72 -13.23 -30.22
BR 4LJ RA . -22.54 -13.14 -15.04
#